data_6SLJ
#
_entry.id   6SLJ
#
_cell.length_a   130.597
_cell.length_b   142.021
_cell.length_c   241.590
_cell.angle_alpha   90.000
_cell.angle_beta   90.000
_cell.angle_gamma   90.000
#
_symmetry.space_group_name_H-M   'P 21 21 21'
#
loop_
_entity.id
_entity.type
_entity.pdbx_description
1 polymer 'RagA protein'
2 polymer 'Lipoprotein RagB'
3 polymer ALA-SER-THR-THR-GLY-ALA-ASN-SER-GLN-ARG-GLY-SER-GLY
4 polymer ALA-SER-THR-THR-GLY-ALA-ASN-SER-GLN-ARG
5 non-polymer 1,2-Distearoyl-sn-glycerophosphoethanolamine
6 non-polymer (HYDROXYETHYLOXY)TRI(ETHYLOXY)OCTANE
7 non-polymer DODECYL-BETA-D-MALTOSIDE
8 non-polymer 'PALMITIC ACID'
#
loop_
_entity_poly.entity_id
_entity_poly.type
_entity_poly.pdbx_seq_one_letter_code
_entity_poly.pdbx_strand_id
1 'polypeptide(L)'
;QNRTVKGTVISSEDNEPLIGANVVVVGNTTIGAATDLDGNFTLSVPANAKMLRVSYSGMTTKEVAIANVMKIVLDPDSKV
LEQVVVLGYGTGQKLSTVSGSVAKVSSEKLAEKPVANIMDALQGQVAGMQVMTTSGDPTAVASVEIHGTGSLGASSAPLY
IVDGMQTSLDVVATMNPNDFESMSVLKDASATSIYGARAANGVVFIQTKKGKMSERGRITFNASYGISQILNTKPLDNMM
TGDELLDFQVKAGFWGNNQTVQKVKDMILAGAEDLYGNYDSLKDEYGKTLFPVDFNHDADWLKALFKTAPTSQGDISFSG
GSQGTSYYASIGYFDQEGMAREPANFKRYSGRLNFESRINEWLKVGANLSGAIANRRSADYFGKYYMGSGTFGVLTMPRY
YNPFDVNGDLADVYYMYGATRPSMTEPYFAKMRPFSSESHQANVNGFAQITPIKGLTLKAQAGVDITNTRTSSKRMPNNP
YDSTPLGERRERAYRDVSKSFTNTAEYKFSIDEKHDLTALMGHEYIEYEGDVIGASSKGFESDKLMLLSQGKTGNSLSLP
EHRVAEYAYLSFFSRFNYGFDKWMYIDFSVRNDQSSRFGSNNRSAWFYSVGGMFDIYNKFIQESNWLSDLRLKMSYGTTG
NSEIGNYNHQALVTVNNYTEDAMGLSISTAGNPDLSWEKQSQFNFGLAAGAFNNRLSAEVDFYVRTTNDMLIDVPMPYIS
GFFSQYQNVGSMKNTGVDLSLKGTIYQNKDWNVYASANFNYNRQEITKLFFGLNKYMLPNTGTIWEIGYPNSFYMAEYAG
IDKKTGKQLWYVPGQVDADGNKVTTSQYSADLETRIDKSVTPPITGGFSLGASWKGLSLDADFAYIVGKWMINNDRYFTE
NGGGLMQLNKDKMLLNAWTEDNKETDVPKLGQSPQFDTHLLENASFLRLKNLKLTYVLPNSLFAGQNVIGGARVYLMARN
LLTVTKYKGFDPEAGGNVGKNQYPNSKQYVAGIQLSF
;
B,A
2 'polypeptide(L)'
;CELDRDPEGKDFQQPYTSFVQTKQNRDGLYALLRNTENPRMHFYQELQSDMYCTTITDGNSLAPFVNWDLGILNDHGRAD
EDEVSGIAGYYFVYNRLNQQANAFVNNTEAALQNQVYKNSTEIANAKSFLAEGKVLQALAIWRLMDRFSFHESVTEVNSG
AKDLGVILLKEYNPGYIGPRATKAQCYDYILSRLSEAIEVLPENRESVLYVSRDYAYALRARIYLALGEYGKAAADAKMV
VDKYPLIGAADASEFENIYRSDANNPEIIFRGFASATLGSFTATTLNGAAPAGKDIKYNPSAVPFQWVVDLYENEDFRKS
VYIAKVVKKDKGYLVNKFLEDKAYRDVQDKPNLKVGARYFSVAEVYLILVESALQTGDTPTAEKYLKALSKARGAEVSVV
NMEALQAERTRELIGEGSRLRDMVRWSIPNNHDAFETQPGLEGFANTTPLKAQAPVGFYAYTWEFPQRDRQTNPQLIKNW
PIHHHHHH
;
C,D
3 'polypeptide(L)' ASTTGANSQRGSG P
4 'polypeptide(L)' ASTTGANSQR Q
#
# COMPACT_ATOMS: atom_id res chain seq x y z
N LEU A 95 4.41 4.42 -42.73
CA LEU A 95 4.98 4.81 -41.43
C LEU A 95 5.87 6.02 -41.62
N SER A 96 6.66 5.97 -42.69
CA SER A 96 7.55 7.03 -43.12
C SER A 96 7.26 7.29 -44.59
N THR A 97 7.83 8.37 -45.12
CA THR A 97 7.42 8.87 -46.42
C THR A 97 8.66 9.15 -47.28
N VAL A 98 8.43 9.34 -48.59
CA VAL A 98 9.48 9.57 -49.57
C VAL A 98 10.11 10.96 -49.51
N SER A 99 9.54 11.88 -48.72
CA SER A 99 10.05 13.24 -48.65
C SER A 99 10.87 13.50 -47.40
N GLY A 100 10.80 12.60 -46.43
CA GLY A 100 11.38 12.85 -45.13
C GLY A 100 12.86 12.54 -45.04
N SER A 101 13.51 13.20 -44.10
CA SER A 101 14.81 12.75 -43.62
C SER A 101 14.52 11.51 -42.79
N VAL A 102 15.02 10.36 -43.25
CA VAL A 102 14.79 9.08 -42.59
C VAL A 102 16.09 8.28 -42.60
N ALA A 103 16.52 7.84 -41.43
CA ALA A 103 17.64 6.94 -41.28
C ALA A 103 17.10 5.60 -40.81
N LYS A 104 17.64 4.51 -41.35
CA LYS A 104 17.28 3.19 -40.89
C LYS A 104 18.54 2.46 -40.40
N VAL A 105 18.44 1.91 -39.18
CA VAL A 105 19.51 1.17 -38.51
C VAL A 105 19.11 -0.30 -38.56
N SER A 106 20.08 -1.19 -38.76
CA SER A 106 19.77 -2.59 -39.01
C SER A 106 19.75 -3.43 -37.72
N SER A 107 19.31 -4.69 -37.85
CA SER A 107 19.25 -5.62 -36.72
C SER A 107 20.58 -5.69 -35.99
N GLU A 108 21.66 -5.80 -36.74
CA GLU A 108 22.97 -6.08 -36.19
C GLU A 108 23.48 -4.92 -35.33
N LYS A 109 23.07 -3.69 -35.64
CA LYS A 109 23.44 -2.57 -34.78
C LYS A 109 22.76 -2.64 -33.43
N LEU A 110 21.78 -3.54 -33.27
CA LEU A 110 20.89 -3.63 -32.11
C LEU A 110 21.12 -4.83 -31.21
N ALA A 111 21.61 -5.95 -31.73
CA ALA A 111 21.57 -7.22 -31.03
C ALA A 111 22.68 -7.39 -30.00
N GLU A 112 22.35 -8.10 -28.91
CA GLU A 112 23.33 -8.62 -27.98
C GLU A 112 24.28 -7.54 -27.50
N LYS A 113 23.72 -6.60 -26.74
CA LYS A 113 24.52 -5.52 -26.24
C LYS A 113 24.46 -5.51 -24.72
N PRO A 114 25.63 -5.46 -24.04
CA PRO A 114 25.69 -5.77 -22.61
C PRO A 114 25.10 -4.73 -21.69
N VAL A 115 24.22 -3.88 -22.19
CA VAL A 115 23.51 -2.92 -21.34
C VAL A 115 22.05 -2.95 -21.79
N ALA A 116 21.15 -2.72 -20.85
CA ALA A 116 19.72 -2.69 -21.18
C ALA A 116 19.28 -1.37 -21.79
N ASN A 117 20.19 -0.40 -21.98
CA ASN A 117 19.87 0.91 -22.55
C ASN A 117 20.16 0.90 -24.04
N ILE A 118 19.14 0.57 -24.83
CA ILE A 118 19.38 0.29 -26.24
C ILE A 118 19.66 1.53 -27.06
N MET A 119 19.28 2.72 -26.58
CA MET A 119 19.59 3.95 -27.31
C MET A 119 21.08 4.28 -27.28
N ASP A 120 21.78 3.86 -26.21
CA ASP A 120 23.23 3.89 -26.19
C ASP A 120 23.81 3.18 -27.41
N ALA A 121 23.18 2.09 -27.84
CA ALA A 121 23.70 1.35 -28.99
C ALA A 121 23.58 2.11 -30.29
N LEU A 122 23.03 3.33 -30.25
CA LEU A 122 22.88 4.13 -31.46
C LEU A 122 23.72 5.40 -31.47
N GLN A 123 24.23 5.84 -30.32
CA GLN A 123 25.26 6.87 -30.28
C GLN A 123 26.21 6.79 -31.45
N GLY A 124 26.13 7.79 -32.32
CA GLY A 124 26.95 7.85 -33.51
C GLY A 124 26.55 6.95 -34.65
N GLN A 125 25.30 6.49 -34.72
CA GLN A 125 24.90 5.67 -35.86
C GLN A 125 23.99 6.41 -36.83
N VAL A 126 23.25 7.39 -36.33
CA VAL A 126 22.31 8.18 -37.09
C VAL A 126 22.79 9.61 -37.12
N ALA A 127 22.86 10.19 -38.33
CA ALA A 127 23.25 11.58 -38.46
C ALA A 127 22.16 12.49 -37.90
N GLY A 128 22.56 13.43 -37.05
CA GLY A 128 21.63 14.36 -36.46
C GLY A 128 20.95 13.86 -35.21
N MET A 129 21.09 12.59 -34.88
CA MET A 129 20.53 12.04 -33.65
C MET A 129 21.65 11.96 -32.62
N GLN A 130 21.53 12.77 -31.55
CA GLN A 130 22.58 12.89 -30.53
C GLN A 130 22.14 12.18 -29.26
N VAL A 131 22.59 10.93 -29.05
CA VAL A 131 22.17 10.19 -27.87
C VAL A 131 23.29 10.27 -26.85
N MET A 132 22.94 10.29 -25.57
CA MET A 132 23.98 10.41 -24.54
C MET A 132 23.48 9.86 -23.21
N THR A 133 24.21 8.89 -22.67
CA THR A 133 23.90 8.28 -21.37
C THR A 133 24.82 8.87 -20.31
N THR A 134 24.24 9.49 -19.30
CA THR A 134 25.02 10.24 -18.32
C THR A 134 25.31 9.44 -17.06
N SER A 135 25.07 8.13 -17.07
CA SER A 135 25.29 7.33 -15.88
C SER A 135 25.52 5.87 -16.26
N GLY A 136 26.55 5.28 -15.64
CA GLY A 136 26.87 3.89 -15.85
C GLY A 136 25.96 2.94 -15.11
N ASP A 137 25.07 3.52 -14.32
CA ASP A 137 24.05 2.75 -13.63
C ASP A 137 23.28 1.88 -14.63
N PRO A 138 23.26 0.56 -14.45
CA PRO A 138 22.58 -0.32 -15.41
C PRO A 138 21.23 0.21 -15.82
N THR A 139 20.63 0.96 -14.91
CA THR A 139 19.20 1.22 -14.90
C THR A 139 18.84 2.51 -15.65
N ALA A 140 19.85 3.27 -16.08
CA ALA A 140 19.66 4.58 -16.69
C ALA A 140 19.32 4.43 -18.15
N VAL A 141 18.62 5.44 -18.69
CA VAL A 141 18.14 5.49 -20.06
C VAL A 141 18.66 6.78 -20.70
N ALA A 142 19.04 6.69 -21.98
CA ALA A 142 19.77 7.79 -22.63
C ALA A 142 18.86 9.01 -22.86
N SER A 143 19.50 10.13 -23.23
CA SER A 143 18.84 11.37 -23.59
C SER A 143 19.12 11.63 -25.07
N VAL A 144 18.23 11.14 -25.89
CA VAL A 144 18.30 11.39 -27.31
C VAL A 144 17.70 12.76 -27.64
N GLU A 145 18.30 13.42 -28.63
CA GLU A 145 17.83 14.70 -29.17
C GLU A 145 18.09 14.70 -30.68
N ILE A 146 17.04 14.71 -31.50
CA ILE A 146 17.21 14.74 -32.95
C ILE A 146 17.15 16.20 -33.41
N HIS A 147 18.22 16.66 -34.05
CA HIS A 147 18.28 17.99 -34.65
C HIS A 147 18.20 19.07 -33.57
N GLY A 148 19.08 18.97 -32.59
CA GLY A 148 19.21 20.00 -31.58
C GLY A 148 18.28 19.79 -30.41
N THR A 149 18.40 20.69 -29.44
CA THR A 149 17.43 20.76 -28.36
C THR A 149 16.18 21.48 -28.88
N GLY A 150 15.02 20.81 -28.81
CA GLY A 150 13.79 21.35 -29.38
C GLY A 150 13.16 22.50 -28.61
N SER A 151 13.48 22.64 -27.32
CA SER A 151 12.73 23.56 -26.47
C SER A 151 13.53 23.81 -25.19
N LEU A 152 13.29 24.97 -24.56
CA LEU A 152 13.91 25.33 -23.29
C LEU A 152 13.07 24.97 -22.06
N GLY A 153 11.90 24.34 -22.24
CA GLY A 153 11.14 23.88 -21.09
C GLY A 153 10.43 22.55 -21.31
N ALA A 154 9.96 22.30 -22.53
CA ALA A 154 9.39 21.00 -22.86
C ALA A 154 10.48 19.95 -23.07
N SER A 155 10.08 18.68 -23.02
CA SER A 155 11.02 17.64 -23.36
C SER A 155 11.42 17.74 -24.81
N SER A 156 12.66 17.34 -25.09
CA SER A 156 13.14 17.17 -26.44
C SER A 156 13.23 15.71 -26.81
N ALA A 157 12.61 14.85 -26.01
CA ALA A 157 12.62 13.42 -26.26
C ALA A 157 11.87 13.08 -27.54
N PRO A 158 12.45 12.27 -28.44
CA PRO A 158 11.69 11.83 -29.60
C PRO A 158 10.50 10.99 -29.16
N LEU A 159 9.48 10.96 -30.00
CA LEU A 159 8.46 9.95 -29.78
C LEU A 159 9.09 8.60 -30.04
N TYR A 160 8.94 7.67 -29.10
CA TYR A 160 9.41 6.31 -29.30
C TYR A 160 8.20 5.44 -29.62
N ILE A 161 8.33 4.64 -30.66
CA ILE A 161 7.22 3.84 -31.16
C ILE A 161 7.67 2.43 -31.46
N VAL A 162 6.91 1.45 -30.94
CA VAL A 162 7.17 0.04 -31.17
C VAL A 162 5.93 -0.59 -31.78
N ASP A 163 6.05 -1.05 -33.02
CA ASP A 163 4.98 -1.74 -33.73
C ASP A 163 3.70 -0.92 -33.69
N GLY A 164 3.84 0.39 -33.75
CA GLY A 164 2.73 1.29 -33.92
C GLY A 164 2.33 2.11 -32.72
N MET A 165 2.64 1.68 -31.51
CA MET A 165 2.12 2.42 -30.37
C MET A 165 3.24 2.99 -29.51
N GLN A 166 3.00 4.18 -28.99
CA GLN A 166 3.95 4.82 -28.09
C GLN A 166 4.23 3.95 -26.88
N THR A 167 5.51 3.74 -26.61
CA THR A 167 5.96 3.04 -25.42
C THR A 167 7.08 3.86 -24.80
N SER A 168 7.18 3.84 -23.47
CA SER A 168 8.25 4.59 -22.83
C SER A 168 9.57 3.84 -22.99
N LEU A 169 10.67 4.60 -22.96
CA LEU A 169 11.98 3.96 -22.92
C LEU A 169 12.05 2.95 -21.79
N ASP A 170 11.39 3.23 -20.67
CA ASP A 170 11.44 2.31 -19.55
C ASP A 170 10.79 0.98 -19.90
N VAL A 171 9.71 1.03 -20.68
CA VAL A 171 9.05 -0.19 -21.13
C VAL A 171 9.81 -0.81 -22.31
N VAL A 172 10.49 0.02 -23.12
CA VAL A 172 11.32 -0.54 -24.19
C VAL A 172 12.44 -1.38 -23.58
N ALA A 173 12.96 -0.92 -22.45
CA ALA A 173 14.04 -1.59 -21.73
C ALA A 173 13.62 -2.98 -21.26
N THR A 174 12.34 -3.19 -20.99
CA THR A 174 11.87 -4.51 -20.57
C THR A 174 11.64 -5.44 -21.76
N MET A 175 11.88 -4.99 -22.99
CA MET A 175 11.77 -5.85 -24.16
C MET A 175 13.13 -6.44 -24.52
N ASN A 176 13.10 -7.57 -25.25
CA ASN A 176 14.30 -8.22 -25.75
C ASN A 176 14.68 -7.60 -27.08
N PRO A 177 15.76 -6.83 -27.17
CA PRO A 177 16.10 -6.18 -28.45
C PRO A 177 16.65 -7.11 -29.50
N ASN A 178 16.92 -8.37 -29.18
CA ASN A 178 17.21 -9.31 -30.26
C ASN A 178 15.97 -9.60 -31.10
N ASP A 179 14.80 -9.17 -30.65
CA ASP A 179 13.57 -9.25 -31.42
C ASP A 179 13.32 -8.05 -32.32
N PHE A 180 14.22 -7.06 -32.34
CA PHE A 180 14.03 -5.89 -33.19
C PHE A 180 14.62 -6.18 -34.57
N GLU A 181 13.80 -6.02 -35.61
CA GLU A 181 14.33 -6.16 -36.97
C GLU A 181 15.02 -4.87 -37.43
N SER A 182 14.49 -3.71 -37.04
CA SER A 182 15.09 -2.46 -37.50
C SER A 182 14.55 -1.31 -36.67
N MET A 183 15.38 -0.28 -36.54
CA MET A 183 14.99 1.00 -35.97
C MET A 183 15.05 2.05 -37.09
N SER A 184 14.05 2.91 -37.14
CA SER A 184 13.97 3.96 -38.15
C SER A 184 13.79 5.29 -37.44
N VAL A 185 14.68 6.24 -37.73
CA VAL A 185 14.65 7.57 -37.14
C VAL A 185 14.02 8.51 -38.15
N LEU A 186 12.94 9.17 -37.75
CA LEU A 186 12.20 10.08 -38.63
C LEU A 186 12.44 11.48 -38.11
N LYS A 187 13.20 12.27 -38.86
CA LYS A 187 13.73 13.51 -38.32
C LYS A 187 13.27 14.78 -39.04
N ASP A 188 12.23 14.73 -39.87
CA ASP A 188 11.70 15.97 -40.42
C ASP A 188 10.18 15.90 -40.49
N ALA A 189 9.59 17.07 -40.78
CA ALA A 189 8.14 17.24 -40.66
C ALA A 189 7.36 16.29 -41.56
N SER A 190 7.90 15.95 -42.74
CA SER A 190 7.16 15.09 -43.65
C SER A 190 7.13 13.65 -43.16
N ALA A 191 8.26 13.14 -42.66
CA ALA A 191 8.32 11.75 -42.22
C ALA A 191 7.63 11.54 -40.88
N THR A 192 7.52 12.56 -40.03
CA THR A 192 6.83 12.43 -38.75
C THR A 192 5.39 12.91 -38.80
N SER A 193 4.80 12.95 -40.00
CA SER A 193 3.53 13.63 -40.18
C SER A 193 2.34 12.87 -39.64
N ILE A 194 2.43 11.56 -39.38
CA ILE A 194 1.25 10.86 -38.89
C ILE A 194 1.37 10.51 -37.40
N TYR A 195 2.30 11.14 -36.68
CA TYR A 195 2.51 10.93 -35.26
C TYR A 195 2.22 12.23 -34.51
N GLY A 196 1.95 12.13 -33.21
CA GLY A 196 1.56 13.29 -32.44
C GLY A 196 2.39 13.47 -31.18
N ALA A 197 1.73 13.99 -30.16
CA ALA A 197 2.25 14.19 -28.81
C ALA A 197 3.47 15.08 -28.80
N ARG A 198 4.50 14.69 -29.54
CA ARG A 198 5.75 15.42 -29.57
C ARG A 198 6.58 15.02 -30.78
N ALA A 199 5.92 14.81 -31.91
CA ALA A 199 6.62 14.53 -33.17
C ALA A 199 7.50 15.71 -33.61
N ALA A 200 7.46 16.81 -32.86
CA ALA A 200 8.43 17.86 -33.07
C ALA A 200 9.85 17.44 -32.71
N ASN A 201 10.03 16.32 -32.00
CA ASN A 201 11.34 15.88 -31.59
C ASN A 201 11.89 14.71 -32.41
N GLY A 202 11.28 14.42 -33.55
CA GLY A 202 11.54 13.22 -34.31
C GLY A 202 10.83 12.02 -33.72
N VAL A 203 10.69 10.97 -34.53
CA VAL A 203 10.12 9.74 -34.00
C VAL A 203 11.08 8.59 -34.28
N VAL A 204 11.24 7.72 -33.27
CA VAL A 204 12.03 6.51 -33.32
C VAL A 204 11.06 5.34 -33.44
N PHE A 205 11.07 4.66 -34.59
CA PHE A 205 10.18 3.54 -34.82
C PHE A 205 10.97 2.24 -34.80
N ILE A 206 10.62 1.34 -33.87
CA ILE A 206 11.23 0.05 -33.70
C ILE A 206 10.29 -1.00 -34.28
N GLN A 207 10.79 -1.82 -35.20
CA GLN A 207 9.99 -2.85 -35.85
C GLN A 207 10.45 -4.21 -35.33
N THR A 208 9.56 -4.92 -34.64
CA THR A 208 9.90 -6.25 -34.16
C THR A 208 9.73 -7.27 -35.29
N LYS A 209 10.48 -8.35 -35.20
CA LYS A 209 10.50 -9.32 -36.29
C LYS A 209 9.18 -10.04 -36.41
N LYS A 210 8.65 -10.10 -37.64
CA LYS A 210 7.57 -11.01 -37.95
C LYS A 210 8.14 -12.19 -38.73
N GLY A 211 7.41 -13.29 -38.71
CA GLY A 211 7.97 -14.55 -39.17
C GLY A 211 8.26 -14.58 -40.66
N LYS A 212 9.36 -15.26 -41.00
CA LYS A 212 9.70 -15.58 -42.38
C LYS A 212 9.02 -16.89 -42.76
N MET A 213 8.29 -16.87 -43.88
CA MET A 213 7.43 -18.00 -44.28
C MET A 213 8.20 -19.13 -44.96
N SER A 214 9.08 -19.78 -44.19
CA SER A 214 9.93 -20.87 -44.65
C SER A 214 9.24 -22.24 -44.49
N GLU A 215 9.91 -23.30 -44.95
CA GLU A 215 9.30 -24.63 -44.97
C GLU A 215 9.40 -25.24 -43.58
N ARG A 216 10.62 -25.45 -43.12
CA ARG A 216 10.87 -25.64 -41.71
C ARG A 216 11.17 -24.28 -41.08
N GLY A 217 10.73 -24.13 -39.85
CA GLY A 217 10.99 -22.92 -39.12
C GLY A 217 12.41 -22.86 -38.64
N ARG A 218 12.88 -21.65 -38.39
CA ARG A 218 14.23 -21.47 -37.92
C ARG A 218 14.16 -21.29 -36.39
N ILE A 219 14.78 -22.19 -35.65
CA ILE A 219 15.02 -22.00 -34.22
C ILE A 219 16.45 -21.53 -34.04
N THR A 220 16.65 -20.66 -33.05
CA THR A 220 17.94 -20.01 -32.92
C THR A 220 18.17 -19.62 -31.47
N PHE A 221 19.37 -19.91 -30.97
CA PHE A 221 19.69 -19.82 -29.55
C PHE A 221 20.94 -18.98 -29.39
N ASN A 222 20.84 -17.91 -28.60
CA ASN A 222 21.96 -17.02 -28.32
C ASN A 222 22.20 -16.97 -26.83
N ALA A 223 23.48 -16.87 -26.45
CA ALA A 223 23.90 -16.82 -25.06
C ALA A 223 25.28 -16.17 -24.98
N SER A 224 25.48 -15.30 -23.99
CA SER A 224 26.76 -14.63 -23.85
C SER A 224 27.00 -14.28 -22.40
N TYR A 225 28.28 -14.27 -22.01
CA TYR A 225 28.70 -13.90 -20.67
C TYR A 225 29.74 -12.80 -20.77
N GLY A 226 29.80 -11.93 -19.77
CA GLY A 226 30.82 -10.89 -19.83
C GLY A 226 30.88 -10.11 -18.54
N ILE A 227 31.87 -9.23 -18.46
CA ILE A 227 32.08 -8.47 -17.24
C ILE A 227 32.17 -6.99 -17.58
N SER A 228 31.57 -6.17 -16.72
CA SER A 228 31.63 -4.73 -16.73
C SER A 228 32.78 -4.28 -15.83
N GLN A 229 33.43 -3.19 -16.20
CA GLN A 229 34.44 -2.54 -15.38
C GLN A 229 34.21 -1.04 -15.37
N ILE A 230 35.08 -0.32 -14.66
CA ILE A 230 35.17 1.13 -14.80
C ILE A 230 36.10 1.40 -15.98
N LEU A 231 35.88 2.52 -16.66
CA LEU A 231 36.52 2.75 -17.96
C LEU A 231 37.61 3.81 -17.94
N ASN A 232 37.80 4.50 -16.81
CA ASN A 232 38.88 5.46 -16.64
C ASN A 232 39.27 5.44 -15.18
N THR A 233 40.58 5.37 -14.93
CA THR A 233 41.21 5.37 -13.60
C THR A 233 42.04 6.62 -13.34
N LYS A 234 42.38 7.37 -14.39
CA LYS A 234 43.23 8.55 -14.34
C LYS A 234 42.96 9.57 -13.22
N PRO A 235 41.70 9.80 -12.81
CA PRO A 235 41.46 10.75 -11.71
C PRO A 235 42.27 10.50 -10.44
N LEU A 236 42.61 9.25 -10.12
CA LEU A 236 43.34 8.94 -8.89
C LEU A 236 44.81 8.67 -9.13
N ASP A 237 45.30 8.85 -10.35
CA ASP A 237 46.74 8.82 -10.60
C ASP A 237 47.48 9.87 -9.79
N ASN A 238 46.84 11.01 -9.50
CA ASN A 238 47.56 12.16 -8.97
C ASN A 238 46.92 12.74 -7.70
N MET A 239 46.09 11.96 -7.02
CA MET A 239 45.61 12.33 -5.69
C MET A 239 46.62 11.97 -4.60
N MET A 240 46.70 12.81 -3.58
CA MET A 240 47.67 12.64 -2.51
C MET A 240 47.56 11.25 -1.93
N THR A 241 48.69 10.73 -1.46
CA THR A 241 48.73 9.50 -0.69
C THR A 241 48.43 9.81 0.78
N GLY A 242 48.37 8.75 1.59
CA GLY A 242 47.89 8.90 2.94
C GLY A 242 48.71 9.92 3.70
N ASP A 243 49.98 9.64 3.93
CA ASP A 243 50.75 10.63 4.67
C ASP A 243 51.17 11.80 3.80
N GLU A 244 50.99 11.72 2.48
CA GLU A 244 51.14 12.94 1.70
C GLU A 244 50.11 13.98 2.15
N LEU A 245 48.83 13.57 2.33
CA LEU A 245 47.89 14.59 2.80
C LEU A 245 48.04 14.87 4.30
N LEU A 246 48.31 13.87 5.14
CA LEU A 246 48.60 14.21 6.53
C LEU A 246 49.48 15.44 6.69
N ASP A 247 50.64 15.47 6.02
CA ASP A 247 51.49 16.67 6.09
C ASP A 247 50.72 17.90 5.65
N PHE A 248 50.07 17.81 4.49
CA PHE A 248 49.36 18.97 3.96
C PHE A 248 48.44 19.57 5.01
N GLN A 249 47.61 18.71 5.62
CA GLN A 249 46.65 19.14 6.62
C GLN A 249 47.35 19.82 7.79
N VAL A 250 48.36 19.16 8.35
CA VAL A 250 49.03 19.70 9.53
C VAL A 250 49.69 21.03 9.23
N LYS A 251 50.39 21.15 8.11
CA LYS A 251 51.09 22.40 7.82
C LYS A 251 50.13 23.56 7.59
N ALA A 252 48.90 23.27 7.14
CA ALA A 252 47.85 24.25 6.91
C ALA A 252 47.10 24.64 8.18
N GLY A 253 47.41 24.02 9.32
CA GLY A 253 46.77 24.30 10.59
C GLY A 253 45.43 23.66 10.80
N PHE A 254 45.04 22.68 9.96
CA PHE A 254 43.69 22.14 10.01
C PHE A 254 43.40 21.51 11.38
N TRP A 255 44.38 20.76 11.95
CA TRP A 255 44.26 20.19 13.30
C TRP A 255 45.12 20.99 14.25
N GLY A 256 44.64 22.12 14.71
CA GLY A 256 45.40 22.76 15.77
C GLY A 256 46.45 23.70 15.29
N ASN A 257 46.85 24.56 16.22
CA ASN A 257 47.91 25.49 15.93
C ASN A 257 49.26 24.82 16.17
N ASN A 258 49.43 24.26 17.36
CA ASN A 258 50.69 23.70 17.81
C ASN A 258 50.56 22.17 17.79
N GLN A 259 50.58 21.60 16.58
CA GLN A 259 50.55 20.15 16.46
C GLN A 259 51.55 19.60 15.44
N THR A 260 52.17 18.46 15.79
CA THR A 260 53.06 17.68 14.94
C THR A 260 52.24 16.59 14.25
N VAL A 261 52.79 16.02 13.17
CA VAL A 261 52.07 14.98 12.46
C VAL A 261 51.77 13.81 13.37
N GLN A 262 52.75 13.38 14.17
CA GLN A 262 52.55 12.20 15.00
C GLN A 262 51.53 12.46 16.10
N LYS A 263 51.57 13.65 16.71
CA LYS A 263 50.50 14.01 17.64
C LYS A 263 49.13 13.73 17.03
N VAL A 264 48.94 14.15 15.77
CA VAL A 264 47.69 13.94 15.05
C VAL A 264 47.50 12.47 14.76
N LYS A 265 48.56 11.81 14.30
CA LYS A 265 48.50 10.37 14.05
C LYS A 265 48.13 9.61 15.32
N ASP A 266 48.73 9.99 16.45
CA ASP A 266 48.36 9.37 17.72
C ASP A 266 46.90 9.61 18.04
N MET A 267 46.41 10.80 17.73
CA MET A 267 45.06 11.20 18.13
C MET A 267 44.00 10.50 17.31
N ILE A 268 44.23 10.36 16.01
CA ILE A 268 43.21 9.74 15.16
C ILE A 268 43.07 8.27 15.50
N LEU A 269 44.18 7.52 15.57
CA LEU A 269 43.99 6.14 15.95
C LEU A 269 43.65 5.99 17.42
N ALA A 270 44.01 6.93 18.29
CA ALA A 270 43.42 6.92 19.63
C ALA A 270 41.90 6.88 19.54
N GLY A 271 41.33 7.76 18.70
CA GLY A 271 39.88 7.89 18.61
C GLY A 271 39.21 6.69 17.96
N ALA A 272 39.96 5.96 17.12
CA ALA A 272 39.45 4.74 16.50
C ALA A 272 39.43 3.57 17.45
N GLU A 273 40.35 3.52 18.40
CA GLU A 273 40.32 2.39 19.32
C GLU A 273 39.25 2.56 20.38
N ASP A 274 39.04 3.80 20.86
CA ASP A 274 38.02 4.00 21.87
C ASP A 274 36.62 3.90 21.26
N LEU A 275 36.45 4.37 20.02
CA LEU A 275 35.17 4.23 19.35
C LEU A 275 34.86 2.77 19.07
N TYR A 276 35.78 2.08 18.38
CA TYR A 276 35.63 0.63 18.19
C TYR A 276 35.50 -0.10 19.52
N GLY A 277 36.08 0.45 20.58
CA GLY A 277 36.07 -0.26 21.84
C GLY A 277 34.78 -0.22 22.61
N ASN A 278 33.72 0.34 22.03
CA ASN A 278 32.42 0.41 22.67
C ASN A 278 31.43 -0.54 22.04
N TYR A 279 31.82 -1.24 20.99
CA TYR A 279 30.95 -2.15 20.25
C TYR A 279 31.38 -3.58 20.51
N ASP A 280 30.53 -4.37 21.17
CA ASP A 280 30.79 -5.81 21.34
C ASP A 280 31.36 -6.41 20.06
N SER A 281 30.73 -6.11 18.93
CA SER A 281 31.16 -6.63 17.64
C SER A 281 32.46 -6.05 17.14
N LEU A 282 33.03 -5.05 17.83
CA LEU A 282 34.31 -4.50 17.41
C LEU A 282 35.34 -4.47 18.53
N LYS A 283 34.91 -4.41 19.80
CA LYS A 283 35.78 -4.01 20.91
C LYS A 283 37.12 -4.74 20.94
N ASP A 284 37.15 -6.00 20.51
CA ASP A 284 38.43 -6.71 20.45
C ASP A 284 38.66 -7.30 19.06
N GLU A 285 38.13 -6.65 18.03
CA GLU A 285 38.53 -6.91 16.67
C GLU A 285 39.41 -5.82 16.10
N TYR A 286 39.34 -4.62 16.67
CA TYR A 286 40.31 -3.59 16.37
C TYR A 286 41.65 -4.08 16.88
N GLY A 287 42.64 -4.12 15.99
CA GLY A 287 43.95 -4.66 16.28
C GLY A 287 44.13 -6.12 15.95
N LYS A 288 43.02 -6.85 15.77
CA LYS A 288 43.06 -8.25 15.39
C LYS A 288 42.70 -8.36 13.91
N THR A 289 41.46 -8.06 13.59
CA THR A 289 40.96 -8.23 12.24
C THR A 289 40.54 -6.92 11.60
N LEU A 290 40.56 -5.83 12.35
CA LEU A 290 40.08 -4.53 11.90
C LEU A 290 41.16 -3.50 12.17
N PHE A 291 41.56 -2.79 11.13
CA PHE A 291 42.53 -1.70 11.22
C PHE A 291 41.92 -0.51 10.51
N PRO A 292 40.97 0.16 11.17
CA PRO A 292 40.22 1.24 10.50
C PRO A 292 41.08 2.40 10.10
N VAL A 293 42.14 2.68 10.85
CA VAL A 293 43.07 3.78 10.62
C VAL A 293 44.47 3.19 10.57
N ASP A 294 45.24 3.54 9.53
CA ASP A 294 46.52 2.89 9.25
C ASP A 294 47.33 3.86 8.38
N PHE A 295 48.28 4.55 8.99
CA PHE A 295 49.10 5.50 8.25
C PHE A 295 50.29 4.87 7.53
N ASN A 296 50.39 3.55 7.51
CA ASN A 296 51.49 2.87 6.84
C ASN A 296 51.05 2.15 5.58
N HIS A 297 49.74 2.04 5.33
CA HIS A 297 49.18 1.50 4.10
C HIS A 297 48.18 2.50 3.53
N ASP A 298 48.13 2.65 2.20
CA ASP A 298 47.07 3.45 1.56
C ASP A 298 45.89 2.57 1.19
N ALA A 299 44.73 2.86 1.76
CA ALA A 299 43.53 2.08 1.49
C ALA A 299 43.07 2.28 0.06
N ASP A 300 42.85 1.18 -0.64
CA ASP A 300 42.42 1.30 -2.03
C ASP A 300 40.97 1.76 -2.12
N TRP A 301 40.73 3.06 -2.10
CA TRP A 301 39.34 3.47 -2.07
C TRP A 301 38.62 3.23 -3.41
N LEU A 302 39.35 3.07 -4.51
CA LEU A 302 38.70 2.64 -5.74
C LEU A 302 38.08 1.27 -5.57
N LYS A 303 38.90 0.31 -5.15
CA LYS A 303 38.43 -1.03 -4.85
C LYS A 303 37.35 -1.01 -3.77
N ALA A 304 37.36 0.00 -2.88
CA ALA A 304 36.39 0.04 -1.78
C ALA A 304 34.99 0.16 -2.31
N LEU A 305 34.81 0.99 -3.34
CA LEU A 305 33.49 1.45 -3.79
C LEU A 305 33.11 0.99 -5.18
N PHE A 306 33.97 0.26 -5.89
CA PHE A 306 33.65 -0.23 -7.21
C PHE A 306 34.23 -1.63 -7.39
N LYS A 307 33.53 -2.44 -8.18
CA LYS A 307 33.92 -3.82 -8.44
C LYS A 307 33.75 -4.09 -9.93
N THR A 308 34.32 -5.21 -10.37
CA THR A 308 33.95 -5.79 -11.65
C THR A 308 32.61 -6.49 -11.48
N ALA A 309 31.75 -6.38 -12.47
CA ALA A 309 30.46 -7.01 -12.35
C ALA A 309 30.11 -7.75 -13.62
N PRO A 310 29.22 -8.77 -13.53
CA PRO A 310 28.94 -9.62 -14.70
C PRO A 310 27.62 -9.29 -15.39
N THR A 311 27.52 -9.65 -16.67
CA THR A 311 26.32 -9.54 -17.49
C THR A 311 26.07 -10.85 -18.23
N SER A 312 24.82 -11.31 -18.22
CA SER A 312 24.46 -12.62 -18.76
C SER A 312 23.21 -12.51 -19.62
N GLN A 313 23.22 -13.15 -20.80
CA GLN A 313 22.10 -13.04 -21.72
C GLN A 313 21.88 -14.36 -22.46
N GLY A 314 20.61 -14.67 -22.73
CA GLY A 314 20.26 -15.82 -23.55
C GLY A 314 18.86 -15.66 -24.09
N ASP A 315 18.54 -16.43 -25.14
CA ASP A 315 17.22 -16.36 -25.77
C ASP A 315 17.07 -17.49 -26.81
N ILE A 316 15.83 -17.95 -26.98
CA ILE A 316 15.46 -18.84 -28.06
C ILE A 316 14.48 -18.07 -28.91
N SER A 317 14.45 -18.34 -30.22
CA SER A 317 13.54 -17.62 -31.11
C SER A 317 13.07 -18.55 -32.22
N PHE A 318 11.77 -18.84 -32.23
CA PHE A 318 11.17 -19.67 -33.25
C PHE A 318 10.46 -18.75 -34.21
N SER A 319 10.96 -18.65 -35.43
CA SER A 319 10.23 -17.90 -36.45
C SER A 319 10.02 -18.83 -37.63
N GLY A 320 8.86 -18.79 -38.23
CA GLY A 320 8.53 -19.64 -39.36
C GLY A 320 7.31 -19.10 -40.06
N GLY A 321 6.50 -19.98 -40.62
CA GLY A 321 5.44 -19.49 -41.48
C GLY A 321 4.93 -20.55 -42.44
N SER A 322 3.99 -20.10 -43.28
CA SER A 322 3.17 -20.95 -44.12
C SER A 322 2.33 -20.10 -45.07
N GLN A 323 1.08 -20.52 -45.30
CA GLN A 323 0.14 -19.89 -46.23
C GLN A 323 0.06 -18.37 -46.10
N GLY A 324 -0.77 -17.87 -45.20
CA GLY A 324 -0.83 -16.45 -44.97
C GLY A 324 -0.41 -16.05 -43.59
N THR A 325 0.10 -16.98 -42.81
CA THR A 325 0.35 -16.72 -41.41
C THR A 325 1.85 -16.71 -41.13
N SER A 326 2.27 -15.82 -40.23
CA SER A 326 3.66 -15.59 -39.91
C SER A 326 3.77 -15.51 -38.40
N TYR A 327 4.72 -16.23 -37.83
CA TYR A 327 4.88 -16.31 -36.39
C TYR A 327 6.32 -16.04 -36.01
N TYR A 328 6.52 -15.28 -34.94
CA TYR A 328 7.83 -15.13 -34.33
C TYR A 328 7.64 -15.15 -32.82
N ALA A 329 8.20 -16.17 -32.17
CA ALA A 329 8.11 -16.37 -30.74
C ALA A 329 9.51 -16.41 -30.16
N SER A 330 9.65 -15.92 -28.93
CA SER A 330 10.94 -15.94 -28.27
C SER A 330 10.77 -15.79 -26.77
N ILE A 331 11.60 -16.50 -26.02
CA ILE A 331 11.84 -16.24 -24.60
C ILE A 331 13.31 -15.95 -24.44
N GLY A 332 13.62 -15.17 -23.42
CA GLY A 332 15.01 -14.78 -23.21
C GLY A 332 15.16 -14.20 -21.82
N TYR A 333 16.42 -14.03 -21.45
CA TYR A 333 16.79 -13.62 -20.10
C TYR A 333 17.95 -12.64 -20.23
N PHE A 334 17.98 -11.64 -19.35
CA PHE A 334 19.05 -10.66 -19.29
C PHE A 334 19.30 -10.27 -17.85
N ASP A 335 20.57 -10.11 -17.48
CA ASP A 335 20.94 -9.63 -16.15
C ASP A 335 22.27 -8.91 -16.21
N GLN A 336 22.26 -7.57 -16.02
CA GLN A 336 23.46 -6.74 -15.98
C GLN A 336 23.60 -6.20 -14.56
N GLU A 337 24.66 -6.60 -13.89
CA GLU A 337 24.92 -6.14 -12.53
C GLU A 337 25.73 -4.85 -12.55
N GLY A 338 25.56 -4.06 -11.50
CA GLY A 338 26.13 -2.73 -11.43
C GLY A 338 27.56 -2.80 -10.96
N MET A 339 28.43 -2.10 -11.67
CA MET A 339 29.84 -2.09 -11.33
C MET A 339 30.13 -1.24 -10.10
N ALA A 340 29.34 -0.20 -9.84
CA ALA A 340 29.47 0.50 -8.57
C ALA A 340 29.06 -0.44 -7.46
N ARG A 341 29.78 -0.39 -6.34
CA ARG A 341 29.52 -1.37 -5.28
C ARG A 341 28.25 -1.03 -4.52
N GLU A 342 27.91 0.26 -4.46
CA GLU A 342 26.56 0.73 -4.21
C GLU A 342 25.63 -0.01 -5.16
N PRO A 343 24.68 -0.78 -4.65
CA PRO A 343 24.00 -1.77 -5.49
C PRO A 343 23.00 -1.14 -6.47
N ALA A 344 22.96 -1.73 -7.68
CA ALA A 344 22.09 -1.35 -8.78
C ALA A 344 22.17 -2.44 -9.83
N ASN A 345 21.04 -2.82 -10.40
CA ASN A 345 20.98 -3.92 -11.35
C ASN A 345 19.72 -3.79 -12.20
N PHE A 346 19.75 -4.41 -13.38
CA PHE A 346 18.58 -4.53 -14.25
C PHE A 346 18.58 -5.93 -14.84
N LYS A 347 17.66 -6.75 -14.38
CA LYS A 347 17.48 -8.06 -14.98
C LYS A 347 16.03 -8.21 -15.43
N ARG A 348 15.82 -8.86 -16.57
CA ARG A 348 14.50 -9.09 -17.13
C ARG A 348 14.37 -10.52 -17.61
N TYR A 349 13.17 -11.08 -17.45
CA TYR A 349 12.82 -12.37 -18.04
C TYR A 349 11.68 -12.10 -19.01
N SER A 350 11.89 -12.41 -20.29
CA SER A 350 11.09 -11.86 -21.37
C SER A 350 10.48 -12.97 -22.21
N GLY A 351 9.34 -12.63 -22.82
CA GLY A 351 8.76 -13.43 -23.87
C GLY A 351 8.09 -12.52 -24.89
N ARG A 352 7.94 -13.05 -26.11
CA ARG A 352 7.31 -12.30 -27.18
C ARG A 352 6.71 -13.28 -28.16
N LEU A 353 5.53 -12.93 -28.68
CA LEU A 353 4.89 -13.66 -29.77
C LEU A 353 4.31 -12.64 -30.75
N ASN A 354 4.82 -12.67 -31.96
CA ASN A 354 4.33 -11.85 -33.05
C ASN A 354 3.67 -12.80 -34.02
N PHE A 355 2.45 -12.46 -34.44
CA PHE A 355 1.65 -13.37 -35.22
C PHE A 355 0.85 -12.55 -36.22
N GLU A 356 0.82 -13.01 -37.46
CA GLU A 356 0.13 -12.29 -38.51
C GLU A 356 -0.45 -13.32 -39.45
N SER A 357 -1.69 -13.13 -39.86
CA SER A 357 -2.33 -14.14 -40.71
C SER A 357 -3.34 -13.52 -41.66
N ARG A 358 -3.23 -13.88 -42.94
CA ARG A 358 -4.31 -13.61 -43.89
C ARG A 358 -5.41 -14.61 -43.62
N ILE A 359 -6.58 -14.12 -43.18
CA ILE A 359 -7.69 -14.99 -42.86
C ILE A 359 -8.47 -15.31 -44.12
N ASN A 360 -8.60 -14.35 -45.03
CA ASN A 360 -9.27 -14.53 -46.32
C ASN A 360 -8.98 -13.28 -47.15
N GLU A 361 -9.35 -13.33 -48.44
CA GLU A 361 -8.92 -12.30 -49.37
C GLU A 361 -9.41 -10.92 -48.96
N TRP A 362 -10.22 -10.87 -47.92
CA TRP A 362 -10.88 -9.69 -47.42
C TRP A 362 -10.33 -9.24 -46.07
N LEU A 363 -9.71 -10.15 -45.30
CA LEU A 363 -9.21 -9.88 -43.95
C LEU A 363 -7.78 -10.36 -43.75
N LYS A 364 -7.00 -9.57 -43.01
CA LYS A 364 -5.72 -10.01 -42.46
C LYS A 364 -5.70 -9.56 -41.01
N VAL A 365 -5.53 -10.49 -40.09
CA VAL A 365 -5.46 -10.14 -38.68
C VAL A 365 -4.08 -10.47 -38.17
N GLY A 366 -3.74 -9.86 -37.05
CA GLY A 366 -2.44 -10.11 -36.47
C GLY A 366 -2.29 -9.52 -35.09
N ALA A 367 -1.41 -10.13 -34.31
CA ALA A 367 -1.09 -9.64 -32.99
C ALA A 367 0.40 -9.70 -32.83
N ASN A 368 0.93 -8.82 -31.98
CA ASN A 368 2.27 -8.99 -31.45
C ASN A 368 2.25 -8.72 -29.95
N LEU A 369 2.60 -9.74 -29.19
CA LEU A 369 2.36 -9.82 -27.75
C LEU A 369 3.68 -9.98 -27.01
N SER A 370 3.85 -9.24 -25.93
CA SER A 370 5.12 -9.25 -25.25
C SER A 370 4.94 -8.89 -23.80
N GLY A 371 5.80 -9.43 -22.97
CA GLY A 371 5.82 -9.09 -21.57
C GLY A 371 7.13 -9.50 -20.95
N ALA A 372 7.23 -9.25 -19.65
CA ALA A 372 8.47 -9.46 -18.91
C ALA A 372 8.19 -9.38 -17.42
N ILE A 373 8.96 -10.16 -16.66
CA ILE A 373 9.12 -10.00 -15.21
C ILE A 373 10.47 -9.31 -15.04
N ALA A 374 10.49 -8.17 -14.38
CA ALA A 374 11.71 -7.37 -14.40
C ALA A 374 12.01 -6.83 -13.02
N ASN A 375 13.30 -6.87 -12.66
CA ASN A 375 13.81 -6.40 -11.39
C ASN A 375 14.90 -5.37 -11.68
N ARG A 376 14.65 -4.12 -11.33
CA ARG A 376 15.62 -3.05 -11.49
C ARG A 376 15.81 -2.36 -10.14
N ARG A 377 17.02 -1.85 -9.94
CA ARG A 377 17.45 -1.20 -8.70
C ARG A 377 18.53 -0.21 -9.09
N SER A 378 18.63 0.88 -8.33
CA SER A 378 19.45 1.99 -8.76
C SER A 378 20.20 2.54 -7.57
N ALA A 379 21.44 2.97 -7.81
CA ALA A 379 22.29 3.61 -6.81
C ALA A 379 21.83 5.06 -6.67
N ASP A 380 21.09 5.36 -5.61
CA ASP A 380 20.44 6.65 -5.51
C ASP A 380 21.32 7.74 -4.88
N TYR A 381 22.58 7.45 -4.55
CA TYR A 381 23.47 8.46 -3.99
C TYR A 381 24.35 9.14 -5.02
N PHE A 382 24.47 8.57 -6.22
CA PHE A 382 25.33 9.16 -7.23
C PHE A 382 24.79 10.50 -7.67
N GLY A 383 25.69 11.37 -8.11
CA GLY A 383 25.30 12.71 -8.44
C GLY A 383 24.97 13.60 -7.27
N LYS A 384 25.20 13.14 -6.04
CA LYS A 384 25.18 14.01 -4.87
C LYS A 384 26.47 13.80 -4.10
N TYR A 385 26.79 14.71 -3.17
CA TYR A 385 28.07 14.65 -2.44
C TYR A 385 27.87 14.15 -1.00
N TYR A 386 28.06 12.86 -0.79
CA TYR A 386 28.03 12.27 0.53
C TYR A 386 29.41 11.71 0.89
N MET A 387 29.93 12.14 2.04
CA MET A 387 31.22 11.73 2.56
C MET A 387 31.55 10.27 2.26
N GLY A 388 32.61 10.06 1.48
CA GLY A 388 33.02 8.70 1.14
C GLY A 388 32.03 7.80 0.44
N SER A 389 31.29 8.33 -0.55
CA SER A 389 30.46 7.50 -1.41
C SER A 389 30.70 7.91 -2.86
N GLY A 390 30.40 7.00 -3.79
CA GLY A 390 30.53 7.26 -5.23
C GLY A 390 31.97 7.42 -5.71
N THR A 391 32.12 7.88 -6.97
CA THR A 391 33.46 8.19 -7.45
C THR A 391 34.06 9.38 -6.71
N PHE A 392 33.23 10.27 -6.16
CA PHE A 392 33.75 11.28 -5.23
C PHE A 392 34.41 10.64 -4.02
N GLY A 393 33.75 9.66 -3.42
CA GLY A 393 34.36 8.88 -2.37
C GLY A 393 35.71 8.31 -2.77
N VAL A 394 35.82 7.75 -3.98
CA VAL A 394 37.09 7.09 -4.32
C VAL A 394 38.20 8.13 -4.50
N LEU A 395 37.85 9.41 -4.68
CA LEU A 395 38.87 10.45 -4.79
C LEU A 395 39.08 11.20 -3.48
N THR A 396 38.07 11.20 -2.62
CA THR A 396 38.04 12.13 -1.52
C THR A 396 38.38 11.50 -0.17
N MET A 397 38.30 10.18 -0.05
CA MET A 397 38.58 9.54 1.24
C MET A 397 40.08 9.53 1.54
N PRO A 398 40.51 10.10 2.66
CA PRO A 398 41.93 10.11 3.00
C PRO A 398 42.45 8.69 3.02
N ARG A 399 43.65 8.49 2.49
CA ARG A 399 44.12 7.12 2.31
C ARG A 399 44.49 6.42 3.62
N TYR A 400 44.56 7.14 4.72
CA TYR A 400 44.75 6.52 6.01
C TYR A 400 43.46 6.01 6.64
N TYR A 401 42.44 5.77 5.85
CA TYR A 401 41.21 5.22 6.39
C TYR A 401 40.93 3.95 5.64
N ASN A 402 40.80 2.83 6.36
CA ASN A 402 40.76 1.52 5.75
C ASN A 402 39.37 0.96 5.87
N PRO A 403 38.60 0.87 4.78
CA PRO A 403 37.31 0.18 4.85
C PRO A 403 37.46 -1.32 4.82
N PHE A 404 38.67 -1.82 4.66
CA PHE A 404 38.91 -3.25 4.56
C PHE A 404 39.25 -3.82 5.93
N ASP A 405 39.21 -5.14 6.02
CA ASP A 405 39.63 -5.82 7.23
C ASP A 405 41.08 -6.25 7.09
N VAL A 406 41.39 -7.46 7.54
CA VAL A 406 42.76 -7.99 7.44
C VAL A 406 42.89 -8.98 6.27
N ASN A 407 41.78 -9.47 5.72
CA ASN A 407 41.80 -10.35 4.56
C ASN A 407 41.65 -9.59 3.27
N GLY A 408 41.71 -8.25 3.31
CA GLY A 408 41.52 -7.46 2.12
C GLY A 408 40.08 -7.36 1.67
N ASP A 409 39.17 -7.98 2.38
CA ASP A 409 37.75 -7.90 2.09
C ASP A 409 37.16 -6.66 2.76
N LEU A 410 35.99 -6.27 2.29
CA LEU A 410 35.42 -5.01 2.72
C LEU A 410 34.81 -5.20 4.09
N ALA A 411 35.22 -4.35 5.04
CA ALA A 411 34.74 -4.47 6.42
C ALA A 411 33.24 -4.26 6.48
N ASP A 412 32.66 -4.34 7.68
CA ASP A 412 31.31 -3.86 7.85
C ASP A 412 31.26 -2.36 8.03
N VAL A 413 32.41 -1.73 8.24
CA VAL A 413 32.43 -0.38 8.75
C VAL A 413 33.83 0.20 8.66
N TYR A 414 33.91 1.51 8.43
CA TYR A 414 35.16 2.25 8.50
C TYR A 414 34.96 3.36 9.54
N TYR A 415 36.04 4.06 9.84
CA TYR A 415 36.03 5.09 10.86
C TYR A 415 36.57 6.36 10.26
N MET A 416 36.05 7.48 10.73
CA MET A 416 36.51 8.81 10.36
C MET A 416 36.57 9.66 11.61
N TYR A 417 37.65 10.42 11.78
CA TYR A 417 37.90 11.04 13.07
C TYR A 417 36.80 12.03 13.43
N GLY A 418 36.40 12.03 14.69
CA GLY A 418 35.25 12.78 15.16
C GLY A 418 33.95 12.02 15.16
N ALA A 419 33.84 10.98 14.34
CA ALA A 419 32.60 10.25 14.16
C ALA A 419 31.96 9.86 15.48
N THR A 420 30.64 9.95 15.51
CA THR A 420 29.88 9.53 16.67
C THR A 420 29.69 8.03 16.68
N ARG A 421 29.58 7.48 15.47
CA ARG A 421 29.19 6.18 15.01
C ARG A 421 30.25 5.69 14.03
N PRO A 422 30.58 4.42 14.06
CA PRO A 422 31.28 3.84 12.92
C PRO A 422 30.39 4.00 11.71
N SER A 423 31.00 4.10 10.54
CA SER A 423 30.30 4.42 9.31
C SER A 423 30.21 3.19 8.42
N MET A 424 28.99 2.77 8.10
CA MET A 424 28.81 1.52 7.37
C MET A 424 29.42 1.56 5.97
N THR A 425 30.13 0.50 5.60
CA THR A 425 30.63 0.36 4.25
C THR A 425 29.47 0.05 3.32
N GLU A 426 29.75 0.01 2.01
CA GLU A 426 28.65 -0.14 1.05
C GLU A 426 27.99 -1.51 1.08
N PRO A 427 28.72 -2.62 1.20
CA PRO A 427 28.05 -3.92 1.23
C PRO A 427 27.24 -4.15 2.49
N TYR A 428 27.74 -3.66 3.63
CA TYR A 428 27.03 -3.90 4.87
C TYR A 428 25.84 -2.96 5.00
N PHE A 429 25.93 -1.78 4.37
CA PHE A 429 24.77 -0.89 4.25
C PHE A 429 23.66 -1.57 3.46
N ALA A 430 24.01 -2.28 2.39
CA ALA A 430 22.99 -2.88 1.53
C ALA A 430 22.19 -3.95 2.26
N LYS A 431 22.86 -4.88 2.92
CA LYS A 431 22.11 -5.91 3.60
C LYS A 431 21.35 -5.34 4.77
N MET A 432 21.79 -4.18 5.25
CA MET A 432 21.07 -3.50 6.31
C MET A 432 19.93 -2.63 5.78
N ARG A 433 19.99 -2.21 4.52
CA ARG A 433 18.94 -1.42 3.85
C ARG A 433 18.55 -2.14 2.58
N PRO A 434 17.83 -3.25 2.70
CA PRO A 434 17.45 -4.03 1.52
C PRO A 434 16.41 -3.34 0.64
N PHE A 435 16.38 -3.81 -0.60
CA PHE A 435 15.49 -3.27 -1.60
C PHE A 435 15.25 -4.32 -2.66
N SER A 436 13.98 -4.51 -3.03
CA SER A 436 13.68 -5.28 -4.22
C SER A 436 12.47 -4.63 -4.86
N SER A 437 12.29 -4.91 -6.14
CA SER A 437 11.13 -4.48 -6.89
C SER A 437 10.92 -5.42 -8.07
N GLU A 438 9.71 -5.91 -8.24
CA GLU A 438 9.31 -6.68 -9.42
C GLU A 438 8.31 -5.89 -10.25
N SER A 439 8.65 -5.69 -11.52
CA SER A 439 7.72 -5.20 -12.52
C SER A 439 7.24 -6.35 -13.38
N HIS A 440 5.93 -6.51 -13.42
CA HIS A 440 5.24 -7.35 -14.39
C HIS A 440 4.80 -6.43 -15.52
N GLN A 441 5.27 -6.71 -16.73
CA GLN A 441 4.99 -5.85 -17.86
C GLN A 441 4.25 -6.66 -18.91
N ALA A 442 3.08 -6.18 -19.31
CA ALA A 442 2.23 -6.85 -20.29
C ALA A 442 1.96 -5.85 -21.38
N ASN A 443 2.02 -6.30 -22.64
CA ASN A 443 1.81 -5.41 -23.77
C ASN A 443 1.05 -6.19 -24.83
N VAL A 444 -0.26 -5.95 -24.96
CA VAL A 444 -1.07 -6.66 -25.95
C VAL A 444 -1.40 -5.71 -27.08
N ASN A 445 -1.35 -6.24 -28.30
CA ASN A 445 -1.41 -5.48 -29.54
C ASN A 445 -2.08 -6.34 -30.58
N GLY A 446 -3.23 -5.90 -31.09
CA GLY A 446 -3.88 -6.56 -32.20
C GLY A 446 -3.99 -5.61 -33.38
N PHE A 447 -4.42 -6.17 -34.51
CA PHE A 447 -4.79 -5.33 -35.63
C PHE A 447 -5.68 -6.13 -36.57
N ALA A 448 -6.51 -5.40 -37.33
CA ALA A 448 -7.35 -5.98 -38.36
C ALA A 448 -7.16 -5.18 -39.63
N GLN A 449 -7.16 -5.87 -40.77
CA GLN A 449 -6.94 -5.26 -42.07
C GLN A 449 -8.01 -5.79 -43.02
N ILE A 450 -9.15 -5.13 -43.01
CA ILE A 450 -10.19 -5.37 -44.02
C ILE A 450 -9.77 -4.67 -45.31
N THR A 451 -9.80 -5.41 -46.42
CA THR A 451 -9.59 -4.85 -47.75
C THR A 451 -10.86 -5.13 -48.56
N PRO A 452 -11.88 -4.24 -48.44
CA PRO A 452 -13.21 -4.52 -49.01
C PRO A 452 -13.31 -4.36 -50.52
N ILE A 453 -12.60 -3.38 -51.09
CA ILE A 453 -12.56 -3.18 -52.53
C ILE A 453 -11.12 -2.92 -52.95
N LYS A 454 -10.89 -3.00 -54.25
CA LYS A 454 -9.56 -2.72 -54.77
C LYS A 454 -9.19 -1.28 -54.41
N GLY A 455 -8.13 -1.10 -53.62
CA GLY A 455 -7.61 0.22 -53.32
C GLY A 455 -7.86 0.66 -51.89
N LEU A 456 -8.89 0.14 -51.24
CA LEU A 456 -9.28 0.59 -49.91
C LEU A 456 -8.76 -0.37 -48.86
N THR A 457 -8.25 0.18 -47.74
CA THR A 457 -7.69 -0.61 -46.63
C THR A 457 -8.20 0.00 -45.32
N LEU A 458 -9.19 -0.63 -44.71
CA LEU A 458 -9.61 -0.28 -43.36
C LEU A 458 -8.77 -1.06 -42.36
N LYS A 459 -7.98 -0.33 -41.56
CA LYS A 459 -7.10 -0.94 -40.58
C LYS A 459 -7.42 -0.40 -39.21
N ALA A 460 -7.85 -1.26 -38.29
CA ALA A 460 -8.06 -0.89 -36.90
C ALA A 460 -7.00 -1.57 -36.04
N GLN A 461 -6.30 -0.78 -35.21
CA GLN A 461 -5.22 -1.27 -34.36
C GLN A 461 -5.36 -0.69 -32.96
N ALA A 462 -5.11 -1.52 -31.95
CA ALA A 462 -5.35 -1.11 -30.57
C ALA A 462 -4.48 -1.94 -29.66
N GLY A 463 -4.22 -1.42 -28.45
CA GLY A 463 -3.38 -2.17 -27.55
C GLY A 463 -3.28 -1.58 -26.16
N VAL A 464 -2.86 -2.44 -25.22
CA VAL A 464 -2.64 -2.05 -23.83
C VAL A 464 -1.16 -2.22 -23.52
N ASP A 465 -0.75 -1.59 -22.41
CA ASP A 465 0.64 -1.50 -22.04
C ASP A 465 0.64 -1.47 -20.51
N ILE A 466 0.27 -2.60 -19.89
CA ILE A 466 0.06 -2.68 -18.45
C ILE A 466 1.38 -2.96 -17.74
N THR A 467 1.67 -2.15 -16.71
CA THR A 467 2.84 -2.33 -15.85
C THR A 467 2.46 -2.14 -14.39
N ASN A 468 2.46 -3.25 -13.65
CA ASN A 468 2.33 -3.28 -12.21
C ASN A 468 3.70 -3.53 -11.58
N THR A 469 4.16 -2.58 -10.76
CA THR A 469 5.44 -2.70 -10.08
C THR A 469 5.23 -2.68 -8.58
N ARG A 470 5.93 -3.58 -7.89
CA ARG A 470 5.71 -3.82 -6.47
C ARG A 470 7.09 -3.82 -5.83
N THR A 471 7.33 -2.92 -4.88
CA THR A 471 8.70 -2.66 -4.41
C THR A 471 8.77 -2.68 -2.90
N SER A 472 9.85 -3.25 -2.40
CA SER A 472 10.01 -3.40 -0.97
C SER A 472 11.33 -2.77 -0.52
N SER A 473 11.31 -2.29 0.72
CA SER A 473 12.36 -1.52 1.36
C SER A 473 12.40 -1.87 2.85
N LYS A 474 13.59 -2.12 3.39
CA LYS A 474 13.68 -2.47 4.80
C LYS A 474 14.77 -1.65 5.47
N ARG A 475 14.64 -1.53 6.78
CA ARG A 475 15.67 -0.96 7.64
C ARG A 475 15.88 -1.99 8.73
N MET A 476 16.91 -2.81 8.56
CA MET A 476 17.04 -4.02 9.34
C MET A 476 17.23 -3.64 10.80
N PRO A 477 16.49 -4.26 11.72
CA PRO A 477 16.56 -3.87 13.13
C PRO A 477 17.75 -4.49 13.83
N ASN A 478 18.00 -4.01 15.05
CA ASN A 478 19.05 -4.56 15.91
C ASN A 478 20.42 -4.40 15.30
N ASN A 479 20.60 -3.40 14.45
CA ASN A 479 21.88 -3.16 13.80
C ASN A 479 22.73 -2.26 14.67
N PRO A 480 23.93 -2.69 15.08
CA PRO A 480 24.63 -1.98 16.15
C PRO A 480 25.26 -0.68 15.71
N TYR A 481 25.38 -0.46 14.39
CA TYR A 481 25.91 0.78 13.86
C TYR A 481 24.81 1.67 13.29
N ASP A 482 23.57 1.46 13.71
CA ASP A 482 22.46 2.29 13.29
C ASP A 482 22.10 3.17 14.46
N SER A 483 21.19 4.13 14.22
CA SER A 483 20.82 5.09 15.25
C SER A 483 20.03 4.42 16.37
N THR A 484 19.07 3.57 16.03
CA THR A 484 18.25 2.78 16.95
C THR A 484 18.34 1.30 16.60
N PRO A 485 17.96 0.41 17.55
CA PRO A 485 17.78 -1.00 17.20
C PRO A 485 16.46 -1.29 16.50
N LEU A 486 15.55 -0.30 16.42
CA LEU A 486 14.22 -0.51 15.86
C LEU A 486 14.20 -0.41 14.35
N GLY A 487 13.51 -1.33 13.71
CA GLY A 487 13.49 -1.39 12.26
C GLY A 487 12.23 -0.90 11.60
N GLU A 488 12.28 -0.57 10.31
CA GLU A 488 11.12 -0.18 9.55
C GLU A 488 11.02 -0.93 8.23
N ARG A 489 9.85 -0.82 7.60
CA ARG A 489 9.56 -1.45 6.31
C ARG A 489 8.61 -0.56 5.51
N ARG A 490 8.81 -0.52 4.19
CA ARG A 490 8.05 0.30 3.25
C ARG A 490 7.68 -0.56 2.04
N GLU A 491 6.39 -0.75 1.82
CA GLU A 491 5.90 -1.47 0.64
C GLU A 491 5.15 -0.50 -0.26
N ARG A 492 5.52 -0.47 -1.53
CA ARG A 492 4.85 0.35 -2.53
C ARG A 492 4.43 -0.51 -3.70
N ALA A 493 3.40 -0.04 -4.39
CA ALA A 493 2.89 -0.73 -5.55
C ALA A 493 2.53 0.33 -6.57
N TYR A 494 2.88 0.07 -7.80
CA TYR A 494 2.79 1.04 -8.87
C TYR A 494 1.92 0.44 -9.97
N ARG A 495 1.23 1.32 -10.69
CA ARG A 495 0.31 0.93 -11.76
C ARG A 495 0.35 1.93 -12.88
N ASP A 496 0.69 1.47 -14.08
CA ASP A 496 0.62 2.25 -15.30
C ASP A 496 -0.18 1.45 -16.31
N VAL A 497 -1.28 2.01 -16.79
CA VAL A 497 -2.06 1.42 -17.86
C VAL A 497 -2.14 2.43 -19.00
N SER A 498 -1.72 2.01 -20.20
CA SER A 498 -1.67 2.86 -21.38
C SER A 498 -2.46 2.21 -22.51
N LYS A 499 -3.59 2.84 -22.87
CA LYS A 499 -4.39 2.43 -24.01
C LYS A 499 -4.02 3.27 -25.21
N SER A 500 -4.22 2.69 -26.40
CA SER A 500 -4.07 3.45 -27.63
C SER A 500 -4.83 2.74 -28.75
N PHE A 501 -5.76 3.46 -29.37
CA PHE A 501 -6.48 3.01 -30.55
C PHE A 501 -6.09 3.95 -31.68
N THR A 502 -5.92 3.40 -32.88
CA THR A 502 -5.42 4.21 -33.97
C THR A 502 -5.83 3.49 -35.26
N ASN A 503 -6.97 3.88 -35.79
CA ASN A 503 -7.54 3.22 -36.96
C ASN A 503 -7.69 4.16 -38.15
N THR A 504 -7.46 3.58 -39.34
CA THR A 504 -7.11 4.28 -40.57
C THR A 504 -7.95 3.77 -41.73
N ALA A 505 -8.16 4.64 -42.71
CA ALA A 505 -8.73 4.24 -44.00
C ALA A 505 -7.78 4.76 -45.06
N GLU A 506 -7.37 3.89 -45.96
CA GLU A 506 -6.35 4.25 -46.93
C GLU A 506 -6.88 3.85 -48.30
N TYR A 507 -7.07 4.85 -49.17
CA TYR A 507 -7.59 4.65 -50.52
C TYR A 507 -6.48 5.08 -51.47
N LYS A 508 -5.86 4.10 -52.12
CA LYS A 508 -4.90 4.37 -53.18
C LYS A 508 -5.45 3.86 -54.50
N PHE A 509 -5.39 4.72 -55.53
CA PHE A 509 -5.91 4.45 -56.85
C PHE A 509 -4.98 5.11 -57.86
N SER A 510 -5.33 5.06 -59.14
CA SER A 510 -4.57 5.75 -60.16
C SER A 510 -5.53 6.47 -61.09
N ILE A 511 -5.25 7.74 -61.33
CA ILE A 511 -6.06 8.60 -62.19
C ILE A 511 -5.31 8.82 -63.49
N ASP A 512 -5.42 7.83 -64.39
CA ASP A 512 -4.79 7.75 -65.70
C ASP A 512 -3.41 7.09 -65.52
N GLU A 513 -2.59 7.08 -66.57
CA GLU A 513 -1.34 6.32 -66.52
C GLU A 513 -0.17 7.06 -65.89
N LYS A 514 -0.26 8.37 -65.65
CA LYS A 514 0.90 9.07 -65.14
C LYS A 514 0.65 9.73 -63.79
N HIS A 515 -0.51 9.53 -63.19
CA HIS A 515 -0.87 10.17 -61.93
C HIS A 515 -1.25 9.07 -60.94
N ASP A 516 -0.42 8.88 -59.90
CA ASP A 516 -0.73 7.95 -58.82
C ASP A 516 -1.06 8.73 -57.56
N LEU A 517 -2.24 8.50 -56.99
CA LEU A 517 -2.62 9.16 -55.76
C LEU A 517 -2.87 8.12 -54.68
N THR A 518 -2.46 8.44 -53.46
CA THR A 518 -2.71 7.58 -52.31
C THR A 518 -3.20 8.47 -51.20
N ALA A 519 -4.44 8.26 -50.76
CA ALA A 519 -5.05 9.10 -49.74
C ALA A 519 -5.35 8.26 -48.50
N LEU A 520 -5.17 8.88 -47.34
CA LEU A 520 -5.21 8.16 -46.09
C LEU A 520 -5.54 9.12 -44.96
N MET A 521 -6.53 8.78 -44.16
CA MET A 521 -6.79 9.54 -42.96
C MET A 521 -7.17 8.62 -41.83
N GLY A 522 -7.09 9.16 -40.62
CA GLY A 522 -7.31 8.30 -39.47
C GLY A 522 -7.64 9.04 -38.19
N HIS A 523 -8.03 8.24 -37.21
CA HIS A 523 -8.36 8.67 -35.88
C HIS A 523 -7.42 7.95 -34.94
N GLU A 524 -7.13 8.58 -33.81
CA GLU A 524 -6.22 8.02 -32.81
C GLU A 524 -6.60 8.56 -31.44
N TYR A 525 -6.83 7.67 -30.50
CA TYR A 525 -7.02 8.06 -29.10
C TYR A 525 -5.98 7.34 -28.24
N ILE A 526 -5.20 8.11 -27.49
CA ILE A 526 -4.20 7.63 -26.54
C ILE A 526 -4.67 8.00 -25.15
N GLU A 527 -4.70 7.03 -24.26
CA GLU A 527 -5.08 7.28 -22.88
C GLU A 527 -3.99 6.72 -21.96
N TYR A 528 -3.68 7.44 -20.88
CA TYR A 528 -2.77 6.95 -19.85
C TYR A 528 -3.34 7.25 -18.47
N GLU A 529 -3.40 6.23 -17.62
CA GLU A 529 -3.86 6.32 -16.23
C GLU A 529 -2.82 5.60 -15.35
N GLY A 530 -2.13 6.36 -14.48
CA GLY A 530 -1.14 5.81 -13.58
C GLY A 530 -1.44 6.13 -12.11
N ASP A 531 -0.71 5.46 -11.22
CA ASP A 531 -1.15 5.33 -9.84
C ASP A 531 -0.08 4.65 -9.00
N VAL A 532 0.17 5.19 -7.80
CA VAL A 532 1.21 4.73 -6.90
C VAL A 532 0.73 4.77 -5.45
N ILE A 533 0.95 3.68 -4.74
CA ILE A 533 0.47 3.46 -3.39
C ILE A 533 1.66 3.03 -2.56
N GLY A 534 1.73 3.55 -1.33
CA GLY A 534 2.84 3.20 -0.48
C GLY A 534 2.49 3.21 0.98
N ALA A 535 2.95 2.18 1.71
CA ALA A 535 2.67 2.01 3.13
C ALA A 535 3.97 1.73 3.88
N SER A 536 4.05 2.20 5.12
CA SER A 536 5.26 2.02 5.89
C SER A 536 4.95 1.94 7.38
N SER A 537 5.68 1.06 8.08
CA SER A 537 5.59 0.86 9.52
C SER A 537 6.99 0.84 10.10
N LYS A 538 7.08 0.99 11.42
CA LYS A 538 8.37 0.96 12.09
C LYS A 538 8.17 0.48 13.51
N GLY A 539 9.30 0.24 14.19
CA GLY A 539 9.33 -0.28 15.54
C GLY A 539 9.67 -1.77 15.63
N PHE A 540 9.86 -2.44 14.49
CA PHE A 540 10.16 -3.85 14.49
C PHE A 540 11.41 -4.08 15.29
N GLU A 541 11.44 -5.20 15.98
CA GLU A 541 12.54 -5.69 16.78
C GLU A 541 12.80 -7.15 16.48
N SER A 542 12.64 -7.55 15.22
CA SER A 542 13.00 -8.90 14.78
C SER A 542 12.94 -9.00 13.27
N ASP A 543 14.02 -9.45 12.62
CA ASP A 543 13.93 -9.70 11.19
C ASP A 543 12.77 -10.63 10.84
N LYS A 544 12.41 -11.58 11.73
CA LYS A 544 11.35 -12.54 11.46
C LYS A 544 9.93 -12.01 11.80
N LEU A 545 9.81 -10.79 12.32
CA LEU A 545 8.51 -10.21 12.68
C LEU A 545 8.39 -8.81 12.07
N MET A 546 8.24 -8.73 10.74
CA MET A 546 8.32 -7.44 10.05
C MET A 546 7.20 -7.20 9.03
N LEU A 547 6.14 -8.00 9.04
CA LEU A 547 4.89 -7.58 8.42
C LEU A 547 4.54 -6.15 8.77
N LEU A 548 4.04 -5.41 7.78
CA LEU A 548 3.61 -4.04 8.01
C LEU A 548 2.60 -3.96 9.14
N SER A 549 1.75 -4.98 9.29
CA SER A 549 0.73 -4.96 10.34
C SER A 549 1.30 -5.10 11.74
N GLN A 550 2.61 -5.30 11.87
CA GLN A 550 3.19 -5.56 13.18
C GLN A 550 3.96 -4.36 13.72
N GLY A 551 3.68 -3.17 13.22
CA GLY A 551 4.43 -2.02 13.66
C GLY A 551 3.95 -1.49 14.98
N LYS A 552 4.76 -0.61 15.55
CA LYS A 552 4.33 0.16 16.71
C LYS A 552 3.23 1.09 16.25
N THR A 553 2.31 1.42 17.16
CA THR A 553 1.12 2.20 16.84
C THR A 553 1.04 3.37 17.80
N GLY A 554 1.26 4.59 17.33
CA GLY A 554 1.13 5.73 18.20
C GLY A 554 1.87 6.87 17.56
N ASN A 555 2.93 7.36 18.21
CA ASN A 555 3.78 8.36 17.58
C ASN A 555 4.64 7.79 16.58
N SER A 556 4.40 6.52 16.29
CA SER A 556 5.23 5.78 15.36
C SER A 556 4.55 5.54 14.04
N LEU A 557 3.28 5.93 13.90
CA LEU A 557 2.48 5.69 12.71
C LEU A 557 2.81 6.70 11.61
N SER A 558 2.50 6.30 10.37
CA SER A 558 2.86 7.09 9.20
C SER A 558 1.63 7.39 8.38
N LEU A 559 1.68 8.49 7.74
CA LEU A 559 0.70 8.76 6.73
C LEU A 559 1.05 7.94 5.49
N PRO A 560 0.09 7.31 4.82
CA PRO A 560 0.41 6.57 3.58
C PRO A 560 0.95 7.44 2.45
N GLU A 561 1.47 6.76 1.44
CA GLU A 561 1.91 7.40 0.20
C GLU A 561 0.86 7.17 -0.88
N HIS A 562 0.50 8.23 -1.58
CA HIS A 562 -0.51 8.05 -2.62
C HIS A 562 -0.36 9.14 -3.68
N ARG A 563 -0.22 8.73 -4.94
CA ARG A 563 0.01 9.63 -6.08
C ARG A 563 -0.72 9.09 -7.30
N VAL A 564 -1.47 9.96 -7.98
CA VAL A 564 -2.26 9.56 -9.15
C VAL A 564 -1.90 10.49 -10.30
N ALA A 565 -2.10 9.99 -11.53
CA ALA A 565 -1.76 10.75 -12.72
C ALA A 565 -2.46 10.16 -13.95
N GLU A 566 -3.12 11.02 -14.73
CA GLU A 566 -3.72 10.55 -15.96
C GLU A 566 -3.62 11.65 -17.01
N TYR A 567 -3.56 11.25 -18.29
CA TYR A 567 -3.64 12.17 -19.43
C TYR A 567 -4.31 11.44 -20.60
N ALA A 568 -4.54 12.19 -21.69
CA ALA A 568 -5.22 11.66 -22.86
C ALA A 568 -4.93 12.55 -24.07
N TYR A 569 -4.97 11.92 -25.26
CA TYR A 569 -4.69 12.60 -26.51
C TYR A 569 -5.72 12.16 -27.52
N LEU A 570 -6.44 13.11 -28.12
CA LEU A 570 -7.36 12.83 -29.21
C LEU A 570 -6.85 13.52 -30.45
N SER A 571 -6.85 12.79 -31.57
CA SER A 571 -6.15 13.23 -32.76
C SER A 571 -6.90 12.73 -33.99
N PHE A 572 -7.06 13.62 -34.95
CA PHE A 572 -7.53 13.30 -36.29
C PHE A 572 -6.46 13.78 -37.25
N PHE A 573 -6.03 12.90 -38.16
CA PHE A 573 -4.94 13.23 -39.05
C PHE A 573 -5.21 12.71 -40.44
N SER A 574 -4.49 13.28 -41.39
CA SER A 574 -4.61 12.91 -42.78
C SER A 574 -3.26 13.08 -43.45
N ARG A 575 -3.11 12.41 -44.59
CA ARG A 575 -1.86 12.41 -45.33
C ARG A 575 -2.07 11.86 -46.72
N PHE A 576 -1.66 12.63 -47.72
CA PHE A 576 -1.85 12.27 -49.10
C PHE A 576 -0.49 12.19 -49.79
N ASN A 577 -0.43 11.32 -50.81
CA ASN A 577 0.79 11.02 -51.54
C ASN A 577 0.41 11.02 -53.01
N TYR A 578 0.89 12.03 -53.73
CA TYR A 578 0.65 12.19 -55.15
C TYR A 578 1.92 11.87 -55.90
N GLY A 579 1.80 11.06 -56.93
CA GLY A 579 2.96 10.66 -57.69
C GLY A 579 2.76 10.80 -59.17
N PHE A 580 3.51 11.73 -59.76
CA PHE A 580 3.42 12.03 -61.17
C PHE A 580 4.56 11.33 -61.89
N ASP A 581 4.20 10.62 -62.96
CA ASP A 581 5.19 9.84 -63.70
C ASP A 581 5.81 8.90 -62.67
N LYS A 582 7.05 8.48 -62.84
CA LYS A 582 7.71 7.73 -61.78
C LYS A 582 8.92 8.52 -61.26
N TRP A 583 8.80 9.85 -61.32
CA TRP A 583 9.87 10.77 -60.96
C TRP A 583 9.48 11.86 -59.98
N MET A 584 8.29 12.44 -60.08
CA MET A 584 7.89 13.56 -59.24
C MET A 584 6.89 13.11 -58.18
N TYR A 585 7.16 13.46 -56.92
CA TYR A 585 6.33 13.05 -55.79
C TYR A 585 6.04 14.25 -54.89
N ILE A 586 4.78 14.46 -54.58
CA ILE A 586 4.39 15.48 -53.63
C ILE A 586 3.65 14.77 -52.52
N ASP A 587 3.85 15.22 -51.28
CA ASP A 587 3.14 14.69 -50.12
C ASP A 587 2.57 15.85 -49.34
N PHE A 588 1.32 15.74 -48.94
CA PHE A 588 0.64 16.78 -48.19
C PHE A 588 0.07 16.12 -46.94
N SER A 589 -0.02 16.88 -45.84
CA SER A 589 -0.61 16.33 -44.63
C SER A 589 -1.14 17.45 -43.74
N VAL A 590 -2.31 17.22 -43.14
CA VAL A 590 -2.90 18.12 -42.15
C VAL A 590 -3.44 17.27 -41.01
N ARG A 591 -3.42 17.82 -39.80
CA ARG A 591 -3.76 17.05 -38.61
C ARG A 591 -4.26 17.99 -37.53
N ASN A 592 -4.97 17.42 -36.59
CA ASN A 592 -5.37 18.13 -35.38
C ASN A 592 -5.13 17.26 -34.14
N ASP A 593 -4.41 17.82 -33.16
CA ASP A 593 -4.06 17.15 -31.91
C ASP A 593 -4.74 17.84 -30.73
N GLN A 594 -5.26 17.06 -29.78
CA GLN A 594 -5.94 17.58 -28.60
C GLN A 594 -5.46 16.84 -27.36
N SER A 595 -4.91 17.57 -26.40
CA SER A 595 -4.28 16.96 -25.23
C SER A 595 -5.03 17.30 -23.95
N SER A 596 -5.11 16.31 -23.04
CA SER A 596 -5.66 16.57 -21.70
C SER A 596 -4.83 17.60 -20.93
N ARG A 597 -3.61 17.87 -21.37
CA ARG A 597 -2.68 18.70 -20.63
C ARG A 597 -2.93 20.18 -20.81
N PHE A 598 -3.94 20.55 -21.57
CA PHE A 598 -4.33 21.94 -21.74
C PHE A 598 -5.81 22.04 -21.43
N GLY A 599 -6.23 23.24 -21.05
CA GLY A 599 -7.62 23.51 -20.76
C GLY A 599 -8.50 23.28 -21.98
N SER A 600 -9.80 23.28 -21.71
CA SER A 600 -10.75 22.91 -22.76
C SER A 600 -10.68 23.85 -23.96
N ASN A 601 -10.56 25.17 -23.72
CA ASN A 601 -10.51 26.13 -24.83
C ASN A 601 -9.14 26.25 -25.49
N ASN A 602 -8.15 25.46 -25.11
CA ASN A 602 -6.82 25.68 -25.68
C ASN A 602 -6.09 24.39 -26.01
N ARG A 603 -6.78 23.28 -26.10
CA ARG A 603 -6.10 22.01 -26.30
C ARG A 603 -6.10 21.53 -27.73
N SER A 604 -6.71 22.24 -28.67
CA SER A 604 -6.64 21.76 -30.04
C SER A 604 -5.61 22.56 -30.80
N ALA A 605 -5.01 21.92 -31.79
CA ALA A 605 -3.99 22.58 -32.58
C ALA A 605 -3.83 21.83 -33.89
N TRP A 606 -3.63 22.59 -34.97
CA TRP A 606 -3.58 22.08 -36.33
C TRP A 606 -2.16 22.17 -36.84
N PHE A 607 -1.73 21.13 -37.54
CA PHE A 607 -0.38 21.07 -38.07
C PHE A 607 -0.43 20.55 -39.50
N TYR A 608 0.44 21.06 -40.36
CA TYR A 608 0.45 20.67 -41.76
C TYR A 608 1.88 20.36 -42.18
N SER A 609 2.00 19.86 -43.41
CA SER A 609 3.31 19.55 -43.98
C SER A 609 3.17 19.33 -45.47
N VAL A 610 4.14 19.83 -46.22
CA VAL A 610 4.25 19.56 -47.65
C VAL A 610 5.66 19.06 -47.93
N GLY A 611 5.80 18.22 -48.93
CA GLY A 611 7.10 17.66 -49.24
C GLY A 611 7.17 17.15 -50.66
N GLY A 612 8.36 17.17 -51.21
CA GLY A 612 8.62 16.67 -52.55
C GLY A 612 9.95 15.96 -52.73
N MET A 613 9.92 14.84 -53.45
CA MET A 613 11.11 14.12 -53.85
C MET A 613 11.14 14.05 -55.36
N PHE A 614 12.31 14.32 -55.93
CA PHE A 614 12.48 14.42 -57.38
C PHE A 614 13.67 13.56 -57.79
N ASP A 615 13.41 12.61 -58.68
CA ASP A 615 14.42 11.64 -59.11
C ASP A 615 15.20 12.24 -60.26
N ILE A 616 16.16 13.12 -59.93
CA ILE A 616 16.94 13.82 -60.94
C ILE A 616 17.61 12.82 -61.88
N TYR A 617 18.07 11.68 -61.34
CA TYR A 617 18.68 10.66 -62.17
C TYR A 617 17.69 10.12 -63.21
N ASN A 618 16.56 9.59 -62.76
CA ASN A 618 15.62 8.91 -63.64
C ASN A 618 14.79 9.83 -64.52
N LYS A 619 15.16 11.10 -64.62
CA LYS A 619 14.50 12.01 -65.54
C LYS A 619 15.51 12.63 -66.50
N PHE A 620 16.60 13.16 -65.95
CA PHE A 620 17.59 13.95 -66.66
C PHE A 620 18.88 13.20 -66.95
N ILE A 621 19.02 11.97 -66.45
CA ILE A 621 20.17 11.11 -66.73
C ILE A 621 19.66 9.67 -66.88
N GLN A 622 19.22 9.32 -68.09
CA GLN A 622 18.65 7.97 -68.30
C GLN A 622 19.64 6.88 -67.90
N GLU A 623 20.95 7.11 -68.13
CA GLU A 623 22.00 6.15 -67.77
C GLU A 623 23.30 6.93 -67.66
N SER A 624 24.08 6.61 -66.63
CA SER A 624 25.41 7.20 -66.46
C SER A 624 26.38 6.10 -66.07
N ASN A 625 27.61 6.23 -66.55
CA ASN A 625 28.59 5.17 -66.34
C ASN A 625 29.21 5.23 -64.95
N TRP A 626 28.93 6.27 -64.15
CA TRP A 626 29.47 6.34 -62.81
C TRP A 626 28.46 6.78 -61.73
N LEU A 627 27.45 7.57 -62.06
CA LEU A 627 26.46 7.98 -61.07
C LEU A 627 25.30 7.00 -61.13
N SER A 628 24.94 6.44 -59.97
CA SER A 628 23.90 5.41 -59.87
C SER A 628 22.59 5.91 -59.30
N ASP A 629 22.63 6.94 -58.46
CA ASP A 629 21.47 7.41 -57.72
C ASP A 629 21.64 8.89 -57.44
N LEU A 630 20.62 9.69 -57.74
CA LEU A 630 20.63 11.12 -57.44
C LEU A 630 19.19 11.57 -57.23
N ARG A 631 18.84 11.88 -55.99
CA ARG A 631 17.48 12.23 -55.61
C ARG A 631 17.48 13.46 -54.72
N LEU A 632 16.49 14.32 -54.93
CA LEU A 632 16.38 15.57 -54.20
C LEU A 632 15.09 15.58 -53.40
N LYS A 633 15.21 15.80 -52.11
CA LYS A 633 14.07 15.86 -51.20
C LYS A 633 13.90 17.29 -50.71
N MET A 634 12.69 17.60 -50.26
CA MET A 634 12.40 18.95 -49.77
C MET A 634 11.09 19.00 -49.00
N SER A 635 11.06 19.66 -47.84
CA SER A 635 9.86 19.61 -47.02
C SER A 635 9.73 20.84 -46.13
N TYR A 636 8.48 21.29 -45.94
CA TYR A 636 8.09 22.26 -44.92
C TYR A 636 6.89 21.71 -44.17
N GLY A 637 6.82 22.01 -42.88
CA GLY A 637 5.72 21.51 -42.08
C GLY A 637 5.78 22.02 -40.66
N THR A 638 4.62 21.92 -39.99
CA THR A 638 4.51 22.31 -38.58
C THR A 638 4.13 21.10 -37.72
N THR A 639 4.57 21.14 -36.47
CA THR A 639 4.44 20.00 -35.57
C THR A 639 4.20 20.51 -34.17
N GLY A 640 3.54 19.69 -33.37
CA GLY A 640 3.27 20.04 -31.99
C GLY A 640 4.22 19.38 -31.00
N ASN A 641 4.43 20.06 -29.89
CA ASN A 641 5.13 19.49 -28.77
C ASN A 641 4.29 19.78 -27.52
N SER A 642 3.88 18.70 -26.85
CA SER A 642 3.02 18.75 -25.66
C SER A 642 3.65 18.00 -24.50
N GLU A 643 4.90 17.55 -24.64
CA GLU A 643 5.57 16.77 -23.60
C GLU A 643 5.84 17.70 -22.42
N ILE A 644 4.81 17.91 -21.60
CA ILE A 644 5.06 18.64 -20.36
C ILE A 644 4.48 17.84 -19.23
N GLY A 645 3.87 18.50 -18.25
CA GLY A 645 3.54 17.83 -17.02
C GLY A 645 2.10 17.68 -16.57
N ASN A 646 1.22 17.17 -17.42
CA ASN A 646 -0.17 16.85 -17.07
C ASN A 646 -1.06 17.99 -16.59
N TYR A 647 -0.76 18.60 -15.44
CA TYR A 647 -1.72 19.46 -14.77
C TYR A 647 -1.19 20.88 -14.55
N ASN A 648 -0.50 21.45 -15.56
CA ASN A 648 0.25 22.69 -15.38
C ASN A 648 -0.54 23.92 -15.79
N HIS A 649 -1.87 23.81 -15.87
CA HIS A 649 -2.69 24.98 -16.18
C HIS A 649 -3.66 25.36 -15.08
N GLN A 650 -4.31 24.39 -14.44
CA GLN A 650 -5.29 24.65 -13.36
C GLN A 650 -4.71 25.57 -12.27
N ALA A 651 -5.59 26.29 -11.59
CA ALA A 651 -5.20 27.13 -10.46
C ALA A 651 -5.72 26.44 -9.22
N LEU A 652 -4.82 25.75 -8.51
CA LEU A 652 -5.19 24.66 -7.61
C LEU A 652 -4.88 24.99 -6.17
N VAL A 653 -5.66 24.36 -5.31
CA VAL A 653 -5.52 24.44 -3.86
C VAL A 653 -5.15 23.04 -3.40
N THR A 654 -4.34 22.95 -2.38
CA THR A 654 -4.13 21.63 -1.82
C THR A 654 -4.26 21.70 -0.30
N VAL A 655 -4.19 20.51 0.32
CA VAL A 655 -4.27 20.40 1.76
C VAL A 655 -2.89 20.62 2.34
N ASN A 656 -2.85 21.30 3.48
CA ASN A 656 -1.67 21.63 4.25
C ASN A 656 -2.14 21.80 5.70
N ASN A 657 -2.32 20.68 6.39
CA ASN A 657 -2.97 20.74 7.69
C ASN A 657 -2.04 21.37 8.72
N TYR A 658 -2.62 22.22 9.57
CA TYR A 658 -1.92 22.82 10.69
C TYR A 658 -2.08 22.05 11.99
N THR A 659 -3.29 21.56 12.33
CA THR A 659 -3.45 20.64 13.44
C THR A 659 -4.03 19.32 12.98
N GLU A 660 -4.51 18.56 13.97
CA GLU A 660 -4.99 17.22 13.75
C GLU A 660 -6.50 17.13 13.83
N ASP A 661 -7.19 18.21 14.17
CA ASP A 661 -8.64 18.12 14.30
C ASP A 661 -9.42 18.81 13.20
N ALA A 662 -8.78 19.59 12.34
CA ALA A 662 -9.44 20.21 11.22
C ALA A 662 -8.41 20.35 10.10
N MET A 663 -8.88 20.23 8.87
CA MET A 663 -7.94 20.32 7.77
C MET A 663 -7.72 21.78 7.38
N GLY A 664 -6.57 22.01 6.74
CA GLY A 664 -6.20 23.33 6.28
C GLY A 664 -5.87 23.31 4.80
N LEU A 665 -5.89 24.49 4.20
CA LEU A 665 -5.85 24.63 2.75
C LEU A 665 -4.85 25.73 2.37
N SER A 666 -3.94 25.40 1.47
CA SER A 666 -2.97 26.39 1.03
C SER A 666 -3.05 26.54 -0.49
N ILE A 667 -2.59 27.68 -0.99
CA ILE A 667 -2.60 27.89 -2.43
C ILE A 667 -1.46 27.08 -3.00
N SER A 668 -1.74 26.31 -4.03
CA SER A 668 -0.78 25.34 -4.54
C SER A 668 -0.07 25.76 -5.82
N THR A 669 -0.79 26.31 -6.80
CA THR A 669 -0.22 26.59 -8.09
C THR A 669 -0.65 27.97 -8.54
N ALA A 670 0.19 28.60 -9.36
CA ALA A 670 -0.10 29.94 -9.89
C ALA A 670 -1.20 29.87 -10.95
N GLY A 671 -0.87 29.31 -12.11
CA GLY A 671 -1.89 29.01 -13.08
C GLY A 671 -1.65 29.79 -14.35
N ASN A 672 -2.06 29.21 -15.47
CA ASN A 672 -1.93 29.82 -16.79
C ASN A 672 -3.08 29.32 -17.61
N PRO A 673 -4.25 29.98 -17.50
CA PRO A 673 -5.46 29.52 -18.18
C PRO A 673 -5.29 29.35 -19.68
N ASP A 674 -4.27 29.99 -20.25
CA ASP A 674 -4.05 29.98 -21.69
C ASP A 674 -3.09 28.93 -22.17
N LEU A 675 -2.49 28.14 -21.25
CA LEU A 675 -1.44 27.21 -21.64
C LEU A 675 -1.93 26.27 -22.73
N SER A 676 -1.07 26.02 -23.72
CA SER A 676 -1.49 25.27 -24.90
C SER A 676 -0.26 24.68 -25.58
N TRP A 677 -0.47 24.13 -26.77
CA TRP A 677 0.58 23.44 -27.52
C TRP A 677 1.76 24.35 -27.85
N GLU A 678 2.92 23.76 -27.92
CA GLU A 678 4.11 24.39 -28.47
C GLU A 678 4.14 24.10 -29.96
N LYS A 679 4.53 25.09 -30.75
CA LYS A 679 4.34 25.02 -32.20
C LYS A 679 5.69 25.14 -32.91
N GLN A 680 6.20 23.99 -33.38
CA GLN A 680 7.49 23.89 -34.04
C GLN A 680 7.33 23.75 -35.56
N SER A 681 8.37 24.19 -36.26
CA SER A 681 8.33 24.28 -37.71
C SER A 681 9.72 23.97 -38.23
N GLN A 682 9.79 23.12 -39.25
CA GLN A 682 11.06 22.61 -39.71
C GLN A 682 11.03 22.56 -41.22
N PHE A 683 12.00 23.20 -41.86
CA PHE A 683 12.25 23.07 -43.28
C PHE A 683 13.48 22.20 -43.49
N ASN A 684 13.39 21.22 -44.39
CA ASN A 684 14.48 20.28 -44.63
C ASN A 684 14.75 20.17 -46.13
N PHE A 685 16.00 20.38 -46.52
CA PHE A 685 16.44 20.30 -47.91
C PHE A 685 17.39 19.12 -48.02
N GLY A 686 16.99 18.09 -48.78
CA GLY A 686 17.80 16.89 -48.80
C GLY A 686 18.32 16.47 -50.15
N LEU A 687 19.38 15.68 -50.16
CA LEU A 687 19.88 15.14 -51.42
C LEU A 687 20.51 13.80 -51.07
N ALA A 688 20.10 12.75 -51.76
CA ALA A 688 20.63 11.42 -51.53
C ALA A 688 21.17 10.87 -52.83
N ALA A 689 22.39 10.33 -52.79
CA ALA A 689 23.06 9.94 -54.02
C ALA A 689 23.79 8.63 -53.82
N GLY A 690 23.77 7.79 -54.85
CA GLY A 690 24.48 6.53 -54.85
C GLY A 690 25.46 6.40 -56.00
N ALA A 691 26.72 6.03 -55.70
CA ALA A 691 27.80 6.02 -56.66
C ALA A 691 28.29 4.60 -56.94
N PHE A 692 28.90 4.45 -58.12
CA PHE A 692 29.39 3.17 -58.64
C PHE A 692 28.20 2.27 -58.95
N ASN A 693 27.91 1.28 -58.11
CA ASN A 693 26.66 0.54 -58.26
C ASN A 693 25.92 0.53 -56.93
N ASN A 694 25.56 1.74 -56.50
CA ASN A 694 25.07 1.99 -55.15
C ASN A 694 25.91 1.22 -54.14
N ARG A 695 27.21 1.12 -54.41
CA ARG A 695 28.16 0.62 -53.43
C ARG A 695 28.98 1.77 -52.85
N LEU A 696 28.40 2.97 -52.86
CA LEU A 696 29.02 4.18 -52.34
C LEU A 696 27.95 5.26 -52.28
N SER A 697 27.26 5.37 -51.16
CA SER A 697 26.07 6.20 -51.07
C SER A 697 26.24 7.31 -50.04
N ALA A 698 25.56 8.43 -50.29
CA ALA A 698 25.53 9.58 -49.39
C ALA A 698 24.14 10.20 -49.35
N GLU A 699 23.85 10.87 -48.23
CA GLU A 699 22.71 11.78 -48.13
C GLU A 699 23.06 12.98 -47.27
N VAL A 700 23.02 14.17 -47.86
CA VAL A 700 23.23 15.44 -47.16
C VAL A 700 21.87 16.08 -46.94
N ASP A 701 21.67 16.67 -45.76
CA ASP A 701 20.46 17.44 -45.50
C ASP A 701 20.76 18.74 -44.76
N PHE A 702 20.12 19.82 -45.24
CA PHE A 702 20.13 21.13 -44.61
CA PHE A 702 20.12 21.13 -44.61
C PHE A 702 18.76 21.39 -43.98
N TYR A 703 18.74 21.98 -42.78
CA TYR A 703 17.46 22.15 -42.12
C TYR A 703 17.44 23.39 -41.24
N VAL A 704 16.23 23.91 -41.03
CA VAL A 704 15.93 25.08 -40.20
C VAL A 704 14.73 24.74 -39.31
N ARG A 705 15.01 24.46 -38.03
CA ARG A 705 14.01 24.04 -37.07
C ARG A 705 13.68 25.24 -36.20
N THR A 706 12.43 25.68 -36.23
CA THR A 706 12.01 26.86 -35.52
C THR A 706 10.96 26.47 -34.51
N THR A 707 11.15 26.89 -33.27
CA THR A 707 10.22 26.59 -32.20
C THR A 707 9.62 27.90 -31.76
N ASN A 708 8.33 28.08 -31.99
CA ASN A 708 7.65 29.22 -31.43
CA ASN A 708 7.57 29.22 -31.51
C ASN A 708 6.57 28.75 -30.46
N ASP A 709 6.00 29.71 -29.71
CA ASP A 709 5.02 29.44 -28.68
C ASP A 709 5.56 28.46 -27.65
N MET A 710 6.88 28.58 -27.44
CA MET A 710 7.68 27.59 -26.74
C MET A 710 7.26 27.46 -25.29
N LEU A 711 7.05 26.21 -24.85
CA LEU A 711 6.66 25.92 -23.46
C LEU A 711 7.88 26.10 -22.58
N ILE A 712 7.96 27.24 -21.92
CA ILE A 712 8.99 27.51 -20.94
C ILE A 712 8.33 27.42 -19.57
N ASP A 713 8.96 26.72 -18.65
CA ASP A 713 8.52 26.75 -17.27
C ASP A 713 9.11 27.99 -16.62
N VAL A 714 8.57 29.15 -17.01
CA VAL A 714 9.28 30.40 -16.71
C VAL A 714 9.52 30.48 -15.21
N PRO A 715 10.76 30.72 -14.80
CA PRO A 715 11.05 30.88 -13.39
C PRO A 715 10.39 32.13 -12.86
N MET A 716 10.07 32.10 -11.57
CA MET A 716 9.42 33.27 -11.06
C MET A 716 10.26 33.91 -9.98
N PRO A 717 10.20 35.23 -9.82
CA PRO A 717 10.85 35.84 -8.68
C PRO A 717 10.32 35.20 -7.40
N TYR A 718 11.18 35.09 -6.40
CA TYR A 718 10.69 34.45 -5.18
C TYR A 718 9.66 35.29 -4.45
N ILE A 719 9.55 36.60 -4.76
CA ILE A 719 8.46 37.40 -4.20
C ILE A 719 7.12 36.76 -4.45
N SER A 720 7.00 36.02 -5.56
CA SER A 720 5.71 35.48 -5.98
C SER A 720 5.23 34.37 -5.08
N GLY A 721 6.13 33.80 -4.28
CA GLY A 721 5.75 32.70 -3.43
C GLY A 721 5.58 31.43 -4.20
N PHE A 722 6.14 31.36 -5.38
CA PHE A 722 6.08 30.20 -6.24
C PHE A 722 7.48 29.88 -6.71
N PHE A 723 7.62 28.80 -7.47
CA PHE A 723 8.88 28.48 -8.11
C PHE A 723 8.84 28.75 -9.60
N SER A 724 7.81 28.28 -10.29
CA SER A 724 7.75 28.44 -11.73
C SER A 724 6.29 28.50 -12.18
N GLN A 725 6.09 28.70 -13.48
CA GLN A 725 4.79 28.50 -14.13
C GLN A 725 4.98 28.38 -15.63
N TYR A 726 4.48 27.28 -16.20
CA TYR A 726 4.56 27.07 -17.65
C TYR A 726 3.76 28.13 -18.41
N GLN A 727 4.34 28.61 -19.51
CA GLN A 727 3.72 29.60 -20.38
C GLN A 727 4.22 29.38 -21.80
N ASN A 728 3.37 29.64 -22.78
CA ASN A 728 3.84 29.58 -24.16
C ASN A 728 4.55 30.88 -24.42
N VAL A 729 5.85 30.86 -24.21
CA VAL A 729 6.63 32.09 -24.15
C VAL A 729 7.99 31.84 -24.78
N GLY A 730 8.41 32.73 -25.67
CA GLY A 730 9.74 32.62 -26.23
C GLY A 730 9.79 31.82 -27.51
N SER A 731 10.99 31.70 -28.05
CA SER A 731 11.19 30.98 -29.30
C SER A 731 12.66 30.66 -29.47
N MET A 732 12.93 29.72 -30.37
CA MET A 732 14.26 29.17 -30.56
C MET A 732 14.40 28.70 -32.00
N LYS A 733 15.64 28.68 -32.48
CA LYS A 733 15.96 28.19 -33.81
C LYS A 733 17.04 27.12 -33.70
N ASN A 734 16.95 26.09 -34.53
CA ASN A 734 18.03 25.13 -34.68
C ASN A 734 18.34 24.99 -36.16
N THR A 735 19.36 25.68 -36.62
CA THR A 735 19.83 25.57 -37.99
C THR A 735 20.97 24.57 -38.00
N GLY A 736 21.02 23.74 -39.02
CA GLY A 736 22.13 22.80 -39.11
C GLY A 736 22.05 21.92 -40.35
N VAL A 737 23.05 21.04 -40.46
CA VAL A 737 23.16 20.08 -41.55
C VAL A 737 23.49 18.72 -40.97
N ASP A 738 23.01 17.67 -41.63
CA ASP A 738 23.53 16.36 -41.30
C ASP A 738 23.73 15.55 -42.57
N LEU A 739 24.90 14.94 -42.70
CA LEU A 739 25.24 14.09 -43.84
C LEU A 739 25.83 12.78 -43.36
N SER A 740 25.63 11.76 -44.19
CA SER A 740 26.04 10.40 -43.89
C SER A 740 26.43 9.73 -45.20
N LEU A 741 27.42 8.83 -45.12
CA LEU A 741 27.86 8.13 -46.32
C LEU A 741 28.32 6.73 -45.96
N LYS A 742 28.27 5.84 -46.95
CA LYS A 742 28.68 4.45 -46.76
C LYS A 742 28.96 3.83 -48.11
N GLY A 743 29.96 2.95 -48.15
CA GLY A 743 30.35 2.22 -49.34
C GLY A 743 31.23 1.07 -48.91
N THR A 744 31.68 0.28 -49.90
CA THR A 744 32.52 -0.88 -49.62
C THR A 744 33.88 -0.62 -50.25
N ILE A 745 34.94 -1.03 -49.56
CA ILE A 745 36.28 -0.63 -49.94
C ILE A 745 37.05 -1.73 -50.63
N TYR A 746 36.56 -2.97 -50.59
CA TYR A 746 37.29 -4.07 -51.18
C TYR A 746 36.43 -5.32 -51.18
N GLN A 747 35.25 -5.31 -51.79
CA GLN A 747 34.57 -6.58 -52.03
C GLN A 747 35.38 -7.42 -53.00
N ASN A 748 35.76 -8.62 -52.53
CA ASN A 748 36.76 -9.48 -53.14
C ASN A 748 36.20 -10.88 -53.38
N LYS A 749 34.87 -10.97 -53.45
CA LYS A 749 34.08 -12.19 -53.56
C LYS A 749 34.08 -13.00 -52.26
N ASP A 750 35.24 -13.19 -51.63
CA ASP A 750 35.29 -13.81 -50.30
C ASP A 750 36.10 -12.96 -49.32
N TRP A 751 35.79 -11.67 -49.19
CA TRP A 751 36.68 -10.73 -48.50
C TRP A 751 36.16 -9.31 -48.71
N ASN A 752 35.08 -8.93 -48.02
CA ASN A 752 34.43 -7.64 -48.21
C ASN A 752 34.84 -6.68 -47.10
N VAL A 753 35.16 -5.44 -47.48
CA VAL A 753 35.51 -4.40 -46.51
C VAL A 753 34.55 -3.23 -46.67
N TYR A 754 33.98 -2.79 -45.54
CA TYR A 754 32.84 -1.88 -45.52
C TYR A 754 33.05 -0.83 -44.44
N ALA A 755 32.84 0.43 -44.80
CA ALA A 755 32.84 1.51 -43.82
C ALA A 755 31.57 2.33 -44.00
N SER A 756 31.26 3.12 -42.98
CA SER A 756 30.09 4.00 -42.99
C SER A 756 30.38 5.13 -42.01
N ALA A 757 29.96 6.34 -42.35
CA ALA A 757 30.19 7.49 -41.48
C ALA A 757 28.98 8.41 -41.49
N ASN A 758 28.89 9.25 -40.46
CA ASN A 758 27.74 10.13 -40.30
C ASN A 758 28.15 11.36 -39.49
N PHE A 759 27.68 12.54 -39.91
CA PHE A 759 28.02 13.79 -39.24
C PHE A 759 26.83 14.73 -39.19
N ASN A 760 26.69 15.46 -38.05
CA ASN A 760 25.76 16.56 -37.88
C ASN A 760 26.45 17.73 -37.21
N TYR A 761 26.17 18.94 -37.72
CA TYR A 761 26.38 20.19 -37.01
C TYR A 761 25.07 20.96 -36.90
N ASN A 762 24.86 21.62 -35.77
CA ASN A 762 23.58 22.24 -35.48
C ASN A 762 23.85 23.50 -34.67
N ARG A 763 23.57 24.67 -35.27
CA ARG A 763 23.69 25.93 -34.57
C ARG A 763 22.37 26.17 -33.85
N GLN A 764 22.46 26.57 -32.60
CA GLN A 764 21.27 26.86 -31.81
C GLN A 764 21.21 28.36 -31.60
N GLU A 765 20.01 28.93 -31.70
CA GLU A 765 19.82 30.36 -31.51
C GLU A 765 18.48 30.54 -30.83
N ILE A 766 18.50 31.01 -29.60
CA ILE A 766 17.30 31.50 -28.96
C ILE A 766 16.82 32.76 -29.67
N THR A 767 15.50 32.92 -29.83
CA THR A 767 14.97 34.12 -30.48
C THR A 767 14.21 35.03 -29.54
N LYS A 768 13.48 34.44 -28.59
CA LYS A 768 12.58 35.18 -27.72
C LYS A 768 12.64 34.53 -26.36
N LEU A 769 12.63 35.33 -25.31
CA LEU A 769 12.69 34.85 -23.93
C LEU A 769 11.34 35.11 -23.27
N PHE A 770 11.28 35.72 -22.09
CA PHE A 770 10.02 36.03 -21.44
C PHE A 770 10.09 37.43 -20.86
N PHE A 771 8.93 38.11 -20.90
CA PHE A 771 8.76 39.47 -20.38
C PHE A 771 9.66 40.48 -21.10
N GLY A 772 9.93 40.26 -22.40
CA GLY A 772 10.82 41.13 -23.12
C GLY A 772 12.27 41.04 -22.71
N LEU A 773 12.61 40.10 -21.82
CA LEU A 773 13.98 40.01 -21.30
C LEU A 773 14.95 39.59 -22.38
N ASN A 774 16.15 40.13 -22.30
CA ASN A 774 17.15 39.87 -23.31
C ASN A 774 18.06 38.71 -22.91
N LYS A 775 18.23 38.50 -21.60
CA LYS A 775 18.96 37.38 -21.05
C LYS A 775 18.37 36.97 -19.72
N TYR A 776 18.55 35.70 -19.38
CA TYR A 776 18.26 35.17 -18.05
C TYR A 776 19.33 34.15 -17.71
N MET A 777 20.17 34.45 -16.72
CA MET A 777 21.11 33.47 -16.21
C MET A 777 20.37 32.57 -15.22
N LEU A 778 20.55 31.25 -15.36
CA LEU A 778 19.87 30.30 -14.48
C LEU A 778 20.72 30.11 -13.23
N PRO A 779 20.23 30.48 -12.04
CA PRO A 779 21.12 30.53 -10.86
C PRO A 779 21.75 29.19 -10.51
N ASN A 780 22.96 29.28 -9.95
CA ASN A 780 23.85 28.16 -9.53
C ASN A 780 24.00 27.08 -10.61
N THR A 781 23.97 27.45 -11.89
CA THR A 781 24.22 26.48 -12.94
C THR A 781 25.36 26.87 -13.87
N GLY A 782 25.75 28.14 -13.90
CA GLY A 782 26.83 28.55 -14.79
C GLY A 782 26.49 28.62 -16.26
N THR A 783 25.20 28.53 -16.60
CA THR A 783 24.69 28.72 -17.95
C THR A 783 23.80 29.96 -18.00
N ILE A 784 23.42 30.37 -19.22
CA ILE A 784 22.67 31.61 -19.44
C ILE A 784 21.88 31.50 -20.74
N TRP A 785 20.65 32.02 -20.73
CA TRP A 785 19.86 32.23 -21.95
C TRP A 785 20.00 33.68 -22.42
N GLU A 786 20.58 33.88 -23.60
CA GLU A 786 20.74 35.21 -24.15
C GLU A 786 20.32 35.17 -25.62
N ILE A 787 19.60 36.22 -26.05
CA ILE A 787 18.84 36.17 -27.29
C ILE A 787 19.75 35.88 -28.48
N GLY A 788 20.83 36.64 -28.63
CA GLY A 788 21.65 36.50 -29.83
C GLY A 788 22.16 35.09 -30.10
N TYR A 789 22.35 34.29 -29.05
CA TYR A 789 23.24 33.14 -29.00
C TYR A 789 22.54 31.83 -28.65
N PRO A 790 23.28 30.67 -28.49
CA PRO A 790 22.62 29.47 -27.96
C PRO A 790 22.77 29.36 -26.46
N ASN A 791 22.11 28.38 -25.84
CA ASN A 791 22.32 28.11 -24.44
C ASN A 791 23.81 27.95 -24.19
N SER A 792 24.41 28.96 -23.56
CA SER A 792 25.84 29.04 -23.36
C SER A 792 26.17 29.01 -21.86
N PHE A 793 27.44 28.77 -21.55
CA PHE A 793 27.92 28.86 -20.18
C PHE A 793 28.22 30.33 -19.83
N TYR A 794 28.26 30.61 -18.53
CA TYR A 794 28.28 32.00 -18.04
C TYR A 794 29.08 32.01 -16.74
N MET A 795 30.28 32.63 -16.75
CA MET A 795 31.21 32.58 -15.62
C MET A 795 32.10 33.81 -15.60
N ALA A 796 32.99 33.83 -14.59
CA ALA A 796 34.13 34.73 -14.60
C ALA A 796 35.31 34.03 -15.28
N GLU A 797 36.09 34.80 -16.05
CA GLU A 797 37.30 34.30 -16.69
C GLU A 797 38.41 34.25 -15.64
N TYR A 798 38.83 33.04 -15.24
CA TYR A 798 39.91 32.89 -14.26
C TYR A 798 41.26 33.23 -14.88
N ALA A 799 42.00 34.11 -14.22
CA ALA A 799 43.25 34.62 -14.79
C ALA A 799 44.51 34.14 -14.05
N GLY A 800 44.47 32.96 -13.42
CA GLY A 800 45.68 32.48 -12.76
C GLY A 800 45.84 33.01 -11.36
N ILE A 801 47.09 33.26 -10.95
CA ILE A 801 47.37 33.84 -9.64
C ILE A 801 48.38 34.96 -9.80
N ASP A 802 48.42 35.85 -8.81
CA ASP A 802 49.46 36.86 -8.70
C ASP A 802 50.69 36.19 -8.11
N LYS A 803 51.71 36.03 -8.94
CA LYS A 803 52.97 35.49 -8.47
C LYS A 803 53.59 36.34 -7.35
N LYS A 804 53.20 37.60 -7.22
CA LYS A 804 53.70 38.45 -6.13
C LYS A 804 52.93 38.24 -4.82
N THR A 805 51.64 37.93 -4.88
CA THR A 805 50.84 37.74 -3.65
C THR A 805 50.35 36.32 -3.43
N GLY A 806 50.32 35.47 -4.46
CA GLY A 806 49.70 34.17 -4.34
C GLY A 806 48.19 34.18 -4.46
N LYS A 807 47.56 35.34 -4.61
CA LYS A 807 46.11 35.44 -4.67
C LYS A 807 45.58 34.96 -6.02
N GLN A 808 44.31 34.57 -6.03
CA GLN A 808 43.64 34.32 -7.29
C GLN A 808 43.27 35.64 -7.97
N LEU A 809 43.31 35.64 -9.31
CA LEU A 809 42.93 36.80 -10.10
C LEU A 809 41.92 36.37 -11.17
N TRP A 810 40.92 37.22 -11.41
CA TRP A 810 39.98 37.01 -12.51
C TRP A 810 39.97 38.21 -13.43
N TYR A 811 39.73 37.93 -14.71
CA TYR A 811 39.57 38.99 -15.69
C TYR A 811 38.27 39.76 -15.46
N VAL A 812 38.38 41.09 -15.50
CA VAL A 812 37.23 41.97 -15.38
C VAL A 812 36.70 42.22 -16.79
N PRO A 813 35.46 41.80 -17.11
CA PRO A 813 34.99 41.93 -18.49
C PRO A 813 34.89 43.40 -18.88
N GLY A 814 35.50 43.77 -20.00
CA GLY A 814 35.41 45.11 -20.55
C GLY A 814 36.57 46.03 -20.22
N GLN A 815 37.46 45.66 -19.32
CA GLN A 815 38.50 46.57 -18.88
C GLN A 815 39.81 46.13 -19.51
N VAL A 816 40.62 47.09 -19.94
CA VAL A 816 41.88 46.80 -20.63
C VAL A 816 42.94 47.82 -20.25
N ASP A 817 44.12 47.60 -20.80
CA ASP A 817 45.32 48.41 -20.57
C ASP A 817 45.71 49.09 -21.89
N ALA A 818 46.95 49.03 -22.34
CA ALA A 818 47.29 49.56 -23.67
C ALA A 818 48.47 48.84 -24.33
N LYS A 822 44.39 43.34 -20.93
CA LYS A 822 43.35 42.75 -20.09
C LYS A 822 43.62 42.96 -18.62
N VAL A 823 42.58 43.31 -17.88
CA VAL A 823 42.69 43.72 -16.48
C VAL A 823 42.37 42.52 -15.58
N THR A 824 43.16 42.36 -14.55
CA THR A 824 42.97 41.31 -13.57
C THR A 824 42.46 41.95 -12.29
N THR A 825 41.90 41.11 -11.40
CA THR A 825 41.60 41.57 -10.04
C THR A 825 41.58 40.37 -9.11
N SER A 826 42.00 40.59 -7.86
CA SER A 826 41.87 39.60 -6.80
C SER A 826 40.54 39.68 -6.07
N GLN A 827 39.70 40.66 -6.41
CA GLN A 827 38.45 40.91 -5.71
C GLN A 827 37.35 40.29 -6.55
N TYR A 828 36.91 39.10 -6.16
CA TYR A 828 35.88 38.39 -6.91
C TYR A 828 34.51 38.92 -6.59
N SER A 829 33.67 39.03 -7.63
CA SER A 829 32.28 39.46 -7.52
C SER A 829 31.42 38.77 -8.56
N ALA A 830 30.15 38.56 -8.24
CA ALA A 830 29.22 38.00 -9.22
C ALA A 830 29.15 38.85 -10.48
N ASP A 831 29.32 40.17 -10.35
CA ASP A 831 29.30 41.08 -11.49
C ASP A 831 30.53 41.02 -12.29
N LEU A 832 31.31 39.99 -12.04
CA LEU A 832 32.50 39.72 -12.84
C LEU A 832 32.25 38.66 -13.90
N GLU A 833 31.07 38.05 -13.93
CA GLU A 833 30.76 36.91 -14.78
C GLU A 833 30.32 37.37 -16.16
N THR A 834 30.39 36.45 -17.12
CA THR A 834 30.18 36.82 -18.51
C THR A 834 29.75 35.62 -19.34
N ARG A 835 28.99 35.90 -20.40
CA ARG A 835 28.66 34.87 -21.36
CA ARG A 835 28.66 34.87 -21.37
C ARG A 835 29.95 34.31 -21.95
N ILE A 836 30.02 33.00 -22.09
CA ILE A 836 31.21 32.33 -22.61
C ILE A 836 30.86 31.69 -23.93
N ASP A 837 31.75 31.80 -24.90
CA ASP A 837 31.47 31.26 -26.22
C ASP A 837 31.51 29.74 -26.22
N LYS A 838 30.95 29.13 -25.18
CA LYS A 838 30.85 27.69 -25.10
C LYS A 838 29.39 27.35 -24.87
N SER A 839 28.80 26.53 -25.74
CA SER A 839 27.39 26.18 -25.68
C SER A 839 27.21 24.87 -24.90
N VAL A 840 26.01 24.64 -24.35
CA VAL A 840 25.85 23.51 -23.43
C VAL A 840 25.62 22.21 -24.18
N THR A 841 24.64 22.17 -25.06
CA THR A 841 24.38 21.04 -25.94
C THR A 841 25.39 21.07 -27.08
N PRO A 842 26.23 20.06 -27.22
CA PRO A 842 27.33 20.13 -28.17
C PRO A 842 26.83 20.21 -29.60
N PRO A 843 27.33 21.14 -30.40
CA PRO A 843 26.78 21.34 -31.74
C PRO A 843 27.12 20.24 -32.73
N ILE A 844 28.20 19.49 -32.52
CA ILE A 844 28.63 18.46 -33.46
C ILE A 844 28.29 17.12 -32.86
N THR A 845 27.50 16.33 -33.58
CA THR A 845 27.27 14.93 -33.23
C THR A 845 27.58 14.08 -34.44
N GLY A 846 28.36 13.00 -34.24
CA GLY A 846 28.71 12.14 -35.36
C GLY A 846 29.34 10.83 -34.91
N GLY A 847 29.62 9.99 -35.91
CA GLY A 847 30.27 8.71 -35.71
C GLY A 847 30.59 8.06 -37.05
N PHE A 848 31.39 7.00 -36.98
CA PHE A 848 31.75 6.21 -38.15
C PHE A 848 31.88 4.76 -37.72
N SER A 849 31.94 3.85 -38.70
CA SER A 849 32.07 2.44 -38.34
C SER A 849 32.68 1.63 -39.47
N LEU A 850 33.67 0.82 -39.12
CA LEU A 850 34.51 0.05 -40.03
C LEU A 850 34.21 -1.44 -39.88
N GLY A 851 34.56 -2.20 -40.91
CA GLY A 851 34.21 -3.61 -40.98
C GLY A 851 34.87 -4.40 -42.11
N ALA A 852 35.43 -5.56 -41.77
CA ALA A 852 35.97 -6.47 -42.75
C ALA A 852 35.57 -7.90 -42.43
N SER A 853 35.38 -8.70 -43.46
CA SER A 853 34.98 -10.08 -43.28
C SER A 853 35.89 -10.95 -44.15
N TRP A 854 36.75 -11.73 -43.49
CA TRP A 854 37.68 -12.66 -44.14
C TRP A 854 37.08 -14.06 -44.05
N LYS A 855 36.13 -14.32 -44.95
CA LYS A 855 35.49 -15.63 -45.05
C LYS A 855 35.14 -16.21 -43.68
N GLY A 856 34.12 -15.69 -43.03
CA GLY A 856 33.72 -16.23 -41.75
C GLY A 856 34.28 -15.52 -40.53
N LEU A 857 35.54 -15.09 -40.62
CA LEU A 857 36.16 -14.28 -39.59
C LEU A 857 35.92 -12.81 -39.89
N SER A 858 35.36 -12.07 -38.92
CA SER A 858 34.96 -10.70 -39.19
C SER A 858 35.21 -9.80 -37.99
N LEU A 859 35.52 -8.53 -38.28
CA LEU A 859 35.72 -7.51 -37.25
C LEU A 859 34.92 -6.25 -37.61
N ASP A 860 34.10 -5.76 -36.67
CA ASP A 860 33.38 -4.49 -36.79
C ASP A 860 33.74 -3.55 -35.65
N ALA A 861 34.01 -2.28 -35.98
CA ALA A 861 34.25 -1.25 -34.99
C ALA A 861 33.28 -0.11 -35.25
N ASP A 862 32.65 0.38 -34.17
CA ASP A 862 31.71 1.51 -34.23
C ASP A 862 32.24 2.64 -33.37
N PHE A 863 32.42 3.82 -33.97
CA PHE A 863 32.88 4.98 -33.23
C PHE A 863 31.79 6.01 -33.14
N ALA A 864 31.92 6.88 -32.15
CA ALA A 864 30.97 7.94 -31.93
C ALA A 864 31.70 9.08 -31.27
N TYR A 865 31.41 10.30 -31.71
CA TYR A 865 32.03 11.46 -31.10
C TYR A 865 30.98 12.54 -30.90
N ILE A 866 31.35 13.47 -30.03
CA ILE A 866 30.52 14.56 -29.58
C ILE A 866 31.51 15.67 -29.24
N VAL A 867 31.72 16.58 -30.19
CA VAL A 867 32.69 17.63 -29.99
C VAL A 867 31.95 18.95 -29.82
N GLY A 868 32.63 19.90 -29.19
CA GLY A 868 32.01 21.08 -28.67
C GLY A 868 31.32 20.89 -27.35
N LYS A 869 31.45 19.73 -26.72
CA LYS A 869 30.88 19.49 -25.40
C LYS A 869 31.73 20.14 -24.32
N TRP A 870 31.07 20.74 -23.33
CA TRP A 870 31.75 21.33 -22.18
C TRP A 870 30.98 20.97 -20.93
N MET A 871 31.72 20.90 -19.81
CA MET A 871 31.16 20.51 -18.52
C MET A 871 31.96 21.14 -17.38
N ILE A 872 31.26 21.43 -16.30
CA ILE A 872 31.87 21.89 -15.07
C ILE A 872 32.18 20.67 -14.23
N ASN A 873 33.45 20.50 -13.85
CA ASN A 873 33.86 19.35 -13.05
C ASN A 873 33.70 19.69 -11.57
N ASN A 874 32.44 19.64 -11.14
CA ASN A 874 32.10 19.97 -9.76
C ASN A 874 33.00 19.24 -8.77
N ASP A 875 33.43 18.00 -9.09
CA ASP A 875 34.35 17.20 -8.27
C ASP A 875 35.65 17.94 -7.96
N ARG A 876 36.24 18.59 -8.96
CA ARG A 876 37.47 19.35 -8.73
C ARG A 876 37.27 20.55 -7.81
N TYR A 877 36.04 21.08 -7.66
CA TYR A 877 35.79 22.14 -6.68
C TYR A 877 36.28 21.73 -5.30
N PHE A 878 36.16 20.44 -4.98
CA PHE A 878 36.66 19.87 -3.73
C PHE A 878 38.10 19.39 -3.83
N THR A 879 38.42 18.56 -4.84
CA THR A 879 39.72 17.92 -4.80
C THR A 879 40.83 18.95 -4.92
N GLU A 880 40.53 20.16 -5.39
CA GLU A 880 41.57 21.11 -5.72
C GLU A 880 41.57 22.35 -4.84
N ASN A 881 40.80 22.41 -3.76
CA ASN A 881 40.82 23.67 -3.05
C ASN A 881 41.56 23.50 -1.73
N GLY A 882 42.21 24.58 -1.32
CA GLY A 882 42.99 24.66 -0.11
C GLY A 882 42.41 25.69 0.81
N GLY A 883 41.13 25.97 0.61
CA GLY A 883 40.49 26.96 1.44
C GLY A 883 39.43 26.31 2.29
N GLY A 884 39.06 25.09 1.94
CA GLY A 884 38.07 24.43 2.76
C GLY A 884 38.03 22.95 2.46
N LEU A 885 37.18 22.27 3.21
CA LEU A 885 37.07 20.82 3.19
C LEU A 885 38.45 20.17 3.30
N MET A 886 39.13 20.50 4.39
CA MET A 886 40.46 19.94 4.62
C MET A 886 40.39 18.55 5.24
N GLN A 887 39.18 17.99 5.44
CA GLN A 887 39.10 16.56 5.70
C GLN A 887 39.46 15.77 4.46
N LEU A 888 39.05 16.27 3.29
CA LEU A 888 39.00 15.47 2.08
C LEU A 888 40.38 15.34 1.44
N ASN A 889 40.61 14.20 0.81
CA ASN A 889 41.78 14.02 -0.02
C ASN A 889 41.76 15.08 -1.11
N LYS A 890 42.94 15.56 -1.49
CA LYS A 890 43.05 16.58 -2.49
C LYS A 890 44.07 16.13 -3.54
N ASP A 891 44.09 16.83 -4.69
CA ASP A 891 45.11 16.64 -5.71
C ASP A 891 46.45 17.10 -5.19
N LYS A 892 47.48 16.30 -5.46
CA LYS A 892 48.87 16.56 -5.03
C LYS A 892 49.40 17.88 -5.55
N MET A 893 48.64 18.59 -6.38
CA MET A 893 49.12 19.88 -6.85
C MET A 893 49.08 20.91 -5.75
N LEU A 894 48.38 20.65 -4.66
CA LEU A 894 48.33 21.62 -3.58
C LEU A 894 49.59 21.57 -2.72
N LEU A 895 50.46 20.61 -2.97
CA LEU A 895 51.77 20.64 -2.35
C LEU A 895 52.65 21.71 -2.96
N ASN A 896 52.16 22.42 -3.99
CA ASN A 896 52.85 23.48 -4.71
C ASN A 896 52.38 24.88 -4.32
N ALA A 897 51.50 24.98 -3.33
CA ALA A 897 50.78 26.23 -3.10
C ALA A 897 51.72 27.38 -2.84
N TRP A 898 51.50 28.47 -3.59
CA TRP A 898 52.25 29.70 -3.44
C TRP A 898 52.50 30.01 -1.98
N THR A 899 53.77 30.12 -1.61
CA THR A 899 54.19 30.68 -0.35
C THR A 899 55.38 31.60 -0.62
N GLU A 900 55.77 32.33 0.42
CA GLU A 900 56.88 33.26 0.25
C GLU A 900 58.09 32.53 -0.32
N ASP A 901 58.32 31.29 0.13
CA ASP A 901 59.46 30.50 -0.33
C ASP A 901 59.20 29.79 -1.64
N ASN A 902 57.93 29.54 -1.99
CA ASN A 902 57.56 28.85 -3.22
C ASN A 902 56.77 29.79 -4.14
N LYS A 903 57.45 30.60 -4.92
CA LYS A 903 56.77 31.30 -5.99
C LYS A 903 57.06 30.52 -7.26
N GLU A 904 56.70 31.07 -8.40
CA GLU A 904 56.79 30.34 -9.65
C GLU A 904 56.09 28.99 -9.50
N THR A 905 54.82 29.08 -9.10
CA THR A 905 53.85 27.98 -9.16
C THR A 905 52.55 28.62 -9.58
N ASP A 906 51.63 27.80 -10.09
CA ASP A 906 50.33 28.30 -10.52
C ASP A 906 49.19 27.89 -9.61
N VAL A 907 49.46 27.22 -8.50
CA VAL A 907 48.42 26.87 -7.53
C VAL A 907 48.39 27.94 -6.44
N PRO A 908 47.20 28.45 -6.11
CA PRO A 908 47.14 29.68 -5.33
C PRO A 908 47.52 29.40 -3.89
N LYS A 909 47.71 30.48 -3.13
CA LYS A 909 47.98 30.36 -1.70
C LYS A 909 46.91 29.51 -1.02
N LEU A 910 47.32 28.81 0.03
CA LEU A 910 46.35 28.09 0.86
C LEU A 910 45.52 29.10 1.63
N GLY A 911 44.23 28.82 1.77
CA GLY A 911 43.36 29.61 2.63
C GLY A 911 42.21 30.30 1.92
N GLN A 912 42.11 30.20 0.61
CA GLN A 912 41.06 30.86 -0.15
C GLN A 912 40.26 29.81 -0.91
N SER A 913 38.95 29.91 -0.81
CA SER A 913 38.10 28.95 -1.47
C SER A 913 38.01 29.24 -2.96
N PRO A 914 37.77 28.23 -3.79
CA PRO A 914 37.70 28.44 -5.23
C PRO A 914 36.35 28.96 -5.64
N GLN A 915 36.33 29.75 -6.69
CA GLN A 915 35.05 30.16 -7.25
C GLN A 915 34.74 29.32 -8.48
N PHE A 916 33.46 29.31 -8.87
CA PHE A 916 32.98 28.52 -10.01
C PHE A 916 33.22 29.29 -11.31
N ASP A 917 34.47 29.28 -11.74
CA ASP A 917 34.84 30.04 -12.92
C ASP A 917 35.37 29.12 -14.01
N THR A 918 36.06 29.70 -14.97
CA THR A 918 36.49 28.90 -16.11
C THR A 918 37.48 27.80 -15.73
N HIS A 919 38.14 27.89 -14.57
CA HIS A 919 39.07 26.83 -14.20
C HIS A 919 38.38 25.48 -14.03
N LEU A 920 37.04 25.44 -14.00
CA LEU A 920 36.30 24.20 -13.98
C LEU A 920 35.58 23.88 -15.29
N LEU A 921 35.57 24.78 -16.28
CA LEU A 921 34.93 24.52 -17.58
C LEU A 921 35.83 23.58 -18.37
N GLU A 922 35.49 22.31 -18.36
CA GLU A 922 36.34 21.34 -19.02
C GLU A 922 35.75 20.99 -20.37
N ASN A 923 36.62 20.53 -21.26
CA ASN A 923 36.21 20.19 -22.61
C ASN A 923 35.81 18.73 -22.63
N ALA A 924 34.52 18.46 -22.44
CA ALA A 924 34.06 17.06 -22.41
C ALA A 924 33.89 16.44 -23.79
N SER A 925 34.46 17.00 -24.87
CA SER A 925 34.40 16.35 -26.16
C SER A 925 35.08 14.98 -26.11
N PHE A 926 34.59 14.02 -26.89
CA PHE A 926 35.26 12.72 -26.87
C PHE A 926 35.03 11.93 -28.15
N LEU A 927 36.05 11.18 -28.57
CA LEU A 927 35.82 10.02 -29.41
C LEU A 927 35.72 8.79 -28.51
N ARG A 928 34.77 7.92 -28.82
CA ARG A 928 34.63 6.69 -28.07
C ARG A 928 34.46 5.54 -29.04
N LEU A 929 35.05 4.40 -28.68
CA LEU A 929 34.88 3.16 -29.42
C LEU A 929 33.68 2.43 -28.81
N LYS A 930 32.52 2.52 -29.49
CA LYS A 930 31.30 2.04 -28.84
C LYS A 930 31.27 0.52 -28.79
N ASN A 931 31.64 -0.15 -29.88
CA ASN A 931 31.81 -1.59 -29.74
C ASN A 931 32.82 -2.14 -30.76
N LEU A 932 33.62 -3.09 -30.28
CA LEU A 932 34.49 -3.94 -31.08
C LEU A 932 33.97 -5.37 -30.99
N LYS A 933 33.71 -5.99 -32.13
CA LYS A 933 33.15 -7.35 -32.13
C LYS A 933 33.94 -8.19 -33.12
N LEU A 934 34.67 -9.18 -32.60
CA LEU A 934 35.28 -10.20 -33.43
C LEU A 934 34.38 -11.43 -33.35
N THR A 935 33.91 -11.88 -34.50
CA THR A 935 33.03 -13.04 -34.55
C THR A 935 33.60 -13.98 -35.59
N TYR A 936 33.38 -15.26 -35.35
CA TYR A 936 33.89 -16.31 -36.21
C TYR A 936 32.74 -17.27 -36.39
N VAL A 937 32.18 -17.29 -37.58
CA VAL A 937 31.07 -18.18 -37.88
C VAL A 937 31.64 -19.52 -38.33
N LEU A 938 31.26 -20.58 -37.63
CA LEU A 938 31.79 -21.92 -37.84
C LEU A 938 31.61 -22.29 -39.31
N PRO A 939 32.44 -23.19 -39.83
CA PRO A 939 32.37 -23.50 -41.27
C PRO A 939 31.03 -24.13 -41.61
N ASN A 940 30.65 -24.00 -42.89
CA ASN A 940 29.34 -24.51 -43.28
C ASN A 940 29.31 -26.03 -43.34
N SER A 941 30.44 -26.66 -43.62
CA SER A 941 30.46 -28.11 -43.79
C SER A 941 30.62 -28.89 -42.47
N LEU A 942 30.82 -28.22 -41.34
CA LEU A 942 30.87 -28.94 -40.07
C LEU A 942 29.53 -29.53 -39.68
N PHE A 943 28.47 -29.17 -40.38
CA PHE A 943 27.13 -29.66 -40.11
C PHE A 943 26.60 -30.29 -41.38
N ALA A 944 27.26 -31.34 -41.89
CA ALA A 944 26.86 -31.99 -43.12
C ALA A 944 26.40 -33.43 -42.98
N GLY A 945 26.30 -33.97 -41.76
CA GLY A 945 25.95 -35.37 -41.59
C GLY A 945 24.77 -35.62 -40.67
N GLN A 946 24.49 -34.64 -39.79
CA GLN A 946 23.41 -34.68 -38.81
C GLN A 946 22.45 -33.51 -39.06
N ASN A 947 21.24 -33.84 -39.51
CA ASN A 947 20.21 -32.87 -39.87
C ASN A 947 19.51 -32.24 -38.67
N VAL A 948 20.26 -31.86 -37.63
CA VAL A 948 19.71 -31.24 -36.44
C VAL A 948 20.18 -29.79 -36.28
N ILE A 949 21.49 -29.56 -36.30
CA ILE A 949 22.06 -28.22 -36.19
C ILE A 949 22.68 -27.83 -37.52
N GLY A 950 22.46 -26.58 -37.94
CA GLY A 950 22.87 -26.10 -39.25
C GLY A 950 23.96 -25.03 -39.34
N GLY A 951 24.25 -24.37 -38.22
CA GLY A 951 25.30 -23.36 -38.22
C GLY A 951 25.57 -22.93 -36.81
N ALA A 952 26.68 -22.22 -36.66
CA ALA A 952 27.00 -21.68 -35.35
C ALA A 952 27.94 -20.51 -35.52
N ARG A 953 27.97 -19.63 -34.51
CA ARG A 953 28.85 -18.47 -34.53
C ARG A 953 29.37 -18.23 -33.12
N VAL A 954 30.60 -17.74 -33.04
CA VAL A 954 31.20 -17.40 -31.76
C VAL A 954 31.72 -15.97 -31.84
N TYR A 955 31.71 -15.25 -30.71
CA TYR A 955 32.21 -13.89 -30.78
C TYR A 955 32.80 -13.37 -29.48
N LEU A 956 33.86 -12.58 -29.65
CA LEU A 956 34.46 -11.76 -28.60
C LEU A 956 34.10 -10.31 -28.87
N MET A 957 33.92 -9.55 -27.81
CA MET A 957 33.29 -8.24 -27.99
C MET A 957 33.66 -7.33 -26.84
N ALA A 958 33.78 -6.04 -27.13
CA ALA A 958 34.08 -5.06 -26.10
C ALA A 958 33.21 -3.84 -26.32
N ARG A 959 32.59 -3.37 -25.24
CA ARG A 959 31.88 -2.11 -25.25
C ARG A 959 32.73 -1.10 -24.51
N ASN A 960 33.00 0.01 -25.15
CA ASN A 960 33.53 1.19 -24.49
C ASN A 960 34.98 0.99 -24.06
N LEU A 961 35.81 0.40 -24.91
CA LEU A 961 37.20 0.30 -24.43
C LEU A 961 37.94 1.60 -24.67
N LEU A 962 37.88 2.16 -25.88
CA LEU A 962 38.66 3.35 -26.22
C LEU A 962 37.88 4.62 -25.97
N THR A 963 38.52 5.57 -25.29
CA THR A 963 37.91 6.86 -24.92
C THR A 963 39.01 7.92 -25.07
N VAL A 964 39.06 8.58 -26.21
CA VAL A 964 39.97 9.71 -26.34
C VAL A 964 39.20 10.98 -25.93
N THR A 965 39.72 11.68 -24.93
CA THR A 965 39.11 12.89 -24.42
C THR A 965 40.10 13.57 -23.51
N LYS A 966 39.94 14.88 -23.38
CA LYS A 966 40.82 15.70 -22.55
C LYS A 966 40.26 15.91 -21.16
N TYR A 967 39.13 15.29 -20.82
CA TYR A 967 38.40 15.65 -19.60
C TYR A 967 39.10 15.03 -18.40
N LYS A 968 39.30 15.84 -17.35
CA LYS A 968 40.00 15.42 -16.13
C LYS A 968 39.08 14.76 -15.11
N GLY A 969 38.04 14.08 -15.57
CA GLY A 969 37.10 13.42 -14.69
C GLY A 969 36.85 12.03 -15.21
N PHE A 970 36.08 11.26 -14.45
CA PHE A 970 35.94 9.87 -14.82
C PHE A 970 35.33 9.70 -16.21
N ASP A 971 34.03 9.92 -16.37
CA ASP A 971 33.39 9.76 -17.68
C ASP A 971 33.01 11.14 -18.24
N PRO A 972 33.47 11.51 -19.44
CA PRO A 972 33.07 12.81 -20.01
C PRO A 972 31.62 12.84 -20.50
N GLU A 973 30.99 11.67 -20.69
CA GLU A 973 29.57 11.60 -21.02
C GLU A 973 28.71 11.80 -19.78
N ALA A 974 29.23 11.49 -18.58
CA ALA A 974 28.40 11.38 -17.38
C ALA A 974 28.09 12.75 -16.78
N GLY A 975 27.42 13.57 -17.58
CA GLY A 975 27.02 14.89 -17.16
C GLY A 975 26.41 15.67 -18.32
N GLY A 976 25.63 16.70 -17.99
CA GLY A 976 25.16 17.69 -18.93
C GLY A 976 25.96 18.96 -18.79
N ASN A 977 25.51 19.87 -17.93
CA ASN A 977 26.24 21.10 -17.72
C ASN A 977 27.22 20.98 -16.57
N VAL A 978 26.93 20.12 -15.59
CA VAL A 978 27.84 19.82 -14.49
C VAL A 978 28.04 18.31 -14.36
N GLY A 979 29.18 17.94 -13.77
CA GLY A 979 29.44 16.56 -13.45
C GLY A 979 29.82 16.41 -12.01
N LYS A 980 28.90 15.86 -11.24
CA LYS A 980 29.08 15.66 -9.82
C LYS A 980 28.95 14.18 -9.51
N ASN A 981 29.95 13.64 -8.82
CA ASN A 981 29.93 12.29 -8.27
C ASN A 981 29.34 11.26 -9.23
N GLN A 982 30.02 11.07 -10.36
CA GLN A 982 29.40 10.35 -11.47
C GLN A 982 29.49 8.83 -11.29
N TYR A 983 28.47 8.17 -11.82
CA TYR A 983 28.50 6.74 -12.09
C TYR A 983 28.99 6.59 -13.52
N PRO A 984 30.29 6.36 -13.71
CA PRO A 984 30.83 6.31 -15.07
C PRO A 984 30.24 5.15 -15.87
N ASN A 985 30.02 5.39 -17.16
CA ASN A 985 29.59 4.32 -18.08
C ASN A 985 30.58 3.18 -17.98
N SER A 986 30.08 1.96 -18.20
CA SER A 986 30.98 0.84 -18.00
C SER A 986 31.69 0.49 -19.30
N LYS A 987 32.80 -0.22 -19.13
CA LYS A 987 33.53 -0.90 -20.18
C LYS A 987 33.23 -2.39 -20.06
N GLN A 988 32.84 -3.02 -21.16
CA GLN A 988 32.43 -4.41 -21.13
C GLN A 988 33.27 -5.32 -22.01
N TYR A 989 33.59 -6.49 -21.47
CA TYR A 989 34.20 -7.59 -22.17
C TYR A 989 33.20 -8.74 -22.17
N VAL A 990 32.92 -9.29 -23.35
CA VAL A 990 31.84 -10.26 -23.52
C VAL A 990 32.28 -11.37 -24.48
N ALA A 991 31.98 -12.60 -24.12
CA ALA A 991 32.08 -13.74 -25.02
C ALA A 991 30.69 -14.33 -25.25
N GLY A 992 30.41 -14.74 -26.49
CA GLY A 992 29.08 -15.20 -26.83
C GLY A 992 29.13 -16.29 -27.88
N ILE A 993 28.00 -17.01 -28.00
CA ILE A 993 27.85 -18.13 -28.91
C ILE A 993 26.43 -18.12 -29.46
N GLN A 994 26.28 -18.58 -30.71
CA GLN A 994 24.96 -18.70 -31.33
C GLN A 994 24.84 -20.03 -32.08
N LEU A 995 23.64 -20.63 -32.01
CA LEU A 995 23.29 -21.91 -32.61
C LEU A 995 22.01 -21.74 -33.42
N SER A 996 21.93 -22.39 -34.58
CA SER A 996 20.76 -22.30 -35.46
C SER A 996 20.28 -23.70 -35.80
N PHE A 997 19.01 -23.99 -35.53
CA PHE A 997 18.44 -25.30 -35.88
C PHE A 997 17.21 -25.18 -36.77
N LEU B 95 -3.97 -38.75 -22.70
CA LEU B 95 -4.09 -37.87 -21.54
C LEU B 95 -4.44 -38.64 -20.27
N SER B 96 -5.43 -39.52 -20.36
CA SER B 96 -5.83 -40.35 -19.23
C SER B 96 -5.93 -41.80 -19.66
N THR B 97 -6.08 -42.66 -18.67
CA THR B 97 -5.86 -44.10 -18.81
C THR B 97 -7.01 -44.78 -19.55
N VAL B 98 -6.72 -45.98 -20.09
CA VAL B 98 -7.75 -46.76 -20.75
C VAL B 98 -8.66 -47.41 -19.71
N SER B 99 -8.18 -47.47 -18.46
CA SER B 99 -8.87 -48.13 -17.36
C SER B 99 -9.49 -47.17 -16.33
N GLY B 100 -9.21 -45.88 -16.41
CA GLY B 100 -9.73 -44.97 -15.42
C GLY B 100 -11.17 -44.60 -15.71
N SER B 101 -11.91 -44.26 -14.64
CA SER B 101 -13.24 -43.67 -14.81
C SER B 101 -13.06 -42.28 -15.37
N VAL B 102 -13.61 -42.03 -16.57
CA VAL B 102 -13.47 -40.72 -17.21
C VAL B 102 -14.80 -40.32 -17.84
N ALA B 103 -15.28 -39.12 -17.48
CA ALA B 103 -16.39 -38.46 -18.14
C ALA B 103 -15.85 -37.24 -18.86
N LYS B 104 -16.25 -37.05 -20.11
CA LYS B 104 -15.81 -35.91 -20.90
C LYS B 104 -17.03 -35.10 -21.35
N VAL B 105 -16.98 -33.80 -21.10
CA VAL B 105 -18.06 -32.88 -21.42
C VAL B 105 -17.65 -32.05 -22.63
N SER B 106 -18.64 -31.73 -23.46
CA SER B 106 -18.45 -31.16 -24.79
C SER B 106 -18.44 -29.62 -24.82
N SER B 107 -18.14 -29.07 -26.00
CA SER B 107 -18.16 -27.62 -26.21
C SER B 107 -19.47 -27.02 -25.76
N GLU B 108 -20.57 -27.67 -26.14
CA GLU B 108 -21.88 -27.07 -26.02
C GLU B 108 -22.29 -26.87 -24.58
N LYS B 109 -21.91 -27.79 -23.70
CA LYS B 109 -22.32 -27.61 -22.31
C LYS B 109 -21.60 -26.44 -21.65
N LEU B 110 -20.54 -25.93 -22.25
CA LEU B 110 -19.67 -24.91 -21.67
C LEU B 110 -19.87 -23.51 -22.24
N ALA B 111 -20.33 -23.39 -23.48
CA ALA B 111 -20.34 -22.13 -24.21
C ALA B 111 -21.56 -21.29 -23.86
N GLU B 112 -21.41 -19.97 -23.98
CA GLU B 112 -22.52 -19.04 -23.96
C GLU B 112 -23.33 -19.21 -22.66
N LYS B 113 -22.71 -18.91 -21.52
CA LYS B 113 -23.51 -19.04 -20.32
C LYS B 113 -23.54 -17.75 -19.49
N PRO B 114 -24.72 -17.27 -19.09
CA PRO B 114 -24.84 -15.92 -18.54
C PRO B 114 -24.31 -15.82 -17.11
N VAL B 115 -23.44 -16.72 -16.73
CA VAL B 115 -22.84 -16.71 -15.41
C VAL B 115 -21.36 -17.00 -15.58
N ALA B 116 -20.54 -16.34 -14.78
CA ALA B 116 -19.11 -16.56 -14.91
C ALA B 116 -18.61 -17.78 -14.15
N ASN B 117 -19.48 -18.52 -13.46
CA ASN B 117 -19.11 -19.71 -12.72
C ASN B 117 -19.44 -20.94 -13.55
N ILE B 118 -18.48 -21.41 -14.35
CA ILE B 118 -18.79 -22.45 -15.33
C ILE B 118 -19.03 -23.81 -14.68
N MET B 119 -18.66 -23.98 -13.41
CA MET B 119 -18.95 -25.26 -12.80
C MET B 119 -20.45 -25.45 -12.57
N ASP B 120 -21.20 -24.35 -12.41
CA ASP B 120 -22.68 -24.40 -12.41
C ASP B 120 -23.22 -25.04 -13.68
N ALA B 121 -22.59 -24.76 -14.81
CA ALA B 121 -22.97 -25.31 -16.11
C ALA B 121 -22.71 -26.79 -16.23
N LEU B 122 -22.19 -27.42 -15.18
CA LEU B 122 -21.94 -28.86 -15.18
C LEU B 122 -22.79 -29.64 -14.21
N GLN B 123 -23.37 -28.99 -13.20
CA GLN B 123 -24.39 -29.60 -12.37
C GLN B 123 -25.22 -30.56 -13.21
N GLY B 124 -25.24 -31.83 -12.84
CA GLY B 124 -26.05 -32.78 -13.58
C GLY B 124 -25.53 -33.19 -14.94
N GLN B 125 -24.22 -33.03 -15.21
CA GLN B 125 -23.66 -33.49 -16.48
C GLN B 125 -22.68 -34.66 -16.34
N VAL B 126 -21.95 -34.78 -15.23
CA VAL B 126 -20.98 -35.84 -15.00
C VAL B 126 -21.46 -36.67 -13.83
N ALA B 127 -21.54 -37.99 -14.02
CA ALA B 127 -22.02 -38.89 -12.96
C ALA B 127 -21.03 -38.87 -11.82
N GLY B 128 -21.53 -38.75 -10.61
CA GLY B 128 -20.66 -38.74 -9.46
C GLY B 128 -20.06 -37.40 -9.16
N MET B 129 -20.21 -36.42 -10.06
CA MET B 129 -19.70 -35.08 -9.85
C MET B 129 -20.83 -34.20 -9.31
N GLN B 130 -20.69 -33.72 -8.07
CA GLN B 130 -21.75 -32.97 -7.40
C GLN B 130 -21.33 -31.50 -7.24
N VAL B 131 -21.82 -30.61 -8.18
CA VAL B 131 -21.51 -29.19 -8.11
C VAL B 131 -22.71 -28.53 -7.48
N MET B 132 -22.46 -27.47 -6.71
CA MET B 132 -23.55 -26.76 -6.05
C MET B 132 -23.11 -25.35 -5.77
N THR B 133 -23.80 -24.37 -6.34
CA THR B 133 -23.49 -22.97 -6.12
C THR B 133 -24.48 -22.42 -5.11
N THR B 134 -23.96 -21.97 -3.96
CA THR B 134 -24.79 -21.58 -2.84
C THR B 134 -25.00 -20.08 -2.76
N SER B 135 -24.68 -19.35 -3.82
CA SER B 135 -24.91 -17.92 -3.83
C SER B 135 -25.11 -17.46 -5.26
N GLY B 136 -26.19 -16.71 -5.47
CA GLY B 136 -26.38 -16.16 -6.78
C GLY B 136 -25.51 -14.98 -7.06
N ASP B 137 -24.76 -14.53 -6.05
CA ASP B 137 -23.83 -13.43 -6.16
C ASP B 137 -22.90 -13.67 -7.36
N PRO B 138 -22.88 -12.77 -8.36
CA PRO B 138 -22.13 -13.05 -9.59
C PRO B 138 -20.75 -13.61 -9.35
N THR B 139 -20.19 -13.24 -8.21
CA THR B 139 -18.79 -13.47 -7.96
C THR B 139 -18.52 -14.81 -7.29
N ALA B 140 -19.55 -15.61 -7.05
CA ALA B 140 -19.47 -16.86 -6.31
C ALA B 140 -19.08 -18.02 -7.23
N VAL B 141 -18.43 -19.02 -6.62
CA VAL B 141 -17.84 -20.15 -7.32
C VAL B 141 -18.40 -21.42 -6.71
N ALA B 142 -18.68 -22.42 -7.56
CA ALA B 142 -19.41 -23.60 -7.11
C ALA B 142 -18.52 -24.52 -6.26
N SER B 143 -19.15 -25.55 -5.69
CA SER B 143 -18.46 -26.57 -4.88
C SER B 143 -18.54 -27.91 -5.61
N VAL B 144 -17.51 -28.22 -6.38
CA VAL B 144 -17.48 -29.52 -7.03
C VAL B 144 -16.92 -30.56 -6.06
N GLU B 145 -17.49 -31.76 -6.08
CA GLU B 145 -17.01 -32.91 -5.29
C GLU B 145 -17.23 -34.19 -6.10
N ILE B 146 -16.15 -34.85 -6.49
CA ILE B 146 -16.23 -36.08 -7.25
C ILE B 146 -16.22 -37.25 -6.27
N HIS B 147 -17.28 -38.04 -6.29
CA HIS B 147 -17.37 -39.26 -5.49
C HIS B 147 -17.32 -38.94 -3.99
N GLY B 148 -18.17 -38.01 -3.58
CA GLY B 148 -18.37 -37.75 -2.17
C GLY B 148 -17.43 -36.72 -1.61
N THR B 149 -17.62 -36.42 -0.32
CA THR B 149 -16.68 -35.60 0.40
C THR B 149 -15.44 -36.43 0.75
N GLY B 150 -14.27 -35.99 0.26
CA GLY B 150 -13.06 -36.76 0.48
C GLY B 150 -12.51 -36.67 1.90
N SER B 151 -12.88 -35.64 2.64
CA SER B 151 -12.20 -35.41 3.89
C SER B 151 -13.00 -34.47 4.76
N LEU B 152 -12.76 -34.57 6.07
CA LEU B 152 -13.36 -33.71 7.09
C LEU B 152 -12.51 -32.49 7.40
N GLY B 153 -11.40 -32.29 6.70
CA GLY B 153 -10.60 -31.09 6.93
C GLY B 153 -9.88 -30.54 5.73
N ALA B 154 -9.27 -31.40 4.93
CA ALA B 154 -8.75 -30.91 3.68
C ALA B 154 -9.90 -30.66 2.71
N SER B 155 -9.66 -29.78 1.76
CA SER B 155 -10.68 -29.56 0.74
C SER B 155 -10.92 -30.83 -0.05
N SER B 156 -12.15 -30.95 -0.54
CA SER B 156 -12.55 -32.03 -1.42
C SER B 156 -12.75 -31.54 -2.85
N ALA B 157 -12.36 -30.31 -3.12
CA ALA B 157 -12.49 -29.75 -4.44
C ALA B 157 -11.55 -30.47 -5.40
N PRO B 158 -12.02 -30.81 -6.60
CA PRO B 158 -11.12 -31.41 -7.59
C PRO B 158 -9.97 -30.47 -7.90
N LEU B 159 -8.86 -31.05 -8.34
CA LEU B 159 -7.82 -30.25 -8.94
C LEU B 159 -8.30 -29.72 -10.29
N TYR B 160 -8.10 -28.43 -10.53
CA TYR B 160 -8.46 -27.84 -11.81
C TYR B 160 -7.21 -27.64 -12.65
N ILE B 161 -7.30 -28.06 -13.91
CA ILE B 161 -6.21 -27.98 -14.86
C ILE B 161 -6.74 -27.36 -16.14
N VAL B 162 -6.05 -26.33 -16.64
CA VAL B 162 -6.36 -25.75 -17.93
C VAL B 162 -5.10 -25.88 -18.78
N ASP B 163 -5.17 -26.73 -19.80
CA ASP B 163 -4.06 -26.88 -20.74
C ASP B 163 -2.73 -27.14 -20.04
N GLY B 164 -2.76 -27.96 -19.00
CA GLY B 164 -1.54 -28.41 -18.38
C GLY B 164 -1.23 -27.75 -17.05
N MET B 165 -1.81 -26.60 -16.75
CA MET B 165 -1.41 -25.86 -15.57
C MET B 165 -2.57 -25.75 -14.58
N GLN B 166 -2.29 -26.07 -13.32
CA GLN B 166 -3.32 -25.93 -12.30
C GLN B 166 -3.61 -24.44 -12.09
N THR B 167 -4.88 -24.08 -12.21
CA THR B 167 -5.32 -22.71 -12.01
C THR B 167 -6.55 -22.72 -11.12
N SER B 168 -6.72 -21.64 -10.34
CA SER B 168 -7.86 -21.61 -9.45
C SER B 168 -9.13 -21.30 -10.23
N LEU B 169 -10.27 -21.72 -9.66
CA LEU B 169 -11.57 -21.33 -10.20
C LEU B 169 -11.65 -19.83 -10.40
N ASP B 170 -10.95 -19.06 -9.57
CA ASP B 170 -10.95 -17.62 -9.75
C ASP B 170 -10.29 -17.24 -11.06
N VAL B 171 -9.17 -17.88 -11.40
CA VAL B 171 -8.51 -17.52 -12.66
C VAL B 171 -9.27 -18.11 -13.84
N VAL B 172 -9.91 -19.26 -13.66
CA VAL B 172 -10.73 -19.82 -14.74
C VAL B 172 -11.88 -18.89 -15.04
N ALA B 173 -12.43 -18.24 -14.01
CA ALA B 173 -13.54 -17.29 -14.17
C ALA B 173 -13.14 -16.11 -15.05
N THR B 174 -11.88 -15.70 -15.02
CA THR B 174 -11.46 -14.60 -15.87
C THR B 174 -11.17 -15.04 -17.29
N MET B 175 -11.22 -16.34 -17.59
CA MET B 175 -10.98 -16.80 -18.94
C MET B 175 -12.29 -16.85 -19.70
N ASN B 176 -12.20 -16.81 -21.02
CA ASN B 176 -13.39 -16.88 -21.86
C ASN B 176 -13.77 -18.33 -22.07
N PRO B 177 -14.90 -18.78 -21.56
CA PRO B 177 -15.27 -20.19 -21.73
C PRO B 177 -15.72 -20.53 -23.13
N ASN B 178 -15.90 -19.54 -23.99
CA ASN B 178 -16.07 -19.84 -25.40
C ASN B 178 -14.77 -20.31 -26.03
N ASP B 179 -13.64 -20.10 -25.34
CA ASP B 179 -12.35 -20.61 -25.75
C ASP B 179 -12.07 -22.03 -25.25
N PHE B 180 -13.03 -22.66 -24.55
CA PHE B 180 -12.88 -24.01 -24.02
C PHE B 180 -13.34 -25.05 -25.04
N GLU B 181 -12.45 -25.98 -25.38
CA GLU B 181 -12.78 -27.07 -26.29
C GLU B 181 -13.55 -28.19 -25.59
N SER B 182 -13.19 -28.54 -24.36
CA SER B 182 -13.82 -29.65 -23.65
C SER B 182 -13.37 -29.67 -22.20
N MET B 183 -14.23 -30.22 -21.35
CA MET B 183 -13.89 -30.56 -19.98
C MET B 183 -13.90 -32.07 -19.83
N SER B 184 -12.87 -32.60 -19.16
CA SER B 184 -12.75 -34.04 -18.91
C SER B 184 -12.63 -34.22 -17.41
N VAL B 185 -13.54 -35.00 -16.83
CA VAL B 185 -13.53 -35.23 -15.40
C VAL B 185 -12.92 -36.61 -15.14
N LEU B 186 -11.88 -36.65 -14.30
CA LEU B 186 -11.13 -37.86 -14.00
C LEU B 186 -11.44 -38.29 -12.58
N LYS B 187 -12.13 -39.42 -12.42
CA LYS B 187 -12.71 -39.74 -11.12
C LYS B 187 -12.18 -41.03 -10.46
N ASP B 188 -11.02 -41.57 -10.86
CA ASP B 188 -10.43 -42.65 -10.08
C ASP B 188 -8.91 -42.57 -10.13
N ALA B 189 -8.28 -43.31 -9.20
CA ALA B 189 -6.84 -43.21 -8.99
C ALA B 189 -6.05 -43.57 -10.25
N SER B 190 -6.59 -44.46 -11.07
CA SER B 190 -5.92 -44.80 -12.32
C SER B 190 -5.91 -43.61 -13.27
N ALA B 191 -7.06 -42.93 -13.39
CA ALA B 191 -7.21 -41.81 -14.31
C ALA B 191 -6.54 -40.54 -13.82
N THR B 192 -6.40 -40.35 -12.51
CA THR B 192 -5.78 -39.17 -11.93
C THR B 192 -4.33 -39.38 -11.52
N SER B 193 -3.64 -40.36 -12.12
CA SER B 193 -2.35 -40.82 -11.58
C SER B 193 -1.20 -39.87 -11.85
N ILE B 194 -1.30 -38.96 -12.80
CA ILE B 194 -0.16 -38.10 -13.12
C ILE B 194 -0.38 -36.66 -12.66
N TYR B 195 -1.30 -36.46 -11.71
CA TYR B 195 -1.52 -35.15 -11.10
C TYR B 195 -1.21 -35.25 -9.61
N GLY B 196 -0.94 -34.12 -8.98
CA GLY B 196 -0.58 -34.10 -7.59
C GLY B 196 -1.42 -33.13 -6.78
N ALA B 197 -0.78 -32.59 -5.73
CA ALA B 197 -1.41 -31.61 -4.85
C ALA B 197 -2.62 -32.19 -4.13
N ARG B 198 -3.59 -32.69 -4.91
CA ARG B 198 -4.84 -33.22 -4.37
C ARG B 198 -5.66 -34.01 -5.40
N ALA B 199 -5.01 -34.81 -6.24
CA ALA B 199 -5.74 -35.62 -7.21
C ALA B 199 -6.66 -36.65 -6.57
N ALA B 200 -6.66 -36.73 -5.24
CA ALA B 200 -7.61 -37.56 -4.53
C ALA B 200 -9.04 -37.09 -4.69
N ASN B 201 -9.26 -35.86 -5.18
CA ASN B 201 -10.61 -35.35 -5.32
C ASN B 201 -11.13 -35.44 -6.75
N GLY B 202 -10.44 -36.21 -7.59
CA GLY B 202 -10.63 -36.15 -9.03
C GLY B 202 -9.92 -34.94 -9.60
N VAL B 203 -9.76 -34.93 -10.92
CA VAL B 203 -9.24 -33.73 -11.57
C VAL B 203 -10.18 -33.31 -12.70
N VAL B 204 -10.39 -32.00 -12.81
CA VAL B 204 -11.17 -31.37 -13.88
C VAL B 204 -10.17 -30.76 -14.86
N PHE B 205 -10.09 -31.30 -16.07
CA PHE B 205 -9.14 -30.84 -17.06
C PHE B 205 -9.90 -30.11 -18.16
N ILE B 206 -9.58 -28.84 -18.33
CA ILE B 206 -10.23 -27.99 -19.32
C ILE B 206 -9.26 -27.78 -20.48
N GLN B 207 -9.67 -28.13 -21.68
CA GLN B 207 -8.84 -27.98 -22.86
C GLN B 207 -9.34 -26.83 -23.73
N THR B 208 -8.50 -25.83 -23.96
CA THR B 208 -8.88 -24.74 -24.83
C THR B 208 -8.68 -25.16 -26.28
N LYS B 209 -9.46 -24.54 -27.17
CA LYS B 209 -9.48 -24.90 -28.58
C LYS B 209 -8.17 -24.52 -29.26
N LYS B 210 -7.69 -25.40 -30.13
CA LYS B 210 -6.64 -25.02 -31.07
C LYS B 210 -7.22 -24.85 -32.46
N GLY B 211 -6.48 -24.13 -33.31
CA GLY B 211 -7.01 -23.81 -34.62
C GLY B 211 -7.12 -25.06 -35.47
N LYS B 212 -8.20 -25.14 -36.23
CA LYS B 212 -8.38 -26.28 -37.12
C LYS B 212 -7.56 -26.04 -38.38
N MET B 213 -6.81 -27.05 -38.80
CA MET B 213 -5.86 -26.88 -39.89
C MET B 213 -6.61 -26.71 -41.20
N SER B 214 -7.37 -25.62 -41.28
CA SER B 214 -8.24 -25.25 -42.37
C SER B 214 -7.51 -24.40 -43.41
N GLU B 215 -8.19 -24.18 -44.52
CA GLU B 215 -7.65 -23.48 -45.67
C GLU B 215 -8.02 -22.00 -45.71
N ARG B 216 -9.31 -21.67 -45.59
CA ARG B 216 -9.73 -20.28 -45.39
C ARG B 216 -9.58 -19.87 -43.92
N GLY B 217 -10.00 -20.72 -43.00
CA GLY B 217 -9.89 -20.40 -41.59
C GLY B 217 -11.04 -19.53 -41.17
N ARG B 218 -11.69 -19.91 -40.07
CA ARG B 218 -13.00 -19.41 -39.68
C ARG B 218 -12.90 -18.31 -38.64
N ILE B 219 -13.50 -17.16 -38.93
CA ILE B 219 -13.78 -16.17 -37.89
C ILE B 219 -15.24 -16.34 -37.50
N THR B 220 -15.53 -16.13 -36.22
CA THR B 220 -16.83 -16.44 -35.62
C THR B 220 -17.12 -15.44 -34.52
N PHE B 221 -18.34 -14.90 -34.52
CA PHE B 221 -18.73 -13.74 -33.71
C PHE B 221 -20.00 -14.03 -32.93
N ASN B 222 -19.93 -13.88 -31.60
CA ASN B 222 -21.06 -14.11 -30.71
C ASN B 222 -21.33 -12.87 -29.89
N ALA B 223 -22.60 -12.65 -29.59
CA ALA B 223 -23.01 -11.52 -28.75
C ALA B 223 -24.36 -11.87 -28.17
N SER B 224 -24.57 -11.57 -26.89
CA SER B 224 -25.85 -11.88 -26.29
C SER B 224 -26.16 -10.87 -25.20
N TYR B 225 -27.48 -10.60 -25.02
CA TYR B 225 -28.02 -9.75 -23.98
C TYR B 225 -29.10 -10.52 -23.23
N GLY B 226 -29.24 -10.24 -21.94
CA GLY B 226 -30.29 -10.87 -21.17
C GLY B 226 -30.37 -10.25 -19.79
N ILE B 227 -31.37 -10.68 -19.03
CA ILE B 227 -31.61 -10.13 -17.70
C ILE B 227 -31.64 -11.22 -16.64
N SER B 228 -31.16 -10.85 -15.45
CA SER B 228 -31.25 -11.66 -14.24
C SER B 228 -32.50 -11.31 -13.43
N GLN B 229 -33.11 -12.33 -12.84
CA GLN B 229 -34.19 -12.16 -11.90
C GLN B 229 -33.96 -13.05 -10.70
N ILE B 230 -34.82 -12.94 -9.72
CA ILE B 230 -34.90 -13.86 -8.60
C ILE B 230 -35.78 -15.01 -9.05
N LEU B 231 -35.56 -16.22 -8.52
CA LEU B 231 -36.25 -17.38 -9.08
C LEU B 231 -37.31 -17.93 -8.15
N ASN B 232 -37.47 -17.38 -6.95
CA ASN B 232 -38.54 -17.82 -6.08
C ASN B 232 -39.05 -16.64 -5.27
N THR B 233 -40.38 -16.49 -5.26
CA THR B 233 -41.10 -15.42 -4.60
C THR B 233 -41.93 -15.89 -3.42
N LYS B 234 -42.26 -17.17 -3.38
CA LYS B 234 -43.11 -17.89 -2.44
C LYS B 234 -42.79 -17.56 -0.98
N PRO B 235 -41.53 -17.28 -0.61
CA PRO B 235 -41.26 -16.88 0.78
C PRO B 235 -42.08 -15.71 1.33
N LEU B 236 -42.53 -14.76 0.51
CA LEU B 236 -43.30 -13.65 1.08
C LEU B 236 -44.79 -13.74 0.77
N ASP B 237 -45.26 -14.85 0.19
CA ASP B 237 -46.70 -15.06 0.00
C ASP B 237 -47.47 -15.05 1.31
N ASN B 238 -46.84 -15.46 2.40
CA ASN B 238 -47.58 -15.66 3.65
C ASN B 238 -46.94 -14.91 4.81
N MET B 239 -46.10 -13.91 4.55
CA MET B 239 -45.66 -13.00 5.59
C MET B 239 -46.75 -11.96 5.87
N MET B 240 -46.86 -11.58 7.13
CA MET B 240 -47.93 -10.68 7.57
C MET B 240 -47.91 -9.38 6.80
N THR B 241 -49.08 -8.80 6.61
CA THR B 241 -49.18 -7.48 6.02
C THR B 241 -48.97 -6.42 7.10
N GLY B 242 -49.01 -5.17 6.68
CA GLY B 242 -48.63 -4.08 7.54
C GLY B 242 -49.45 -3.97 8.79
N ASP B 243 -50.72 -3.70 8.64
CA ASP B 243 -51.51 -3.62 9.86
C ASP B 243 -51.82 -4.99 10.43
N GLU B 244 -51.61 -6.07 9.66
CA GLU B 244 -51.62 -7.40 10.25
C GLU B 244 -50.52 -7.53 11.30
N LEU B 245 -49.32 -7.02 10.99
CA LEU B 245 -48.21 -7.08 11.94
C LEU B 245 -48.38 -6.07 13.07
N LEU B 246 -48.78 -4.85 12.77
CA LEU B 246 -49.17 -3.95 13.84
C LEU B 246 -50.10 -4.63 14.83
N ASP B 247 -51.19 -5.22 14.33
CA ASP B 247 -52.14 -5.88 15.23
C ASP B 247 -51.46 -6.93 16.09
N PHE B 248 -50.72 -7.85 15.47
CA PHE B 248 -50.07 -8.93 16.19
C PHE B 248 -49.22 -8.39 17.35
N GLN B 249 -48.41 -7.38 17.06
CA GLN B 249 -47.56 -6.78 18.08
C GLN B 249 -48.38 -6.19 19.21
N VAL B 250 -49.34 -5.32 18.89
CA VAL B 250 -50.07 -4.61 19.95
C VAL B 250 -50.71 -5.60 20.89
N LYS B 251 -51.40 -6.60 20.33
CA LYS B 251 -52.09 -7.61 21.13
C LYS B 251 -51.10 -8.53 21.83
N ALA B 252 -49.87 -8.61 21.34
CA ALA B 252 -48.84 -9.39 22.01
C ALA B 252 -48.20 -8.64 23.17
N GLY B 253 -48.54 -7.39 23.42
CA GLY B 253 -47.94 -6.63 24.49
C GLY B 253 -46.54 -6.11 24.20
N PHE B 254 -46.06 -6.27 22.97
CA PHE B 254 -44.72 -5.83 22.63
C PHE B 254 -44.60 -4.33 22.74
N TRP B 255 -45.66 -3.61 22.45
CA TRP B 255 -45.63 -2.17 22.53
C TRP B 255 -46.11 -1.67 23.86
N GLY B 256 -45.99 -2.47 24.89
CA GLY B 256 -46.50 -2.15 26.20
C GLY B 256 -47.90 -2.72 26.38
N ASN B 257 -48.29 -2.84 27.64
CA ASN B 257 -49.62 -3.32 27.96
C ASN B 257 -50.62 -2.16 27.88
N ASN B 258 -51.90 -2.52 27.77
CA ASN B 258 -52.96 -1.56 27.50
C ASN B 258 -52.50 -0.42 26.63
N GLN B 259 -52.26 -0.74 25.35
CA GLN B 259 -52.07 0.24 24.30
C GLN B 259 -52.97 -0.18 23.16
N THR B 260 -53.58 0.81 22.50
CA THR B 260 -54.42 0.52 21.37
C THR B 260 -53.59 0.63 20.09
N VAL B 261 -54.13 0.14 18.98
CA VAL B 261 -53.37 0.21 17.73
C VAL B 261 -53.05 1.67 17.37
N GLN B 262 -54.01 2.59 17.53
CA GLN B 262 -53.73 3.96 17.10
C GLN B 262 -52.75 4.66 18.02
N LYS B 263 -52.89 4.48 19.33
CA LYS B 263 -51.86 4.97 20.25
C LYS B 263 -50.47 4.58 19.75
N VAL B 264 -50.29 3.33 19.28
CA VAL B 264 -48.99 2.88 18.79
C VAL B 264 -48.60 3.60 17.50
N LYS B 265 -49.48 3.62 16.48
CA LYS B 265 -49.10 4.31 15.25
C LYS B 265 -48.91 5.81 15.47
N ASP B 266 -49.61 6.39 16.45
CA ASP B 266 -49.32 7.77 16.80
C ASP B 266 -47.87 7.95 17.19
N MET B 267 -47.29 6.94 17.86
CA MET B 267 -45.91 6.97 18.33
C MET B 267 -44.91 6.76 17.20
N ILE B 268 -45.16 5.80 16.32
CA ILE B 268 -44.21 5.55 15.25
C ILE B 268 -44.20 6.74 14.28
N LEU B 269 -45.37 7.28 13.94
CA LEU B 269 -45.33 8.46 13.07
C LEU B 269 -44.70 9.64 13.78
N ALA B 270 -44.94 9.79 15.09
CA ALA B 270 -44.23 10.78 15.89
C ALA B 270 -42.70 10.64 15.76
N GLY B 271 -42.19 9.42 15.85
CA GLY B 271 -40.75 9.26 15.87
C GLY B 271 -40.06 9.56 14.56
N ALA B 272 -40.75 9.31 13.44
CA ALA B 272 -40.20 9.64 12.13
C ALA B 272 -40.28 11.14 11.87
N GLU B 273 -41.25 11.80 12.46
CA GLU B 273 -41.37 13.22 12.22
C GLU B 273 -40.26 13.97 12.95
N ASP B 274 -39.95 13.59 14.19
CA ASP B 274 -38.87 14.34 14.84
C ASP B 274 -37.48 13.93 14.36
N LEU B 275 -37.29 12.68 13.93
CA LEU B 275 -35.97 12.30 13.45
C LEU B 275 -35.67 13.00 12.13
N TYR B 276 -36.55 12.82 11.14
CA TYR B 276 -36.39 13.52 9.88
C TYR B 276 -36.33 15.03 10.05
N GLY B 277 -36.89 15.58 11.13
CA GLY B 277 -36.91 17.00 11.32
C GLY B 277 -35.64 17.60 11.79
N ASN B 278 -34.58 16.81 11.88
CA ASN B 278 -33.28 17.28 12.34
C ASN B 278 -32.26 17.42 11.22
N TYR B 279 -32.57 16.95 10.01
CA TYR B 279 -31.65 16.97 8.88
C TYR B 279 -32.17 17.94 7.83
N ASP B 280 -31.44 19.03 7.60
CA ASP B 280 -31.77 19.99 6.54
C ASP B 280 -32.23 19.27 5.28
N SER B 281 -31.57 18.15 4.96
CA SER B 281 -31.91 17.40 3.76
C SER B 281 -33.25 16.68 3.84
N LEU B 282 -33.90 16.68 4.99
CA LEU B 282 -35.18 16.01 5.18
C LEU B 282 -36.28 16.88 5.79
N LYS B 283 -35.92 17.94 6.54
CA LYS B 283 -36.83 18.56 7.50
C LYS B 283 -38.15 19.00 6.87
N ASP B 284 -38.14 19.44 5.61
CA ASP B 284 -39.41 19.83 4.99
C ASP B 284 -39.64 19.06 3.68
N GLU B 285 -39.15 17.83 3.64
CA GLU B 285 -39.52 16.81 2.65
C GLU B 285 -40.36 15.68 3.24
N TYR B 286 -40.31 15.48 4.56
CA TYR B 286 -41.18 14.52 5.21
C TYR B 286 -42.61 15.04 5.22
N GLY B 287 -43.53 14.24 4.70
CA GLY B 287 -44.91 14.62 4.55
C GLY B 287 -45.28 15.22 3.20
N LYS B 288 -44.28 15.65 2.43
CA LYS B 288 -44.42 16.14 1.07
C LYS B 288 -44.04 15.04 0.07
N THR B 289 -42.79 14.57 0.15
CA THR B 289 -42.25 13.55 -0.74
C THR B 289 -41.79 12.28 -0.02
N LEU B 290 -41.72 12.28 1.31
CA LEU B 290 -41.25 11.13 2.06
C LEU B 290 -42.25 10.74 3.12
N PHE B 291 -42.65 9.48 3.08
CA PHE B 291 -43.53 8.85 4.06
C PHE B 291 -42.86 7.57 4.51
N PRO B 292 -41.84 7.66 5.37
CA PRO B 292 -41.15 6.45 5.83
C PRO B 292 -42.06 5.55 6.62
N VAL B 293 -43.13 6.12 7.17
CA VAL B 293 -44.11 5.41 7.99
C VAL B 293 -45.47 5.60 7.33
N ASP B 294 -46.15 4.48 7.03
CA ASP B 294 -47.34 4.50 6.20
C ASP B 294 -48.12 3.21 6.49
N PHE B 295 -49.16 3.33 7.31
CA PHE B 295 -50.03 2.21 7.66
C PHE B 295 -51.17 1.99 6.67
N ASN B 296 -51.15 2.68 5.55
CA ASN B 296 -52.16 2.51 4.53
C ASN B 296 -51.65 1.83 3.28
N HIS B 297 -50.34 1.79 3.09
CA HIS B 297 -49.73 1.05 2.00
C HIS B 297 -48.66 0.15 2.60
N ASP B 298 -48.55 -1.09 2.09
CA ASP B 298 -47.45 -1.99 2.46
C ASP B 298 -46.26 -1.76 1.54
N ALA B 299 -45.13 -1.37 2.13
CA ALA B 299 -43.94 -1.14 1.33
C ALA B 299 -43.46 -2.44 0.75
N ASP B 300 -43.20 -2.43 -0.55
CA ASP B 300 -42.73 -3.59 -1.28
C ASP B 300 -41.23 -3.82 -0.99
N TRP B 301 -40.93 -4.52 0.11
CA TRP B 301 -39.54 -4.66 0.55
C TRP B 301 -38.74 -5.57 -0.36
N LEU B 302 -39.41 -6.42 -1.15
CA LEU B 302 -38.66 -7.13 -2.19
C LEU B 302 -38.08 -6.15 -3.20
N LYS B 303 -38.89 -5.25 -3.74
CA LYS B 303 -38.40 -4.23 -4.65
C LYS B 303 -37.34 -3.34 -4.01
N ALA B 304 -37.36 -3.16 -2.69
CA ALA B 304 -36.36 -2.28 -2.06
C ALA B 304 -34.95 -2.83 -2.22
N LEU B 305 -34.79 -4.14 -2.09
CA LEU B 305 -33.47 -4.75 -1.94
C LEU B 305 -33.07 -5.63 -3.11
N PHE B 306 -33.95 -5.83 -4.09
CA PHE B 306 -33.63 -6.64 -5.26
C PHE B 306 -34.20 -5.99 -6.52
N LYS B 307 -33.48 -6.16 -7.64
CA LYS B 307 -33.81 -5.53 -8.90
C LYS B 307 -33.66 -6.57 -10.00
N THR B 308 -34.19 -6.26 -11.18
CA THR B 308 -33.77 -7.00 -12.37
C THR B 308 -32.49 -6.37 -12.88
N ALA B 309 -31.53 -7.21 -13.25
CA ALA B 309 -30.21 -6.73 -13.62
C ALA B 309 -29.76 -7.37 -14.91
N PRO B 310 -28.81 -6.78 -15.61
CA PRO B 310 -28.49 -7.25 -16.96
C PRO B 310 -27.26 -8.14 -17.03
N THR B 311 -27.19 -8.99 -18.05
CA THR B 311 -25.99 -9.73 -18.36
C THR B 311 -25.70 -9.52 -19.83
N SER B 312 -24.46 -9.15 -20.15
CA SER B 312 -24.07 -8.77 -21.49
C SER B 312 -22.76 -9.46 -21.84
N GLN B 313 -22.69 -10.08 -23.00
CA GLN B 313 -21.42 -10.67 -23.39
C GLN B 313 -21.32 -10.70 -24.90
N GLY B 314 -20.08 -10.54 -25.37
CA GLY B 314 -19.77 -10.59 -26.79
C GLY B 314 -18.35 -11.07 -27.00
N ASP B 315 -18.09 -11.52 -28.23
CA ASP B 315 -16.92 -12.33 -28.51
C ASP B 315 -16.65 -12.50 -30.00
N ILE B 316 -15.41 -12.22 -30.42
CA ILE B 316 -14.96 -12.59 -31.76
C ILE B 316 -13.71 -13.44 -31.62
N SER B 317 -13.55 -14.40 -32.54
CA SER B 317 -12.45 -15.37 -32.44
C SER B 317 -12.02 -15.85 -33.82
N PHE B 318 -10.76 -15.63 -34.14
CA PHE B 318 -10.18 -16.04 -35.40
C PHE B 318 -9.46 -17.37 -35.17
N SER B 319 -9.93 -18.40 -35.85
CA SER B 319 -9.34 -19.73 -35.85
C SER B 319 -8.96 -20.13 -37.26
N GLY B 320 -7.89 -20.89 -37.35
CA GLY B 320 -7.41 -21.38 -38.62
C GLY B 320 -5.99 -21.92 -38.45
N GLY B 321 -5.17 -21.63 -39.44
CA GLY B 321 -3.83 -22.10 -39.57
C GLY B 321 -3.74 -23.26 -40.55
N SER B 322 -2.53 -23.55 -40.98
CA SER B 322 -2.41 -24.41 -42.15
C SER B 322 -0.95 -24.73 -42.50
N GLN B 323 -0.53 -25.98 -42.23
CA GLN B 323 0.78 -26.54 -42.48
C GLN B 323 1.12 -27.47 -41.33
N GLY B 324 2.02 -27.02 -40.46
CA GLY B 324 2.28 -27.69 -39.21
C GLY B 324 1.94 -26.75 -38.08
N THR B 325 1.40 -25.59 -38.43
CA THR B 325 1.14 -24.50 -37.51
C THR B 325 -0.36 -24.21 -37.41
N SER B 326 -0.83 -23.87 -36.20
CA SER B 326 -2.24 -23.64 -35.92
C SER B 326 -2.42 -22.50 -34.93
N TYR B 327 -3.41 -21.64 -35.18
CA TYR B 327 -3.68 -20.50 -34.32
C TYR B 327 -5.15 -20.46 -33.90
N TYR B 328 -5.41 -20.13 -32.64
CA TYR B 328 -6.75 -19.84 -32.16
C TYR B 328 -6.67 -18.62 -31.27
N ALA B 329 -7.21 -17.51 -31.75
CA ALA B 329 -7.16 -16.24 -31.06
C ALA B 329 -8.58 -15.76 -30.85
N SER B 330 -8.80 -15.04 -29.75
CA SER B 330 -10.11 -14.51 -29.43
C SER B 330 -9.96 -13.31 -28.51
N ILE B 331 -10.81 -12.31 -28.71
CA ILE B 331 -11.02 -11.23 -27.75
C ILE B 331 -12.48 -11.32 -27.35
N GLY B 332 -12.79 -10.82 -26.16
CA GLY B 332 -14.16 -10.97 -25.70
C GLY B 332 -14.48 -10.03 -24.56
N TYR B 333 -15.77 -10.00 -24.23
CA TYR B 333 -16.33 -9.08 -23.26
C TYR B 333 -17.35 -9.85 -22.45
N PHE B 334 -17.48 -9.54 -21.16
CA PHE B 334 -18.52 -10.13 -20.34
C PHE B 334 -18.84 -9.15 -19.22
N ASP B 335 -20.14 -9.02 -18.91
CA ASP B 335 -20.59 -8.19 -17.79
C ASP B 335 -21.88 -8.75 -17.24
N GLN B 336 -21.82 -9.29 -16.02
CA GLN B 336 -22.98 -9.82 -15.31
C GLN B 336 -23.19 -8.94 -14.09
N GLU B 337 -24.30 -8.20 -14.06
CA GLU B 337 -24.62 -7.43 -12.87
C GLU B 337 -25.51 -8.24 -11.94
N GLY B 338 -25.31 -8.03 -10.64
CA GLY B 338 -25.95 -8.84 -9.62
C GLY B 338 -27.32 -8.30 -9.32
N MET B 339 -28.29 -9.21 -9.25
CA MET B 339 -29.68 -8.83 -9.01
C MET B 339 -29.92 -8.33 -7.58
N ALA B 340 -29.09 -8.70 -6.61
CA ALA B 340 -29.22 -8.02 -5.32
C ALA B 340 -28.90 -6.55 -5.49
N ARG B 341 -29.71 -5.69 -4.86
CA ARG B 341 -29.52 -4.26 -5.01
C ARG B 341 -28.31 -3.77 -4.23
N GLU B 342 -28.00 -4.47 -3.13
CA GLU B 342 -26.64 -4.48 -2.58
C GLU B 342 -25.67 -4.79 -3.71
N PRO B 343 -24.74 -3.89 -4.04
CA PRO B 343 -24.07 -3.96 -5.34
C PRO B 343 -23.06 -5.10 -5.38
N ALA B 344 -23.03 -5.75 -6.54
CA ALA B 344 -22.23 -6.94 -6.85
C ALA B 344 -22.24 -7.17 -8.36
N ASN B 345 -21.09 -7.52 -8.90
CA ASN B 345 -20.95 -7.62 -10.35
C ASN B 345 -19.69 -8.43 -10.67
N PHE B 346 -19.68 -9.01 -11.88
CA PHE B 346 -18.48 -9.62 -12.43
C PHE B 346 -18.41 -9.30 -13.91
N LYS B 347 -17.47 -8.43 -14.29
CA LYS B 347 -17.20 -8.09 -15.68
C LYS B 347 -15.74 -8.39 -16.01
N ARG B 348 -15.51 -8.95 -17.20
CA ARG B 348 -14.16 -9.28 -17.65
C ARG B 348 -13.96 -8.86 -19.09
N TYR B 349 -12.75 -8.42 -19.40
CA TYR B 349 -12.34 -8.14 -20.77
C TYR B 349 -11.24 -9.14 -21.09
N SER B 350 -11.46 -9.98 -22.12
CA SER B 350 -10.73 -11.23 -22.29
C SER B 350 -9.93 -11.21 -23.58
N GLY B 351 -8.79 -11.88 -23.55
CA GLY B 351 -8.07 -12.25 -24.77
C GLY B 351 -7.34 -13.56 -24.57
N ARG B 352 -7.15 -14.29 -25.68
CA ARG B 352 -6.46 -15.57 -25.69
C ARG B 352 -5.88 -15.80 -27.06
N LEU B 353 -4.67 -16.35 -27.11
CA LEU B 353 -4.03 -16.79 -28.35
C LEU B 353 -3.35 -18.12 -28.11
N ASN B 354 -3.78 -19.12 -28.85
CA ASN B 354 -3.26 -20.48 -28.80
C ASN B 354 -2.49 -20.76 -30.08
N PHE B 355 -1.30 -21.35 -29.94
CA PHE B 355 -0.45 -21.53 -31.09
C PHE B 355 0.38 -22.80 -30.96
N GLU B 356 0.46 -23.57 -32.05
CA GLU B 356 1.18 -24.82 -32.17
C GLU B 356 1.82 -24.87 -33.54
N SER B 357 3.08 -25.31 -33.64
CA SER B 357 3.71 -25.41 -34.95
C SER B 357 4.76 -26.51 -34.97
N ARG B 358 4.64 -27.40 -35.97
CA ARG B 358 5.70 -28.37 -36.24
C ARG B 358 6.84 -27.63 -36.93
N ILE B 359 8.01 -27.65 -36.32
CA ILE B 359 9.19 -27.03 -36.92
C ILE B 359 9.95 -27.99 -37.82
N ASN B 360 10.01 -29.27 -37.45
CA ASN B 360 10.77 -30.29 -38.16
C ASN B 360 10.39 -31.66 -37.61
N GLU B 361 10.96 -32.72 -38.22
CA GLU B 361 10.52 -34.07 -37.86
C GLU B 361 10.84 -34.40 -36.42
N TRP B 362 11.60 -33.57 -35.71
CA TRP B 362 11.87 -33.86 -34.31
C TRP B 362 11.23 -32.88 -33.33
N LEU B 363 10.94 -31.64 -33.73
CA LEU B 363 10.49 -30.63 -32.78
C LEU B 363 9.13 -30.06 -33.15
N LYS B 364 8.32 -29.86 -32.12
CA LYS B 364 7.05 -29.15 -32.22
C LYS B 364 6.95 -28.24 -31.02
N VAL B 365 6.77 -26.95 -31.26
CA VAL B 365 6.62 -25.99 -30.19
C VAL B 365 5.20 -25.40 -30.21
N GLY B 366 4.82 -24.83 -29.08
CA GLY B 366 3.50 -24.28 -28.97
C GLY B 366 3.28 -23.46 -27.72
N ALA B 367 2.37 -22.51 -27.81
CA ALA B 367 2.01 -21.65 -26.69
C ALA B 367 0.51 -21.52 -26.63
N ASN B 368 0.00 -21.29 -25.42
CA ASN B 368 -1.35 -20.78 -25.26
C ASN B 368 -1.27 -19.65 -24.24
N LEU B 369 -1.71 -18.48 -24.67
CA LEU B 369 -1.55 -17.23 -23.95
C LEU B 369 -2.93 -16.69 -23.65
N SER B 370 -3.14 -16.28 -22.40
CA SER B 370 -4.45 -15.79 -22.02
C SER B 370 -4.26 -14.71 -20.96
N GLY B 371 -5.13 -13.72 -21.02
CA GLY B 371 -5.11 -12.68 -20.01
C GLY B 371 -6.45 -11.99 -20.03
N ALA B 372 -6.58 -11.04 -19.10
CA ALA B 372 -7.86 -10.40 -18.87
C ALA B 372 -7.70 -9.24 -17.90
N ILE B 373 -8.48 -8.19 -18.14
CA ILE B 373 -8.75 -7.15 -17.17
C ILE B 373 -10.13 -7.43 -16.59
N ALA B 374 -10.22 -7.57 -15.26
CA ALA B 374 -11.43 -8.04 -14.61
C ALA B 374 -11.79 -7.20 -13.39
N ASN B 375 -13.09 -6.93 -13.24
CA ASN B 375 -13.64 -6.18 -12.11
C ASN B 375 -14.72 -7.01 -11.42
N ARG B 376 -14.48 -7.37 -10.16
CA ARG B 376 -15.47 -8.09 -9.37
C ARG B 376 -15.76 -7.33 -8.07
N ARG B 377 -17.00 -7.48 -7.62
CA ARG B 377 -17.51 -6.87 -6.41
C ARG B 377 -18.58 -7.81 -5.91
N SER B 378 -18.75 -7.88 -4.59
CA SER B 378 -19.57 -8.93 -4.03
C SER B 378 -20.41 -8.35 -2.91
N ALA B 379 -21.64 -8.84 -2.78
CA ALA B 379 -22.54 -8.40 -1.71
C ALA B 379 -22.10 -9.08 -0.43
N ASP B 380 -21.40 -8.33 0.42
CA ASP B 380 -20.75 -8.87 1.61
C ASP B 380 -21.64 -8.88 2.84
N TYR B 381 -22.90 -8.47 2.76
CA TYR B 381 -23.73 -8.58 3.96
C TYR B 381 -24.58 -9.83 3.96
N PHE B 382 -24.65 -10.55 2.83
CA PHE B 382 -25.46 -11.76 2.76
C PHE B 382 -24.93 -12.86 3.68
N GLY B 383 -25.84 -13.74 4.10
CA GLY B 383 -25.52 -14.81 5.05
C GLY B 383 -25.31 -14.34 6.47
N LYS B 384 -25.57 -13.06 6.74
CA LYS B 384 -25.61 -12.54 8.09
C LYS B 384 -26.98 -11.94 8.32
N TYR B 385 -27.33 -11.71 9.57
CA TYR B 385 -28.64 -11.14 9.90
C TYR B 385 -28.43 -9.69 10.27
N TYR B 386 -28.66 -8.82 9.29
CA TYR B 386 -28.63 -7.37 9.49
C TYR B 386 -30.00 -6.80 9.15
N MET B 387 -30.54 -5.99 10.06
CA MET B 387 -31.92 -5.49 10.04
C MET B 387 -32.57 -5.30 8.68
N GLY B 388 -32.03 -4.44 7.82
CA GLY B 388 -32.79 -4.19 6.62
C GLY B 388 -32.11 -4.59 5.34
N SER B 389 -31.47 -5.75 5.33
CA SER B 389 -30.77 -6.18 4.13
C SER B 389 -31.05 -7.64 3.79
N GLY B 390 -30.81 -7.94 2.52
CA GLY B 390 -30.89 -9.26 1.96
C GLY B 390 -32.30 -9.77 1.94
N THR B 391 -32.39 -11.08 1.67
CA THR B 391 -33.70 -11.72 1.67
C THR B 391 -34.30 -11.79 3.07
N PHE B 392 -33.46 -11.80 4.09
CA PHE B 392 -33.96 -11.63 5.46
C PHE B 392 -34.64 -10.28 5.61
N GLY B 393 -33.99 -9.22 5.12
CA GLY B 393 -34.65 -7.93 5.11
C GLY B 393 -36.00 -7.98 4.42
N VAL B 394 -36.05 -8.61 3.24
CA VAL B 394 -37.27 -8.52 2.43
C VAL B 394 -38.39 -9.29 3.08
N LEU B 395 -38.07 -10.16 4.05
CA LEU B 395 -39.11 -10.88 4.77
C LEU B 395 -39.42 -10.29 6.14
N THR B 396 -38.46 -9.62 6.78
CA THR B 396 -38.63 -9.24 8.18
C THR B 396 -38.93 -7.76 8.39
N MET B 397 -38.75 -6.93 7.38
CA MET B 397 -39.03 -5.51 7.53
C MET B 397 -40.53 -5.29 7.67
N PRO B 398 -41.00 -4.64 8.74
CA PRO B 398 -42.44 -4.38 8.84
C PRO B 398 -42.91 -3.56 7.66
N ARG B 399 -44.01 -3.96 7.05
CA ARG B 399 -44.41 -3.32 5.82
C ARG B 399 -44.91 -1.90 6.03
N TYR B 400 -45.09 -1.47 7.29
CA TYR B 400 -45.40 -0.07 7.51
C TYR B 400 -44.18 0.81 7.55
N TYR B 401 -43.07 0.34 6.99
CA TYR B 401 -41.83 1.10 6.92
C TYR B 401 -41.47 1.23 5.45
N ASN B 402 -41.30 2.46 4.98
CA ASN B 402 -41.24 2.73 3.55
C ASN B 402 -39.87 3.23 3.13
N PRO B 403 -39.05 2.39 2.48
CA PRO B 403 -37.76 2.84 1.97
C PRO B 403 -37.87 3.61 0.67
N PHE B 404 -39.09 3.76 0.16
CA PHE B 404 -39.38 4.45 -1.09
C PHE B 404 -39.79 5.89 -0.85
N ASP B 405 -39.79 6.69 -1.92
CA ASP B 405 -40.36 8.02 -1.81
C ASP B 405 -41.81 8.01 -2.24
N VAL B 406 -42.26 9.12 -2.84
CA VAL B 406 -43.65 9.26 -3.21
C VAL B 406 -43.90 8.93 -4.68
N ASN B 407 -42.86 8.92 -5.50
CA ASN B 407 -42.94 8.53 -6.91
C ASN B 407 -42.62 7.07 -7.13
N GLY B 408 -42.54 6.28 -6.06
CA GLY B 408 -42.22 4.87 -6.13
C GLY B 408 -40.76 4.57 -6.28
N ASP B 409 -39.92 5.59 -6.35
CA ASP B 409 -38.48 5.38 -6.44
C ASP B 409 -37.91 5.19 -5.05
N LEU B 410 -36.70 4.65 -5.02
CA LEU B 410 -36.12 4.29 -3.74
C LEU B 410 -35.56 5.55 -3.09
N ALA B 411 -35.94 5.79 -1.83
CA ALA B 411 -35.43 6.94 -1.12
C ALA B 411 -33.91 6.87 -0.95
N ASP B 412 -33.37 7.85 -0.25
CA ASP B 412 -32.01 7.74 0.26
C ASP B 412 -31.94 7.04 1.60
N VAL B 413 -33.05 6.93 2.30
CA VAL B 413 -32.94 6.64 3.72
C VAL B 413 -34.33 6.25 4.23
N TYR B 414 -34.41 5.28 5.15
CA TYR B 414 -35.67 4.82 5.71
C TYR B 414 -35.64 4.91 7.24
N TYR B 415 -36.81 4.74 7.85
CA TYR B 415 -36.95 4.95 9.28
C TYR B 415 -37.46 3.70 9.97
N MET B 416 -36.92 3.48 11.16
CA MET B 416 -37.29 2.39 12.07
C MET B 416 -37.37 2.96 13.49
N TYR B 417 -38.41 2.61 14.22
CA TYR B 417 -38.69 3.29 15.48
C TYR B 417 -37.57 3.06 16.49
N GLY B 418 -37.23 4.10 17.23
CA GLY B 418 -36.07 4.10 18.10
C GLY B 418 -34.79 4.61 17.44
N ALA B 419 -34.67 4.49 16.11
CA ALA B 419 -33.46 4.87 15.41
C ALA B 419 -33.04 6.28 15.81
N THR B 420 -31.75 6.46 15.91
CA THR B 420 -31.19 7.75 16.23
C THR B 420 -30.73 8.50 14.98
N ARG B 421 -30.50 7.77 13.88
CA ARG B 421 -30.03 8.16 12.57
C ARG B 421 -31.01 7.59 11.57
N PRO B 422 -31.35 8.32 10.51
CA PRO B 422 -31.99 7.67 9.37
C PRO B 422 -31.01 6.66 8.79
N SER B 423 -31.55 5.63 8.18
CA SER B 423 -30.79 4.45 7.80
C SER B 423 -30.63 4.39 6.29
N MET B 424 -29.39 4.37 5.81
CA MET B 424 -29.16 4.44 4.36
C MET B 424 -29.73 3.24 3.64
N THR B 425 -30.44 3.50 2.55
CA THR B 425 -30.97 2.47 1.68
C THR B 425 -29.86 1.89 0.82
N GLU B 426 -30.16 0.83 0.08
CA GLU B 426 -29.05 0.13 -0.56
C GLU B 426 -28.37 0.94 -1.64
N PRO B 427 -29.07 1.71 -2.47
CA PRO B 427 -28.34 2.50 -3.47
C PRO B 427 -27.58 3.65 -2.84
N TYR B 428 -28.16 4.26 -1.83
CA TYR B 428 -27.53 5.42 -1.22
C TYR B 428 -26.36 5.00 -0.30
N PHE B 429 -26.43 3.80 0.26
CA PHE B 429 -25.26 3.24 0.93
C PHE B 429 -24.10 3.09 -0.04
N ALA B 430 -24.41 2.62 -1.25
CA ALA B 430 -23.38 2.38 -2.26
C ALA B 430 -22.70 3.68 -2.71
N LYS B 431 -23.47 4.74 -2.92
CA LYS B 431 -22.83 5.98 -3.37
C LYS B 431 -21.93 6.53 -2.27
N MET B 432 -22.30 6.27 -1.03
CA MET B 432 -21.54 6.70 0.13
C MET B 432 -20.42 5.75 0.54
N ARG B 433 -20.48 4.48 0.11
CA ARG B 433 -19.42 3.50 0.34
C ARG B 433 -18.99 2.93 -1.01
N PRO B 434 -18.31 3.75 -1.82
CA PRO B 434 -17.86 3.30 -3.14
C PRO B 434 -16.73 2.28 -3.05
N PHE B 435 -16.61 1.49 -4.11
CA PHE B 435 -15.69 0.37 -4.18
C PHE B 435 -15.40 0.01 -5.62
N SER B 436 -14.13 -0.22 -5.93
CA SER B 436 -13.78 -0.71 -7.26
C SER B 436 -12.58 -1.60 -7.14
N SER B 437 -12.36 -2.45 -8.14
CA SER B 437 -11.15 -3.27 -8.15
C SER B 437 -10.83 -3.69 -9.56
N GLU B 438 -9.58 -3.47 -9.97
CA GLU B 438 -9.07 -3.93 -11.26
C GLU B 438 -8.13 -5.10 -11.04
N SER B 439 -8.39 -6.21 -11.72
CA SER B 439 -7.45 -7.31 -11.83
C SER B 439 -6.84 -7.37 -13.22
N HIS B 440 -5.52 -7.31 -13.27
CA HIS B 440 -4.77 -7.65 -14.47
C HIS B 440 -4.28 -9.09 -14.31
N GLN B 441 -4.76 -9.95 -15.21
CA GLN B 441 -4.54 -11.39 -15.13
C GLN B 441 -3.74 -11.84 -16.32
N ALA B 442 -2.64 -12.54 -16.06
CA ALA B 442 -1.71 -13.00 -17.08
C ALA B 442 -1.57 -14.51 -17.01
N ASN B 443 -1.61 -15.16 -18.17
CA ASN B 443 -1.50 -16.60 -18.24
C ASN B 443 -0.66 -16.98 -19.46
N VAL B 444 0.62 -17.23 -19.21
CA VAL B 444 1.59 -17.61 -20.23
C VAL B 444 1.99 -19.05 -20.02
N ASN B 445 2.00 -19.83 -21.11
CA ASN B 445 2.25 -21.27 -21.11
C ASN B 445 2.91 -21.58 -22.43
N GLY B 446 4.11 -22.17 -22.40
CA GLY B 446 4.76 -22.67 -23.59
C GLY B 446 4.89 -24.17 -23.49
N PHE B 447 5.42 -24.77 -24.57
CA PHE B 447 5.87 -26.16 -24.51
C PHE B 447 6.83 -26.47 -25.65
N ALA B 448 7.65 -27.50 -25.43
CA ALA B 448 8.53 -28.05 -26.44
C ALA B 448 8.37 -29.56 -26.48
N GLN B 449 8.33 -30.10 -27.69
CA GLN B 449 8.12 -31.52 -27.93
C GLN B 449 9.19 -31.99 -28.91
N ILE B 450 10.35 -32.35 -28.35
CA ILE B 450 11.46 -32.96 -29.09
C ILE B 450 11.16 -34.43 -29.33
N THR B 451 11.39 -34.90 -30.56
CA THR B 451 11.29 -36.32 -30.94
C THR B 451 12.60 -36.83 -31.53
N PRO B 452 13.58 -37.31 -30.70
CA PRO B 452 14.92 -37.63 -31.23
C PRO B 452 15.07 -38.91 -32.05
N ILE B 453 14.45 -39.99 -31.58
CA ILE B 453 14.47 -41.27 -32.29
C ILE B 453 13.08 -41.87 -32.23
N LYS B 454 12.82 -42.83 -33.10
CA LYS B 454 11.47 -43.35 -33.23
C LYS B 454 10.96 -43.90 -31.91
N GLY B 455 9.84 -43.35 -31.43
CA GLY B 455 9.13 -43.86 -30.29
C GLY B 455 9.12 -42.95 -29.07
N LEU B 456 10.15 -42.14 -28.85
CA LEU B 456 10.15 -41.37 -27.61
C LEU B 456 9.78 -39.92 -27.83
N THR B 457 9.11 -39.35 -26.82
CA THR B 457 8.58 -38.00 -26.85
C THR B 457 8.91 -37.26 -25.55
N LEU B 458 9.91 -36.38 -25.63
CA LEU B 458 10.29 -35.46 -24.58
C LEU B 458 9.43 -34.20 -24.67
N LYS B 459 8.65 -33.90 -23.63
CA LYS B 459 7.81 -32.69 -23.61
C LYS B 459 8.15 -31.84 -22.39
N ALA B 460 8.61 -30.60 -22.63
CA ALA B 460 8.87 -29.64 -21.57
C ALA B 460 7.87 -28.50 -21.61
N GLN B 461 7.26 -28.19 -20.45
CA GLN B 461 6.18 -27.21 -20.36
C GLN B 461 6.37 -26.32 -19.13
N ALA B 462 6.00 -25.06 -19.27
CA ALA B 462 6.22 -24.07 -18.22
C ALA B 462 5.21 -22.93 -18.41
N GLY B 463 4.97 -22.21 -17.32
CA GLY B 463 4.04 -21.09 -17.39
C GLY B 463 3.98 -20.34 -16.08
N VAL B 464 3.51 -19.10 -16.16
CA VAL B 464 3.28 -18.28 -14.99
C VAL B 464 1.79 -18.00 -14.94
N ASP B 465 1.33 -17.47 -13.81
CA ASP B 465 -0.07 -17.24 -13.64
C ASP B 465 -0.16 -16.03 -12.72
N ILE B 466 0.28 -14.86 -13.22
CA ILE B 466 0.41 -13.66 -12.41
C ILE B 466 -0.93 -12.94 -12.28
N THR B 467 -1.24 -12.47 -11.05
CA THR B 467 -2.42 -11.66 -10.79
C THR B 467 -2.05 -10.48 -9.91
N ASN B 468 -2.02 -9.30 -10.51
CA ASN B 468 -1.90 -8.05 -9.79
C ASN B 468 -3.29 -7.44 -9.73
N THR B 469 -3.79 -7.25 -8.52
CA THR B 469 -5.11 -6.68 -8.30
C THR B 469 -5.05 -5.46 -7.39
N ARG B 470 -5.78 -4.43 -7.79
CA ARG B 470 -5.68 -3.13 -7.18
C ARG B 470 -7.09 -2.69 -6.78
N THR B 471 -7.28 -2.35 -5.51
CA THR B 471 -8.64 -2.21 -5.00
C THR B 471 -8.76 -0.89 -4.22
N SER B 472 -9.89 -0.20 -4.40
CA SER B 472 -10.12 1.07 -3.73
C SER B 472 -11.49 1.11 -3.06
N SER B 473 -11.55 1.81 -1.92
CA SER B 473 -12.71 1.86 -1.05
C SER B 473 -12.73 3.20 -0.31
N LYS B 474 -13.92 3.83 -0.25
CA LYS B 474 -14.10 5.11 0.45
C LYS B 474 -15.30 5.08 1.38
N ARG B 475 -15.28 6.02 2.31
CA ARG B 475 -16.38 6.36 3.21
C ARG B 475 -16.59 7.86 3.04
N MET B 476 -17.57 8.24 2.21
CA MET B 476 -17.65 9.58 1.63
C MET B 476 -17.91 10.64 2.68
N PRO B 477 -17.21 11.76 2.65
CA PRO B 477 -17.33 12.76 3.71
C PRO B 477 -18.57 13.60 3.53
N ASN B 478 -18.90 14.32 4.60
CA ASN B 478 -20.00 15.28 4.61
C ASN B 478 -21.34 14.63 4.37
N ASN B 479 -21.49 13.29 4.59
CA ASN B 479 -22.88 12.84 4.36
C ASN B 479 -23.63 12.76 5.69
N PRO B 480 -24.80 13.40 5.78
CA PRO B 480 -25.42 13.67 7.09
C PRO B 480 -26.05 12.46 7.75
N TYR B 481 -26.08 11.32 7.09
CA TYR B 481 -26.60 10.11 7.69
C TYR B 481 -25.50 9.18 8.18
N ASP B 482 -24.31 9.71 8.41
CA ASP B 482 -23.17 8.99 8.94
C ASP B 482 -22.87 9.47 10.36
N SER B 483 -21.94 8.78 11.01
CA SER B 483 -21.57 9.16 12.37
C SER B 483 -20.76 10.45 12.38
N THR B 484 -19.80 10.57 11.47
CA THR B 484 -18.95 11.73 11.35
C THR B 484 -19.04 12.31 9.95
N PRO B 485 -18.74 13.60 9.79
CA PRO B 485 -18.60 14.17 8.45
C PRO B 485 -17.27 13.86 7.80
N LEU B 486 -16.36 13.21 8.54
CA LEU B 486 -15.01 12.93 8.08
C LEU B 486 -14.98 11.67 7.23
N GLY B 487 -14.21 11.70 6.15
CA GLY B 487 -14.17 10.61 5.21
C GLY B 487 -12.96 9.72 5.44
N GLU B 488 -13.06 8.50 4.91
CA GLU B 488 -12.00 7.51 4.98
C GLU B 488 -11.77 6.94 3.59
N ARG B 489 -10.57 6.38 3.37
CA ARG B 489 -10.22 5.75 2.10
C ARG B 489 -9.25 4.63 2.34
N ARG B 490 -9.45 3.49 1.68
CA ARG B 490 -8.62 2.30 1.90
C ARG B 490 -8.23 1.75 0.54
N GLU B 491 -6.93 1.79 0.24
CA GLU B 491 -6.37 1.26 -1.00
C GLU B 491 -5.58 0.01 -0.68
N ARG B 492 -5.84 -1.06 -1.42
CA ARG B 492 -5.07 -2.29 -1.30
C ARG B 492 -4.58 -2.73 -2.66
N ALA B 493 -3.48 -3.51 -2.62
CA ALA B 493 -2.84 -4.07 -3.80
C ALA B 493 -2.48 -5.51 -3.48
N TYR B 494 -2.73 -6.39 -4.45
CA TYR B 494 -2.63 -7.84 -4.30
C TYR B 494 -1.73 -8.36 -5.40
N ARG B 495 -0.99 -9.42 -5.10
CA ARG B 495 -0.09 -10.03 -6.07
C ARG B 495 -0.09 -11.54 -5.84
N ASP B 496 -0.43 -12.28 -6.87
CA ASP B 496 -0.34 -13.73 -6.89
C ASP B 496 0.48 -14.10 -8.11
N VAL B 497 1.62 -14.74 -7.91
CA VAL B 497 2.39 -15.30 -9.01
C VAL B 497 2.59 -16.77 -8.70
N SER B 498 2.13 -17.62 -9.62
CA SER B 498 2.29 -19.07 -9.44
C SER B 498 2.90 -19.63 -10.72
N LYS B 499 4.14 -20.07 -10.64
CA LYS B 499 4.82 -20.70 -11.75
C LYS B 499 4.78 -22.21 -11.59
N SER B 500 4.86 -22.91 -12.71
CA SER B 500 4.94 -24.37 -12.66
C SER B 500 5.59 -24.88 -13.93
N PHE B 501 6.59 -25.72 -13.74
CA PHE B 501 7.28 -26.43 -14.80
C PHE B 501 6.89 -27.90 -14.64
N THR B 502 6.70 -28.57 -15.77
CA THR B 502 6.25 -29.97 -15.72
C THR B 502 6.65 -30.63 -17.05
N ASN B 503 7.82 -31.26 -17.03
CA ASN B 503 8.44 -31.87 -18.20
C ASN B 503 8.58 -33.38 -18.07
N THR B 504 8.45 -34.06 -19.22
CA THR B 504 8.21 -35.50 -19.34
C THR B 504 9.12 -36.13 -20.38
N ALA B 505 9.41 -37.41 -20.21
CA ALA B 505 10.02 -38.21 -21.28
C ALA B 505 9.23 -39.51 -21.41
N GLU B 506 8.85 -39.86 -22.63
CA GLU B 506 7.91 -40.96 -22.87
C GLU B 506 8.39 -41.85 -24.00
N TYR B 507 8.54 -43.15 -23.73
CA TYR B 507 9.03 -44.15 -24.68
C TYR B 507 7.92 -45.15 -25.00
N LYS B 508 7.49 -45.18 -26.26
CA LYS B 508 6.57 -46.20 -26.74
C LYS B 508 7.30 -47.12 -27.70
N PHE B 509 7.17 -48.43 -27.50
CA PHE B 509 7.79 -49.39 -28.38
C PHE B 509 6.92 -50.65 -28.45
N SER B 510 7.33 -51.61 -29.27
CA SER B 510 6.62 -52.88 -29.36
C SER B 510 7.60 -54.02 -29.55
N ILE B 511 7.38 -55.11 -28.82
CA ILE B 511 8.26 -56.28 -28.88
C ILE B 511 7.63 -57.39 -29.72
N ASP B 512 6.50 -57.13 -30.34
CA ASP B 512 5.83 -58.10 -31.20
C ASP B 512 4.71 -57.37 -31.94
N GLU B 513 3.85 -58.15 -32.61
CA GLU B 513 2.62 -57.60 -33.15
C GLU B 513 1.52 -57.60 -32.11
N LYS B 514 1.75 -58.26 -30.97
CA LYS B 514 0.74 -58.43 -29.93
C LYS B 514 1.10 -57.79 -28.59
N HIS B 515 2.26 -57.15 -28.46
CA HIS B 515 2.66 -56.55 -27.19
C HIS B 515 3.05 -55.09 -27.41
N ASP B 516 2.20 -54.19 -26.93
CA ASP B 516 2.44 -52.75 -26.97
C ASP B 516 2.85 -52.31 -25.59
N LEU B 517 3.96 -51.58 -25.50
CA LEU B 517 4.47 -51.07 -24.23
C LEU B 517 4.62 -49.56 -24.30
N THR B 518 4.28 -48.87 -23.21
CA THR B 518 4.44 -47.43 -23.13
C THR B 518 4.98 -47.07 -21.77
N ALA B 519 6.12 -46.39 -21.74
CA ALA B 519 6.76 -45.93 -20.52
C ALA B 519 6.86 -44.43 -20.56
N LEU B 520 6.67 -43.80 -19.41
CA LEU B 520 6.70 -42.36 -19.30
C LEU B 520 6.99 -42.03 -17.85
N MET B 521 7.95 -41.16 -17.61
CA MET B 521 8.10 -40.63 -16.27
C MET B 521 8.35 -39.13 -16.39
N GLY B 522 8.16 -38.42 -15.27
CA GLY B 522 8.26 -36.99 -15.40
C GLY B 522 8.54 -36.30 -14.09
N HIS B 523 8.85 -35.01 -14.21
CA HIS B 523 9.18 -34.12 -13.11
C HIS B 523 8.20 -32.96 -13.11
N GLU B 524 7.94 -32.43 -11.92
CA GLU B 524 7.04 -31.30 -11.81
C GLU B 524 7.39 -30.51 -10.56
N TYR B 525 7.62 -29.21 -10.73
CA TYR B 525 7.78 -28.26 -9.63
C TYR B 525 6.66 -27.24 -9.75
N ILE B 526 5.88 -27.09 -8.68
CA ILE B 526 4.81 -26.11 -8.58
C ILE B 526 5.19 -25.12 -7.49
N GLU B 527 5.14 -23.84 -7.83
CA GLU B 527 5.46 -22.79 -6.88
C GLU B 527 4.28 -21.81 -6.83
N TYR B 528 4.02 -21.26 -5.65
CA TYR B 528 3.06 -20.17 -5.50
C TYR B 528 3.65 -19.14 -4.54
N GLU B 529 3.56 -17.88 -4.92
CA GLU B 529 4.02 -16.76 -4.11
C GLU B 529 2.87 -15.77 -4.12
N GLY B 530 2.28 -15.53 -2.95
CA GLY B 530 1.21 -14.57 -2.83
C GLY B 530 1.60 -13.51 -1.81
N ASP B 531 0.83 -12.44 -1.80
CA ASP B 531 1.21 -11.18 -1.17
C ASP B 531 0.03 -10.22 -1.23
N VAL B 532 -0.25 -9.53 -0.12
CA VAL B 532 -1.34 -8.58 -0.01
C VAL B 532 -0.91 -7.40 0.85
N ILE B 533 -1.07 -6.20 0.31
CA ILE B 533 -0.62 -4.96 0.92
C ILE B 533 -1.79 -4.00 0.88
N GLY B 534 -2.00 -3.28 1.99
CA GLY B 534 -3.09 -2.33 2.05
C GLY B 534 -2.89 -1.23 3.05
N ALA B 535 -3.22 0.02 2.67
CA ALA B 535 -3.07 1.20 3.50
C ALA B 535 -4.37 2.02 3.46
N SER B 536 -4.66 2.73 4.56
CA SER B 536 -5.91 3.49 4.71
C SER B 536 -5.71 4.73 5.59
N SER B 537 -6.49 5.78 5.27
CA SER B 537 -6.46 7.07 5.94
C SER B 537 -7.88 7.52 6.30
N LYS B 538 -7.97 8.49 7.21
CA LYS B 538 -9.27 9.01 7.57
C LYS B 538 -9.15 10.44 8.07
N GLY B 539 -10.30 11.14 8.11
CA GLY B 539 -10.36 12.54 8.48
C GLY B 539 -10.61 13.52 7.34
N PHE B 540 -10.83 13.02 6.11
CA PHE B 540 -11.04 13.87 4.94
C PHE B 540 -12.24 14.78 5.10
N GLU B 541 -12.15 16.00 4.56
CA GLU B 541 -13.27 16.94 4.59
C GLU B 541 -13.57 17.53 3.20
N SER B 542 -13.38 16.75 2.12
CA SER B 542 -13.64 17.21 0.77
C SER B 542 -13.60 16.06 -0.22
N ASP B 543 -14.62 15.95 -1.06
CA ASP B 543 -14.62 14.95 -2.14
C ASP B 543 -13.31 14.95 -2.90
N LYS B 544 -12.79 16.14 -3.15
CA LYS B 544 -11.70 16.40 -4.06
C LYS B 544 -10.31 16.33 -3.42
N LEU B 545 -10.25 16.11 -2.11
CA LEU B 545 -8.99 16.07 -1.37
C LEU B 545 -8.94 14.76 -0.59
N MET B 546 -8.82 13.64 -1.30
CA MET B 546 -9.01 12.33 -0.69
C MET B 546 -7.88 11.33 -0.98
N LEU B 547 -6.79 11.79 -1.59
CA LEU B 547 -5.52 11.09 -1.53
C LEU B 547 -5.23 10.55 -0.14
N LEU B 548 -4.73 9.30 -0.11
CA LEU B 548 -4.35 8.70 1.17
C LEU B 548 -3.36 9.57 1.91
N SER B 549 -2.41 10.17 1.18
CA SER B 549 -1.35 10.99 1.78
C SER B 549 -1.86 12.28 2.39
N GLN B 550 -3.15 12.58 2.27
CA GLN B 550 -3.72 13.81 2.77
C GLN B 550 -4.59 13.63 4.02
N GLY B 551 -4.49 12.47 4.70
CA GLY B 551 -5.34 12.22 5.84
C GLY B 551 -4.89 12.97 7.07
N LYS B 552 -5.73 12.97 8.10
CA LYS B 552 -5.28 13.48 9.39
C LYS B 552 -4.21 12.55 9.97
N THR B 553 -3.32 13.11 10.80
CA THR B 553 -2.19 12.39 11.37
C THR B 553 -2.16 12.60 12.88
N GLY B 554 -2.46 11.56 13.63
CA GLY B 554 -2.37 11.64 15.06
C GLY B 554 -3.15 10.46 15.54
N ASN B 555 -4.22 10.70 16.25
CA ASN B 555 -5.03 9.57 16.62
C ASN B 555 -5.80 9.03 15.46
N SER B 556 -5.61 9.50 14.24
CA SER B 556 -6.38 9.04 13.10
C SER B 556 -5.57 8.13 12.20
N LEU B 557 -4.29 7.93 12.50
CA LEU B 557 -3.39 7.10 11.71
C LEU B 557 -3.62 5.62 12.03
N SER B 558 -3.26 4.76 11.08
CA SER B 558 -3.50 3.31 11.22
C SER B 558 -2.25 2.51 10.87
N LEU B 559 -2.19 1.29 11.37
CA LEU B 559 -1.24 0.34 10.84
C LEU B 559 -1.68 -0.14 9.47
N PRO B 560 -0.75 -0.27 8.53
CA PRO B 560 -1.08 -0.86 7.22
C PRO B 560 -1.59 -2.28 7.38
N GLU B 561 -2.06 -2.83 6.26
CA GLU B 561 -2.44 -4.24 6.18
C GLU B 561 -1.37 -4.97 5.37
N HIS B 562 -0.90 -6.11 5.87
CA HIS B 562 0.17 -6.84 5.17
C HIS B 562 0.07 -8.34 5.41
N ARG B 563 0.01 -9.12 4.33
CA ARG B 563 -0.09 -10.58 4.43
C ARG B 563 0.66 -11.25 3.28
N VAL B 564 1.43 -12.27 3.61
CA VAL B 564 2.20 -12.98 2.60
C VAL B 564 1.87 -14.47 2.75
N ALA B 565 1.97 -15.20 1.64
CA ALA B 565 1.73 -16.63 1.68
C ALA B 565 2.34 -17.26 0.44
N GLU B 566 3.07 -18.34 0.64
CA GLU B 566 3.68 -19.07 -0.44
C GLU B 566 3.54 -20.55 -0.14
N TYR B 567 3.53 -21.37 -1.19
CA TYR B 567 3.63 -22.83 -1.07
C TYR B 567 4.43 -23.37 -2.25
N ALA B 568 4.73 -24.66 -2.20
CA ALA B 568 5.56 -25.28 -3.23
C ALA B 568 5.37 -26.80 -3.21
N TYR B 569 5.54 -27.39 -4.40
CA TYR B 569 5.35 -28.81 -4.63
C TYR B 569 6.48 -29.30 -5.53
N LEU B 570 7.14 -30.37 -5.10
CA LEU B 570 8.10 -31.13 -5.91
C LEU B 570 7.62 -32.57 -6.00
N SER B 571 7.65 -33.13 -7.20
CA SER B 571 7.07 -34.44 -7.44
C SER B 571 7.74 -35.14 -8.63
N PHE B 572 7.93 -36.45 -8.49
CA PHE B 572 8.39 -37.32 -9.57
C PHE B 572 7.37 -38.42 -9.75
N PHE B 573 6.99 -38.67 -11.01
CA PHE B 573 5.94 -39.60 -11.34
C PHE B 573 6.34 -40.48 -12.51
N SER B 574 5.64 -41.60 -12.64
CA SER B 574 5.86 -42.55 -13.71
C SER B 574 4.54 -43.21 -14.04
N ARG B 575 4.45 -43.79 -15.23
CA ARG B 575 3.21 -44.39 -15.69
C ARG B 575 3.49 -45.30 -16.89
N PHE B 576 3.03 -46.54 -16.81
CA PHE B 576 3.29 -47.52 -17.86
C PHE B 576 1.98 -48.08 -18.40
N ASN B 577 2.04 -48.56 -19.65
CA ASN B 577 0.86 -49.06 -20.37
C ASN B 577 1.23 -50.35 -21.09
N TYR B 578 0.64 -51.48 -20.67
CA TYR B 578 0.82 -52.74 -21.36
C TYR B 578 -0.45 -53.11 -22.10
N GLY B 579 -0.30 -53.47 -23.38
CA GLY B 579 -1.43 -53.85 -24.20
C GLY B 579 -1.16 -55.11 -25.02
N PHE B 580 -1.89 -56.18 -24.70
CA PHE B 580 -1.73 -57.46 -25.39
C PHE B 580 -2.90 -57.75 -26.32
N ASP B 581 -2.60 -58.00 -27.59
CA ASP B 581 -3.56 -58.39 -28.62
C ASP B 581 -4.72 -57.41 -28.78
N LYS B 582 -4.58 -56.21 -28.22
CA LYS B 582 -5.59 -55.15 -28.31
C LYS B 582 -6.91 -55.56 -27.66
N TRP B 583 -6.85 -56.40 -26.63
CA TRP B 583 -8.06 -56.75 -25.88
C TRP B 583 -7.79 -56.65 -24.39
N MET B 584 -6.57 -56.96 -23.97
CA MET B 584 -6.19 -56.86 -22.57
C MET B 584 -5.22 -55.69 -22.39
N TYR B 585 -5.56 -54.76 -21.48
CA TYR B 585 -4.76 -53.57 -21.23
C TYR B 585 -4.56 -53.34 -19.74
N ILE B 586 -3.30 -53.20 -19.32
CA ILE B 586 -2.93 -52.95 -17.92
C ILE B 586 -2.14 -51.64 -17.80
N ASP B 587 -2.39 -50.91 -16.71
CA ASP B 587 -1.72 -49.65 -16.42
C ASP B 587 -1.26 -49.63 -14.98
N PHE B 588 0.00 -49.27 -14.79
CA PHE B 588 0.67 -49.24 -13.50
C PHE B 588 1.30 -47.86 -13.34
N SER B 589 1.40 -47.39 -12.09
CA SER B 589 1.96 -46.07 -11.81
C SER B 589 2.49 -45.97 -10.39
N VAL B 590 3.62 -45.28 -10.25
CA VAL B 590 4.23 -44.96 -8.97
C VAL B 590 4.66 -43.51 -9.05
N ARG B 591 4.64 -42.84 -7.89
CA ARG B 591 4.93 -41.41 -7.84
C ARG B 591 5.25 -41.05 -6.40
N ASN B 592 5.96 -39.93 -6.26
CA ASN B 592 6.26 -39.37 -4.96
C ASN B 592 6.03 -37.86 -5.02
N ASP B 593 5.22 -37.36 -4.09
CA ASP B 593 4.89 -35.95 -3.99
C ASP B 593 5.52 -35.39 -2.72
N GLN B 594 6.00 -34.14 -2.80
CA GLN B 594 6.61 -33.44 -1.67
C GLN B 594 6.00 -32.05 -1.57
N SER B 595 5.40 -31.72 -0.42
CA SER B 595 4.72 -30.44 -0.28
C SER B 595 5.36 -29.58 0.80
N SER B 596 5.51 -28.29 0.48
CA SER B 596 5.98 -27.26 1.40
C SER B 596 5.12 -27.12 2.64
N ARG B 597 3.92 -27.69 2.62
CA ARG B 597 2.97 -27.51 3.69
C ARG B 597 3.22 -28.46 4.84
N PHE B 598 4.26 -29.29 4.74
CA PHE B 598 4.59 -30.23 5.80
C PHE B 598 6.06 -30.05 6.16
N GLY B 599 6.42 -30.41 7.39
CA GLY B 599 7.80 -30.28 7.84
C GLY B 599 8.74 -31.16 7.03
N SER B 600 10.05 -30.89 7.18
CA SER B 600 11.07 -31.56 6.37
C SER B 600 11.01 -33.07 6.52
N ASN B 601 10.75 -33.55 7.73
CA ASN B 601 10.73 -34.98 7.99
C ASN B 601 9.42 -35.66 7.61
N ASN B 602 8.46 -34.94 7.03
CA ASN B 602 7.21 -35.60 6.70
C ASN B 602 6.58 -35.09 5.41
N ARG B 603 7.30 -34.39 4.56
CA ARG B 603 6.62 -33.77 3.45
C ARG B 603 6.57 -34.66 2.21
N SER B 604 7.17 -35.86 2.26
CA SER B 604 7.13 -36.75 1.11
C SER B 604 6.20 -37.92 1.34
N ALA B 605 5.69 -38.45 0.24
CA ALA B 605 4.74 -39.55 0.28
C ALA B 605 4.68 -40.24 -1.08
N TRP B 606 4.53 -41.54 -1.06
CA TRP B 606 4.54 -42.38 -2.25
C TRP B 606 3.12 -42.86 -2.54
N PHE B 607 2.76 -42.84 -3.82
CA PHE B 607 1.44 -43.22 -4.27
C PHE B 607 1.59 -44.10 -5.49
N TYR B 608 0.66 -45.02 -5.64
CA TYR B 608 0.71 -45.98 -6.74
C TYR B 608 -0.70 -46.19 -7.30
N SER B 609 -0.78 -46.97 -8.38
CA SER B 609 -2.07 -47.29 -8.97
C SER B 609 -1.90 -48.46 -9.93
N VAL B 610 -2.85 -49.37 -9.91
CA VAL B 610 -2.93 -50.45 -10.89
C VAL B 610 -4.32 -50.42 -11.51
N GLY B 611 -4.39 -50.86 -12.77
CA GLY B 611 -5.64 -50.80 -13.50
C GLY B 611 -5.59 -51.71 -14.71
N GLY B 612 -6.73 -52.22 -15.07
CA GLY B 612 -6.81 -53.08 -16.23
C GLY B 612 -8.13 -52.88 -16.94
N MET B 613 -8.08 -52.88 -18.26
CA MET B 613 -9.28 -52.84 -19.06
C MET B 613 -9.29 -54.09 -19.92
N PHE B 614 -10.45 -54.73 -20.01
CA PHE B 614 -10.57 -56.00 -20.70
C PHE B 614 -11.68 -55.86 -21.71
N ASP B 615 -11.34 -56.01 -22.99
CA ASP B 615 -12.28 -55.77 -24.07
C ASP B 615 -13.09 -57.03 -24.32
N ILE B 616 -14.11 -57.23 -23.46
CA ILE B 616 -14.93 -58.44 -23.56
C ILE B 616 -15.54 -58.56 -24.96
N TYR B 617 -15.94 -57.43 -25.56
CA TYR B 617 -16.55 -57.51 -26.87
C TYR B 617 -15.59 -58.09 -27.90
N ASN B 618 -14.42 -57.46 -28.10
CA ASN B 618 -13.54 -57.87 -29.19
C ASN B 618 -12.77 -59.16 -28.93
N LYS B 619 -12.99 -59.87 -27.84
CA LYS B 619 -12.27 -61.12 -27.67
C LYS B 619 -13.21 -62.30 -27.55
N PHE B 620 -14.21 -62.19 -26.70
CA PHE B 620 -15.05 -63.32 -26.36
C PHE B 620 -16.36 -63.30 -27.14
N ILE B 621 -16.62 -62.25 -27.92
CA ILE B 621 -17.79 -62.12 -28.77
C ILE B 621 -17.46 -61.33 -30.04
N GLN B 622 -16.96 -62.01 -31.08
CA GLN B 622 -16.49 -61.29 -32.27
C GLN B 622 -17.56 -60.36 -32.85
N GLU B 623 -18.83 -60.78 -32.81
CA GLU B 623 -19.89 -59.95 -33.38
C GLU B 623 -21.23 -60.36 -32.81
N SER B 624 -22.06 -59.36 -32.51
CA SER B 624 -23.42 -59.54 -32.04
C SER B 624 -24.36 -58.59 -32.77
N ASN B 625 -25.59 -59.06 -32.98
CA ASN B 625 -26.56 -58.35 -33.79
C ASN B 625 -27.19 -57.18 -33.06
N TRP B 626 -26.89 -57.01 -31.77
CA TRP B 626 -27.35 -55.85 -31.01
C TRP B 626 -26.29 -55.21 -30.12
N LEU B 627 -25.25 -55.94 -29.72
CA LEU B 627 -24.19 -55.36 -28.89
C LEU B 627 -23.08 -54.81 -29.78
N SER B 628 -22.72 -53.56 -29.55
CA SER B 628 -21.75 -52.86 -30.37
C SER B 628 -20.40 -52.73 -29.69
N ASP B 629 -20.39 -52.56 -28.38
CA ASP B 629 -19.16 -52.30 -27.66
C ASP B 629 -19.35 -52.75 -26.21
N LEU B 630 -18.37 -53.48 -25.69
CA LEU B 630 -18.44 -53.94 -24.30
C LEU B 630 -17.02 -54.03 -23.73
N ARG B 631 -16.75 -53.16 -22.75
CA ARG B 631 -15.44 -53.04 -22.13
C ARG B 631 -15.63 -53.07 -20.61
N LEU B 632 -14.71 -53.76 -19.95
CA LEU B 632 -14.71 -53.91 -18.50
C LEU B 632 -13.42 -53.30 -17.97
N LYS B 633 -13.55 -52.33 -17.09
CA LYS B 633 -12.40 -51.65 -16.51
C LYS B 633 -12.38 -51.85 -15.01
N MET B 634 -11.19 -51.70 -14.42
CA MET B 634 -11.03 -51.96 -13.01
C MET B 634 -9.71 -51.37 -12.55
N SER B 635 -9.70 -50.76 -11.37
CA SER B 635 -8.54 -50.02 -10.95
C SER B 635 -8.44 -49.98 -9.43
N TYR B 636 -7.21 -50.04 -8.93
CA TYR B 636 -6.88 -49.74 -7.55
C TYR B 636 -5.67 -48.80 -7.53
N GLY B 637 -5.62 -47.93 -6.53
CA GLY B 637 -4.54 -46.98 -6.44
C GLY B 637 -4.68 -46.14 -5.18
N THR B 638 -3.57 -45.48 -4.82
CA THR B 638 -3.53 -44.55 -3.70
C THR B 638 -3.16 -43.16 -4.19
N THR B 639 -3.64 -42.14 -3.48
CA THR B 639 -3.56 -40.75 -3.91
C THR B 639 -3.31 -39.81 -2.73
N GLY B 640 -2.70 -38.67 -3.00
CA GLY B 640 -2.48 -37.68 -1.98
C GLY B 640 -3.49 -36.55 -1.99
N ASN B 641 -3.73 -35.98 -0.81
CA ASN B 641 -4.55 -34.81 -0.65
C ASN B 641 -3.81 -33.84 0.24
N SER B 642 -3.61 -32.61 -0.25
CA SER B 642 -2.82 -31.64 0.52
C SER B 642 -3.52 -30.28 0.70
N GLU B 643 -4.77 -30.14 0.27
CA GLU B 643 -5.42 -28.83 0.34
C GLU B 643 -5.61 -28.42 1.79
N ILE B 644 -4.59 -27.81 2.37
CA ILE B 644 -4.76 -27.17 3.67
C ILE B 644 -3.96 -25.89 3.65
N GLY B 645 -3.80 -25.27 4.83
CA GLY B 645 -3.10 -24.00 4.93
C GLY B 645 -1.70 -24.10 4.40
N ASN B 646 -0.96 -23.00 4.40
CA ASN B 646 0.44 -23.09 3.99
C ASN B 646 1.41 -23.26 5.15
N TYR B 647 1.03 -22.88 6.36
CA TYR B 647 1.93 -22.79 7.49
C TYR B 647 1.38 -23.53 8.72
N ASN B 648 0.78 -24.71 8.52
CA ASN B 648 -0.01 -25.34 9.58
C ASN B 648 0.75 -26.40 10.38
N HIS B 649 2.06 -26.41 10.35
CA HIS B 649 2.74 -27.36 11.24
C HIS B 649 3.61 -26.68 12.28
N GLN B 650 4.35 -25.62 11.89
CA GLN B 650 5.23 -24.91 12.82
C GLN B 650 4.52 -24.56 14.13
N ALA B 651 5.28 -24.46 15.22
CA ALA B 651 4.74 -24.04 16.52
C ALA B 651 5.30 -22.65 16.77
N LEU B 652 4.45 -21.65 16.57
CA LEU B 652 4.83 -20.28 16.24
C LEU B 652 4.40 -19.26 17.28
N VAL B 653 5.11 -18.14 17.19
CA VAL B 653 4.90 -16.92 17.96
C VAL B 653 4.50 -15.81 16.98
N THR B 654 3.62 -14.91 17.43
CA THR B 654 3.39 -13.67 16.67
C THR B 654 3.49 -12.48 17.61
N VAL B 655 3.48 -11.24 17.07
CA VAL B 655 3.60 -10.07 17.92
C VAL B 655 2.21 -9.72 18.40
N ASN B 656 2.13 -9.28 19.65
CA ASN B 656 0.94 -8.86 20.37
C ASN B 656 1.42 -7.77 21.31
N ASN B 657 1.58 -6.57 20.77
CA ASN B 657 2.16 -5.48 21.54
C ASN B 657 1.22 -5.00 22.63
N TYR B 658 1.77 -4.77 23.83
CA TYR B 658 1.02 -4.25 24.95
C TYR B 658 1.06 -2.73 25.08
N THR B 659 2.22 -2.09 24.93
CA THR B 659 2.28 -0.64 24.86
C THR B 659 2.87 -0.24 23.51
N GLU B 660 3.37 0.99 23.39
CA GLU B 660 3.90 1.53 22.15
C GLU B 660 5.42 1.65 22.13
N ASP B 661 6.10 1.37 23.25
CA ASP B 661 7.54 1.57 23.38
C ASP B 661 8.36 0.28 23.40
N ALA B 662 7.71 -0.88 23.42
CA ALA B 662 8.37 -2.18 23.49
C ALA B 662 7.54 -3.20 22.74
N MET B 663 8.21 -4.24 22.22
CA MET B 663 7.51 -5.30 21.51
C MET B 663 7.00 -6.35 22.50
N GLY B 664 5.88 -6.98 22.12
CA GLY B 664 5.27 -8.01 22.92
C GLY B 664 5.06 -9.25 22.07
N LEU B 665 4.98 -10.39 22.74
CA LEU B 665 5.03 -11.67 22.05
C LEU B 665 4.07 -12.66 22.70
N SER B 666 3.20 -13.27 21.90
CA SER B 666 2.35 -14.32 22.41
C SER B 666 2.46 -15.57 21.55
N ILE B 667 2.04 -16.68 22.13
CA ILE B 667 2.04 -17.93 21.42
C ILE B 667 0.91 -17.89 20.41
N SER B 668 1.19 -18.26 19.17
CA SER B 668 0.22 -18.13 18.08
C SER B 668 -0.44 -19.44 17.70
N THR B 669 0.32 -20.48 17.48
CA THR B 669 -0.24 -21.70 16.93
C THR B 669 0.23 -22.90 17.75
N ALA B 670 -0.66 -23.90 17.86
CA ALA B 670 -0.44 -25.10 18.69
C ALA B 670 0.65 -25.97 18.14
N GLY B 671 0.41 -26.60 16.99
CA GLY B 671 1.48 -27.26 16.27
C GLY B 671 1.32 -28.73 16.02
N ASN B 672 1.91 -29.24 14.94
CA ASN B 672 1.91 -30.67 14.66
C ASN B 672 3.14 -31.03 13.84
N PRO B 673 4.28 -31.24 14.50
CA PRO B 673 5.53 -31.53 13.75
C PRO B 673 5.43 -32.72 12.82
N ASP B 674 4.45 -33.59 13.02
CA ASP B 674 4.26 -34.80 12.22
C ASP B 674 3.17 -34.67 11.17
N LEU B 675 2.57 -33.47 11.01
CA LEU B 675 1.52 -33.26 10.01
C LEU B 675 2.04 -33.62 8.64
N SER B 676 1.21 -34.28 7.84
CA SER B 676 1.71 -34.84 6.60
C SER B 676 0.54 -35.05 5.64
N TRP B 677 0.83 -35.65 4.48
CA TRP B 677 -0.16 -35.88 3.45
C TRP B 677 -1.34 -36.71 3.96
N GLU B 678 -2.51 -36.41 3.44
CA GLU B 678 -3.65 -37.28 3.63
C GLU B 678 -3.60 -38.36 2.57
N LYS B 679 -3.89 -39.58 2.97
CA LYS B 679 -3.57 -40.74 2.13
C LYS B 679 -4.89 -41.41 1.78
N GLN B 680 -5.35 -41.17 0.56
CA GLN B 680 -6.61 -41.68 0.08
C GLN B 680 -6.42 -42.86 -0.85
N SER B 681 -7.47 -43.67 -0.96
CA SER B 681 -7.40 -44.97 -1.62
C SER B 681 -8.73 -45.25 -2.30
N GLN B 682 -8.67 -45.81 -3.51
CA GLN B 682 -9.80 -45.94 -4.42
C GLN B 682 -9.81 -47.32 -5.05
N PHE B 683 -10.85 -48.11 -4.81
CA PHE B 683 -11.09 -49.29 -5.65
C PHE B 683 -12.26 -49.00 -6.56
N ASN B 684 -12.07 -49.19 -7.86
CA ASN B 684 -13.08 -48.80 -8.85
C ASN B 684 -13.28 -49.94 -9.83
N PHE B 685 -14.52 -50.42 -9.92
CA PHE B 685 -14.91 -51.48 -10.85
C PHE B 685 -15.91 -50.89 -11.81
N GLY B 686 -15.54 -50.81 -13.07
CA GLY B 686 -16.38 -50.15 -14.04
C GLY B 686 -16.79 -51.04 -15.19
N LEU B 687 -17.84 -50.63 -15.90
CA LEU B 687 -18.24 -51.31 -17.12
C LEU B 687 -18.89 -50.31 -18.05
N ALA B 688 -18.50 -50.33 -19.32
CA ALA B 688 -19.07 -49.49 -20.37
C ALA B 688 -19.60 -50.40 -21.47
N ALA B 689 -20.74 -50.04 -22.03
CA ALA B 689 -21.37 -50.88 -23.04
C ALA B 689 -21.96 -50.00 -24.13
N GLY B 690 -21.85 -50.47 -25.36
CA GLY B 690 -22.41 -49.76 -26.50
C GLY B 690 -23.43 -50.60 -27.22
N ALA B 691 -24.61 -50.03 -27.46
CA ALA B 691 -25.73 -50.80 -27.96
C ALA B 691 -26.15 -50.35 -29.36
N PHE B 692 -26.74 -51.32 -30.06
CA PHE B 692 -27.27 -51.16 -31.41
C PHE B 692 -26.17 -50.86 -32.43
N ASN B 693 -26.05 -49.61 -32.90
CA ASN B 693 -24.93 -49.26 -33.78
C ASN B 693 -24.23 -48.02 -33.21
N ASN B 694 -23.66 -48.21 -32.01
CA ASN B 694 -23.12 -47.13 -31.18
C ASN B 694 -24.08 -45.94 -31.14
N ARG B 695 -25.38 -46.25 -31.13
CA ARG B 695 -26.44 -45.29 -30.89
C ARG B 695 -27.10 -45.49 -29.51
N LEU B 696 -26.35 -46.06 -28.56
CA LEU B 696 -26.84 -46.31 -27.21
C LEU B 696 -25.69 -46.75 -26.32
N SER B 697 -25.24 -45.90 -25.41
CA SER B 697 -24.09 -46.18 -24.58
C SER B 697 -24.53 -46.21 -23.12
N ALA B 698 -23.77 -46.94 -22.31
CA ALA B 698 -23.92 -46.98 -20.86
C ALA B 698 -22.54 -47.06 -20.24
N GLU B 699 -22.38 -46.49 -19.05
CA GLU B 699 -21.19 -46.79 -18.27
C GLU B 699 -21.55 -46.75 -16.80
N VAL B 700 -21.43 -47.91 -16.15
CA VAL B 700 -21.62 -48.09 -14.72
C VAL B 700 -20.24 -48.24 -14.07
N ASP B 701 -20.06 -47.61 -12.92
CA ASP B 701 -18.85 -47.74 -12.11
C ASP B 701 -19.23 -47.87 -10.65
N PHE B 702 -18.73 -48.92 -10.01
CA PHE B 702 -18.80 -49.08 -8.56
C PHE B 702 -17.44 -48.71 -7.98
N TYR B 703 -17.45 -47.99 -6.86
CA TYR B 703 -16.21 -47.44 -6.32
C TYR B 703 -16.20 -47.52 -4.80
N VAL B 704 -15.00 -47.62 -4.23
CA VAL B 704 -14.77 -47.65 -2.78
C VAL B 704 -13.61 -46.72 -2.45
N ARG B 705 -13.94 -45.55 -1.90
CA ARG B 705 -12.99 -44.47 -1.67
C ARG B 705 -12.64 -44.46 -0.19
N THR B 706 -11.36 -44.58 0.12
CA THR B 706 -10.91 -44.66 1.51
C THR B 706 -9.89 -43.56 1.79
N THR B 707 -10.14 -42.79 2.85
CA THR B 707 -9.29 -41.68 3.30
C THR B 707 -8.73 -42.09 4.65
N ASN B 708 -7.45 -42.42 4.65
CA ASN B 708 -6.74 -42.74 5.88
C ASN B 708 -5.78 -41.59 6.14
N ASP B 709 -5.31 -41.48 7.38
CA ASP B 709 -4.42 -40.38 7.77
C ASP B 709 -5.08 -39.05 7.59
N MET B 710 -6.39 -39.00 7.77
CA MET B 710 -7.18 -37.89 7.26
C MET B 710 -6.78 -36.58 7.91
N LEU B 711 -6.61 -35.55 7.08
CA LEU B 711 -6.31 -34.22 7.58
C LEU B 711 -7.58 -33.65 8.19
N ILE B 712 -7.68 -33.69 9.51
CA ILE B 712 -8.75 -33.04 10.26
C ILE B 712 -8.16 -31.81 10.91
N ASP B 713 -8.87 -30.69 10.81
CA ASP B 713 -8.53 -29.49 11.57
C ASP B 713 -9.13 -29.62 12.97
N VAL B 714 -8.56 -30.53 13.76
CA VAL B 714 -9.29 -30.99 14.94
C VAL B 714 -9.67 -29.81 15.83
N PRO B 715 -10.93 -29.71 16.25
CA PRO B 715 -11.30 -28.72 17.25
C PRO B 715 -10.64 -29.03 18.58
N MET B 716 -10.24 -27.99 19.29
CA MET B 716 -9.57 -28.30 20.56
C MET B 716 -10.36 -27.73 21.72
N PRO B 717 -10.38 -28.40 22.87
CA PRO B 717 -11.08 -27.84 24.02
C PRO B 717 -10.51 -26.47 24.33
N TYR B 718 -11.39 -25.56 24.78
CA TYR B 718 -10.98 -24.19 25.01
C TYR B 718 -10.04 -24.05 26.19
N ILE B 719 -9.98 -25.02 27.09
CA ILE B 719 -8.94 -24.95 28.11
C ILE B 719 -7.56 -24.85 27.47
N SER B 720 -7.41 -25.32 26.24
CA SER B 720 -6.12 -25.30 25.57
C SER B 720 -5.68 -23.90 25.17
N GLY B 721 -6.62 -22.94 25.09
CA GLY B 721 -6.32 -21.57 24.71
C GLY B 721 -6.07 -21.38 23.24
N PHE B 722 -6.51 -22.34 22.42
CA PHE B 722 -6.39 -22.36 20.97
C PHE B 722 -7.76 -22.66 20.39
N PHE B 723 -7.88 -22.62 19.07
CA PHE B 723 -9.12 -23.03 18.44
C PHE B 723 -8.98 -24.36 17.73
N SER B 724 -7.89 -24.53 17.01
CA SER B 724 -7.69 -25.66 16.14
C SER B 724 -6.25 -26.08 16.17
N GLN B 725 -5.98 -27.22 15.54
CA GLN B 725 -4.66 -27.58 15.04
C GLN B 725 -4.80 -28.76 14.10
N TYR B 726 -4.36 -28.60 12.86
CA TYR B 726 -4.44 -29.70 11.91
C TYR B 726 -3.60 -30.86 12.41
N GLN B 727 -4.11 -32.09 12.25
CA GLN B 727 -3.43 -33.33 12.60
C GLN B 727 -3.88 -34.45 11.67
N ASN B 728 -2.97 -35.39 11.40
CA ASN B 728 -3.36 -36.55 10.60
C ASN B 728 -4.07 -37.51 11.52
N VAL B 729 -5.38 -37.37 11.57
CA VAL B 729 -6.17 -38.03 12.58
C VAL B 729 -7.49 -38.46 11.96
N GLY B 730 -7.90 -39.70 12.20
CA GLY B 730 -9.20 -40.16 11.76
C GLY B 730 -9.19 -40.83 10.41
N SER B 731 -10.39 -41.27 10.02
CA SER B 731 -10.58 -42.01 8.78
C SER B 731 -12.03 -41.88 8.30
N MET B 732 -12.23 -42.21 7.03
CA MET B 732 -13.53 -42.04 6.40
C MET B 732 -13.66 -42.99 5.21
N LYS B 733 -14.91 -43.33 4.86
CA LYS B 733 -15.19 -44.12 3.67
C LYS B 733 -16.29 -43.48 2.82
N ASN B 734 -16.16 -43.65 1.50
CA ASN B 734 -17.15 -43.26 0.48
C ASN B 734 -17.45 -44.45 -0.44
N THR B 735 -18.54 -45.16 -0.23
CA THR B 735 -18.98 -46.21 -1.15
C THR B 735 -20.12 -45.72 -2.03
N GLY B 736 -20.10 -46.08 -3.30
CA GLY B 736 -21.24 -45.71 -4.14
C GLY B 736 -21.07 -46.17 -5.56
N VAL B 737 -22.08 -45.86 -6.36
CA VAL B 737 -22.12 -46.17 -7.78
C VAL B 737 -22.46 -44.89 -8.53
N ASP B 738 -21.96 -44.80 -9.75
CA ASP B 738 -22.45 -43.78 -10.65
C ASP B 738 -22.61 -44.38 -12.04
N LEU B 739 -23.74 -44.10 -12.68
CA LEU B 739 -24.00 -44.56 -14.04
C LEU B 739 -24.48 -43.39 -14.87
N SER B 740 -24.19 -43.48 -16.17
CA SER B 740 -24.55 -42.43 -17.11
C SER B 740 -24.84 -43.13 -18.42
N LEU B 741 -25.88 -42.70 -19.13
CA LEU B 741 -26.17 -43.35 -20.39
C LEU B 741 -26.81 -42.35 -21.33
N LYS B 742 -26.72 -42.66 -22.63
CA LYS B 742 -27.15 -41.74 -23.69
C LYS B 742 -27.40 -42.52 -24.98
N GLY B 743 -28.38 -42.06 -25.77
CA GLY B 743 -28.71 -42.64 -27.06
C GLY B 743 -29.52 -41.71 -27.95
N THR B 744 -29.75 -42.14 -29.20
CA THR B 744 -30.37 -41.33 -30.25
C THR B 744 -31.63 -41.95 -30.82
N ILE B 745 -32.64 -41.09 -31.04
CA ILE B 745 -34.00 -41.43 -31.47
C ILE B 745 -34.46 -40.74 -32.77
N TYR B 746 -34.01 -41.18 -33.94
CA TYR B 746 -34.52 -40.60 -35.17
C TYR B 746 -35.88 -41.19 -35.50
N GLN B 747 -36.75 -40.39 -36.12
CA GLN B 747 -37.81 -40.95 -36.95
C GLN B 747 -37.58 -40.63 -38.42
N ASN B 748 -36.85 -39.55 -38.72
CA ASN B 748 -36.72 -39.00 -40.06
C ASN B 748 -35.28 -38.79 -40.50
N LYS B 749 -34.28 -39.12 -39.67
CA LYS B 749 -32.88 -38.87 -39.99
C LYS B 749 -32.65 -37.35 -40.11
N ASP B 750 -33.58 -36.66 -40.80
CA ASP B 750 -33.61 -35.19 -40.88
C ASP B 750 -34.62 -34.67 -39.83
N TRP B 751 -34.30 -35.07 -38.60
CA TRP B 751 -35.08 -35.08 -37.36
C TRP B 751 -34.31 -35.86 -36.31
N ASN B 752 -33.46 -35.24 -35.51
CA ASN B 752 -32.70 -35.98 -34.51
C ASN B 752 -33.35 -35.77 -33.15
N VAL B 753 -33.54 -36.84 -32.39
CA VAL B 753 -33.99 -36.73 -31.01
C VAL B 753 -32.99 -37.49 -30.13
N TYR B 754 -32.40 -36.81 -29.14
CA TYR B 754 -31.25 -37.36 -28.42
C TYR B 754 -31.41 -37.01 -26.95
N ALA B 755 -31.29 -38.01 -26.07
CA ALA B 755 -31.37 -37.82 -24.64
C ALA B 755 -30.13 -38.35 -23.93
N SER B 756 -29.98 -37.92 -22.68
CA SER B 756 -28.80 -38.18 -21.89
C SER B 756 -29.18 -38.20 -20.43
N ALA B 757 -28.62 -39.15 -19.67
CA ALA B 757 -28.94 -39.20 -18.25
C ALA B 757 -27.68 -39.46 -17.46
N ASN B 758 -27.73 -39.07 -16.20
CA ASN B 758 -26.56 -38.96 -15.36
C ASN B 758 -26.99 -39.22 -13.94
N PHE B 759 -26.37 -40.19 -13.26
CA PHE B 759 -26.77 -40.53 -11.90
C PHE B 759 -25.58 -40.97 -11.06
N ASN B 760 -25.60 -40.59 -9.77
CA ASN B 760 -24.73 -41.16 -8.74
C ASN B 760 -25.50 -41.33 -7.45
N TYR B 761 -25.21 -42.42 -6.75
CA TYR B 761 -25.51 -42.59 -5.34
C TYR B 761 -24.21 -42.85 -4.58
N ASN B 762 -24.11 -42.32 -3.36
CA ASN B 762 -22.87 -42.38 -2.61
C ASN B 762 -23.16 -42.44 -1.12
N ARG B 763 -22.84 -43.57 -0.49
CA ARG B 763 -22.95 -43.70 0.96
C ARG B 763 -21.63 -43.34 1.63
N GLN B 764 -21.71 -42.51 2.67
CA GLN B 764 -20.54 -42.02 3.39
C GLN B 764 -20.45 -42.70 4.75
N GLU B 765 -19.22 -42.96 5.18
CA GLU B 765 -18.98 -43.54 6.49
C GLU B 765 -17.71 -42.96 7.06
N ILE B 766 -17.85 -42.16 8.11
CA ILE B 766 -16.73 -41.88 9.00
C ILE B 766 -16.40 -43.18 9.70
N THR B 767 -15.11 -43.48 9.86
CA THR B 767 -14.72 -44.70 10.57
C THR B 767 -13.90 -44.47 11.83
N LYS B 768 -13.06 -43.45 11.88
CA LYS B 768 -12.22 -43.19 13.05
C LYS B 768 -12.18 -41.68 13.23
N LEU B 769 -12.25 -41.21 14.47
CA LEU B 769 -12.30 -39.78 14.78
C LEU B 769 -11.00 -39.33 15.45
N PHE B 770 -11.06 -38.61 16.56
CA PHE B 770 -9.91 -38.11 17.27
C PHE B 770 -10.15 -38.24 18.76
N PHE B 771 -9.07 -38.43 19.53
CA PHE B 771 -9.16 -38.54 20.99
C PHE B 771 -10.02 -39.74 21.42
N GLY B 772 -9.98 -40.83 20.66
CA GLY B 772 -10.77 -42.00 21.01
C GLY B 772 -12.25 -41.79 20.86
N LEU B 773 -12.66 -40.65 20.34
CA LEU B 773 -14.06 -40.30 20.33
C LEU B 773 -14.83 -41.20 19.37
N ASN B 774 -16.07 -41.51 19.75
CA ASN B 774 -16.96 -42.23 18.87
C ASN B 774 -17.85 -41.26 18.13
N LYS B 775 -18.10 -40.13 18.78
CA LYS B 775 -18.90 -39.08 18.23
C LYS B 775 -18.30 -37.75 18.64
N TYR B 776 -18.46 -36.78 17.76
CA TYR B 776 -18.18 -35.39 18.08
C TYR B 776 -19.28 -34.60 17.38
N MET B 777 -20.17 -34.01 18.16
CA MET B 777 -21.13 -33.05 17.62
C MET B 777 -20.42 -31.72 17.46
N LEU B 778 -20.61 -31.07 16.31
CA LEU B 778 -19.95 -29.80 16.04
C LEU B 778 -20.80 -28.66 16.59
N PRO B 779 -20.33 -27.93 17.60
CA PRO B 779 -21.22 -27.04 18.36
C PRO B 779 -21.90 -25.98 17.52
N ASN B 780 -23.16 -25.70 17.87
CA ASN B 780 -24.06 -24.74 17.22
C ASN B 780 -24.01 -24.84 15.70
N THR B 781 -23.90 -26.07 15.19
CA THR B 781 -24.03 -26.37 13.77
C THR B 781 -25.15 -27.34 13.47
N GLY B 782 -25.63 -28.10 14.46
CA GLY B 782 -26.69 -29.05 14.21
C GLY B 782 -26.27 -30.28 13.43
N THR B 783 -24.97 -30.51 13.26
CA THR B 783 -24.44 -31.72 12.64
C THR B 783 -23.61 -32.53 13.64
N ILE B 784 -23.22 -33.75 13.25
CA ILE B 784 -22.48 -34.61 14.18
C ILE B 784 -21.62 -35.60 13.40
N TRP B 785 -20.39 -35.77 13.84
CA TRP B 785 -19.49 -36.84 13.39
C TRP B 785 -19.55 -37.97 14.39
N GLU B 786 -20.07 -39.13 13.97
CA GLU B 786 -20.17 -40.31 14.81
C GLU B 786 -19.71 -41.49 13.99
N ILE B 787 -18.89 -42.34 14.64
CA ILE B 787 -18.10 -43.33 13.91
C ILE B 787 -18.98 -44.24 13.06
N GLY B 788 -20.05 -44.77 13.61
CA GLY B 788 -20.82 -45.74 12.83
C GLY B 788 -21.28 -45.23 11.46
N TYR B 789 -21.67 -43.93 11.36
CA TYR B 789 -22.59 -43.42 10.34
C TYR B 789 -21.91 -42.33 9.51
N PRO B 790 -22.59 -41.61 8.59
CA PRO B 790 -21.96 -40.47 7.92
C PRO B 790 -22.21 -39.13 8.63
N ASN B 791 -21.55 -38.09 8.11
CA ASN B 791 -21.73 -36.72 8.59
C ASN B 791 -23.23 -36.42 8.62
N SER B 792 -23.83 -36.41 9.81
CA SER B 792 -25.29 -36.32 10.00
C SER B 792 -25.70 -35.11 10.85
N PHE B 793 -27.00 -34.79 10.77
CA PHE B 793 -27.63 -33.76 11.58
C PHE B 793 -27.99 -34.30 12.95
N TYR B 794 -28.09 -33.38 13.90
CA TYR B 794 -28.20 -33.75 15.30
C TYR B 794 -29.01 -32.67 16.00
N MET B 795 -30.25 -33.00 16.35
CA MET B 795 -31.20 -32.09 16.98
C MET B 795 -32.21 -32.88 17.80
N ALA B 796 -33.08 -32.15 18.47
CA ALA B 796 -34.22 -32.75 19.14
C ALA B 796 -35.38 -32.87 18.17
N GLU B 797 -36.15 -33.96 18.29
CA GLU B 797 -37.36 -34.10 17.47
C GLU B 797 -38.48 -33.23 18.05
N TYR B 798 -38.83 -32.18 17.35
CA TYR B 798 -39.96 -31.35 17.77
C TYR B 798 -41.22 -32.18 17.62
N ALA B 799 -42.09 -32.12 18.64
CA ALA B 799 -43.25 -33.01 18.66
C ALA B 799 -44.55 -32.31 18.33
N GLY B 800 -44.59 -31.00 18.42
CA GLY B 800 -45.79 -30.23 18.24
C GLY B 800 -46.12 -29.52 19.52
N ILE B 801 -47.38 -29.25 19.85
CA ILE B 801 -47.63 -28.48 21.04
C ILE B 801 -48.63 -29.23 21.93
N ASP B 802 -48.58 -28.90 23.23
CA ASP B 802 -49.54 -29.43 24.18
C ASP B 802 -50.81 -28.60 24.04
N LYS B 803 -51.85 -29.20 23.46
CA LYS B 803 -53.14 -28.55 23.30
C LYS B 803 -53.70 -28.03 24.63
N LYS B 804 -53.24 -28.57 25.77
CA LYS B 804 -53.71 -28.14 27.09
C LYS B 804 -53.07 -26.82 27.51
N THR B 805 -51.78 -26.62 27.21
CA THR B 805 -51.05 -25.45 27.67
C THR B 805 -50.58 -24.53 26.56
N GLY B 806 -50.57 -24.99 25.32
CA GLY B 806 -49.95 -24.21 24.27
C GLY B 806 -48.45 -24.32 24.21
N LYS B 807 -47.83 -25.10 25.11
CA LYS B 807 -46.38 -25.21 25.15
C LYS B 807 -45.86 -26.07 24.00
N GLN B 808 -44.62 -25.82 23.62
CA GLN B 808 -43.92 -26.66 22.67
C GLN B 808 -43.47 -27.94 23.36
N LEU B 809 -43.48 -29.04 22.60
CA LEU B 809 -43.05 -30.35 23.07
C LEU B 809 -42.01 -30.94 22.13
N TRP B 810 -41.01 -31.62 22.71
CA TRP B 810 -40.04 -32.41 21.97
C TRP B 810 -40.06 -33.85 22.47
N TYR B 811 -39.85 -34.78 21.55
CA TYR B 811 -39.76 -36.18 21.91
C TYR B 811 -38.50 -36.42 22.74
N VAL B 812 -38.65 -37.18 23.82
CA VAL B 812 -37.52 -37.57 24.66
C VAL B 812 -36.93 -38.87 24.12
N PRO B 813 -35.71 -38.86 23.58
CA PRO B 813 -35.17 -40.05 22.90
C PRO B 813 -34.97 -41.22 23.85
N GLY B 814 -35.46 -42.39 23.43
CA GLY B 814 -35.27 -43.64 24.12
C GLY B 814 -36.39 -44.07 25.04
N GLN B 815 -37.36 -43.19 25.31
CA GLN B 815 -38.38 -43.44 26.30
C GLN B 815 -39.73 -43.66 25.65
N VAL B 816 -40.51 -44.59 26.23
CA VAL B 816 -41.87 -44.92 25.81
C VAL B 816 -42.67 -45.12 27.08
N LYS B 822 -44.55 -43.17 22.86
CA LYS B 822 -43.43 -42.23 22.69
C LYS B 822 -43.57 -41.11 23.72
N VAL B 823 -42.46 -40.70 24.33
CA VAL B 823 -42.48 -39.77 25.47
C VAL B 823 -42.18 -38.36 24.97
N THR B 824 -42.98 -37.39 25.42
CA THR B 824 -42.90 -35.96 25.10
C THR B 824 -42.47 -35.15 26.32
N THR B 825 -42.04 -33.90 26.10
CA THR B 825 -41.76 -33.02 27.24
C THR B 825 -41.91 -31.54 26.87
N SER B 826 -42.32 -30.74 27.87
CA SER B 826 -42.33 -29.27 27.74
C SER B 826 -41.03 -28.62 28.15
N GLN B 827 -40.11 -29.37 28.76
CA GLN B 827 -38.86 -28.83 29.28
C GLN B 827 -37.77 -29.17 28.29
N TYR B 828 -37.37 -28.21 27.47
CA TYR B 828 -36.29 -28.48 26.53
C TYR B 828 -34.95 -28.42 27.25
N SER B 829 -34.06 -29.33 26.89
CA SER B 829 -32.68 -29.28 27.36
C SER B 829 -31.79 -29.83 26.25
N ALA B 830 -30.56 -29.32 26.24
CA ALA B 830 -29.58 -29.71 25.24
C ALA B 830 -29.42 -31.22 25.16
N ASP B 831 -29.61 -31.93 26.28
CA ASP B 831 -29.55 -33.38 26.29
C ASP B 831 -30.82 -34.01 25.74
N LEU B 832 -31.68 -33.28 25.04
CA LEU B 832 -32.76 -33.92 24.30
C LEU B 832 -32.38 -34.22 22.86
N GLU B 833 -31.16 -33.86 22.45
CA GLU B 833 -30.72 -33.99 21.06
C GLU B 833 -30.22 -35.41 20.76
N THR B 834 -30.27 -35.76 19.47
CA THR B 834 -30.05 -37.10 18.97
C THR B 834 -29.68 -37.02 17.50
N ARG B 835 -28.97 -38.06 17.02
CA ARG B 835 -28.59 -38.11 15.61
C ARG B 835 -29.79 -38.51 14.76
N ILE B 836 -29.96 -37.78 13.66
CA ILE B 836 -31.11 -37.91 12.77
C ILE B 836 -30.64 -38.58 11.50
N ASP B 837 -31.42 -39.54 11.00
CA ASP B 837 -30.97 -40.34 9.87
C ASP B 837 -31.01 -39.56 8.56
N LYS B 838 -30.50 -38.32 8.58
CA LYS B 838 -30.41 -37.48 7.39
C LYS B 838 -28.98 -36.95 7.25
N SER B 839 -28.41 -37.06 6.05
CA SER B 839 -27.01 -36.73 5.82
C SER B 839 -26.83 -35.27 5.46
N VAL B 840 -25.64 -34.74 5.71
CA VAL B 840 -25.40 -33.34 5.40
C VAL B 840 -24.90 -33.18 3.98
N THR B 841 -23.97 -34.02 3.54
CA THR B 841 -23.59 -34.05 2.14
C THR B 841 -24.67 -34.82 1.39
N PRO B 842 -25.36 -34.22 0.43
CA PRO B 842 -26.51 -34.88 -0.17
C PRO B 842 -26.09 -36.10 -0.97
N PRO B 843 -26.69 -37.24 -0.70
CA PRO B 843 -26.20 -38.50 -1.28
C PRO B 843 -26.57 -38.75 -2.74
N ILE B 844 -27.57 -38.13 -3.32
CA ILE B 844 -27.89 -38.40 -4.71
C ILE B 844 -27.61 -37.17 -5.56
N THR B 845 -26.79 -37.35 -6.58
CA THR B 845 -26.47 -36.35 -7.58
C THR B 845 -26.90 -36.92 -8.92
N GLY B 846 -27.57 -36.10 -9.73
CA GLY B 846 -27.96 -36.58 -11.02
C GLY B 846 -28.41 -35.46 -11.95
N GLY B 847 -28.72 -35.86 -13.17
CA GLY B 847 -29.23 -34.94 -14.15
C GLY B 847 -29.66 -35.67 -15.40
N PHE B 848 -30.38 -34.94 -16.24
CA PHE B 848 -30.76 -35.44 -17.54
C PHE B 848 -30.89 -34.25 -18.47
N SER B 849 -30.87 -34.55 -19.76
CA SER B 849 -30.93 -33.50 -20.77
C SER B 849 -31.42 -34.11 -22.07
N LEU B 850 -32.35 -33.40 -22.70
CA LEU B 850 -33.06 -33.81 -23.90
C LEU B 850 -32.66 -32.91 -25.04
N GLY B 851 -33.02 -33.33 -26.25
CA GLY B 851 -32.68 -32.56 -27.43
C GLY B 851 -33.40 -33.01 -28.68
N ALA B 852 -34.04 -32.08 -29.37
CA ALA B 852 -34.63 -32.38 -30.66
C ALA B 852 -34.25 -31.28 -31.64
N SER B 853 -33.99 -31.68 -32.87
CA SER B 853 -33.50 -30.80 -33.92
C SER B 853 -34.31 -31.12 -35.16
N TRP B 854 -35.01 -30.12 -35.69
CA TRP B 854 -35.88 -30.34 -36.83
C TRP B 854 -35.16 -30.10 -38.16
N LYS B 855 -34.70 -28.86 -38.38
CA LYS B 855 -33.86 -28.53 -39.52
C LYS B 855 -33.34 -27.13 -39.30
N GLY B 856 -32.36 -27.00 -38.42
CA GLY B 856 -31.83 -25.71 -38.05
C GLY B 856 -32.45 -25.25 -36.77
N LEU B 857 -33.74 -25.53 -36.59
CA LEU B 857 -34.42 -25.27 -35.34
C LEU B 857 -34.22 -26.48 -34.45
N SER B 858 -33.77 -26.23 -33.21
CA SER B 858 -33.53 -27.30 -32.26
C SER B 858 -33.82 -26.79 -30.85
N LEU B 859 -34.23 -27.72 -30.00
CA LEU B 859 -34.50 -27.43 -28.59
C LEU B 859 -33.62 -28.30 -27.71
N ASP B 860 -32.91 -27.65 -26.76
CA ASP B 860 -32.13 -28.31 -25.73
C ASP B 860 -32.59 -27.88 -24.35
N ALA B 861 -32.83 -28.86 -23.49
CA ALA B 861 -33.12 -28.61 -22.08
C ALA B 861 -32.22 -29.52 -21.26
N ASP B 862 -31.58 -28.95 -20.22
CA ASP B 862 -30.71 -29.69 -19.31
C ASP B 862 -31.27 -29.59 -17.90
N PHE B 863 -31.50 -30.73 -17.26
CA PHE B 863 -31.96 -30.78 -15.89
C PHE B 863 -30.86 -31.28 -14.97
N ALA B 864 -31.04 -31.01 -13.68
CA ALA B 864 -30.12 -31.42 -12.63
C ALA B 864 -30.91 -31.62 -11.34
N TYR B 865 -30.49 -32.60 -10.55
CA TYR B 865 -31.12 -32.81 -9.27
C TYR B 865 -30.09 -33.20 -8.22
N ILE B 866 -30.54 -33.05 -6.98
CA ILE B 866 -29.80 -33.31 -5.77
C ILE B 866 -30.85 -33.68 -4.73
N VAL B 867 -31.05 -34.98 -4.54
CA VAL B 867 -32.05 -35.48 -3.61
C VAL B 867 -31.32 -36.02 -2.39
N GLY B 868 -32.03 -36.04 -1.26
CA GLY B 868 -31.44 -36.27 0.02
C GLY B 868 -30.79 -35.06 0.66
N LYS B 869 -30.96 -33.87 0.06
CA LYS B 869 -30.43 -32.67 0.68
C LYS B 869 -31.33 -32.28 1.86
N TRP B 870 -30.72 -31.81 2.94
CA TRP B 870 -31.46 -31.29 4.08
C TRP B 870 -30.77 -30.01 4.55
N MET B 871 -31.56 -29.07 5.07
CA MET B 871 -31.01 -27.79 5.47
C MET B 871 -31.81 -27.24 6.62
N ILE B 872 -31.14 -26.51 7.50
CA ILE B 872 -31.81 -25.78 8.55
C ILE B 872 -32.16 -24.41 8.01
N ASN B 873 -33.41 -24.03 8.16
CA ASN B 873 -33.91 -22.73 7.69
C ASN B 873 -33.73 -21.69 8.80
N ASN B 874 -32.50 -21.21 8.95
CA ASN B 874 -32.20 -20.24 9.99
C ASN B 874 -33.15 -19.05 9.91
N ASP B 875 -33.55 -18.66 8.70
CA ASP B 875 -34.53 -17.59 8.50
C ASP B 875 -35.81 -17.84 9.31
N ARG B 876 -36.36 -19.04 9.20
CA ARG B 876 -37.59 -19.34 9.92
C ARG B 876 -37.44 -19.27 11.44
N TYR B 877 -36.23 -19.42 11.98
CA TYR B 877 -36.05 -19.18 13.42
C TYR B 877 -36.58 -17.81 13.81
N PHE B 878 -36.52 -16.85 12.88
CA PHE B 878 -37.05 -15.52 13.11
C PHE B 878 -38.52 -15.39 12.73
N THR B 879 -38.88 -15.80 11.51
CA THR B 879 -40.21 -15.46 11.04
C THR B 879 -41.30 -16.17 11.80
N GLU B 880 -40.99 -17.24 12.56
CA GLU B 880 -42.04 -18.12 13.08
C GLU B 880 -42.18 -18.13 14.60
N ASN B 881 -41.49 -17.27 15.33
CA ASN B 881 -41.54 -17.35 16.78
C ASN B 881 -42.30 -16.19 17.36
N GLY B 882 -42.90 -16.43 18.52
CA GLY B 882 -43.64 -15.35 19.13
C GLY B 882 -43.12 -14.99 20.49
N GLY B 883 -41.88 -15.36 20.74
CA GLY B 883 -41.26 -15.14 22.03
C GLY B 883 -40.11 -14.15 21.96
N GLY B 884 -39.68 -13.83 20.75
CA GLY B 884 -38.59 -12.87 20.64
C GLY B 884 -38.55 -12.31 19.23
N LEU B 885 -37.65 -11.35 19.04
CA LEU B 885 -37.59 -10.57 17.81
C LEU B 885 -38.99 -10.11 17.37
N MET B 886 -39.65 -9.38 18.25
CA MET B 886 -40.99 -8.90 17.93
C MET B 886 -41.01 -7.63 17.10
N GLN B 887 -39.86 -7.06 16.73
CA GLN B 887 -39.89 -6.00 15.72
C GLN B 887 -40.19 -6.56 14.33
N LEU B 888 -39.63 -7.72 14.01
CA LEU B 888 -39.56 -8.14 12.63
C LEU B 888 -40.91 -8.64 12.15
N ASN B 889 -41.16 -8.46 10.86
CA ASN B 889 -42.34 -9.07 10.26
C ASN B 889 -42.29 -10.57 10.57
N LYS B 890 -43.47 -11.16 10.72
CA LYS B 890 -43.55 -12.56 11.05
C LYS B 890 -44.43 -13.26 10.02
N ASP B 891 -44.40 -14.59 10.05
CA ASP B 891 -45.27 -15.43 9.23
C ASP B 891 -46.73 -15.34 9.68
N LYS B 892 -47.64 -15.23 8.70
CA LYS B 892 -49.08 -15.12 8.97
C LYS B 892 -49.62 -16.26 9.83
N MET B 893 -48.81 -17.28 10.12
CA MET B 893 -49.28 -18.33 11.00
C MET B 893 -49.30 -17.94 12.47
N LEU B 894 -48.60 -16.89 12.87
CA LEU B 894 -48.67 -16.51 14.27
C LEU B 894 -49.91 -15.73 14.66
N LEU B 895 -50.75 -15.31 13.70
CA LEU B 895 -51.99 -14.70 14.12
C LEU B 895 -52.94 -15.71 14.71
N ASN B 896 -52.59 -17.00 14.59
CA ASN B 896 -53.39 -18.15 14.94
C ASN B 896 -52.94 -18.82 16.24
N ALA B 897 -51.94 -18.25 16.92
CA ALA B 897 -51.28 -18.92 18.03
C ALA B 897 -52.22 -19.21 19.19
N TRP B 898 -52.09 -20.42 19.70
CA TRP B 898 -52.80 -20.91 20.87
C TRP B 898 -52.95 -19.84 21.93
N THR B 899 -54.20 -19.60 22.32
CA THR B 899 -54.57 -19.03 23.61
C THR B 899 -55.78 -19.81 24.08
N GLU B 900 -56.21 -19.58 25.32
CA GLU B 900 -57.30 -20.36 25.88
C GLU B 900 -58.53 -20.45 24.96
N ASP B 901 -58.90 -19.35 24.30
CA ASP B 901 -60.11 -19.37 23.48
C ASP B 901 -59.87 -19.95 22.11
N ASN B 902 -58.64 -19.88 21.61
CA ASN B 902 -58.22 -20.47 20.33
C ASN B 902 -57.24 -21.58 20.72
N LYS B 903 -57.79 -22.70 21.17
CA LYS B 903 -57.05 -23.84 21.70
C LYS B 903 -56.89 -25.00 20.72
N GLU B 904 -57.25 -24.82 19.45
CA GLU B 904 -57.20 -25.89 18.43
C GLU B 904 -56.22 -25.47 17.34
N THR B 905 -54.93 -25.36 17.67
CA THR B 905 -53.88 -25.07 16.69
C THR B 905 -52.64 -25.89 16.96
N ASP B 906 -51.76 -25.93 15.96
CA ASP B 906 -50.44 -26.53 16.11
C ASP B 906 -49.35 -25.46 16.20
N VAL B 907 -49.74 -24.19 16.21
CA VAL B 907 -48.83 -23.08 16.44
C VAL B 907 -48.92 -22.69 17.92
N PRO B 908 -47.80 -22.56 18.62
CA PRO B 908 -47.86 -22.47 20.08
C PRO B 908 -48.27 -21.08 20.57
N LYS B 909 -48.60 -21.04 21.86
CA LYS B 909 -48.77 -19.80 22.60
C LYS B 909 -47.57 -18.86 22.37
N LEU B 910 -47.82 -17.56 22.42
CA LEU B 910 -46.75 -16.58 22.32
C LEU B 910 -45.94 -16.51 23.61
N GLY B 911 -44.64 -16.24 23.48
CA GLY B 911 -43.83 -15.92 24.64
C GLY B 911 -42.70 -16.88 24.90
N GLN B 912 -42.62 -17.92 24.08
CA GLN B 912 -41.63 -18.95 24.21
C GLN B 912 -40.86 -19.01 22.90
N SER B 913 -39.56 -18.96 23.00
CA SER B 913 -38.66 -18.98 21.87
C SER B 913 -38.51 -20.39 21.32
N PRO B 914 -38.23 -20.51 20.02
CA PRO B 914 -38.02 -21.83 19.44
C PRO B 914 -36.58 -22.31 19.58
N GLN B 915 -36.45 -23.61 19.75
CA GLN B 915 -35.14 -24.22 19.72
C GLN B 915 -34.85 -24.72 18.31
N PHE B 916 -33.58 -24.99 18.06
CA PHE B 916 -33.16 -25.47 16.74
C PHE B 916 -33.39 -26.97 16.69
N ASP B 917 -34.63 -27.34 16.42
CA ASP B 917 -34.99 -28.74 16.40
C ASP B 917 -35.44 -29.09 14.98
N THR B 918 -36.11 -30.23 14.81
CA THR B 918 -36.43 -30.69 13.47
C THR B 918 -37.39 -29.77 12.74
N HIS B 919 -38.09 -28.88 13.46
CA HIS B 919 -39.04 -27.96 12.83
C HIS B 919 -38.36 -27.02 11.84
N LEU B 920 -37.03 -26.96 11.85
CA LEU B 920 -36.26 -26.19 10.89
C LEU B 920 -35.53 -27.06 9.87
N LEU B 921 -35.51 -28.38 10.05
CA LEU B 921 -34.86 -29.25 9.09
C LEU B 921 -35.74 -29.43 7.88
N GLU B 922 -35.45 -28.71 6.81
CA GLU B 922 -36.27 -28.78 5.61
C GLU B 922 -35.63 -29.70 4.58
N ASN B 923 -36.47 -30.26 3.70
CA ASN B 923 -35.99 -31.16 2.65
C ASN B 923 -35.62 -30.34 1.43
N ALA B 924 -34.35 -29.95 1.37
CA ALA B 924 -33.77 -29.11 0.35
C ALA B 924 -33.49 -29.86 -0.95
N SER B 925 -34.04 -31.06 -1.14
CA SER B 925 -33.89 -31.70 -2.45
C SER B 925 -34.50 -30.81 -3.52
N PHE B 926 -33.89 -30.85 -4.71
CA PHE B 926 -34.47 -30.07 -5.79
C PHE B 926 -34.10 -30.68 -7.13
N LEU B 927 -35.06 -30.66 -8.04
CA LEU B 927 -34.77 -30.75 -9.46
C LEU B 927 -34.67 -29.34 -10.02
N ARG B 928 -33.71 -29.14 -10.90
CA ARG B 928 -33.59 -27.84 -11.53
C ARG B 928 -33.46 -27.99 -13.03
N LEU B 929 -34.14 -27.10 -13.75
CA LEU B 929 -34.03 -27.01 -15.20
C LEU B 929 -32.86 -26.08 -15.46
N LYS B 930 -31.70 -26.66 -15.75
CA LYS B 930 -30.48 -25.85 -15.71
C LYS B 930 -30.42 -24.89 -16.90
N ASN B 931 -30.78 -25.36 -18.10
CA ASN B 931 -30.95 -24.38 -19.16
C ASN B 931 -31.90 -24.93 -20.21
N LEU B 932 -32.74 -24.03 -20.74
CA LEU B 932 -33.57 -24.25 -21.91
C LEU B 932 -33.06 -23.39 -23.06
N LYS B 933 -32.80 -24.00 -24.21
CA LYS B 933 -32.32 -23.25 -25.36
C LYS B 933 -33.05 -23.69 -26.62
N LEU B 934 -33.79 -22.77 -27.22
CA LEU B 934 -34.29 -22.91 -28.58
C LEU B 934 -33.33 -22.11 -29.47
N THR B 935 -32.78 -22.74 -30.49
CA THR B 935 -31.83 -22.06 -31.36
C THR B 935 -32.23 -22.28 -32.82
N TYR B 936 -31.84 -21.34 -33.67
CA TYR B 936 -32.21 -21.42 -35.08
C TYR B 936 -31.00 -21.02 -35.88
N VAL B 937 -30.39 -21.98 -36.59
CA VAL B 937 -29.29 -21.71 -37.50
C VAL B 937 -29.87 -21.44 -38.88
N LEU B 938 -29.56 -20.26 -39.43
CA LEU B 938 -30.16 -19.83 -40.68
C LEU B 938 -29.85 -20.86 -41.78
N PRO B 939 -30.71 -20.97 -42.78
CA PRO B 939 -30.55 -22.04 -43.78
C PRO B 939 -29.29 -21.85 -44.59
N ASN B 940 -28.83 -22.95 -45.19
CA ASN B 940 -27.58 -22.88 -45.94
C ASN B 940 -27.75 -22.08 -47.22
N SER B 941 -28.94 -22.11 -47.83
CA SER B 941 -29.17 -21.47 -49.11
C SER B 941 -29.43 -19.98 -48.97
N LEU B 942 -29.54 -19.48 -47.75
CA LEU B 942 -29.69 -18.05 -47.48
C LEU B 942 -28.39 -17.28 -47.67
N PHE B 943 -27.27 -17.95 -47.91
CA PHE B 943 -25.99 -17.26 -47.92
C PHE B 943 -25.27 -17.32 -49.25
N ALA B 944 -25.40 -18.41 -50.02
CA ALA B 944 -24.76 -18.47 -51.32
C ALA B 944 -25.16 -17.24 -52.12
N GLY B 945 -24.19 -16.59 -52.73
CA GLY B 945 -24.38 -15.36 -53.45
C GLY B 945 -23.73 -14.16 -52.79
N GLN B 946 -23.52 -14.22 -51.47
CA GLN B 946 -22.80 -13.18 -50.72
C GLN B 946 -21.62 -13.87 -50.05
N ASN B 947 -20.45 -13.81 -50.69
CA ASN B 947 -19.24 -14.55 -50.30
C ASN B 947 -18.46 -13.90 -49.15
N VAL B 948 -19.14 -13.35 -48.15
CA VAL B 948 -18.52 -12.78 -46.97
C VAL B 948 -18.98 -13.48 -45.71
N ILE B 949 -20.29 -13.74 -45.61
CA ILE B 949 -20.90 -14.42 -44.48
C ILE B 949 -21.15 -15.83 -44.95
N GLY B 950 -20.91 -16.79 -44.06
CA GLY B 950 -21.09 -18.18 -44.41
C GLY B 950 -22.23 -18.77 -43.62
N GLY B 951 -22.59 -18.13 -42.52
CA GLY B 951 -23.70 -18.63 -41.75
C GLY B 951 -24.00 -17.70 -40.60
N ALA B 952 -25.18 -17.91 -40.02
CA ALA B 952 -25.61 -17.15 -38.85
C ALA B 952 -26.60 -17.99 -38.07
N ARG B 953 -26.69 -17.71 -36.78
CA ARG B 953 -27.52 -18.46 -35.86
C ARG B 953 -28.15 -17.48 -34.89
N VAL B 954 -29.40 -17.77 -34.50
CA VAL B 954 -30.09 -16.98 -33.48
C VAL B 954 -30.60 -17.94 -32.43
N TYR B 955 -30.64 -17.48 -31.18
CA TYR B 955 -31.12 -18.34 -30.11
C TYR B 955 -31.78 -17.54 -28.99
N LEU B 956 -32.82 -18.14 -28.43
CA LEU B 956 -33.49 -17.69 -27.21
C LEU B 956 -33.15 -18.67 -26.10
N MET B 957 -32.99 -18.16 -24.88
CA MET B 957 -32.40 -19.05 -23.88
C MET B 957 -32.78 -18.63 -22.47
N ALA B 958 -32.94 -19.64 -21.61
CA ALA B 958 -33.28 -19.47 -20.21
C ALA B 958 -32.40 -20.36 -19.35
N ARG B 959 -31.93 -19.78 -18.25
CA ARG B 959 -31.24 -20.50 -17.19
C ARG B 959 -32.11 -20.53 -15.95
N ASN B 960 -32.25 -21.72 -15.36
CA ASN B 960 -32.79 -21.86 -14.00
C ASN B 960 -34.27 -21.50 -13.93
N LEU B 961 -35.07 -21.83 -14.94
CA LEU B 961 -36.44 -21.35 -14.77
C LEU B 961 -37.26 -22.28 -13.87
N LEU B 962 -37.15 -23.59 -14.05
CA LEU B 962 -37.94 -24.53 -13.25
C LEU B 962 -37.14 -25.02 -12.05
N THR B 963 -37.77 -24.98 -10.86
CA THR B 963 -37.18 -25.38 -9.58
C THR B 963 -38.29 -26.12 -8.84
N VAL B 964 -38.37 -27.43 -9.00
CA VAL B 964 -39.31 -28.21 -8.19
C VAL B 964 -38.59 -28.57 -6.90
N THR B 965 -39.16 -28.16 -5.76
CA THR B 965 -38.60 -28.35 -4.43
C THR B 965 -39.64 -28.01 -3.37
N LYS B 966 -39.44 -28.57 -2.17
CA LYS B 966 -40.29 -28.40 -0.99
C LYS B 966 -39.75 -27.35 -0.03
N TYR B 967 -38.68 -26.64 -0.41
CA TYR B 967 -37.96 -25.78 0.52
C TYR B 967 -38.63 -24.42 0.55
N LYS B 968 -38.87 -23.92 1.76
CA LYS B 968 -39.58 -22.67 2.01
C LYS B 968 -38.67 -21.45 2.06
N GLY B 969 -37.56 -21.44 1.33
CA GLY B 969 -36.68 -20.30 1.47
C GLY B 969 -35.92 -19.74 0.29
N PHE B 970 -36.60 -19.55 -0.83
CA PHE B 970 -35.98 -19.02 -2.05
C PHE B 970 -35.22 -20.12 -2.76
N ASP B 971 -33.90 -20.22 -2.53
CA ASP B 971 -33.07 -21.15 -3.28
C ASP B 971 -32.73 -22.35 -2.41
N PRO B 972 -33.14 -23.56 -2.79
CA PRO B 972 -32.72 -24.75 -2.03
C PRO B 972 -31.25 -25.10 -2.25
N GLU B 973 -30.63 -24.59 -3.31
CA GLU B 973 -29.21 -24.81 -3.56
C GLU B 973 -28.33 -23.94 -2.68
N ALA B 974 -28.86 -22.85 -2.15
CA ALA B 974 -28.05 -21.82 -1.51
C ALA B 974 -27.74 -22.17 -0.06
N GLY B 975 -27.02 -23.28 0.11
CA GLY B 975 -26.64 -23.67 1.45
C GLY B 975 -26.04 -25.05 1.61
N GLY B 976 -25.33 -25.23 2.72
CA GLY B 976 -24.89 -26.53 3.16
C GLY B 976 -25.78 -27.03 4.27
N ASN B 977 -25.39 -26.77 5.51
CA ASN B 977 -26.14 -27.29 6.63
C ASN B 977 -27.18 -26.32 7.12
N VAL B 978 -26.94 -25.02 6.96
CA VAL B 978 -27.90 -24.00 7.35
C VAL B 978 -28.13 -23.09 6.16
N GLY B 979 -29.29 -22.45 6.17
CA GLY B 979 -29.64 -21.46 5.18
C GLY B 979 -30.07 -20.16 5.82
N LYS B 980 -29.27 -19.12 5.62
CA LYS B 980 -29.48 -17.82 6.22
C LYS B 980 -29.83 -16.82 5.11
N ASN B 981 -29.91 -15.55 5.48
CA ASN B 981 -30.02 -14.41 4.58
C ASN B 981 -29.43 -14.69 3.19
N GLN B 982 -30.08 -15.52 2.37
CA GLN B 982 -29.40 -15.97 1.17
C GLN B 982 -29.54 -15.02 -0.02
N TYR B 983 -28.49 -15.01 -0.82
CA TYR B 983 -28.44 -14.47 -2.17
C TYR B 983 -28.83 -15.61 -3.11
N PRO B 984 -30.09 -15.72 -3.50
CA PRO B 984 -30.53 -16.86 -4.30
C PRO B 984 -29.82 -16.88 -5.65
N ASN B 985 -29.66 -18.08 -6.21
CA ASN B 985 -29.23 -18.21 -7.61
C ASN B 985 -30.15 -17.41 -8.51
N SER B 986 -29.67 -17.03 -9.68
CA SER B 986 -30.56 -16.21 -10.49
C SER B 986 -31.36 -17.03 -11.50
N LYS B 987 -32.42 -16.42 -12.01
CA LYS B 987 -33.10 -16.91 -13.19
C LYS B 987 -32.71 -15.99 -14.33
N GLN B 988 -32.28 -16.56 -15.46
CA GLN B 988 -31.84 -15.75 -16.59
C GLN B 988 -32.66 -16.01 -17.84
N TYR B 989 -33.01 -14.92 -18.53
CA TYR B 989 -33.50 -14.98 -19.89
C TYR B 989 -32.50 -14.25 -20.78
N VAL B 990 -32.10 -14.90 -21.86
CA VAL B 990 -31.05 -14.39 -22.74
C VAL B 990 -31.48 -14.67 -24.17
N ALA B 991 -31.34 -13.66 -25.03
CA ALA B 991 -31.40 -13.86 -26.47
C ALA B 991 -30.03 -13.51 -27.05
N GLY B 992 -29.59 -14.31 -28.05
CA GLY B 992 -28.24 -14.23 -28.55
C GLY B 992 -28.14 -14.49 -30.05
N ILE B 993 -26.96 -14.15 -30.60
CA ILE B 993 -26.67 -14.15 -32.04
C ILE B 993 -25.26 -14.72 -32.28
N GLN B 994 -25.08 -15.35 -33.44
CA GLN B 994 -23.76 -15.80 -33.88
C GLN B 994 -23.55 -15.52 -35.36
N LEU B 995 -22.33 -15.12 -35.72
CA LEU B 995 -21.92 -14.83 -37.10
C LEU B 995 -20.66 -15.60 -37.44
N SER B 996 -20.59 -16.12 -38.67
CA SER B 996 -19.43 -16.88 -39.12
C SER B 996 -18.97 -16.31 -40.45
N PHE B 997 -17.71 -15.91 -40.54
CA PHE B 997 -17.11 -15.47 -41.80
C PHE B 997 -15.79 -16.23 -42.09
N CYS C 1 16.38 -28.33 -4.46
CA CYS C 1 15.14 -27.61 -4.20
C CYS C 1 14.82 -27.58 -2.71
N GLU C 2 15.12 -26.47 -2.05
CA GLU C 2 14.64 -26.25 -0.68
C GLU C 2 13.19 -25.80 -0.74
N LEU C 3 12.28 -26.67 -0.30
CA LEU C 3 10.87 -26.30 -0.32
C LEU C 3 10.27 -26.02 1.06
N ASP C 4 11.11 -25.87 2.09
CA ASP C 4 10.65 -25.17 3.28
C ASP C 4 10.07 -23.83 2.88
N ARG C 5 8.84 -23.56 3.32
CA ARG C 5 8.31 -22.20 3.41
C ARG C 5 8.01 -21.91 4.87
N ASP C 6 8.42 -20.74 5.33
CA ASP C 6 8.16 -20.31 6.69
C ASP C 6 7.34 -19.03 6.70
N PRO C 7 6.43 -18.87 7.63
CA PRO C 7 5.46 -17.79 7.49
C PRO C 7 6.08 -16.47 7.91
N GLU C 8 5.77 -15.44 7.12
CA GLU C 8 6.28 -14.12 7.44
C GLU C 8 5.49 -13.61 8.65
N GLY C 9 6.14 -12.77 9.46
CA GLY C 9 5.49 -12.31 10.67
C GLY C 9 5.29 -13.35 11.75
N LYS C 10 5.92 -14.51 11.64
CA LYS C 10 5.90 -15.53 12.69
C LYS C 10 7.32 -15.90 13.02
N ASP C 11 7.57 -16.20 14.29
CA ASP C 11 8.83 -16.79 14.73
C ASP C 11 8.55 -18.10 15.46
N PHE C 12 9.57 -18.96 15.46
CA PHE C 12 9.47 -20.29 16.07
C PHE C 12 9.49 -20.19 17.59
N GLN C 13 8.68 -21.02 18.25
CA GLN C 13 8.70 -21.07 19.70
C GLN C 13 10.02 -21.71 20.15
N GLN C 14 10.67 -21.06 21.10
CA GLN C 14 11.93 -21.49 21.70
C GLN C 14 11.89 -21.08 23.16
N PRO C 15 12.75 -21.66 24.00
CA PRO C 15 12.84 -21.21 25.39
C PRO C 15 13.58 -19.90 25.50
N TYR C 16 13.41 -19.25 26.66
CA TYR C 16 13.89 -17.88 26.84
C TYR C 16 15.41 -17.88 27.00
N THR C 17 16.09 -17.28 26.04
CA THR C 17 17.53 -17.17 26.06
C THR C 17 17.99 -15.90 26.74
N SER C 18 17.26 -14.79 26.55
CA SER C 18 17.69 -13.49 27.03
C SER C 18 16.62 -12.86 27.91
N PHE C 19 17.04 -11.85 28.67
CA PHE C 19 16.06 -11.08 29.43
C PHE C 19 15.13 -10.31 28.51
N VAL C 20 15.61 -9.89 27.34
CA VAL C 20 14.77 -9.11 26.43
C VAL C 20 13.70 -10.01 25.82
N GLN C 21 13.97 -11.30 25.68
CA GLN C 21 12.93 -12.21 25.22
C GLN C 21 11.86 -12.40 26.29
N THR C 22 12.26 -12.38 27.56
CA THR C 22 11.30 -12.58 28.64
C THR C 22 10.33 -11.40 28.70
N LYS C 23 10.88 -10.19 28.74
CA LYS C 23 10.06 -8.98 28.89
C LYS C 23 9.04 -8.84 27.78
N GLN C 24 9.46 -9.17 26.55
CA GLN C 24 8.56 -9.13 25.39
C GLN C 24 7.42 -10.12 25.54
N ASN C 25 7.65 -11.27 26.16
CA ASN C 25 6.58 -12.24 26.34
C ASN C 25 5.62 -11.85 27.46
N ARG C 26 6.12 -11.13 28.47
CA ARG C 26 5.28 -10.61 29.54
C ARG C 26 4.28 -9.60 29.00
N ASP C 27 4.68 -8.85 27.99
CA ASP C 27 3.76 -7.90 27.37
C ASP C 27 2.64 -8.63 26.66
N GLY C 28 3.00 -9.61 25.81
CA GLY C 28 1.96 -10.41 25.16
C GLY C 28 1.01 -11.03 26.16
N LEU C 29 1.49 -11.29 27.37
CA LEU C 29 0.56 -11.77 28.37
C LEU C 29 -0.36 -10.62 28.75
N TYR C 30 0.20 -9.44 29.00
CA TYR C 30 -0.62 -8.29 29.37
C TYR C 30 -1.52 -7.81 28.24
N ALA C 31 -1.10 -7.96 27.00
CA ALA C 31 -2.00 -7.68 25.89
C ALA C 31 -3.18 -8.63 25.93
N LEU C 32 -2.89 -9.92 26.01
CA LEU C 32 -3.94 -10.90 26.10
C LEU C 32 -4.93 -10.52 27.19
N LEU C 33 -4.43 -10.29 28.41
CA LEU C 33 -5.29 -9.92 29.55
C LEU C 33 -6.21 -8.76 29.20
N ARG C 34 -5.76 -7.82 28.36
CA ARG C 34 -6.54 -6.62 28.07
C ARG C 34 -7.84 -6.89 27.29
N ASN C 35 -7.86 -7.88 26.41
CA ASN C 35 -9.12 -8.28 25.77
C ASN C 35 -9.83 -9.39 26.54
N THR C 36 -9.43 -9.62 27.80
CA THR C 36 -9.96 -10.73 28.59
C THR C 36 -10.62 -10.16 29.84
N GLU C 37 -9.84 -9.62 30.78
CA GLU C 37 -10.40 -8.80 31.85
C GLU C 37 -10.87 -7.49 31.23
N ASN C 38 -11.90 -7.57 30.39
CA ASN C 38 -12.39 -6.51 29.52
C ASN C 38 -13.86 -6.29 29.84
N PRO C 39 -14.31 -5.06 29.99
CA PRO C 39 -15.72 -4.85 30.39
C PRO C 39 -16.75 -5.45 29.45
N ARG C 40 -16.43 -5.53 28.15
CA ARG C 40 -17.27 -6.23 27.16
C ARG C 40 -17.56 -7.66 27.61
N MET C 41 -16.56 -8.32 28.23
CA MET C 41 -16.67 -9.71 28.62
C MET C 41 -17.57 -9.94 29.83
N HIS C 42 -17.74 -8.93 30.70
CA HIS C 42 -18.55 -9.07 31.91
C HIS C 42 -19.97 -8.52 31.73
N PHE C 43 -20.34 -8.06 30.53
CA PHE C 43 -21.69 -7.54 30.33
C PHE C 43 -22.72 -8.65 30.42
N TYR C 44 -22.39 -9.85 29.92
CA TYR C 44 -23.32 -10.97 29.93
C TYR C 44 -23.82 -11.25 31.34
N GLN C 45 -22.90 -11.37 32.29
CA GLN C 45 -23.36 -11.56 33.65
C GLN C 45 -23.91 -10.27 34.26
N GLU C 46 -23.57 -9.11 33.70
CA GLU C 46 -24.22 -7.90 34.17
C GLU C 46 -25.68 -7.89 33.79
N LEU C 47 -25.99 -8.29 32.54
CA LEU C 47 -27.36 -8.24 32.06
C LEU C 47 -28.23 -9.35 32.63
N GLN C 48 -27.62 -10.41 33.16
CA GLN C 48 -28.39 -11.50 33.70
C GLN C 48 -28.87 -11.20 35.10
N SER C 49 -28.41 -10.11 35.71
CA SER C 49 -28.88 -9.72 37.04
C SER C 49 -30.32 -9.18 37.00
N ASP C 50 -30.83 -8.77 38.17
CA ASP C 50 -32.22 -8.34 38.30
C ASP C 50 -32.42 -6.87 37.94
N MET C 51 -31.49 -6.24 37.24
CA MET C 51 -31.57 -4.79 37.11
C MET C 51 -32.14 -4.28 35.79
N TYR C 52 -32.19 -5.12 34.75
CA TYR C 52 -32.43 -4.66 33.39
C TYR C 52 -33.69 -5.28 32.80
N CYS C 53 -34.33 -4.50 31.92
CA CYS C 53 -35.39 -4.97 31.01
C CYS C 53 -34.93 -4.70 29.60
N THR C 54 -35.40 -5.52 28.65
CA THR C 54 -35.03 -5.31 27.26
C THR C 54 -35.97 -4.28 26.64
N THR C 55 -35.44 -3.52 25.69
CA THR C 55 -36.18 -2.55 24.89
C THR C 55 -36.63 -3.20 23.59
N ILE C 56 -37.46 -2.47 22.87
CA ILE C 56 -37.90 -2.92 21.56
C ILE C 56 -36.76 -2.98 20.56
N THR C 57 -35.61 -2.36 20.84
CA THR C 57 -34.54 -2.23 19.85
C THR C 57 -33.67 -3.49 19.76
N ASP C 58 -33.45 -4.16 20.90
CA ASP C 58 -32.63 -5.37 20.97
C ASP C 58 -32.99 -6.35 19.86
N GLY C 59 -31.99 -7.10 19.41
CA GLY C 59 -32.20 -8.06 18.35
C GLY C 59 -31.87 -9.43 18.87
N ASN C 60 -32.34 -9.72 20.09
CA ASN C 60 -32.07 -10.97 20.82
C ASN C 60 -30.60 -11.16 21.18
N SER C 61 -29.87 -10.05 21.35
CA SER C 61 -28.49 -10.10 21.81
C SER C 61 -28.42 -10.16 23.31
N LEU C 62 -29.16 -9.29 23.99
CA LEU C 62 -29.19 -9.22 25.45
C LEU C 62 -30.39 -9.93 26.07
N ALA C 63 -31.44 -10.21 25.28
CA ALA C 63 -32.61 -10.92 25.78
C ALA C 63 -32.30 -12.25 26.45
N PRO C 64 -31.45 -13.13 25.89
CA PRO C 64 -31.19 -14.42 26.55
C PRO C 64 -30.69 -14.25 27.96
N PHE C 65 -30.00 -13.15 28.22
CA PHE C 65 -29.44 -12.87 29.52
C PHE C 65 -30.42 -12.14 30.41
N VAL C 66 -31.21 -11.21 29.85
CA VAL C 66 -32.12 -10.43 30.68
C VAL C 66 -33.37 -11.26 31.02
N ASN C 67 -33.94 -11.95 30.03
CA ASN C 67 -35.16 -12.73 30.22
C ASN C 67 -34.93 -14.22 30.52
N TRP C 68 -33.69 -14.65 30.77
CA TRP C 68 -33.37 -16.02 31.19
C TRP C 68 -33.88 -17.08 30.20
N ASP C 69 -33.54 -16.86 28.93
CA ASP C 69 -33.86 -17.80 27.86
C ASP C 69 -32.88 -18.95 27.93
N LEU C 70 -33.17 -19.93 28.81
CA LEU C 70 -32.24 -21.04 29.09
C LEU C 70 -31.91 -21.86 27.85
N GLY C 71 -32.83 -21.93 26.88
CA GLY C 71 -32.55 -22.57 25.59
C GLY C 71 -31.48 -21.88 24.78
N ILE C 72 -31.22 -20.60 25.01
CA ILE C 72 -30.14 -19.88 24.33
C ILE C 72 -28.90 -19.80 25.20
N LEU C 73 -29.05 -19.62 26.51
CA LEU C 73 -27.90 -19.50 27.40
C LEU C 73 -27.09 -20.78 27.48
N ASN C 74 -27.70 -21.92 27.15
CA ASN C 74 -27.02 -23.20 27.20
C ASN C 74 -25.76 -23.17 26.32
N ASP C 75 -25.91 -22.95 25.00
CA ASP C 75 -24.78 -22.84 24.09
C ASP C 75 -24.31 -21.43 23.91
N HIS C 76 -24.47 -20.54 24.88
CA HIS C 76 -24.33 -19.15 24.47
C HIS C 76 -22.89 -18.83 24.14
N GLY C 77 -22.67 -18.33 22.94
CA GLY C 77 -21.44 -17.64 22.63
C GLY C 77 -20.77 -18.25 21.42
N ARG C 78 -19.60 -17.68 21.11
CA ARG C 78 -18.76 -18.16 20.02
C ARG C 78 -17.31 -18.04 20.44
N ALA C 79 -16.45 -18.76 19.71
CA ALA C 79 -15.02 -18.69 19.98
C ALA C 79 -14.23 -19.28 18.81
N ASP C 80 -14.27 -18.60 17.67
CA ASP C 80 -13.47 -18.95 16.51
C ASP C 80 -12.67 -17.77 15.96
N GLU C 81 -12.16 -17.92 14.75
CA GLU C 81 -11.32 -16.89 14.18
C GLU C 81 -12.15 -15.79 13.51
N ASP C 82 -13.47 -15.83 13.68
CA ASP C 82 -14.34 -14.75 13.23
C ASP C 82 -14.85 -13.88 14.37
N GLU C 83 -15.28 -14.51 15.47
CA GLU C 83 -15.83 -13.76 16.60
C GLU C 83 -15.52 -14.53 17.88
N VAL C 84 -15.21 -13.78 18.93
CA VAL C 84 -15.03 -14.32 20.27
C VAL C 84 -16.03 -13.55 21.13
N SER C 85 -17.17 -14.16 21.42
CA SER C 85 -18.24 -13.42 22.07
C SER C 85 -18.98 -14.34 23.02
N GLY C 86 -19.74 -13.73 23.91
CA GLY C 86 -20.71 -14.49 24.65
C GLY C 86 -20.07 -15.29 25.77
N ILE C 87 -20.79 -16.31 26.23
CA ILE C 87 -20.27 -17.17 27.29
C ILE C 87 -19.04 -17.92 26.79
N ALA C 88 -19.18 -18.65 25.70
CA ALA C 88 -18.06 -19.35 25.08
C ALA C 88 -16.81 -18.48 25.00
N GLY C 89 -16.97 -17.25 24.57
CA GLY C 89 -15.89 -16.30 24.62
C GLY C 89 -15.34 -16.07 26.01
N TYR C 90 -16.17 -15.68 26.99
CA TYR C 90 -15.67 -15.45 28.35
C TYR C 90 -14.83 -16.62 28.81
N TYR C 91 -15.33 -17.82 28.57
CA TYR C 91 -14.59 -19.03 28.84
C TYR C 91 -13.25 -19.04 28.10
N PHE C 92 -13.29 -18.81 26.79
CA PHE C 92 -12.08 -19.02 26.00
C PHE C 92 -11.00 -18.00 26.32
N VAL C 93 -11.35 -16.74 26.59
CA VAL C 93 -10.30 -15.75 26.80
C VAL C 93 -9.57 -16.01 28.10
N TYR C 94 -10.30 -16.46 29.14
CA TYR C 94 -9.64 -16.69 30.42
C TYR C 94 -8.76 -17.94 30.38
N ASN C 95 -9.12 -18.92 29.57
CA ASN C 95 -8.29 -20.11 29.42
C ASN C 95 -6.98 -19.81 28.69
N ARG C 96 -7.07 -19.09 27.57
CA ARG C 96 -5.88 -18.59 26.89
C ARG C 96 -5.03 -17.74 27.82
N LEU C 97 -5.66 -16.84 28.59
CA LEU C 97 -4.90 -16.09 29.57
C LEU C 97 -4.14 -17.04 30.47
N ASN C 98 -4.81 -18.09 30.93
CA ASN C 98 -4.18 -19.05 31.84
C ASN C 98 -3.10 -19.88 31.14
N GLN C 99 -3.44 -20.50 30.00
CA GLN C 99 -2.47 -21.24 29.23
C GLN C 99 -1.25 -20.39 28.90
N GLN C 100 -1.46 -19.14 28.47
CA GLN C 100 -0.32 -18.33 28.05
C GLN C 100 0.43 -17.78 29.25
N ALA C 101 -0.27 -17.51 30.35
CA ALA C 101 0.40 -17.29 31.63
C ALA C 101 1.08 -18.56 32.13
N ASN C 102 0.63 -19.74 31.69
CA ASN C 102 1.39 -20.95 32.03
C ASN C 102 2.76 -20.92 31.38
N ALA C 103 2.81 -20.84 30.05
CA ALA C 103 4.09 -20.87 29.34
C ALA C 103 4.99 -19.71 29.68
N PHE C 104 4.47 -18.62 30.23
CA PHE C 104 5.35 -17.55 30.67
C PHE C 104 5.93 -17.86 32.04
N VAL C 105 5.08 -18.28 32.98
CA VAL C 105 5.55 -18.59 34.33
C VAL C 105 6.57 -19.73 34.30
N ASN C 106 6.25 -20.77 33.52
CA ASN C 106 7.10 -21.94 33.46
C ASN C 106 8.41 -21.65 32.72
N ASN C 107 8.39 -20.78 31.71
CA ASN C 107 9.61 -20.49 30.97
C ASN C 107 10.52 -19.50 31.69
N THR C 108 9.97 -18.70 32.61
CA THR C 108 10.82 -17.83 33.42
C THR C 108 11.50 -18.65 34.52
N GLU C 109 10.75 -19.57 35.13
CA GLU C 109 11.29 -20.53 36.09
C GLU C 109 12.37 -21.42 35.46
N ALA C 110 12.22 -21.78 34.18
CA ALA C 110 13.26 -22.55 33.49
C ALA C 110 14.52 -21.71 33.26
N ALA C 111 14.35 -20.50 32.74
CA ALA C 111 15.50 -19.64 32.46
C ALA C 111 16.30 -19.36 33.72
N LEU C 112 15.62 -19.15 34.84
CA LEU C 112 16.31 -18.89 36.10
C LEU C 112 17.18 -20.08 36.50
N GLN C 113 16.61 -21.29 36.45
CA GLN C 113 17.34 -22.50 36.79
C GLN C 113 18.43 -22.84 35.77
N ASN C 114 18.38 -22.27 34.58
CA ASN C 114 19.46 -22.40 33.62
C ASN C 114 20.36 -21.18 33.63
N GLN C 115 20.25 -20.33 34.65
CA GLN C 115 21.11 -19.17 34.86
C GLN C 115 21.43 -18.36 33.59
N VAL C 116 20.43 -18.10 32.74
CA VAL C 116 20.70 -17.45 31.46
C VAL C 116 20.89 -15.93 31.53
N TYR C 117 20.54 -15.30 32.64
CA TYR C 117 20.52 -13.85 32.74
C TYR C 117 21.91 -13.28 32.98
N LYS C 118 22.06 -12.00 32.63
CA LYS C 118 23.38 -11.40 32.52
C LYS C 118 23.83 -10.72 33.82
N ASN C 119 22.95 -10.55 34.78
CA ASN C 119 23.34 -10.03 36.09
C ASN C 119 22.16 -10.19 37.04
N SER C 120 22.38 -9.81 38.31
CA SER C 120 21.36 -9.99 39.32
C SER C 120 20.23 -8.99 39.15
N THR C 121 20.44 -7.91 38.42
CA THR C 121 19.35 -6.95 38.22
C THR C 121 18.29 -7.50 37.29
N GLU C 122 18.69 -8.22 36.25
CA GLU C 122 17.73 -8.97 35.44
C GLU C 122 17.07 -10.07 36.25
N ILE C 123 17.89 -10.88 36.93
CA ILE C 123 17.40 -11.97 37.78
C ILE C 123 16.33 -11.45 38.74
N ALA C 124 16.57 -10.27 39.36
CA ALA C 124 15.62 -9.78 40.36
C ALA C 124 14.31 -9.35 39.73
N ASN C 125 14.39 -8.76 38.53
CA ASN C 125 13.19 -8.29 37.84
C ASN C 125 12.41 -9.48 37.27
N ALA C 126 13.11 -10.49 36.76
CA ALA C 126 12.45 -11.67 36.23
C ALA C 126 11.82 -12.52 37.32
N LYS C 127 12.41 -12.58 38.52
CA LYS C 127 11.71 -13.23 39.61
C LYS C 127 10.43 -12.49 39.96
N SER C 128 10.37 -11.20 39.63
CA SER C 128 9.24 -10.32 39.87
C SER C 128 8.22 -10.37 38.72
N PHE C 129 8.69 -10.47 37.47
CA PHE C 129 7.78 -10.86 36.39
C PHE C 129 7.12 -12.20 36.68
N LEU C 130 7.78 -13.07 37.45
CA LEU C 130 7.22 -14.37 37.75
C LEU C 130 5.99 -14.23 38.64
N ALA C 131 6.05 -13.35 39.65
CA ALA C 131 4.90 -13.15 40.53
C ALA C 131 3.70 -12.59 39.76
N GLU C 132 3.96 -11.68 38.82
CA GLU C 132 2.90 -11.15 37.98
C GLU C 132 2.20 -12.28 37.22
N GLY C 133 2.97 -13.13 36.55
CA GLY C 133 2.35 -14.24 35.85
C GLY C 133 1.47 -15.08 36.77
N LYS C 134 1.89 -15.22 38.03
CA LYS C 134 1.11 -15.95 39.02
C LYS C 134 -0.25 -15.30 39.31
N VAL C 135 -0.27 -13.98 39.46
CA VAL C 135 -1.54 -13.31 39.72
C VAL C 135 -2.47 -13.49 38.54
N LEU C 136 -1.95 -13.38 37.32
CA LEU C 136 -2.76 -13.62 36.12
C LEU C 136 -3.36 -15.01 36.09
N GLN C 137 -2.60 -16.02 36.48
CA GLN C 137 -3.18 -17.34 36.58
C GLN C 137 -4.31 -17.40 37.61
N ALA C 138 -4.11 -16.78 38.77
CA ALA C 138 -5.15 -16.78 39.79
C ALA C 138 -6.39 -16.04 39.31
N LEU C 139 -6.20 -14.90 38.64
CA LEU C 139 -7.34 -14.21 38.06
C LEU C 139 -8.03 -15.07 37.02
N ALA C 140 -7.25 -15.68 36.12
CA ALA C 140 -7.83 -16.50 35.06
C ALA C 140 -8.63 -17.64 35.66
N ILE C 141 -8.06 -18.33 36.63
CA ILE C 141 -8.78 -19.44 37.22
C ILE C 141 -9.94 -18.92 38.06
N TRP C 142 -9.80 -17.74 38.68
CA TRP C 142 -10.91 -17.28 39.50
C TRP C 142 -12.06 -16.81 38.63
N ARG C 143 -11.77 -16.06 37.58
CA ARG C 143 -12.84 -15.64 36.68
C ARG C 143 -13.54 -16.83 36.07
N LEU C 144 -12.80 -17.89 35.78
CA LEU C 144 -13.44 -19.11 35.35
C LEU C 144 -14.24 -19.73 36.50
N MET C 145 -13.77 -19.62 37.74
CA MET C 145 -14.56 -20.14 38.85
C MET C 145 -15.78 -19.28 39.14
N ASP C 146 -15.69 -17.97 38.91
CA ASP C 146 -16.82 -17.11 39.24
C ASP C 146 -18.08 -17.53 38.46
N ARG C 147 -17.89 -18.06 37.26
CA ARG C 147 -19.01 -18.29 36.39
C ARG C 147 -19.32 -19.75 36.10
N PHE C 148 -18.41 -20.68 36.33
CA PHE C 148 -18.69 -22.06 35.97
C PHE C 148 -18.59 -23.03 37.15
N SER C 149 -18.47 -22.53 38.37
CA SER C 149 -18.67 -23.33 39.55
C SER C 149 -19.87 -22.80 40.34
N PHE C 150 -20.54 -23.71 41.06
CA PHE C 150 -21.74 -23.37 41.81
C PHE C 150 -21.41 -22.70 43.14
N HIS C 151 -22.31 -21.81 43.58
CA HIS C 151 -22.29 -21.35 44.95
C HIS C 151 -22.76 -22.48 45.88
N GLU C 152 -22.37 -22.38 47.15
CA GLU C 152 -22.87 -23.31 48.14
C GLU C 152 -24.40 -23.29 48.28
N SER C 153 -25.09 -22.25 47.76
CA SER C 153 -26.52 -22.02 47.96
C SER C 153 -27.41 -22.70 46.91
N VAL C 154 -26.80 -23.25 45.84
CA VAL C 154 -27.57 -23.85 44.75
C VAL C 154 -28.22 -25.15 45.19
N THR C 155 -29.45 -25.37 44.72
CA THR C 155 -30.16 -26.59 45.04
C THR C 155 -29.87 -27.64 43.98
N GLU C 156 -30.71 -27.77 42.96
CA GLU C 156 -30.58 -28.86 41.99
C GLU C 156 -29.42 -28.63 41.03
N VAL C 157 -28.58 -29.66 40.88
CA VAL C 157 -27.46 -29.63 39.95
C VAL C 157 -27.32 -31.01 39.32
N ASN C 158 -26.66 -31.07 38.17
CA ASN C 158 -26.22 -32.36 37.66
C ASN C 158 -25.39 -33.07 38.71
N SER C 159 -25.56 -34.40 38.75
CA SER C 159 -25.01 -35.20 39.84
C SER C 159 -23.49 -35.19 39.79
N GLY C 160 -22.88 -34.69 40.87
CA GLY C 160 -21.43 -34.61 40.99
C GLY C 160 -20.89 -33.20 41.05
N ALA C 161 -21.55 -32.24 40.42
CA ALA C 161 -20.91 -30.97 40.13
C ALA C 161 -20.87 -29.98 41.30
N LYS C 162 -21.67 -30.17 42.35
CA LYS C 162 -21.78 -29.12 43.37
C LYS C 162 -20.44 -28.81 44.01
N ASP C 163 -19.49 -29.75 43.95
CA ASP C 163 -18.18 -29.59 44.55
C ASP C 163 -17.07 -29.40 43.53
N LEU C 164 -17.40 -29.29 42.26
CA LEU C 164 -16.36 -29.18 41.24
C LEU C 164 -16.05 -27.73 40.93
N GLY C 165 -14.78 -27.44 40.74
CA GLY C 165 -14.32 -26.18 40.16
C GLY C 165 -14.17 -26.29 38.67
N VAL C 166 -13.23 -25.54 38.10
CA VAL C 166 -13.06 -25.62 36.66
C VAL C 166 -11.88 -26.55 36.42
N ILE C 167 -11.56 -26.82 35.15
CA ILE C 167 -10.44 -27.70 34.81
C ILE C 167 -9.12 -27.00 35.13
N LEU C 168 -8.44 -27.46 36.18
CA LEU C 168 -7.21 -26.83 36.65
C LEU C 168 -6.07 -27.40 35.84
N LEU C 169 -5.30 -26.52 35.21
CA LEU C 169 -4.13 -26.91 34.44
C LEU C 169 -3.01 -25.93 34.77
N LYS C 170 -1.95 -26.42 35.44
CA LYS C 170 -0.90 -25.53 35.95
C LYS C 170 0.28 -25.44 34.99
N GLU C 171 0.21 -26.14 33.85
CA GLU C 171 1.27 -26.28 32.87
C GLU C 171 0.85 -25.76 31.51
N TYR C 172 1.77 -25.14 30.78
CA TYR C 172 1.46 -24.81 29.39
C TYR C 172 1.41 -26.10 28.59
N ASN C 173 0.20 -26.56 28.30
CA ASN C 173 0.01 -27.81 27.55
C ASN C 173 -1.21 -27.68 26.66
N PRO C 174 -1.01 -27.36 25.38
CA PRO C 174 -2.16 -27.20 24.46
C PRO C 174 -2.94 -28.48 24.25
N GLY C 175 -2.28 -29.63 24.24
CA GLY C 175 -2.95 -30.90 24.02
C GLY C 175 -3.72 -31.45 25.20
N TYR C 176 -3.73 -30.74 26.32
CA TYR C 176 -4.30 -31.24 27.56
C TYR C 176 -5.81 -31.38 27.46
N ILE C 177 -6.34 -32.55 27.88
CA ILE C 177 -7.78 -32.79 27.92
C ILE C 177 -8.08 -33.60 29.17
N GLY C 178 -8.29 -32.92 30.30
CA GLY C 178 -8.46 -33.60 31.55
C GLY C 178 -9.82 -33.40 32.16
N PRO C 179 -9.94 -33.75 33.43
CA PRO C 179 -11.24 -33.62 34.10
C PRO C 179 -11.31 -32.37 34.97
N ARG C 180 -12.47 -32.13 35.57
CA ARG C 180 -12.63 -30.94 36.38
C ARG C 180 -11.96 -31.16 37.72
N ALA C 181 -11.10 -30.23 38.11
CA ALA C 181 -10.54 -30.22 39.44
C ALA C 181 -11.64 -29.96 40.48
N THR C 182 -11.33 -30.22 41.75
CA THR C 182 -12.30 -29.94 42.80
C THR C 182 -12.32 -28.45 43.14
N LYS C 183 -13.33 -28.07 43.93
CA LYS C 183 -13.44 -26.69 44.36
C LYS C 183 -12.21 -26.27 45.15
N ALA C 184 -11.86 -27.05 46.18
CA ALA C 184 -10.76 -26.68 47.06
C ALA C 184 -9.40 -26.71 46.35
N GLN C 185 -9.26 -27.52 45.31
CA GLN C 185 -8.08 -27.41 44.47
C GLN C 185 -8.02 -26.03 43.81
N CYS C 186 -9.04 -25.72 43.00
CA CYS C 186 -9.06 -24.46 42.25
C CYS C 186 -8.85 -23.26 43.16
N TYR C 187 -9.55 -23.22 44.30
CA TYR C 187 -9.40 -22.05 45.15
C TYR C 187 -8.05 -22.06 45.88
N ASP C 188 -7.50 -23.26 46.16
CA ASP C 188 -6.17 -23.32 46.75
C ASP C 188 -5.08 -23.04 45.74
N TYR C 189 -5.32 -23.30 44.45
CA TYR C 189 -4.40 -22.84 43.43
C TYR C 189 -4.46 -21.32 43.30
N ILE C 190 -5.67 -20.77 43.28
CA ILE C 190 -5.84 -19.31 43.18
C ILE C 190 -5.16 -18.62 44.35
N LEU C 191 -5.52 -19.01 45.58
CA LEU C 191 -5.05 -18.29 46.75
C LEU C 191 -3.54 -18.46 46.96
N SER C 192 -2.98 -19.64 46.63
CA SER C 192 -1.55 -19.87 46.80
C SER C 192 -0.73 -19.21 45.69
N ARG C 193 -1.22 -19.25 44.45
CA ARG C 193 -0.63 -18.42 43.40
C ARG C 193 -0.54 -16.99 43.87
N LEU C 194 -1.61 -16.49 44.48
CA LEU C 194 -1.62 -15.10 44.91
C LEU C 194 -0.71 -14.90 46.11
N SER C 195 -0.75 -15.83 47.05
CA SER C 195 0.13 -15.73 48.20
C SER C 195 1.60 -15.76 47.77
N GLU C 196 1.96 -16.70 46.88
CA GLU C 196 3.33 -16.78 46.41
C GLU C 196 3.75 -15.51 45.67
N ALA C 197 2.79 -14.74 45.15
CA ALA C 197 3.13 -13.51 44.44
C ALA C 197 3.17 -12.31 45.37
N ILE C 198 2.26 -12.24 46.35
CA ILE C 198 2.27 -11.14 47.31
C ILE C 198 3.56 -11.14 48.16
N GLU C 199 4.28 -12.28 48.24
CA GLU C 199 5.55 -12.26 48.94
C GLU C 199 6.59 -11.43 48.20
N VAL C 200 6.58 -11.49 46.87
CA VAL C 200 7.69 -11.07 46.02
C VAL C 200 7.53 -9.64 45.50
N LEU C 201 6.28 -9.21 45.29
CA LEU C 201 6.00 -7.91 44.71
C LEU C 201 6.27 -6.78 45.71
N PRO C 202 6.84 -5.67 45.24
CA PRO C 202 7.28 -4.60 46.15
C PRO C 202 6.13 -3.79 46.72
N GLU C 203 6.34 -3.24 47.93
CA GLU C 203 5.24 -2.58 48.65
C GLU C 203 4.60 -1.50 47.81
N ASN C 204 5.41 -0.66 47.16
CA ASN C 204 4.87 0.43 46.35
C ASN C 204 4.78 0.01 44.90
N ARG C 205 3.64 0.34 44.28
CA ARG C 205 3.36 -0.02 42.90
C ARG C 205 4.27 0.72 41.95
N GLU C 206 4.84 0.00 40.99
CA GLU C 206 5.74 0.67 40.08
C GLU C 206 5.03 1.17 38.84
N SER C 207 4.01 0.45 38.36
CA SER C 207 3.28 0.86 37.17
C SER C 207 1.82 0.47 37.30
N VAL C 208 0.93 1.42 37.01
CA VAL C 208 -0.51 1.20 37.00
C VAL C 208 -0.90 0.40 35.77
N LEU C 209 0.06 0.13 34.90
CA LEU C 209 -0.20 -0.66 33.71
C LEU C 209 0.22 -2.11 33.85
N TYR C 210 0.68 -2.54 35.03
CA TYR C 210 1.15 -3.90 35.25
C TYR C 210 0.75 -4.39 36.64
N VAL C 211 0.86 -5.72 36.87
CA VAL C 211 0.49 -6.29 38.16
C VAL C 211 1.43 -5.77 39.23
N SER C 212 0.83 -5.42 40.37
CA SER C 212 1.55 -4.90 41.51
C SER C 212 1.03 -5.56 42.77
N ARG C 213 1.74 -5.36 43.88
CA ARG C 213 1.28 -5.93 45.13
C ARG C 213 -0.07 -5.33 45.53
N ASP C 214 -0.22 -4.01 45.36
CA ASP C 214 -1.51 -3.37 45.64
C ASP C 214 -2.65 -4.03 44.86
N TYR C 215 -2.41 -4.41 43.59
CA TYR C 215 -3.49 -5.03 42.82
C TYR C 215 -3.84 -6.39 43.36
N ALA C 216 -2.83 -7.24 43.56
CA ALA C 216 -3.06 -8.61 44.02
C ALA C 216 -3.75 -8.62 45.39
N TYR C 217 -3.42 -7.65 46.24
CA TYR C 217 -4.15 -7.49 47.50
C TYR C 217 -5.64 -7.34 47.24
N ALA C 218 -5.99 -6.43 46.33
CA ALA C 218 -7.39 -6.16 46.01
C ALA C 218 -8.06 -7.36 45.36
N LEU C 219 -7.47 -7.88 44.27
CA LEU C 219 -8.09 -9.02 43.60
C LEU C 219 -8.29 -10.16 44.57
N ARG C 220 -7.35 -10.35 45.51
CA ARG C 220 -7.52 -11.40 46.51
C ARG C 220 -8.70 -11.09 47.43
N ALA C 221 -8.85 -9.84 47.84
CA ALA C 221 -9.97 -9.45 48.70
C ALA C 221 -11.31 -9.64 47.98
N ARG C 222 -11.37 -9.30 46.68
CA ARG C 222 -12.56 -9.64 45.90
C ARG C 222 -12.88 -11.12 46.01
N ILE C 223 -11.86 -11.97 45.89
CA ILE C 223 -12.06 -13.42 45.86
C ILE C 223 -12.51 -13.94 47.22
N TYR C 224 -11.89 -13.46 48.31
CA TYR C 224 -12.32 -13.87 49.63
C TYR C 224 -13.77 -13.52 49.88
N LEU C 225 -14.17 -12.31 49.45
CA LEU C 225 -15.54 -11.87 49.68
C LEU C 225 -16.54 -12.83 49.08
N ALA C 226 -16.37 -13.13 47.78
CA ALA C 226 -17.24 -14.11 47.14
C ALA C 226 -17.06 -15.53 47.70
N LEU C 227 -16.11 -15.75 48.60
CA LEU C 227 -15.98 -17.00 49.33
C LEU C 227 -16.59 -16.93 50.72
N GLY C 228 -17.20 -15.82 51.10
CA GLY C 228 -17.81 -15.70 52.41
C GLY C 228 -16.83 -15.51 53.54
N GLU C 229 -15.52 -15.52 53.25
CA GLU C 229 -14.44 -15.34 54.23
C GLU C 229 -14.35 -13.86 54.56
N TYR C 230 -15.27 -13.39 55.40
CA TYR C 230 -15.43 -11.95 55.60
C TYR C 230 -14.24 -11.35 56.34
N GLY C 231 -13.76 -12.00 57.39
CA GLY C 231 -12.62 -11.46 58.12
C GLY C 231 -11.36 -11.39 57.26
N LYS C 232 -11.12 -12.42 56.46
CA LYS C 232 -9.89 -12.48 55.68
C LYS C 232 -9.92 -11.46 54.55
N ALA C 233 -11.09 -11.18 53.98
CA ALA C 233 -11.22 -10.15 52.95
C ALA C 233 -10.88 -8.77 53.50
N ALA C 234 -11.27 -8.50 54.75
CA ALA C 234 -11.08 -7.18 55.33
C ALA C 234 -9.61 -6.86 55.57
N ALA C 235 -8.76 -7.88 55.73
CA ALA C 235 -7.35 -7.65 55.97
C ALA C 235 -6.63 -7.27 54.69
N ASP C 236 -6.93 -7.94 53.57
CA ASP C 236 -6.36 -7.51 52.30
C ASP C 236 -6.97 -6.17 51.90
N ALA C 237 -8.21 -5.93 52.31
CA ALA C 237 -8.81 -4.64 52.07
C ALA C 237 -7.95 -3.53 52.63
N LYS C 238 -7.61 -3.63 53.92
CA LYS C 238 -6.94 -2.54 54.64
C LYS C 238 -5.54 -2.26 54.12
N MET C 239 -4.94 -3.19 53.38
CA MET C 239 -3.56 -3.04 52.93
C MET C 239 -3.43 -2.07 51.77
N VAL C 240 -4.51 -1.82 51.03
CA VAL C 240 -4.45 -0.98 49.84
C VAL C 240 -5.46 0.15 49.87
N VAL C 241 -6.53 0.02 50.66
CA VAL C 241 -7.68 0.93 50.61
C VAL C 241 -7.27 2.37 50.91
N ASP C 242 -6.19 2.58 51.65
CA ASP C 242 -5.79 3.92 52.02
C ASP C 242 -4.76 4.54 51.07
N LYS C 243 -4.25 3.78 50.09
CA LYS C 243 -3.24 4.29 49.19
C LYS C 243 -3.81 4.92 47.93
N TYR C 244 -5.12 4.82 47.72
CA TYR C 244 -5.75 5.33 46.51
C TYR C 244 -6.92 6.19 46.97
N PRO C 245 -6.92 7.46 46.65
CA PRO C 245 -7.93 8.35 47.20
C PRO C 245 -9.10 8.51 46.25
N LEU C 246 -10.24 8.95 46.76
CA LEU C 246 -11.44 9.01 45.95
C LEU C 246 -11.45 10.29 45.12
N ILE C 247 -12.24 10.26 44.04
CA ILE C 247 -12.31 11.39 43.11
C ILE C 247 -12.83 12.61 43.82
N GLY C 248 -12.08 13.69 43.75
CA GLY C 248 -12.48 14.94 44.36
C GLY C 248 -13.32 15.78 43.43
N ALA C 249 -14.64 15.63 43.51
CA ALA C 249 -15.56 16.36 42.64
C ALA C 249 -16.53 17.20 43.46
N ALA C 250 -16.82 18.39 42.95
CA ALA C 250 -17.71 19.32 43.60
C ALA C 250 -19.13 19.18 43.08
N ASP C 251 -19.28 18.95 41.78
CA ASP C 251 -20.53 18.67 41.11
C ASP C 251 -20.38 17.40 40.28
N ALA C 252 -21.37 17.07 39.47
CA ALA C 252 -21.24 15.87 38.66
C ALA C 252 -20.38 16.06 37.42
N SER C 253 -20.12 17.30 37.00
CA SER C 253 -19.27 17.48 35.81
C SER C 253 -17.80 17.36 36.15
N GLU C 254 -17.35 17.96 37.26
CA GLU C 254 -16.02 17.64 37.74
C GLU C 254 -15.88 16.15 38.02
N PHE C 255 -16.96 15.50 38.48
CA PHE C 255 -16.88 14.05 38.70
C PHE C 255 -16.70 13.32 37.37
N GLU C 256 -17.55 13.61 36.39
CA GLU C 256 -17.50 12.84 35.15
C GLU C 256 -16.17 13.00 34.42
N ASN C 257 -15.64 14.23 34.40
CA ASN C 257 -14.34 14.45 33.75
C ASN C 257 -13.25 13.61 34.40
N ILE C 258 -13.22 13.54 35.72
CA ILE C 258 -12.19 12.75 36.39
C ILE C 258 -12.43 11.26 36.20
N TYR C 259 -13.62 10.76 36.61
CA TYR C 259 -13.90 9.33 36.55
C TYR C 259 -13.64 8.78 35.15
N ARG C 260 -14.09 9.51 34.12
CA ARG C 260 -13.99 9.00 32.77
C ARG C 260 -12.58 9.07 32.20
N SER C 261 -11.64 9.74 32.87
CA SER C 261 -10.24 9.83 32.43
C SER C 261 -9.43 8.67 33.00
N ASP C 262 -9.11 7.68 32.15
CA ASP C 262 -8.18 6.62 32.51
C ASP C 262 -6.88 7.16 33.10
N ALA C 263 -6.40 8.31 32.62
CA ALA C 263 -5.09 8.80 33.01
C ALA C 263 -5.10 9.51 34.37
N ASN C 264 -6.22 10.09 34.77
CA ASN C 264 -6.29 11.01 35.89
C ASN C 264 -7.17 10.52 37.03
N ASN C 265 -7.72 9.31 36.92
CA ASN C 265 -8.56 8.76 37.98
C ASN C 265 -7.67 8.22 39.11
N PRO C 266 -7.61 8.90 40.27
CA PRO C 266 -6.72 8.42 41.35
C PRO C 266 -7.19 7.13 42.00
N GLU C 267 -8.29 6.57 41.55
CA GLU C 267 -8.80 5.34 42.12
C GLU C 267 -8.40 4.11 41.34
N ILE C 268 -7.79 4.28 40.15
CA ILE C 268 -7.47 3.14 39.30
C ILE C 268 -6.18 2.50 39.80
N ILE C 269 -6.26 1.22 40.20
CA ILE C 269 -5.12 0.49 40.75
C ILE C 269 -4.33 -0.21 39.65
N PHE C 270 -5.03 -0.69 38.63
CA PHE C 270 -4.45 -1.54 37.60
C PHE C 270 -5.37 -1.48 36.41
N ARG C 271 -4.88 -0.95 35.31
CA ARG C 271 -5.64 -0.86 34.08
C ARG C 271 -4.81 -1.39 32.92
N GLY C 272 -5.50 -1.73 31.84
CA GLY C 272 -4.82 -2.10 30.63
C GLY C 272 -4.40 -0.86 29.86
N PHE C 273 -3.21 -0.94 29.28
CA PHE C 273 -2.75 0.14 28.43
C PHE C 273 -3.74 0.45 27.32
N ALA C 274 -3.99 1.76 27.09
CA ALA C 274 -4.79 2.21 25.97
C ALA C 274 -4.28 3.51 25.35
N SER C 275 -4.27 3.53 24.02
CA SER C 275 -4.13 4.72 23.20
C SER C 275 -5.32 4.75 22.24
N ALA C 276 -5.44 5.82 21.46
CA ALA C 276 -6.46 5.76 20.43
C ALA C 276 -6.13 4.70 19.39
N THR C 277 -4.85 4.45 19.15
CA THR C 277 -4.39 3.54 18.10
C THR C 277 -3.98 2.15 18.62
N LEU C 278 -4.00 1.91 19.94
CA LEU C 278 -3.73 0.58 20.47
C LEU C 278 -4.37 0.44 21.85
N GLY C 279 -5.18 -0.60 22.03
CA GLY C 279 -5.72 -0.95 23.34
C GLY C 279 -7.01 -0.27 23.77
N SER C 280 -7.59 0.58 22.91
CA SER C 280 -8.91 1.20 23.09
C SER C 280 -9.96 0.43 22.33
N PHE C 281 -11.09 0.21 22.98
CA PHE C 281 -12.20 -0.50 22.36
C PHE C 281 -13.47 0.29 22.66
N THR C 282 -14.49 0.12 21.81
CA THR C 282 -15.81 0.66 22.11
C THR C 282 -16.55 -0.38 22.93
N ALA C 283 -17.24 0.07 23.97
CA ALA C 283 -18.04 -0.81 24.78
C ALA C 283 -19.46 -0.25 24.88
N THR C 284 -20.11 -0.18 23.72
CA THR C 284 -21.45 0.42 23.57
C THR C 284 -22.53 -0.63 23.46
N THR C 285 -22.59 -1.55 24.41
CA THR C 285 -23.68 -2.51 24.57
C THR C 285 -24.65 -1.97 25.60
N LEU C 286 -24.13 -1.59 26.76
CA LEU C 286 -24.97 -1.07 27.83
C LEU C 286 -25.70 0.20 27.42
N ASN C 287 -25.00 1.14 26.75
CA ASN C 287 -25.49 2.51 26.56
C ASN C 287 -26.10 2.76 25.19
N GLY C 288 -25.84 1.92 24.19
CA GLY C 288 -26.45 2.11 22.89
C GLY C 288 -25.95 3.31 22.11
N ALA C 289 -24.75 3.79 22.41
CA ALA C 289 -24.26 5.05 21.87
C ALA C 289 -23.83 4.90 20.42
N ALA C 290 -23.86 6.03 19.74
CA ALA C 290 -23.31 6.19 18.42
C ALA C 290 -22.98 7.65 18.27
N PRO C 291 -21.97 7.99 17.48
CA PRO C 291 -21.67 9.40 17.27
C PRO C 291 -22.70 9.99 16.32
N ALA C 292 -22.93 11.28 16.51
CA ALA C 292 -23.62 12.09 15.53
C ALA C 292 -22.84 13.40 15.52
N GLY C 293 -21.97 13.55 14.52
CA GLY C 293 -21.21 14.78 14.42
C GLY C 293 -20.42 15.04 15.69
N LYS C 294 -20.68 16.18 16.30
CA LYS C 294 -20.09 16.59 17.56
C LYS C 294 -20.84 16.04 18.77
N ASP C 295 -21.88 15.24 18.57
CA ASP C 295 -22.78 14.82 19.63
C ASP C 295 -22.78 13.31 19.79
N ILE C 296 -23.53 12.85 20.78
CA ILE C 296 -23.74 11.45 21.07
C ILE C 296 -25.24 11.23 21.21
N LYS C 297 -25.76 10.29 20.43
CA LYS C 297 -27.12 9.80 20.47
C LYS C 297 -27.11 8.35 20.96
N TYR C 298 -28.21 7.93 21.57
CA TYR C 298 -28.33 6.62 22.19
C TYR C 298 -29.56 5.87 21.70
N ASN C 299 -29.39 4.60 21.32
CA ASN C 299 -30.50 3.68 21.12
C ASN C 299 -30.13 2.39 21.86
N PRO C 300 -30.40 2.34 23.16
CA PRO C 300 -30.03 1.16 23.95
C PRO C 300 -30.90 -0.03 23.61
N SER C 301 -30.35 -1.24 23.82
CA SER C 301 -31.13 -2.47 23.73
C SER C 301 -31.68 -2.98 25.06
N ALA C 302 -31.19 -2.46 26.19
CA ALA C 302 -31.76 -2.78 27.50
C ALA C 302 -31.53 -1.60 28.44
N VAL C 303 -32.43 -1.43 29.41
CA VAL C 303 -32.39 -0.27 30.30
C VAL C 303 -32.82 -0.70 31.68
N PRO C 304 -32.33 -0.01 32.72
CA PRO C 304 -32.69 -0.40 34.09
C PRO C 304 -34.19 -0.33 34.39
N PHE C 305 -34.61 -1.18 35.33
CA PHE C 305 -35.90 -1.05 35.95
C PHE C 305 -35.92 0.23 36.77
N GLN C 306 -37.13 0.68 37.12
CA GLN C 306 -37.25 1.93 37.86
C GLN C 306 -36.47 1.88 39.18
N TRP C 307 -36.54 0.74 39.89
CA TRP C 307 -35.91 0.64 41.21
C TRP C 307 -34.40 0.94 41.14
N VAL C 308 -33.76 0.70 39.99
CA VAL C 308 -32.35 1.06 39.84
C VAL C 308 -32.20 2.58 39.79
N VAL C 309 -33.01 3.24 38.97
CA VAL C 309 -33.01 4.70 38.94
C VAL C 309 -33.31 5.26 40.32
N ASP C 310 -34.29 4.67 41.01
CA ASP C 310 -34.67 5.18 42.31
C ASP C 310 -33.63 4.88 43.39
N LEU C 311 -32.61 4.08 43.08
CA LEU C 311 -31.52 3.85 44.03
C LEU C 311 -30.71 5.11 44.28
N TYR C 312 -30.56 5.96 43.26
CA TYR C 312 -29.66 7.11 43.32
C TYR C 312 -30.40 8.33 43.83
N GLU C 313 -29.88 8.94 44.89
CA GLU C 313 -30.33 10.27 45.23
C GLU C 313 -30.17 11.17 44.02
N ASN C 314 -30.91 12.27 44.00
CA ASN C 314 -30.86 13.11 42.82
C ASN C 314 -29.53 13.85 42.72
N GLU C 315 -28.90 14.15 43.85
CA GLU C 315 -27.61 14.82 43.89
C GLU C 315 -26.42 13.86 43.78
N ASP C 316 -26.66 12.61 43.44
CA ASP C 316 -25.58 11.63 43.29
C ASP C 316 -24.88 11.86 41.95
N PHE C 317 -23.56 12.07 41.98
CA PHE C 317 -22.84 12.33 40.72
C PHE C 317 -22.90 11.14 39.81
N ARG C 318 -23.14 9.96 40.36
CA ARG C 318 -23.20 8.78 39.54
C ARG C 318 -24.49 8.74 38.71
N LYS C 319 -25.54 9.43 39.17
CA LYS C 319 -26.86 9.44 38.54
C LYS C 319 -26.90 10.20 37.23
N SER C 320 -25.82 10.88 36.87
CA SER C 320 -25.63 11.44 35.55
C SER C 320 -24.37 10.92 34.87
N VAL C 321 -23.61 10.02 35.52
CA VAL C 321 -22.39 9.45 34.95
C VAL C 321 -22.44 7.93 34.87
N TYR C 322 -22.74 7.26 36.01
CA TYR C 322 -22.86 5.79 35.94
C TYR C 322 -24.13 5.38 35.20
N ILE C 323 -25.26 5.98 35.58
CA ILE C 323 -26.48 5.98 34.79
C ILE C 323 -26.76 7.40 34.32
N ALA C 324 -27.45 7.52 33.18
CA ALA C 324 -27.60 8.85 32.57
C ALA C 324 -28.97 9.00 31.90
N LYS C 325 -29.67 10.09 32.24
CA LYS C 325 -31.04 10.35 31.74
C LYS C 325 -31.02 10.87 30.30
N VAL C 326 -30.56 10.01 29.40
CA VAL C 326 -30.35 10.39 28.01
C VAL C 326 -31.00 9.37 27.07
N VAL C 327 -31.98 8.61 27.56
CA VAL C 327 -32.74 7.68 26.73
C VAL C 327 -33.98 8.41 26.27
N LYS C 328 -34.34 8.25 24.99
CA LYS C 328 -35.37 9.11 24.42
C LYS C 328 -35.04 10.58 24.71
N LYS C 329 -33.78 10.93 24.44
CA LYS C 329 -33.29 12.29 24.56
C LYS C 329 -33.24 12.69 26.04
N ASP C 330 -34.39 12.66 26.73
CA ASP C 330 -34.31 13.01 28.15
C ASP C 330 -35.35 12.32 29.03
N LYS C 331 -35.93 11.20 28.59
CA LYS C 331 -37.10 10.64 29.27
C LYS C 331 -36.77 9.52 30.26
N GLY C 332 -35.63 8.82 30.14
CA GLY C 332 -35.29 7.71 31.00
C GLY C 332 -33.80 7.50 31.13
N TYR C 333 -33.41 6.60 32.03
CA TYR C 333 -31.99 6.40 32.32
C TYR C 333 -31.42 5.15 31.64
N LEU C 334 -30.15 5.25 31.25
CA LEU C 334 -29.39 4.10 30.79
C LEU C 334 -28.12 4.00 31.61
N VAL C 335 -27.46 2.85 31.53
CA VAL C 335 -26.15 2.65 32.15
C VAL C 335 -25.08 3.17 31.19
N ASN C 336 -24.35 4.19 31.62
CA ASN C 336 -23.47 4.95 30.74
C ASN C 336 -22.03 4.96 31.24
N LYS C 337 -21.70 4.12 32.22
CA LYS C 337 -20.36 4.08 32.82
C LYS C 337 -19.25 3.99 31.78
N PHE C 338 -19.43 3.14 30.77
CA PHE C 338 -18.43 2.93 29.72
C PHE C 338 -18.64 3.80 28.47
N LEU C 339 -19.04 5.09 28.62
CA LEU C 339 -19.50 5.90 27.47
C LEU C 339 -18.35 6.20 26.52
N GLU C 340 -17.20 6.59 27.08
CA GLU C 340 -16.04 7.11 26.36
C GLU C 340 -14.94 7.48 27.35
N ASP C 341 -13.70 7.43 26.89
CA ASP C 341 -12.65 8.30 27.40
C ASP C 341 -12.29 9.20 26.24
N LYS C 342 -12.47 10.51 26.42
CA LYS C 342 -12.22 11.42 25.32
C LYS C 342 -10.80 11.33 24.85
N ALA C 343 -9.88 10.91 25.72
CA ALA C 343 -8.47 10.88 25.34
C ALA C 343 -8.22 9.93 24.19
N TYR C 344 -9.14 9.02 23.89
CA TYR C 344 -8.93 8.06 22.82
C TYR C 344 -9.62 8.48 21.53
N ARG C 345 -10.14 9.70 21.47
CA ARG C 345 -10.82 10.21 20.31
C ARG C 345 -9.85 10.56 19.19
N ASP C 346 -10.12 10.05 17.98
CA ASP C 346 -9.27 10.36 16.85
C ASP C 346 -9.15 11.87 16.64
N VAL C 347 -10.25 12.58 16.85
CA VAL C 347 -10.28 14.04 16.71
C VAL C 347 -11.01 14.59 17.93
N GLN C 348 -10.36 15.50 18.67
CA GLN C 348 -10.85 16.08 19.91
C GLN C 348 -12.34 16.34 19.87
N ASP C 349 -12.76 16.94 18.75
CA ASP C 349 -14.09 17.49 18.53
C ASP C 349 -15.18 16.41 18.49
N LYS C 350 -14.87 15.22 17.95
CA LYS C 350 -15.79 14.16 17.53
C LYS C 350 -15.71 12.92 18.42
N PRO C 351 -16.81 12.42 18.96
CA PRO C 351 -16.71 11.20 19.77
C PRO C 351 -16.59 9.95 18.93
N ASN C 352 -15.81 8.98 19.46
CA ASN C 352 -15.79 7.60 18.99
C ASN C 352 -16.08 6.59 20.10
N LEU C 353 -16.35 7.06 21.32
CA LEU C 353 -16.88 6.25 22.41
C LEU C 353 -15.95 5.12 22.81
N LYS C 354 -14.65 5.33 22.68
CA LYS C 354 -13.67 4.33 23.03
C LYS C 354 -13.22 4.48 24.48
N VAL C 355 -13.03 3.34 25.14
CA VAL C 355 -12.58 3.25 26.52
C VAL C 355 -11.47 2.21 26.60
N GLY C 356 -10.96 2.02 27.82
CA GLY C 356 -9.95 1.03 28.09
C GLY C 356 -10.43 0.02 29.12
N ALA C 357 -9.67 -1.07 29.22
CA ALA C 357 -10.00 -2.10 30.19
C ALA C 357 -9.41 -1.73 31.54
N ARG C 358 -10.28 -1.43 32.50
CA ARG C 358 -9.86 -1.28 33.88
C ARG C 358 -10.03 -2.62 34.57
N TYR C 359 -9.18 -2.86 35.56
CA TYR C 359 -9.03 -4.17 36.18
C TYR C 359 -9.34 -4.20 37.67
N PHE C 360 -9.12 -3.08 38.39
CA PHE C 360 -9.48 -2.89 39.81
C PHE C 360 -9.36 -1.41 40.22
N SER C 361 -10.40 -0.87 40.85
CA SER C 361 -10.40 0.51 41.33
C SER C 361 -10.77 0.54 42.80
N VAL C 362 -10.18 1.47 43.56
CA VAL C 362 -10.31 1.46 45.04
C VAL C 362 -11.75 1.58 45.53
N ALA C 363 -12.69 2.02 44.70
CA ALA C 363 -14.10 2.05 45.08
C ALA C 363 -14.59 0.67 45.48
N GLU C 364 -14.24 -0.35 44.68
CA GLU C 364 -14.60 -1.73 45.00
C GLU C 364 -14.00 -2.16 46.33
N VAL C 365 -12.78 -1.73 46.60
CA VAL C 365 -12.12 -2.10 47.86
C VAL C 365 -12.84 -1.44 49.04
N TYR C 366 -13.31 -0.21 48.89
CA TYR C 366 -14.13 0.41 49.93
C TYR C 366 -15.36 -0.45 50.24
N LEU C 367 -16.02 -0.97 49.20
CA LEU C 367 -17.24 -1.75 49.38
C LEU C 367 -16.96 -3.17 49.90
N ILE C 368 -15.78 -3.72 49.61
CA ILE C 368 -15.42 -5.02 50.18
C ILE C 368 -15.10 -4.88 51.67
N LEU C 369 -14.40 -3.80 52.04
CA LEU C 369 -14.11 -3.60 53.46
C LEU C 369 -15.38 -3.34 54.24
N VAL C 370 -16.32 -2.59 53.63
CA VAL C 370 -17.53 -2.18 54.34
C VAL C 370 -18.42 -3.39 54.58
N GLU C 371 -18.66 -4.18 53.54
CA GLU C 371 -19.49 -5.38 53.71
C GLU C 371 -18.86 -6.34 54.68
N SER C 372 -17.56 -6.56 54.57
CA SER C 372 -16.93 -7.54 55.43
C SER C 372 -16.95 -7.07 56.87
N ALA C 373 -16.71 -5.78 57.09
CA ALA C 373 -16.65 -5.26 58.45
C ALA C 373 -17.98 -5.42 59.16
N LEU C 374 -19.09 -5.22 58.44
CA LEU C 374 -20.41 -5.43 59.02
C LEU C 374 -20.59 -6.87 59.47
N GLN C 375 -20.15 -7.82 58.65
CA GLN C 375 -20.32 -9.22 58.99
C GLN C 375 -19.47 -9.61 60.20
N THR C 376 -18.26 -9.05 60.32
CA THR C 376 -17.37 -9.34 61.44
C THR C 376 -17.49 -8.33 62.60
N GLY C 377 -18.63 -7.67 62.73
CA GLY C 377 -18.93 -6.85 63.89
C GLY C 377 -18.15 -5.57 64.06
N ASP C 378 -17.42 -5.13 63.03
CA ASP C 378 -16.61 -3.92 63.10
C ASP C 378 -17.36 -2.73 62.51
N THR C 379 -18.34 -2.22 63.27
CA THR C 379 -19.12 -1.09 62.78
C THR C 379 -18.29 0.19 62.61
N PRO C 380 -17.42 0.60 63.55
CA PRO C 380 -16.66 1.85 63.35
C PRO C 380 -15.99 1.96 61.99
N THR C 381 -15.26 0.95 61.56
CA THR C 381 -14.62 1.00 60.25
C THR C 381 -15.56 0.54 59.14
N ALA C 382 -16.70 -0.08 59.48
CA ALA C 382 -17.71 -0.34 58.46
C ALA C 382 -18.44 0.95 58.08
N GLU C 383 -18.71 1.81 59.05
CA GLU C 383 -19.40 3.04 58.70
C GLU C 383 -18.44 4.13 58.22
N LYS C 384 -17.21 4.18 58.75
CA LYS C 384 -16.23 5.16 58.30
C LYS C 384 -16.07 5.13 56.77
N TYR C 385 -15.79 3.94 56.22
CA TYR C 385 -15.46 3.79 54.80
C TYR C 385 -16.68 3.79 53.89
N LEU C 386 -17.90 3.53 54.41
CA LEU C 386 -19.08 3.63 53.54
C LEU C 386 -19.56 5.08 53.45
N LYS C 387 -19.60 5.79 54.57
CA LYS C 387 -19.87 7.22 54.50
C LYS C 387 -18.80 7.92 53.68
N ALA C 388 -17.55 7.48 53.82
CA ALA C 388 -16.48 8.08 53.02
C ALA C 388 -16.77 7.94 51.53
N LEU C 389 -17.17 6.73 51.09
CA LEU C 389 -17.38 6.48 49.67
C LEU C 389 -18.60 7.21 49.14
N SER C 390 -19.70 7.24 49.92
CA SER C 390 -20.89 7.89 49.40
C SER C 390 -20.78 9.42 49.47
N LYS C 391 -20.17 9.98 50.52
CA LYS C 391 -20.00 11.43 50.55
C LYS C 391 -19.12 11.91 49.40
N ALA C 392 -18.08 11.14 49.04
CA ALA C 392 -17.32 11.55 47.86
C ALA C 392 -18.18 11.54 46.61
N ARG C 393 -19.22 10.71 46.58
CA ARG C 393 -20.11 10.59 45.43
C ARG C 393 -21.27 11.56 45.47
N GLY C 394 -21.37 12.40 46.50
CA GLY C 394 -22.34 13.47 46.57
C GLY C 394 -23.65 13.13 47.22
N ALA C 395 -23.79 11.93 47.76
CA ALA C 395 -25.03 11.47 48.36
C ALA C 395 -24.66 10.59 49.55
N GLU C 396 -24.06 11.20 50.58
CA GLU C 396 -23.64 10.45 51.75
C GLU C 396 -24.84 9.73 52.35
N VAL C 397 -24.60 8.55 52.90
CA VAL C 397 -25.66 7.60 53.19
C VAL C 397 -26.19 7.87 54.59
N SER C 398 -27.53 7.72 54.72
CA SER C 398 -28.22 8.05 55.96
C SER C 398 -27.75 7.16 57.11
N VAL C 399 -28.09 5.88 57.09
CA VAL C 399 -27.65 4.95 58.11
C VAL C 399 -26.72 3.96 57.42
N VAL C 400 -25.81 3.36 58.18
CA VAL C 400 -24.86 2.40 57.63
C VAL C 400 -25.18 1.06 58.26
N ASN C 401 -25.84 0.17 57.52
CA ASN C 401 -26.33 -1.05 58.13
C ASN C 401 -26.63 -2.15 57.12
N MET C 402 -25.69 -2.41 56.22
CA MET C 402 -25.71 -3.58 55.35
C MET C 402 -26.84 -3.48 54.32
N GLU C 403 -28.08 -3.32 54.78
CA GLU C 403 -29.13 -2.87 53.88
C GLU C 403 -28.55 -1.71 53.07
N ALA C 404 -27.89 -0.79 53.76
CA ALA C 404 -27.23 0.35 53.13
C ALA C 404 -26.05 -0.08 52.28
N LEU C 405 -25.33 -1.12 52.69
CA LEU C 405 -24.24 -1.62 51.86
C LEU C 405 -24.75 -2.09 50.50
N GLN C 406 -25.87 -2.80 50.49
CA GLN C 406 -26.31 -3.44 49.25
C GLN C 406 -26.63 -2.41 48.18
N ALA C 407 -27.31 -1.33 48.57
CA ALA C 407 -27.62 -0.25 47.65
C ALA C 407 -26.34 0.42 47.14
N GLU C 408 -25.53 0.94 48.06
CA GLU C 408 -24.35 1.70 47.66
C GLU C 408 -23.48 0.87 46.74
N ARG C 409 -23.24 -0.39 47.10
CA ARG C 409 -22.48 -1.27 46.21
C ARG C 409 -23.17 -1.39 44.85
N THR C 410 -24.46 -1.74 44.86
CA THR C 410 -25.22 -1.85 43.62
C THR C 410 -25.06 -0.61 42.75
N ARG C 411 -25.11 0.57 43.37
CA ARG C 411 -24.92 1.83 42.63
C ARG C 411 -23.52 1.92 42.05
N GLU C 412 -22.48 1.69 42.89
CA GLU C 412 -21.11 1.97 42.47
C GLU C 412 -20.61 0.93 41.49
N LEU C 413 -20.97 -0.33 41.68
CA LEU C 413 -20.45 -1.39 40.83
C LEU C 413 -21.33 -1.64 39.61
N ILE C 414 -22.33 -0.79 39.39
CA ILE C 414 -23.24 -1.03 38.28
C ILE C 414 -22.44 -1.14 37.00
N GLY C 415 -22.89 -2.02 36.11
CA GLY C 415 -22.24 -2.17 34.83
C GLY C 415 -21.02 -3.05 34.84
N GLU C 416 -20.50 -3.43 36.01
CA GLU C 416 -19.21 -4.14 36.12
C GLU C 416 -19.36 -5.65 36.34
N GLY C 417 -20.52 -6.24 36.04
CA GLY C 417 -20.69 -7.67 36.19
C GLY C 417 -20.82 -8.15 37.63
N SER C 418 -21.12 -7.24 38.55
CA SER C 418 -21.06 -7.50 39.98
C SER C 418 -22.40 -7.85 40.61
N ARG C 419 -23.54 -7.45 40.02
CA ARG C 419 -24.80 -7.57 40.77
C ARG C 419 -25.28 -9.02 40.83
N LEU C 420 -25.15 -9.78 39.75
CA LEU C 420 -25.63 -11.17 39.74
C LEU C 420 -24.96 -11.99 40.84
N ARG C 421 -23.65 -11.80 41.03
CA ARG C 421 -22.98 -12.49 42.13
C ARG C 421 -23.50 -12.01 43.47
N ASP C 422 -23.76 -10.71 43.62
CA ASP C 422 -24.24 -10.19 44.90
C ASP C 422 -25.59 -10.79 45.27
N MET C 423 -26.45 -11.06 44.29
CA MET C 423 -27.75 -11.57 44.68
C MET C 423 -27.68 -13.04 45.06
N VAL C 424 -26.73 -13.79 44.52
CA VAL C 424 -26.55 -15.17 44.94
C VAL C 424 -26.17 -15.22 46.43
N ARG C 425 -25.20 -14.41 46.84
CA ARG C 425 -24.72 -14.41 48.22
C ARG C 425 -25.67 -13.71 49.16
N TRP C 426 -26.46 -12.76 48.65
CA TRP C 426 -27.49 -12.10 49.45
C TRP C 426 -28.83 -12.82 49.37
N SER C 427 -28.89 -13.97 48.68
CA SER C 427 -30.06 -14.83 48.63
C SER C 427 -31.30 -14.10 48.12
N ILE C 428 -31.09 -13.34 47.05
CA ILE C 428 -32.16 -12.60 46.36
C ILE C 428 -32.59 -13.39 45.12
N PRO C 429 -33.88 -13.67 44.94
CA PRO C 429 -34.38 -14.26 43.70
C PRO C 429 -34.45 -13.18 42.64
N ASN C 430 -34.81 -13.59 41.41
CA ASN C 430 -34.75 -12.66 40.29
C ASN C 430 -35.85 -11.61 40.37
N ASN C 431 -37.11 -12.01 40.57
CA ASN C 431 -38.19 -11.05 40.85
C ASN C 431 -38.35 -9.99 39.77
N HIS C 432 -37.91 -10.33 38.55
CA HIS C 432 -37.91 -9.45 37.38
C HIS C 432 -39.32 -9.22 36.84
N ASP C 433 -40.15 -10.27 36.87
CA ASP C 433 -41.54 -10.23 36.42
C ASP C 433 -42.40 -9.25 37.21
N ALA C 434 -41.94 -8.72 38.34
CA ALA C 434 -42.78 -7.85 39.19
C ALA C 434 -42.21 -6.45 39.37
N PHE C 435 -41.04 -6.16 38.80
CA PHE C 435 -40.46 -4.81 38.87
C PHE C 435 -41.19 -3.85 37.92
N GLU C 436 -41.34 -2.59 38.34
CA GLU C 436 -41.91 -1.55 37.47
C GLU C 436 -40.88 -1.07 36.48
N THR C 437 -41.31 -0.87 35.22
CA THR C 437 -40.39 -0.31 34.25
C THR C 437 -40.40 1.22 34.36
N GLN C 438 -39.37 1.86 33.82
CA GLN C 438 -39.33 3.30 33.88
C GLN C 438 -40.56 3.84 33.16
N PRO C 439 -41.38 4.67 33.80
CA PRO C 439 -42.59 5.17 33.14
C PRO C 439 -42.31 6.09 31.96
N GLY C 440 -41.31 6.97 32.05
CA GLY C 440 -41.00 7.86 30.95
C GLY C 440 -40.70 7.14 29.65
N LEU C 441 -40.37 5.84 29.72
CA LEU C 441 -39.93 5.07 28.57
C LEU C 441 -41.01 4.13 28.06
N GLU C 442 -42.24 4.30 28.52
CA GLU C 442 -43.35 3.50 28.02
C GLU C 442 -43.41 3.44 26.50
N GLY C 443 -43.45 2.22 25.95
CA GLY C 443 -43.60 2.02 24.53
C GLY C 443 -42.31 1.73 23.82
N PHE C 444 -41.19 1.95 24.51
CA PHE C 444 -39.81 1.67 24.11
C PHE C 444 -39.14 0.68 25.06
N ALA C 445 -39.40 0.77 26.36
CA ALA C 445 -38.95 -0.17 27.39
C ALA C 445 -40.20 -0.77 28.00
N ASN C 446 -40.64 -1.91 27.51
CA ASN C 446 -41.81 -2.57 28.08
C ASN C 446 -41.38 -3.77 28.92
N THR C 447 -42.34 -4.33 29.66
CA THR C 447 -42.02 -5.48 30.49
C THR C 447 -42.00 -6.71 29.59
N THR C 448 -41.05 -7.62 29.84
CA THR C 448 -41.01 -8.90 29.14
C THR C 448 -40.84 -9.96 30.20
N PRO C 449 -41.72 -10.94 30.28
CA PRO C 449 -41.62 -11.90 31.37
C PRO C 449 -40.41 -12.76 31.16
N LEU C 450 -39.99 -13.41 32.27
CA LEU C 450 -38.93 -14.42 32.22
C LEU C 450 -39.37 -15.60 31.38
N LYS C 451 -38.45 -16.10 30.57
CA LYS C 451 -38.71 -17.36 29.89
C LYS C 451 -38.49 -18.53 30.84
N ALA C 452 -37.78 -18.28 31.93
CA ALA C 452 -37.63 -19.24 33.01
C ALA C 452 -37.33 -18.46 34.28
N GLN C 453 -38.02 -18.82 35.36
CA GLN C 453 -37.82 -18.21 36.65
C GLN C 453 -36.43 -18.57 37.20
N ALA C 454 -35.94 -17.72 38.10
CA ALA C 454 -34.63 -17.90 38.72
C ALA C 454 -34.70 -17.67 40.23
N PRO C 455 -35.25 -18.61 40.98
CA PRO C 455 -35.35 -18.45 42.43
C PRO C 455 -34.00 -18.76 43.06
N VAL C 456 -33.90 -18.51 44.36
CA VAL C 456 -32.65 -18.78 45.07
C VAL C 456 -32.20 -20.22 44.86
N GLY C 457 -30.94 -20.38 44.47
CA GLY C 457 -30.40 -21.69 44.17
C GLY C 457 -30.75 -22.26 42.81
N PHE C 458 -31.41 -21.51 41.95
CA PHE C 458 -31.63 -22.03 40.61
C PHE C 458 -30.28 -22.35 39.99
N TYR C 459 -30.22 -23.48 39.29
CA TYR C 459 -28.93 -23.91 38.77
C TYR C 459 -28.36 -22.95 37.73
N ALA C 460 -29.20 -22.16 37.06
CA ALA C 460 -28.68 -21.36 35.96
C ALA C 460 -28.06 -20.05 36.40
N TYR C 461 -27.98 -19.76 37.71
CA TYR C 461 -27.09 -18.68 38.12
C TYR C 461 -25.65 -18.98 37.77
N THR C 462 -25.35 -20.23 37.46
CA THR C 462 -24.05 -20.65 36.99
C THR C 462 -24.18 -21.08 35.54
N TRP C 463 -23.27 -20.62 34.71
CA TRP C 463 -23.30 -20.97 33.30
C TRP C 463 -22.93 -22.44 33.14
N GLU C 464 -23.46 -23.06 32.11
CA GLU C 464 -23.03 -24.39 31.72
C GLU C 464 -21.69 -24.28 31.00
N PHE C 465 -20.99 -25.39 30.90
CA PHE C 465 -19.74 -25.38 30.17
C PHE C 465 -20.03 -25.26 28.67
N PRO C 466 -19.15 -24.59 27.93
CA PRO C 466 -19.29 -24.52 26.48
C PRO C 466 -19.41 -25.89 25.84
N GLN C 467 -20.21 -25.97 24.80
CA GLN C 467 -20.46 -27.28 24.21
C GLN C 467 -19.25 -27.80 23.44
N ARG C 468 -18.34 -26.91 23.06
CA ARG C 468 -17.05 -27.38 22.54
C ARG C 468 -16.33 -28.24 23.57
N ASP C 469 -16.09 -27.69 24.76
CA ASP C 469 -15.37 -28.40 25.80
C ASP C 469 -16.10 -29.66 26.27
N ARG C 470 -17.41 -29.74 26.10
CA ARG C 470 -18.15 -30.93 26.50
C ARG C 470 -18.07 -32.03 25.46
N GLN C 471 -18.06 -31.66 24.19
CA GLN C 471 -18.17 -32.61 23.09
C GLN C 471 -16.85 -33.29 22.79
N THR C 472 -15.75 -32.59 23.07
CA THR C 472 -14.40 -33.03 22.79
C THR C 472 -13.79 -33.72 24.01
N ASN C 473 -14.52 -33.75 25.13
CA ASN C 473 -13.99 -34.22 26.40
C ASN C 473 -15.10 -34.92 27.16
N PRO C 474 -15.43 -36.17 26.81
CA PRO C 474 -16.46 -36.92 27.55
C PRO C 474 -16.20 -37.01 29.03
N GLN C 475 -14.97 -36.73 29.48
CA GLN C 475 -14.64 -36.75 30.89
C GLN C 475 -14.97 -35.42 31.58
N LEU C 476 -15.82 -34.61 30.98
CA LEU C 476 -16.24 -33.36 31.59
C LEU C 476 -17.65 -33.53 32.12
N ILE C 477 -17.86 -33.24 33.40
CA ILE C 477 -19.16 -33.38 34.05
C ILE C 477 -19.92 -32.05 33.99
N LYS C 478 -21.18 -32.11 33.52
CA LYS C 478 -21.95 -30.91 33.25
C LYS C 478 -22.47 -30.28 34.54
N ASN C 479 -22.85 -29.01 34.44
CA ASN C 479 -23.41 -28.25 35.55
C ASN C 479 -24.92 -28.42 35.68
N TRP C 480 -25.63 -28.34 34.58
CA TRP C 480 -27.08 -28.33 34.68
C TRP C 480 -27.62 -29.76 34.71
N PRO C 481 -28.75 -30.01 35.38
CA PRO C 481 -29.43 -31.28 35.19
C PRO C 481 -30.20 -31.18 33.88
N ILE C 482 -30.65 -32.32 33.35
CA ILE C 482 -30.58 -33.64 33.93
C ILE C 482 -29.24 -34.29 33.56
N CYS D 1 -16.05 12.23 -25.87
CA CYS D 1 -14.66 12.26 -25.42
C CYS D 1 -14.31 13.46 -24.61
N GLU D 2 -14.51 13.37 -23.31
CA GLU D 2 -14.06 14.44 -22.45
C GLU D 2 -12.59 14.24 -22.15
N LEU D 3 -11.75 15.12 -22.67
CA LEU D 3 -10.33 15.02 -22.35
C LEU D 3 -9.96 15.87 -21.17
N ASP D 4 -10.93 16.41 -20.45
CA ASP D 4 -10.63 16.97 -19.15
C ASP D 4 -9.99 15.90 -18.28
N ARG D 5 -8.78 16.17 -17.82
CA ARG D 5 -8.22 15.47 -16.68
C ARG D 5 -7.88 16.49 -15.61
N ASP D 6 -8.32 16.24 -14.39
CA ASP D 6 -8.01 17.10 -13.28
C ASP D 6 -7.33 16.30 -12.18
N PRO D 7 -6.45 16.94 -11.40
CA PRO D 7 -5.55 16.19 -10.51
C PRO D 7 -6.25 15.72 -9.25
N GLU D 8 -5.92 14.51 -8.81
CA GLU D 8 -6.48 14.04 -7.57
C GLU D 8 -5.79 14.76 -6.42
N GLY D 9 -6.52 14.96 -5.33
CA GLY D 9 -5.96 15.68 -4.20
C GLY D 9 -5.72 17.16 -4.39
N LYS D 10 -6.25 17.75 -5.47
CA LYS D 10 -6.24 19.19 -5.69
C LYS D 10 -7.66 19.67 -5.93
N ASP D 11 -7.96 20.88 -5.47
CA ASP D 11 -9.18 21.54 -5.86
C ASP D 11 -8.87 22.89 -6.47
N PHE D 12 -9.79 23.39 -7.29
CA PHE D 12 -9.59 24.69 -7.95
C PHE D 12 -9.74 25.84 -6.96
N GLN D 13 -8.93 26.88 -7.17
CA GLN D 13 -9.03 28.09 -6.37
C GLN D 13 -10.37 28.78 -6.60
N GLN D 14 -10.96 29.29 -5.52
CA GLN D 14 -12.24 29.98 -5.59
C GLN D 14 -12.23 31.07 -4.54
N PRO D 15 -13.20 31.99 -4.59
CA PRO D 15 -13.39 32.92 -3.47
C PRO D 15 -14.12 32.24 -2.32
N TYR D 16 -14.02 32.87 -1.13
CA TYR D 16 -14.50 32.23 0.09
C TYR D 16 -16.02 32.31 0.14
N THR D 17 -16.66 31.15 0.05
CA THR D 17 -18.12 31.04 0.08
C THR D 17 -18.67 30.79 1.46
N SER D 18 -17.95 30.04 2.29
CA SER D 18 -18.39 29.59 3.61
C SER D 18 -17.39 30.00 4.69
N PHE D 19 -17.86 30.02 5.93
CA PHE D 19 -16.96 30.25 7.05
C PHE D 19 -16.00 29.06 7.22
N VAL D 20 -16.46 27.85 6.93
CA VAL D 20 -15.61 26.68 7.09
C VAL D 20 -14.53 26.65 6.03
N GLN D 21 -14.80 27.23 4.87
CA GLN D 21 -13.74 27.38 3.88
C GLN D 21 -12.71 28.39 4.34
N THR D 22 -13.18 29.45 5.03
CA THR D 22 -12.27 30.49 5.49
C THR D 22 -11.37 29.96 6.58
N LYS D 23 -11.97 29.31 7.58
CA LYS D 23 -11.19 28.75 8.69
C LYS D 23 -10.13 27.77 8.17
N GLN D 24 -10.49 26.96 7.17
CA GLN D 24 -9.54 26.04 6.57
C GLN D 24 -8.38 26.77 5.90
N ASN D 25 -8.63 27.92 5.30
CA ASN D 25 -7.53 28.62 4.65
C ASN D 25 -6.61 29.27 5.65
N ARG D 26 -7.16 29.69 6.79
CA ARG D 26 -6.36 30.22 7.89
C ARG D 26 -5.45 29.15 8.49
N ASP D 27 -5.94 27.91 8.57
CA ASP D 27 -5.08 26.82 9.04
C ASP D 27 -3.95 26.53 8.07
N GLY D 28 -4.26 26.41 6.78
CA GLY D 28 -3.19 26.32 5.80
C GLY D 28 -2.20 27.48 5.89
N LEU D 29 -2.65 28.61 6.41
CA LEU D 29 -1.73 29.74 6.55
C LEU D 29 -0.77 29.50 7.69
N TYR D 30 -1.30 29.07 8.84
CA TYR D 30 -0.44 28.77 9.99
C TYR D 30 0.45 27.56 9.75
N ALA D 31 0.02 26.63 8.88
CA ALA D 31 0.87 25.50 8.53
C ALA D 31 2.13 25.97 7.84
N LEU D 32 1.98 26.77 6.80
CA LEU D 32 3.14 27.37 6.16
C LEU D 32 4.05 28.06 7.17
N LEU D 33 3.47 28.94 8.00
CA LEU D 33 4.28 29.71 8.95
C LEU D 33 5.22 28.81 9.74
N ARG D 34 4.73 27.62 10.12
CA ARG D 34 5.47 26.72 11.00
C ARG D 34 6.77 26.21 10.37
N ASN D 35 6.75 26.03 9.06
CA ASN D 35 7.92 25.72 8.25
C ASN D 35 8.57 26.98 7.68
N THR D 36 8.24 28.16 8.23
CA THR D 36 8.83 29.42 7.78
C THR D 36 9.49 30.16 8.94
N GLU D 37 8.72 30.73 9.87
CA GLU D 37 9.27 31.19 11.13
C GLU D 37 9.73 29.98 11.95
N ASN D 38 10.81 29.34 11.48
CA ASN D 38 11.35 28.05 11.87
C ASN D 38 12.79 28.23 12.29
N PRO D 39 13.26 27.61 13.39
CA PRO D 39 14.66 27.85 13.81
C PRO D 39 15.66 27.43 12.75
N ARG D 40 15.34 26.37 12.00
CA ARG D 40 16.20 25.92 10.92
C ARG D 40 16.59 27.05 9.97
N MET D 41 15.67 27.97 9.74
CA MET D 41 15.89 29.11 8.84
C MET D 41 16.74 30.20 9.46
N HIS D 42 16.77 30.32 10.80
CA HIS D 42 17.54 31.40 11.40
C HIS D 42 18.93 30.96 11.84
N PHE D 43 19.26 29.68 11.66
CA PHE D 43 20.58 29.21 12.07
C PHE D 43 21.68 29.85 11.24
N TYR D 44 21.41 30.11 9.96
CA TYR D 44 22.45 30.70 9.12
C TYR D 44 22.90 32.02 9.70
N GLN D 45 21.97 32.90 10.04
CA GLN D 45 22.40 34.20 10.56
C GLN D 45 22.91 34.10 11.99
N GLU D 46 22.51 33.05 12.71
CA GLU D 46 23.11 32.82 14.03
C GLU D 46 24.58 32.45 13.90
N LEU D 47 24.91 31.63 12.90
CA LEU D 47 26.27 31.16 12.68
C LEU D 47 27.19 32.24 12.13
N GLN D 48 26.64 33.34 11.61
CA GLN D 48 27.43 34.44 11.06
C GLN D 48 27.92 35.43 12.13
N SER D 49 27.43 35.33 13.37
CA SER D 49 27.84 36.22 14.43
C SER D 49 29.24 35.89 14.91
N ASP D 50 29.65 36.61 15.96
CA ASP D 50 30.99 36.54 16.51
C ASP D 50 31.18 35.34 17.44
N MET D 51 30.24 34.40 17.46
CA MET D 51 30.28 33.40 18.52
C MET D 51 30.84 32.04 18.09
N TYR D 52 30.96 31.74 16.81
CA TYR D 52 31.22 30.38 16.40
C TYR D 52 32.54 30.27 15.62
N CYS D 53 33.18 29.09 15.77
CA CYS D 53 34.26 28.59 14.92
C CYS D 53 33.82 27.24 14.36
N THR D 54 34.30 26.89 13.17
CA THR D 54 33.91 25.60 12.60
C THR D 54 34.81 24.49 13.12
N THR D 55 34.26 23.30 13.20
CA THR D 55 35.05 22.15 13.61
C THR D 55 35.62 21.47 12.38
N ILE D 56 36.48 20.48 12.61
CA ILE D 56 36.98 19.67 11.52
C ILE D 56 35.89 18.84 10.87
N THR D 57 34.71 18.75 11.48
CA THR D 57 33.67 17.89 10.92
C THR D 57 32.87 18.57 9.78
N ASP D 58 32.65 19.88 9.88
CA ASP D 58 31.91 20.64 8.87
C ASP D 58 32.34 20.29 7.45
N GLY D 59 31.39 20.33 6.51
CA GLY D 59 31.66 20.01 5.13
C GLY D 59 31.38 21.16 4.19
N ASN D 60 31.82 22.36 4.57
CA ASN D 60 31.57 23.65 3.92
C ASN D 60 30.12 24.07 3.95
N SER D 61 29.35 23.54 4.91
CA SER D 61 27.97 23.96 5.10
C SER D 61 27.86 25.16 6.03
N LEU D 62 28.51 25.10 7.18
CA LEU D 62 28.48 26.22 8.10
C LEU D 62 29.66 27.15 7.94
N ALA D 63 30.72 26.68 7.29
CA ALA D 63 31.88 27.52 7.00
C ALA D 63 31.56 28.83 6.27
N PRO D 64 30.67 28.87 5.26
CA PRO D 64 30.41 30.15 4.60
C PRO D 64 29.95 31.23 5.54
N PHE D 65 29.20 30.88 6.57
CA PHE D 65 28.67 31.93 7.42
C PHE D 65 29.63 32.26 8.55
N VAL D 66 30.29 31.24 9.08
CA VAL D 66 31.13 31.42 10.23
C VAL D 66 32.42 32.13 9.84
N ASN D 67 33.02 31.71 8.74
CA ASN D 67 34.27 32.27 8.26
C ASN D 67 34.08 33.36 7.21
N TRP D 68 32.84 33.81 6.96
CA TRP D 68 32.51 34.93 6.05
C TRP D 68 33.10 34.72 4.65
N ASP D 69 32.81 33.55 4.09
CA ASP D 69 33.16 33.20 2.71
C ASP D 69 32.20 33.95 1.79
N LEU D 70 32.54 35.21 1.52
CA LEU D 70 31.62 36.04 0.76
C LEU D 70 31.36 35.49 -0.64
N GLY D 71 32.38 34.87 -1.25
CA GLY D 71 32.22 34.33 -2.59
C GLY D 71 31.16 33.27 -2.72
N ILE D 72 30.82 32.61 -1.60
CA ILE D 72 29.79 31.57 -1.56
C ILE D 72 28.47 32.13 -1.05
N LEU D 73 28.54 33.07 -0.09
CA LEU D 73 27.38 33.70 0.54
C LEU D 73 26.60 34.58 -0.41
N ASN D 74 27.22 35.03 -1.48
CA ASN D 74 26.58 35.94 -2.44
C ASN D 74 25.27 35.32 -2.94
N ASP D 75 25.37 34.21 -3.68
CA ASP D 75 24.21 33.46 -4.19
C ASP D 75 23.90 32.22 -3.34
N HIS D 76 24.06 32.31 -2.02
CA HIS D 76 23.89 31.13 -1.19
C HIS D 76 22.43 30.71 -1.07
N GLY D 77 22.18 29.43 -1.31
CA GLY D 77 20.96 28.80 -0.86
C GLY D 77 20.23 28.09 -1.98
N ARG D 78 19.10 27.49 -1.60
CA ARG D 78 18.23 26.83 -2.56
C ARG D 78 16.78 27.14 -2.22
N ALA D 79 15.96 27.08 -3.25
CA ALA D 79 14.52 27.25 -3.14
C ALA D 79 13.92 26.74 -4.44
N ASP D 80 14.09 25.46 -4.68
CA ASP D 80 13.46 24.75 -5.77
C ASP D 80 12.63 23.66 -5.11
N GLU D 81 12.13 22.73 -5.92
CA GLU D 81 11.21 21.74 -5.37
C GLU D 81 11.91 20.49 -4.86
N ASP D 82 13.24 20.48 -4.82
CA ASP D 82 14.02 19.44 -4.16
C ASP D 82 14.58 19.91 -2.83
N GLU D 83 15.04 21.15 -2.72
CA GLU D 83 15.58 21.59 -1.44
C GLU D 83 15.22 23.06 -1.23
N VAL D 84 14.89 23.42 0.00
CA VAL D 84 14.60 24.81 0.34
C VAL D 84 15.43 25.19 1.56
N SER D 85 16.56 25.88 1.33
CA SER D 85 17.52 26.13 2.38
C SER D 85 18.28 27.42 2.12
N GLY D 86 18.88 27.93 3.20
CA GLY D 86 19.87 28.96 3.07
C GLY D 86 19.28 30.33 2.88
N ILE D 87 20.10 31.24 2.35
CA ILE D 87 19.64 32.59 2.10
C ILE D 87 18.49 32.56 1.09
N ALA D 88 18.73 31.98 -0.09
CA ALA D 88 17.66 31.79 -1.07
C ALA D 88 16.40 31.23 -0.43
N GLY D 89 16.53 30.17 0.36
CA GLY D 89 15.38 29.63 1.07
C GLY D 89 14.72 30.61 2.03
N TYR D 90 15.48 31.20 2.96
CA TYR D 90 14.94 32.17 3.92
C TYR D 90 14.09 33.20 3.21
N TYR D 91 14.64 33.78 2.15
CA TYR D 91 13.91 34.73 1.33
C TYR D 91 12.66 34.11 0.75
N PHE D 92 12.77 32.90 0.19
CA PHE D 92 11.63 32.35 -0.54
C PHE D 92 10.46 31.99 0.38
N VAL D 93 10.74 31.42 1.56
CA VAL D 93 9.61 30.96 2.34
C VAL D 93 8.83 32.17 2.88
N TYR D 94 9.51 33.26 3.19
CA TYR D 94 8.79 34.40 3.72
C TYR D 94 7.96 35.08 2.64
N ASN D 95 8.44 35.08 1.40
CA ASN D 95 7.62 35.72 0.39
C ASN D 95 6.36 34.89 0.13
N ARG D 96 6.51 33.57 0.06
CA ARG D 96 5.34 32.70 0.03
C ARG D 96 4.40 32.97 1.19
N LEU D 97 4.93 33.06 2.41
CA LEU D 97 4.07 33.45 3.53
C LEU D 97 3.41 34.80 3.27
N ASN D 98 4.17 35.78 2.77
CA ASN D 98 3.59 37.08 2.48
C ASN D 98 2.60 36.99 1.33
N GLN D 99 2.99 36.31 0.24
CA GLN D 99 2.04 36.09 -0.83
C GLN D 99 0.79 35.37 -0.33
N GLN D 100 0.99 34.30 0.44
CA GLN D 100 -0.14 33.48 0.84
C GLN D 100 -0.97 34.11 1.94
N ALA D 101 -0.36 34.91 2.81
CA ALA D 101 -1.15 35.76 3.71
C ALA D 101 -1.86 36.88 2.95
N ASN D 102 -1.29 37.36 1.83
CA ASN D 102 -1.99 38.35 1.03
C ASN D 102 -3.30 37.76 0.50
N ALA D 103 -3.24 36.61 -0.15
CA ALA D 103 -4.47 36.00 -0.63
C ALA D 103 -5.41 35.60 0.50
N PHE D 104 -4.93 35.39 1.72
CA PHE D 104 -5.93 35.09 2.73
C PHE D 104 -6.62 36.36 3.19
N VAL D 105 -5.86 37.43 3.43
CA VAL D 105 -6.43 38.70 3.88
C VAL D 105 -7.41 39.23 2.85
N ASN D 106 -7.02 39.21 1.57
CA ASN D 106 -7.90 39.80 0.57
C ASN D 106 -9.18 38.99 0.41
N ASN D 107 -9.09 37.67 0.46
CA ASN D 107 -10.30 36.89 0.22
C ASN D 107 -11.23 36.85 1.43
N THR D 108 -10.74 37.18 2.63
CA THR D 108 -11.61 37.36 3.80
C THR D 108 -12.31 38.70 3.76
N GLU D 109 -11.59 39.75 3.32
CA GLU D 109 -12.23 41.05 3.10
C GLU D 109 -13.32 40.93 2.04
N ALA D 110 -13.07 40.12 1.02
CA ALA D 110 -14.05 39.90 -0.03
C ALA D 110 -15.30 39.22 0.53
N ALA D 111 -15.11 38.14 1.27
CA ALA D 111 -16.25 37.39 1.82
C ALA D 111 -17.06 38.24 2.80
N LEU D 112 -16.37 39.01 3.65
CA LEU D 112 -17.08 39.86 4.62
C LEU D 112 -17.95 40.85 3.89
N GLN D 113 -17.39 41.52 2.88
CA GLN D 113 -18.03 42.54 2.08
C GLN D 113 -19.14 42.00 1.18
N ASN D 114 -19.19 40.70 0.91
CA ASN D 114 -20.34 40.11 0.23
C ASN D 114 -21.24 39.34 1.18
N GLN D 115 -21.11 39.58 2.48
CA GLN D 115 -21.99 39.02 3.50
C GLN D 115 -22.21 37.52 3.34
N VAL D 116 -21.16 36.79 2.95
CA VAL D 116 -21.32 35.36 2.72
C VAL D 116 -21.38 34.62 4.05
N TYR D 117 -21.02 35.28 5.14
CA TYR D 117 -21.12 34.63 6.44
C TYR D 117 -22.57 34.71 6.89
N LYS D 118 -23.01 33.66 7.57
CA LYS D 118 -24.43 33.46 7.77
C LYS D 118 -24.95 33.97 9.11
N ASN D 119 -24.08 34.48 9.98
CA ASN D 119 -24.54 35.09 11.22
C ASN D 119 -23.44 35.99 11.75
N SER D 120 -23.74 36.66 12.85
CA SER D 120 -22.84 37.69 13.35
C SER D 120 -21.58 37.11 13.96
N THR D 121 -21.64 35.87 14.44
CA THR D 121 -20.47 35.26 15.05
C THR D 121 -19.47 34.76 14.01
N GLU D 122 -19.95 34.24 12.88
CA GLU D 122 -19.06 33.97 11.75
C GLU D 122 -18.42 35.26 11.28
N ILE D 123 -19.25 36.28 11.08
CA ILE D 123 -18.76 37.61 10.72
C ILE D 123 -17.71 38.08 11.71
N ALA D 124 -17.99 37.96 13.01
CA ALA D 124 -17.09 38.55 14.00
C ALA D 124 -15.74 37.86 14.04
N ASN D 125 -15.73 36.55 13.80
CA ASN D 125 -14.48 35.79 13.83
C ASN D 125 -13.60 36.10 12.62
N ALA D 126 -14.21 36.27 11.45
CA ALA D 126 -13.41 36.57 10.26
C ALA D 126 -12.77 37.95 10.36
N LYS D 127 -13.44 38.89 11.03
CA LYS D 127 -12.78 40.17 11.31
C LYS D 127 -11.54 39.96 12.16
N SER D 128 -11.49 38.84 12.91
CA SER D 128 -10.41 38.46 13.81
C SER D 128 -9.35 37.57 13.15
N PHE D 129 -9.77 36.61 12.31
CA PHE D 129 -8.79 35.95 11.45
C PHE D 129 -8.10 36.96 10.56
N LEU D 130 -8.79 38.05 10.26
CA LEU D 130 -8.22 39.08 9.40
C LEU D 130 -7.05 39.79 10.10
N ALA D 131 -7.20 40.09 11.39
CA ALA D 131 -6.11 40.75 12.11
C ALA D 131 -4.89 39.85 12.18
N GLU D 132 -5.12 38.54 12.40
CA GLU D 132 -4.05 37.55 12.43
C GLU D 132 -3.26 37.57 11.12
N GLY D 133 -3.96 37.46 9.99
CA GLY D 133 -3.31 37.57 8.69
C GLY D 133 -2.54 38.86 8.51
N LYS D 134 -3.02 39.97 9.09
CA LYS D 134 -2.28 41.23 9.07
C LYS D 134 -0.96 41.10 9.83
N VAL D 135 -0.97 40.45 10.99
CA VAL D 135 0.27 40.21 11.74
C VAL D 135 1.22 39.34 10.94
N LEU D 136 0.70 38.29 10.31
CA LEU D 136 1.53 37.42 9.49
C LEU D 136 2.23 38.18 8.35
N GLN D 137 1.51 39.06 7.66
CA GLN D 137 2.16 39.88 6.66
C GLN D 137 3.23 40.79 7.26
N ALA D 138 2.94 41.34 8.45
CA ALA D 138 3.94 42.20 9.10
C ALA D 138 5.19 41.40 9.42
N LEU D 139 5.02 40.19 9.96
CA LEU D 139 6.16 39.33 10.23
C LEU D 139 6.88 38.99 8.93
N ALA D 140 6.14 38.61 7.89
CA ALA D 140 6.80 38.19 6.66
C ALA D 140 7.68 39.31 6.11
N ILE D 141 7.16 40.52 6.05
CA ILE D 141 7.95 41.60 5.45
C ILE D 141 9.13 41.98 6.35
N TRP D 142 8.94 41.97 7.67
CA TRP D 142 10.01 42.42 8.56
C TRP D 142 11.17 41.42 8.60
N ARG D 143 10.85 40.13 8.60
CA ARG D 143 11.90 39.11 8.49
C ARG D 143 12.70 39.28 7.21
N LEU D 144 12.01 39.64 6.11
CA LEU D 144 12.72 39.91 4.85
C LEU D 144 13.57 41.16 4.95
N MET D 145 13.10 42.18 5.68
CA MET D 145 13.91 43.38 5.91
C MET D 145 15.06 43.11 6.88
N ASP D 146 14.85 42.20 7.83
CA ASP D 146 15.87 41.93 8.84
C ASP D 146 17.18 41.51 8.19
N ARG D 147 17.10 40.88 7.03
CA ARG D 147 18.27 40.36 6.38
C ARG D 147 18.58 41.04 5.06
N PHE D 148 17.62 41.72 4.43
CA PHE D 148 17.84 42.20 3.07
C PHE D 148 17.71 43.71 2.91
N SER D 149 17.60 44.46 4.00
CA SER D 149 17.83 45.88 3.96
C SER D 149 18.97 46.20 4.93
N PHE D 150 19.66 47.30 4.65
CA PHE D 150 20.80 47.71 5.43
C PHE D 150 20.36 48.35 6.73
N HIS D 151 21.15 48.14 7.78
CA HIS D 151 21.06 49.01 8.93
C HIS D 151 21.63 50.37 8.55
N GLU D 152 21.18 51.41 9.24
CA GLU D 152 21.65 52.77 8.96
C GLU D 152 23.17 52.91 9.03
N SER D 153 23.85 51.97 9.67
CA SER D 153 25.26 52.12 10.00
C SER D 153 26.20 51.69 8.90
N VAL D 154 25.69 51.08 7.83
CA VAL D 154 26.53 50.52 6.79
C VAL D 154 27.24 51.62 6.03
N THR D 155 28.51 51.38 5.69
CA THR D 155 29.31 52.37 4.97
C THR D 155 29.13 52.23 3.46
N GLU D 156 30.01 51.52 2.75
CA GLU D 156 29.94 51.46 1.29
C GLU D 156 28.85 50.48 0.85
N VAL D 157 27.98 50.93 -0.09
CA VAL D 157 26.88 50.12 -0.62
C VAL D 157 26.77 50.36 -2.11
N ASN D 158 26.03 49.47 -2.79
CA ASN D 158 25.56 49.74 -4.14
C ASN D 158 24.71 51.01 -4.11
N SER D 159 24.84 51.84 -5.15
CA SER D 159 24.23 53.18 -5.13
C SER D 159 22.72 53.07 -5.27
N GLY D 160 22.00 53.56 -4.26
CA GLY D 160 20.55 53.50 -4.21
C GLY D 160 20.04 52.64 -3.07
N ALA D 161 20.81 51.63 -2.67
CA ALA D 161 20.26 50.62 -1.79
C ALA D 161 20.24 51.04 -0.33
N LYS D 162 20.94 52.12 0.05
CA LYS D 162 21.09 52.41 1.47
C LYS D 162 19.77 52.67 2.15
N ASP D 163 18.79 53.17 1.40
CA ASP D 163 17.48 53.52 1.93
C ASP D 163 16.37 52.60 1.44
N LEU D 164 16.69 51.54 0.72
CA LEU D 164 15.68 50.66 0.14
C LEU D 164 15.31 49.54 1.11
N GLY D 165 14.03 49.21 1.15
CA GLY D 165 13.54 48.00 1.78
C GLY D 165 13.45 46.86 0.78
N VAL D 166 12.51 45.96 1.01
CA VAL D 166 12.32 44.83 0.12
C VAL D 166 11.13 45.10 -0.78
N ILE D 167 10.92 44.26 -1.79
CA ILE D 167 9.84 44.43 -2.74
C ILE D 167 8.51 44.22 -2.02
N LEU D 168 7.77 45.31 -1.84
CA LEU D 168 6.50 45.29 -1.10
C LEU D 168 5.36 44.94 -2.04
N LEU D 169 4.67 43.83 -1.76
CA LEU D 169 3.54 43.39 -2.57
C LEU D 169 2.38 43.08 -1.61
N LYS D 170 1.32 43.92 -1.67
CA LYS D 170 0.24 43.84 -0.69
C LYS D 170 -0.94 43.01 -1.15
N GLU D 171 -0.91 42.53 -2.39
CA GLU D 171 -1.97 41.76 -3.02
C GLU D 171 -1.43 40.41 -3.47
N TYR D 172 -2.28 39.39 -3.42
CA TYR D 172 -1.92 38.06 -3.93
C TYR D 172 -1.72 38.16 -5.43
N ASN D 173 -0.47 38.24 -5.88
CA ASN D 173 -0.18 38.43 -7.29
C ASN D 173 1.05 37.63 -7.68
N PRO D 174 0.86 36.44 -8.23
CA PRO D 174 1.99 35.61 -8.64
C PRO D 174 2.81 36.24 -9.76
N GLY D 175 2.16 36.93 -10.68
CA GLY D 175 2.90 37.51 -11.76
C GLY D 175 3.57 38.81 -11.46
N TYR D 176 3.40 39.36 -10.25
CA TYR D 176 3.99 40.66 -9.95
C TYR D 176 5.50 40.57 -9.95
N ILE D 177 6.14 41.54 -10.60
CA ILE D 177 7.59 41.71 -10.61
C ILE D 177 7.93 43.19 -10.64
N GLY D 178 8.02 43.83 -9.49
CA GLY D 178 8.27 45.24 -9.42
C GLY D 178 9.56 45.56 -8.71
N PRO D 179 9.72 46.81 -8.33
CA PRO D 179 10.95 47.22 -7.66
C PRO D 179 10.82 47.28 -6.14
N ARG D 180 11.93 47.59 -5.50
CA ARG D 180 12.01 47.57 -4.05
C ARG D 180 11.28 48.74 -3.46
N ALA D 181 10.44 48.50 -2.48
CA ALA D 181 9.93 49.65 -1.76
C ALA D 181 11.06 50.33 -1.01
N THR D 182 10.80 51.56 -0.61
CA THR D 182 11.80 52.26 0.19
C THR D 182 11.76 51.71 1.61
N LYS D 183 12.74 52.10 2.42
CA LYS D 183 12.76 51.65 3.80
C LYS D 183 11.51 52.10 4.52
N ALA D 184 11.15 53.38 4.42
CA ALA D 184 9.97 53.87 5.13
C ALA D 184 8.69 53.31 4.55
N GLN D 185 8.67 52.99 3.26
CA GLN D 185 7.51 52.28 2.71
C GLN D 185 7.31 50.95 3.42
N CYS D 186 8.32 50.09 3.39
CA CYS D 186 8.22 48.80 4.05
C CYS D 186 7.86 48.93 5.53
N TYR D 187 8.53 49.84 6.26
CA TYR D 187 8.32 49.85 7.71
C TYR D 187 6.97 50.43 8.09
N ASP D 188 6.42 51.34 7.28
CA ASP D 188 5.09 51.85 7.58
C ASP D 188 4.02 50.82 7.26
N TYR D 189 4.26 49.96 6.27
CA TYR D 189 3.36 48.85 6.03
C TYR D 189 3.40 47.86 7.20
N ILE D 190 4.61 47.55 7.67
CA ILE D 190 4.78 46.62 8.79
C ILE D 190 4.04 47.13 10.03
N LEU D 191 4.32 48.36 10.48
CA LEU D 191 3.72 48.82 11.73
C LEU D 191 2.21 49.03 11.62
N SER D 192 1.70 49.41 10.45
CA SER D 192 0.27 49.64 10.33
C SER D 192 -0.50 48.32 10.30
N ARG D 193 0.02 47.32 9.57
CA ARG D 193 -0.54 45.98 9.63
C ARG D 193 -0.73 45.55 11.08
N LEU D 194 0.32 45.77 11.89
CA LEU D 194 0.34 45.36 13.30
C LEU D 194 -0.62 46.18 14.13
N SER D 195 -0.62 47.50 13.94
CA SER D 195 -1.51 48.39 14.71
C SER D 195 -2.98 48.09 14.42
N GLU D 196 -3.32 47.87 13.14
CA GLU D 196 -4.70 47.54 12.82
C GLU D 196 -5.12 46.24 13.48
N ALA D 197 -4.18 45.35 13.79
CA ALA D 197 -4.52 44.07 14.36
C ALA D 197 -4.67 44.14 15.86
N ILE D 198 -3.84 44.94 16.54
CA ILE D 198 -3.98 45.12 17.97
C ILE D 198 -5.34 45.74 18.32
N GLU D 199 -5.96 46.45 17.36
CA GLU D 199 -7.29 47.02 17.54
C GLU D 199 -8.37 45.94 17.58
N VAL D 200 -8.22 44.88 16.79
CA VAL D 200 -9.27 43.89 16.59
C VAL D 200 -9.07 42.68 17.48
N LEU D 201 -7.79 42.29 17.72
CA LEU D 201 -7.52 41.07 18.46
C LEU D 201 -7.81 41.27 19.96
N PRO D 202 -8.39 40.27 20.62
CA PRO D 202 -8.80 40.43 22.02
C PRO D 202 -7.62 40.55 22.95
N GLU D 203 -7.89 41.16 24.11
CA GLU D 203 -6.82 41.50 25.05
C GLU D 203 -6.01 40.27 25.46
N ASN D 204 -6.70 39.21 25.89
CA ASN D 204 -6.07 38.01 26.40
C ASN D 204 -5.96 36.92 25.34
N ARG D 205 -4.81 36.23 25.31
CA ARG D 205 -4.53 35.27 24.25
C ARG D 205 -5.53 34.13 24.27
N GLU D 206 -5.97 33.74 23.08
CA GLU D 206 -6.98 32.69 22.95
C GLU D 206 -6.37 31.31 22.78
N SER D 207 -5.27 31.19 22.01
CA SER D 207 -4.57 29.92 21.81
C SER D 207 -3.11 30.21 21.60
N VAL D 208 -2.24 29.46 22.28
CA VAL D 208 -0.82 29.61 22.05
C VAL D 208 -0.42 29.13 20.66
N LEU D 209 -1.35 28.56 19.91
CA LEU D 209 -1.08 28.04 18.58
C LEU D 209 -1.49 29.00 17.49
N TYR D 210 -1.89 30.22 17.86
CA TYR D 210 -2.39 31.22 16.93
C TYR D 210 -1.96 32.62 17.34
N VAL D 211 -2.06 33.56 16.40
CA VAL D 211 -1.70 34.93 16.69
C VAL D 211 -2.64 35.51 17.73
N SER D 212 -2.09 36.23 18.70
CA SER D 212 -2.85 36.81 19.78
C SER D 212 -2.47 38.27 19.91
N ARG D 213 -3.23 39.03 20.71
CA ARG D 213 -2.79 40.40 20.91
C ARG D 213 -1.48 40.43 21.67
N ASP D 214 -1.33 39.53 22.65
CA ASP D 214 -0.06 39.41 23.34
C ASP D 214 1.09 39.21 22.37
N TYR D 215 0.87 38.44 21.30
CA TYR D 215 1.96 38.20 20.35
C TYR D 215 2.35 39.44 19.59
N ALA D 216 1.37 40.13 19.01
CA ALA D 216 1.66 41.28 18.17
C ALA D 216 2.33 42.40 18.96
N TYR D 217 1.86 42.66 20.18
CA TYR D 217 2.54 43.59 21.08
C TYR D 217 4.02 43.22 21.22
N ALA D 218 4.30 41.94 21.43
CA ALA D 218 5.67 41.46 21.52
C ALA D 218 6.43 41.65 20.20
N LEU D 219 5.89 41.13 19.09
CA LEU D 219 6.56 41.28 17.78
C LEU D 219 6.77 42.74 17.42
N ARG D 220 5.84 43.62 17.78
CA ARG D 220 6.09 45.02 17.50
C ARG D 220 7.22 45.55 18.37
N ALA D 221 7.23 45.18 19.66
CA ALA D 221 8.33 45.62 20.51
C ALA D 221 9.68 45.11 19.97
N ARG D 222 9.73 43.88 19.50
CA ARG D 222 10.94 43.43 18.80
C ARG D 222 11.27 44.36 17.65
N ILE D 223 10.28 44.62 16.79
CA ILE D 223 10.56 45.42 15.59
C ILE D 223 10.97 46.84 15.96
N TYR D 224 10.29 47.44 16.94
CA TYR D 224 10.71 48.76 17.39
C TYR D 224 12.15 48.76 17.85
N LEU D 225 12.55 47.72 18.59
CA LEU D 225 13.89 47.66 19.15
C LEU D 225 14.96 47.72 18.06
N ALA D 226 14.82 46.90 17.03
CA ALA D 226 15.77 46.96 15.93
C ALA D 226 15.63 48.24 15.11
N LEU D 227 14.62 49.06 15.35
CA LEU D 227 14.55 50.35 14.71
C LEU D 227 15.12 51.45 15.58
N GLY D 228 15.63 51.11 16.76
CA GLY D 228 16.16 52.10 17.67
C GLY D 228 15.13 52.89 18.43
N GLU D 229 13.83 52.65 18.20
CA GLU D 229 12.75 53.34 18.91
C GLU D 229 12.55 52.72 20.29
N TYR D 230 13.45 53.08 21.21
CA TYR D 230 13.48 52.39 22.51
C TYR D 230 12.26 52.73 23.34
N GLY D 231 11.83 53.99 23.33
CA GLY D 231 10.63 54.34 24.07
C GLY D 231 9.42 53.58 23.57
N LYS D 232 9.29 53.42 22.25
CA LYS D 232 8.12 52.71 21.76
C LYS D 232 8.22 51.21 22.02
N ALA D 233 9.43 50.64 21.92
CA ALA D 233 9.61 49.22 22.21
C ALA D 233 9.22 48.91 23.65
N ALA D 234 9.62 49.79 24.58
CA ALA D 234 9.32 49.54 25.97
C ALA D 234 7.83 49.65 26.24
N ALA D 235 7.10 50.39 25.41
CA ALA D 235 5.68 50.54 25.66
C ALA D 235 4.93 49.28 25.24
N ASP D 236 5.29 48.70 24.10
CA ASP D 236 4.68 47.43 23.73
C ASP D 236 5.15 46.27 24.61
N ALA D 237 6.40 46.33 25.09
CA ALA D 237 6.86 45.30 26.01
C ALA D 237 5.97 45.21 27.25
N LYS D 238 5.78 46.34 27.95
CA LYS D 238 5.11 46.30 29.26
C LYS D 238 3.71 45.75 29.14
N MET D 239 3.15 45.80 27.95
CA MET D 239 1.82 45.32 27.66
C MET D 239 1.77 43.80 27.60
N VAL D 240 2.92 43.12 27.56
CA VAL D 240 2.91 41.67 27.45
C VAL D 240 3.79 41.04 28.52
N VAL D 241 4.78 41.81 29.00
CA VAL D 241 5.90 41.20 29.74
C VAL D 241 5.44 40.48 31.01
N ASP D 242 4.35 40.92 31.62
CA ASP D 242 3.90 40.32 32.87
C ASP D 242 2.85 39.24 32.67
N LYS D 243 2.45 38.97 31.44
CA LYS D 243 1.41 37.98 31.22
C LYS D 243 1.98 36.57 31.10
N TYR D 244 3.30 36.44 31.08
CA TYR D 244 3.95 35.15 30.94
C TYR D 244 5.06 35.04 31.99
N PRO D 245 5.00 34.04 32.84
CA PRO D 245 5.93 34.01 33.97
C PRO D 245 7.13 33.14 33.64
N LEU D 246 8.20 33.29 34.42
CA LEU D 246 9.43 32.56 34.16
C LEU D 246 9.39 31.17 34.79
N ILE D 247 10.23 30.28 34.24
CA ILE D 247 10.29 28.90 34.70
C ILE D 247 10.74 28.81 36.15
N GLY D 248 9.96 28.11 36.96
CA GLY D 248 10.30 27.90 38.35
C GLY D 248 11.17 26.68 38.48
N ALA D 249 12.48 26.88 38.48
CA ALA D 249 13.44 25.78 38.54
C ALA D 249 14.31 25.93 39.77
N ALA D 250 14.64 24.80 40.38
CA ALA D 250 15.54 24.75 41.52
C ALA D 250 16.94 24.32 41.11
N ASP D 251 17.02 23.36 40.20
CA ASP D 251 18.27 22.95 39.58
C ASP D 251 18.07 22.96 38.07
N ALA D 252 19.13 22.58 37.35
CA ALA D 252 19.09 22.55 35.90
C ALA D 252 18.32 21.36 35.34
N SER D 253 17.97 20.39 36.18
CA SER D 253 17.10 19.32 35.70
C SER D 253 15.64 19.77 35.72
N GLU D 254 15.24 20.45 36.82
CA GLU D 254 13.94 21.10 36.82
C GLU D 254 13.84 22.14 35.72
N PHE D 255 14.95 22.82 35.41
CA PHE D 255 14.91 23.78 34.33
C PHE D 255 14.71 23.07 33.00
N GLU D 256 15.55 22.07 32.72
CA GLU D 256 15.55 21.48 31.38
C GLU D 256 14.23 20.79 31.06
N ASN D 257 13.63 20.11 32.03
CA ASN D 257 12.34 19.48 31.77
C ASN D 257 11.29 20.50 31.34
N ILE D 258 11.22 21.63 32.04
CA ILE D 258 10.21 22.62 31.72
C ILE D 258 10.53 23.32 30.40
N TYR D 259 11.73 23.90 30.31
CA TYR D 259 12.11 24.68 29.12
C TYR D 259 11.94 23.89 27.82
N ARG D 260 12.37 22.63 27.82
CA ARG D 260 12.35 21.89 26.57
C ARG D 260 10.97 21.43 26.19
N SER D 261 10.00 21.58 27.08
CA SER D 261 8.61 21.18 26.85
C SER D 261 7.87 22.30 26.12
N ASP D 262 7.58 22.08 24.84
CA ASP D 262 6.65 22.95 24.13
C ASP D 262 5.39 23.13 24.93
N ALA D 263 4.95 22.05 25.59
CA ALA D 263 3.64 22.02 26.20
C ALA D 263 3.61 22.70 27.58
N ASN D 264 4.70 22.68 28.33
CA ASN D 264 4.62 23.12 29.71
C ASN D 264 5.44 24.37 29.99
N ASN D 265 6.14 24.92 29.00
CA ASN D 265 6.92 26.13 29.23
C ASN D 265 5.95 27.32 29.30
N PRO D 266 5.72 27.87 30.51
CA PRO D 266 4.71 28.93 30.66
C PRO D 266 5.10 30.25 30.04
N GLU D 267 6.31 30.32 29.48
CA GLU D 267 6.87 31.51 28.87
C GLU D 267 6.59 31.59 27.38
N ILE D 268 6.10 30.51 26.78
CA ILE D 268 5.86 30.51 25.35
C ILE D 268 4.56 31.22 25.05
N ILE D 269 4.65 32.32 24.29
CA ILE D 269 3.51 33.18 23.96
C ILE D 269 2.79 32.68 22.71
N PHE D 270 3.54 32.15 21.74
CA PHE D 270 3.01 31.80 20.43
C PHE D 270 3.95 30.79 19.81
N ARG D 271 3.45 29.58 19.59
CA ARG D 271 4.18 28.53 18.91
C ARG D 271 3.26 27.94 17.86
N GLY D 272 3.85 27.24 16.91
CA GLY D 272 3.09 26.46 15.95
C GLY D 272 2.78 25.08 16.53
N PHE D 273 1.58 24.59 16.22
CA PHE D 273 1.23 23.22 16.60
C PHE D 273 2.24 22.22 16.05
N ALA D 274 2.67 21.30 16.92
CA ALA D 274 3.52 20.16 16.55
C ALA D 274 3.16 18.91 17.34
N SER D 275 3.18 17.79 16.65
CA SER D 275 3.04 16.46 17.21
C SER D 275 4.26 15.60 16.85
N ALA D 276 4.31 14.39 17.39
CA ALA D 276 5.36 13.51 16.90
C ALA D 276 5.12 13.17 15.43
N THR D 277 3.86 13.18 14.97
CA THR D 277 3.54 12.79 13.61
C THR D 277 3.25 13.94 12.66
N LEU D 278 3.18 15.20 13.14
CA LEU D 278 2.94 16.36 12.29
C LEU D 278 3.47 17.66 12.91
N GLY D 279 4.27 18.37 12.17
CA GLY D 279 4.73 19.66 12.64
C GLY D 279 5.97 19.66 13.49
N SER D 280 6.56 18.48 13.75
CA SER D 280 7.85 18.32 14.43
C SER D 280 8.97 18.03 13.46
N PHE D 281 10.08 18.73 13.65
CA PHE D 281 11.25 18.63 12.80
C PHE D 281 12.48 18.50 13.70
N THR D 282 13.54 17.90 13.15
CA THR D 282 14.83 17.85 13.82
C THR D 282 15.63 19.10 13.48
N ALA D 283 16.26 19.71 14.49
CA ALA D 283 17.07 20.89 14.22
C ALA D 283 18.49 20.69 14.70
N THR D 284 19.21 19.73 14.11
CA THR D 284 20.55 19.33 14.57
C THR D 284 21.67 19.92 13.72
N THR D 285 21.65 21.23 13.55
CA THR D 285 22.76 21.94 12.93
C THR D 285 23.70 22.51 13.98
N LEU D 286 23.15 23.25 14.94
CA LEU D 286 23.97 23.83 16.00
C LEU D 286 24.71 22.77 16.84
N ASN D 287 24.07 21.63 17.12
CA ASN D 287 24.61 20.65 18.06
C ASN D 287 25.23 19.41 17.43
N GLY D 288 24.90 19.11 16.18
CA GLY D 288 25.47 17.92 15.56
C GLY D 288 24.98 16.62 16.15
N ALA D 289 23.83 16.61 16.82
CA ALA D 289 23.41 15.43 17.55
C ALA D 289 22.85 14.36 16.62
N ALA D 290 22.85 13.13 17.15
CA ALA D 290 22.25 11.96 16.53
C ALA D 290 21.94 10.95 17.63
N PRO D 291 20.93 10.10 17.45
CA PRO D 291 20.62 9.10 18.45
C PRO D 291 21.57 7.93 18.39
N ALA D 292 21.85 7.37 19.56
CA ALA D 292 22.53 6.10 19.69
C ALA D 292 21.76 5.33 20.75
N GLY D 293 20.87 4.46 20.31
CA GLY D 293 20.03 3.68 21.20
C GLY D 293 19.17 4.55 22.09
N LYS D 294 19.36 4.39 23.40
CA LYS D 294 18.75 5.22 24.42
C LYS D 294 19.51 6.52 24.64
N ASP D 295 20.56 6.79 23.89
CA ASP D 295 21.46 7.92 24.14
C ASP D 295 21.55 8.86 22.94
N ILE D 296 22.26 9.96 23.17
CA ILE D 296 22.50 10.98 22.17
C ILE D 296 23.99 11.28 22.18
N LYS D 297 24.63 11.18 21.02
CA LYS D 297 26.02 11.58 20.84
C LYS D 297 26.07 12.82 19.94
N TYR D 298 27.11 13.63 20.09
CA TYR D 298 27.18 14.89 19.38
C TYR D 298 28.46 14.99 18.58
N ASN D 299 28.33 15.32 17.29
CA ASN D 299 29.45 15.64 16.41
C ASN D 299 29.11 16.95 15.74
N PRO D 300 29.35 18.07 16.40
CA PRO D 300 28.97 19.35 15.81
C PRO D 300 29.83 19.71 14.61
N SER D 301 29.26 20.55 13.75
CA SER D 301 30.07 21.19 12.74
C SER D 301 30.52 22.57 13.19
N ALA D 302 29.90 23.11 14.24
CA ALA D 302 30.36 24.36 14.81
C ALA D 302 30.09 24.38 16.30
N VAL D 303 30.97 25.07 17.03
CA VAL D 303 30.92 25.19 18.50
C VAL D 303 31.36 26.59 18.90
N PRO D 304 30.83 27.09 20.02
CA PRO D 304 31.18 28.45 20.43
C PRO D 304 32.66 28.64 20.73
N PHE D 305 33.11 29.88 20.56
CA PHE D 305 34.40 30.26 21.09
C PHE D 305 34.34 30.26 22.61
N GLN D 306 35.52 30.21 23.22
CA GLN D 306 35.58 30.15 24.67
C GLN D 306 34.85 31.33 25.30
N TRP D 307 34.97 32.51 24.72
CA TRP D 307 34.37 33.69 25.34
C TRP D 307 32.85 33.54 25.49
N VAL D 308 32.21 32.76 24.60
CA VAL D 308 30.79 32.44 24.76
C VAL D 308 30.60 31.48 25.93
N VAL D 309 31.39 30.40 25.98
CA VAL D 309 31.34 29.50 27.14
C VAL D 309 31.62 30.27 28.42
N ASP D 310 32.62 31.16 28.40
CA ASP D 310 32.95 31.92 29.59
C ASP D 310 31.89 32.96 29.91
N LEU D 311 30.93 33.20 29.02
CA LEU D 311 29.87 34.15 29.34
C LEU D 311 29.02 33.66 30.49
N TYR D 312 28.81 32.36 30.60
CA TYR D 312 27.83 31.78 31.50
C TYR D 312 28.45 31.51 32.86
N GLU D 313 27.79 31.97 33.92
CA GLU D 313 28.17 31.48 35.23
C GLU D 313 28.09 29.95 35.24
N ASN D 314 28.83 29.33 36.15
CA ASN D 314 28.85 27.88 36.13
C ASN D 314 27.54 27.28 36.63
N GLU D 315 26.84 27.99 37.54
CA GLU D 315 25.54 27.59 38.06
C GLU D 315 24.37 28.07 37.21
N ASP D 316 24.64 28.61 36.03
CA ASP D 316 23.57 29.09 35.19
C ASP D 316 22.85 27.88 34.62
N PHE D 317 21.54 27.81 34.86
CA PHE D 317 20.76 26.70 34.35
C PHE D 317 20.93 26.58 32.85
N ARG D 318 21.25 27.68 32.18
CA ARG D 318 21.37 27.66 30.74
C ARG D 318 22.62 26.94 30.28
N LYS D 319 23.68 26.97 31.11
CA LYS D 319 24.99 26.43 30.73
C LYS D 319 24.98 24.93 30.61
N SER D 320 23.87 24.30 30.94
CA SER D 320 23.70 22.88 30.67
C SER D 320 22.52 22.60 29.75
N VAL D 321 21.80 23.62 29.26
CA VAL D 321 20.67 23.43 28.36
C VAL D 321 20.82 24.22 27.06
N TYR D 322 21.06 25.54 27.17
CA TYR D 322 21.27 26.32 25.95
C TYR D 322 22.59 25.94 25.30
N ILE D 323 23.64 25.91 26.11
CA ILE D 323 24.87 25.22 25.76
C ILE D 323 25.05 24.05 26.73
N ALA D 324 25.78 23.01 26.29
CA ALA D 324 25.91 21.79 27.09
C ALA D 324 27.28 21.16 26.88
N LYS D 325 27.98 20.85 27.98
CA LYS D 325 29.37 20.40 27.86
C LYS D 325 29.39 18.94 27.38
N VAL D 326 29.03 18.76 26.11
CA VAL D 326 28.85 17.43 25.56
C VAL D 326 29.62 17.22 24.26
N VAL D 327 30.72 17.95 24.05
CA VAL D 327 31.60 17.82 22.89
C VAL D 327 32.77 16.90 23.25
N LYS D 328 33.24 16.12 22.25
CA LYS D 328 34.17 15.00 22.45
C LYS D 328 33.57 13.94 23.39
N LYS D 329 33.48 14.23 24.67
CA LYS D 329 32.62 13.44 25.52
C LYS D 329 32.10 14.35 26.62
N ASP D 330 33.06 15.00 27.28
CA ASP D 330 32.81 15.93 28.38
C ASP D 330 33.78 17.10 28.27
N LYS D 331 34.32 17.34 27.08
CA LYS D 331 35.48 18.20 26.93
C LYS D 331 35.15 19.62 26.52
N GLY D 332 34.02 19.87 25.87
CA GLY D 332 33.67 21.20 25.42
C GLY D 332 32.17 21.40 25.26
N TYR D 333 31.77 22.65 25.05
CA TYR D 333 30.35 22.98 24.99
C TYR D 333 29.89 23.13 23.53
N LEU D 334 28.63 22.77 23.29
CA LEU D 334 27.99 23.10 22.03
C LEU D 334 26.67 23.80 22.35
N VAL D 335 26.14 24.51 21.36
CA VAL D 335 24.86 25.18 21.52
C VAL D 335 23.78 24.13 21.39
N ASN D 336 23.05 23.89 22.49
CA ASN D 336 22.17 22.74 22.60
C ASN D 336 20.71 23.15 22.80
N LYS D 337 20.40 24.44 22.66
CA LYS D 337 19.03 24.95 22.87
C LYS D 337 17.98 24.15 22.11
N PHE D 338 18.26 23.81 20.85
CA PHE D 338 17.27 23.12 20.01
C PHE D 338 17.38 21.60 20.06
N LEU D 339 17.69 21.04 21.24
CA LEU D 339 18.10 19.63 21.34
C LEU D 339 16.96 18.66 21.06
N GLU D 340 15.77 18.89 21.65
CA GLU D 340 14.65 17.94 21.62
C GLU D 340 13.42 18.42 22.42
N ASP D 341 12.23 17.96 22.05
CA ASP D 341 11.12 17.85 22.99
C ASP D 341 10.77 16.37 23.11
N LYS D 342 10.88 15.82 24.32
CA LYS D 342 10.65 14.39 24.48
C LYS D 342 9.24 13.99 24.07
N ALA D 343 8.28 14.91 24.12
CA ALA D 343 6.90 14.55 23.80
C ALA D 343 6.75 14.13 22.34
N TYR D 344 7.75 14.42 21.51
CA TYR D 344 7.70 14.15 20.08
C TYR D 344 8.48 12.89 19.70
N ARG D 345 8.92 12.12 20.68
CA ARG D 345 9.66 10.92 20.39
C ARG D 345 8.72 9.83 19.91
N ASP D 346 9.06 9.20 18.79
CA ASP D 346 8.25 8.07 18.34
C ASP D 346 8.13 7.03 19.44
N VAL D 347 9.20 6.83 20.19
CA VAL D 347 9.24 5.85 21.27
C VAL D 347 9.81 6.54 22.49
N GLN D 348 9.10 6.47 23.62
CA GLN D 348 9.54 7.13 24.85
C GLN D 348 11.05 6.98 25.04
N ASP D 349 11.50 5.73 24.91
CA ASP D 349 12.84 5.26 25.21
C ASP D 349 13.90 5.86 24.30
N LYS D 350 13.55 6.05 23.02
CA LYS D 350 14.52 6.38 21.98
C LYS D 350 14.36 7.85 21.56
N PRO D 351 15.40 8.67 21.69
CA PRO D 351 15.29 10.07 21.28
C PRO D 351 15.39 10.22 19.77
N ASN D 352 14.61 11.15 19.22
CA ASN D 352 14.72 11.52 17.81
C ASN D 352 15.03 12.99 17.65
N LEU D 353 15.26 13.72 18.73
CA LEU D 353 15.80 15.06 18.61
C LEU D 353 14.86 15.99 17.84
N LYS D 354 13.56 15.74 17.93
CA LYS D 354 12.60 16.60 17.26
C LYS D 354 12.08 17.69 18.20
N VAL D 355 11.84 18.84 17.60
CA VAL D 355 11.42 20.06 18.25
C VAL D 355 10.20 20.59 17.50
N GLY D 356 9.69 21.72 17.99
CA GLY D 356 8.63 22.45 17.33
C GLY D 356 9.08 23.85 17.00
N ALA D 357 8.30 24.54 16.15
CA ALA D 357 8.60 25.92 15.79
C ALA D 357 8.00 26.84 16.83
N ARG D 358 8.85 27.47 17.65
CA ARG D 358 8.45 28.52 18.58
C ARG D 358 8.63 29.89 17.93
N TYR D 359 7.76 30.82 18.30
CA TYR D 359 7.69 32.11 17.62
C TYR D 359 7.98 33.31 18.53
N PHE D 360 7.71 33.19 19.84
CA PHE D 360 8.05 34.21 20.83
C PHE D 360 7.93 33.70 22.27
N SER D 361 8.99 33.90 23.06
CA SER D 361 8.98 33.54 24.48
C SER D 361 9.24 34.80 25.27
N VAL D 362 8.58 34.92 26.44
CA VAL D 362 8.63 36.15 27.21
C VAL D 362 10.03 36.54 27.62
N ALA D 363 10.98 35.61 27.56
CA ALA D 363 12.37 35.95 27.88
C ALA D 363 12.84 37.12 27.04
N GLU D 364 12.59 37.05 25.72
CA GLU D 364 13.01 38.12 24.84
C GLU D 364 12.34 39.41 25.26
N VAL D 365 11.07 39.32 25.69
CA VAL D 365 10.34 40.51 26.09
C VAL D 365 10.98 41.15 27.32
N TYR D 366 11.48 40.32 28.24
CA TYR D 366 12.26 40.86 29.35
C TYR D 366 13.48 41.61 28.83
N LEU D 367 14.18 41.06 27.83
CA LEU D 367 15.41 41.69 27.36
C LEU D 367 15.13 42.91 26.50
N ILE D 368 13.99 42.94 25.81
CA ILE D 368 13.60 44.12 25.05
C ILE D 368 13.25 45.27 26.01
N LEU D 369 12.53 44.95 27.09
CA LEU D 369 12.19 45.97 28.06
C LEU D 369 13.43 46.46 28.81
N VAL D 370 14.38 45.57 29.08
CA VAL D 370 15.54 45.94 29.89
C VAL D 370 16.47 46.86 29.09
N GLU D 371 16.78 46.47 27.83
CA GLU D 371 17.65 47.29 26.99
C GLU D 371 17.04 48.66 26.73
N SER D 372 15.75 48.68 26.42
CA SER D 372 15.12 49.94 26.10
C SER D 372 15.01 50.83 27.32
N ALA D 373 14.69 50.27 28.48
CA ALA D 373 14.58 51.08 29.69
C ALA D 373 15.93 51.69 30.05
N LEU D 374 16.99 50.94 29.86
CA LEU D 374 18.32 51.50 30.05
C LEU D 374 18.55 52.64 29.08
N GLN D 375 18.09 52.46 27.82
CA GLN D 375 18.31 53.50 26.83
C GLN D 375 17.52 54.75 27.15
N THR D 376 16.30 54.59 27.67
CA THR D 376 15.47 55.73 28.02
C THR D 376 15.69 56.19 29.46
N GLY D 377 16.80 55.81 30.08
CA GLY D 377 17.11 56.34 31.39
C GLY D 377 16.22 55.84 32.49
N ASP D 378 15.44 54.80 32.23
CA ASP D 378 14.53 54.20 33.21
C ASP D 378 15.28 53.05 33.87
N THR D 379 16.19 53.44 34.77
CA THR D 379 16.99 52.44 35.46
C THR D 379 16.17 51.50 36.35
N PRO D 380 15.26 51.98 37.19
CA PRO D 380 14.48 51.03 38.02
C PRO D 380 13.84 49.88 37.26
N THR D 381 13.14 50.15 36.15
CA THR D 381 12.49 49.06 35.47
C THR D 381 13.44 48.29 34.58
N ALA D 382 14.60 48.86 34.27
CA ALA D 382 15.63 48.08 33.59
C ALA D 382 16.28 47.10 34.57
N GLU D 383 16.44 47.53 35.82
CA GLU D 383 17.07 46.66 36.79
C GLU D 383 16.09 45.60 37.29
N LYS D 384 14.82 45.97 37.48
CA LYS D 384 13.81 45.01 37.89
C LYS D 384 13.76 43.78 36.99
N TYR D 385 13.57 43.98 35.70
CA TYR D 385 13.33 42.83 34.83
C TYR D 385 14.61 42.10 34.47
N LEU D 386 15.77 42.73 34.62
CA LEU D 386 16.98 41.97 34.31
C LEU D 386 17.37 41.09 35.49
N LYS D 387 17.34 41.62 36.72
CA LYS D 387 17.59 40.77 37.87
C LYS D 387 16.62 39.60 37.92
N ALA D 388 15.36 39.85 37.57
CA ALA D 388 14.38 38.77 37.55
C ALA D 388 14.76 37.69 36.56
N LEU D 389 15.05 38.06 35.31
CA LEU D 389 15.29 37.04 34.30
C LEU D 389 16.50 36.20 34.64
N SER D 390 17.57 36.85 35.09
CA SER D 390 18.79 36.10 35.36
C SER D 390 18.68 35.31 36.67
N LYS D 391 18.06 35.87 37.71
CA LYS D 391 17.90 35.08 38.94
C LYS D 391 17.05 33.84 38.71
N ALA D 392 15.95 33.95 37.96
CA ALA D 392 15.16 32.76 37.66
C ALA D 392 15.97 31.72 36.89
N ARG D 393 17.02 32.15 36.19
CA ARG D 393 17.88 31.23 35.46
C ARG D 393 19.02 30.70 36.32
N GLY D 394 19.10 31.13 37.58
CA GLY D 394 20.11 30.64 38.51
C GLY D 394 21.40 31.42 38.51
N ALA D 395 21.46 32.54 37.79
CA ALA D 395 22.65 33.35 37.66
C ALA D 395 22.30 34.84 37.62
N GLU D 396 21.75 35.34 38.74
CA GLU D 396 21.37 36.74 38.83
C GLU D 396 22.59 37.65 38.68
N VAL D 397 22.35 38.83 38.09
CA VAL D 397 23.42 39.72 37.65
C VAL D 397 23.71 40.73 38.77
N SER D 398 24.99 41.03 38.98
CA SER D 398 25.38 41.99 40.00
C SER D 398 24.87 43.39 39.67
N VAL D 399 25.34 43.96 38.56
CA VAL D 399 25.00 45.32 38.18
C VAL D 399 24.09 45.29 36.94
N VAL D 400 23.34 46.38 36.75
CA VAL D 400 22.48 46.52 35.59
C VAL D 400 22.99 47.71 34.80
N ASN D 401 23.65 47.45 33.66
CA ASN D 401 24.31 48.54 32.94
C ASN D 401 24.61 48.24 31.48
N MET D 402 23.66 47.69 30.75
CA MET D 402 23.77 47.60 29.30
C MET D 402 24.91 46.67 28.91
N GLU D 403 26.14 46.95 29.35
CA GLU D 403 27.18 45.94 29.29
C GLU D 403 26.61 44.62 29.79
N ALA D 404 25.96 44.66 30.97
CA ALA D 404 25.32 43.47 31.51
C ALA D 404 24.15 43.06 30.64
N LEU D 405 23.41 44.02 30.12
CA LEU D 405 22.33 43.69 29.21
C LEU D 405 22.88 42.96 27.98
N GLN D 406 23.98 43.47 27.41
CA GLN D 406 24.50 42.86 26.19
C GLN D 406 24.89 41.42 26.43
N ALA D 407 25.54 41.17 27.57
CA ALA D 407 25.92 39.82 27.96
C ALA D 407 24.68 38.95 28.16
N GLU D 408 23.80 39.38 29.07
CA GLU D 408 22.64 38.57 29.45
C GLU D 408 21.79 38.22 28.23
N ARG D 409 21.52 39.22 27.38
CA ARG D 409 20.80 38.93 26.15
C ARG D 409 21.50 37.87 25.36
N THR D 410 22.79 38.08 25.10
CA THR D 410 23.60 37.15 24.30
C THR D 410 23.50 35.72 24.85
N ARG D 411 23.56 35.57 26.18
CA ARG D 411 23.40 34.26 26.80
C ARG D 411 22.01 33.71 26.55
N GLU D 412 20.99 34.52 26.78
CA GLU D 412 19.63 34.01 26.79
C GLU D 412 19.13 33.70 25.39
N LEU D 413 19.55 34.50 24.42
CA LEU D 413 19.10 34.37 23.05
C LEU D 413 20.00 33.49 22.18
N ILE D 414 20.96 32.78 22.76
CA ILE D 414 21.87 31.99 21.92
C ILE D 414 21.07 31.00 21.05
N GLY D 415 21.51 30.84 19.80
CA GLY D 415 20.92 29.92 18.85
C GLY D 415 19.74 30.44 18.06
N GLU D 416 19.16 31.58 18.45
CA GLU D 416 17.92 32.11 17.88
C GLU D 416 18.14 33.21 16.82
N GLY D 417 19.35 33.32 16.26
CA GLY D 417 19.65 34.28 15.23
C GLY D 417 19.77 35.71 15.69
N SER D 418 20.00 35.93 16.97
CA SER D 418 19.90 37.27 17.52
C SER D 418 21.24 37.99 17.64
N ARG D 419 22.38 37.27 17.70
CA ARG D 419 23.62 37.97 18.01
C ARG D 419 24.07 38.84 16.85
N LEU D 420 23.92 38.36 15.61
CA LEU D 420 24.34 39.14 14.46
C LEU D 420 23.65 40.50 14.42
N ARG D 421 22.34 40.53 14.67
CA ARG D 421 21.70 41.84 14.70
C ARG D 421 22.25 42.67 15.84
N ASP D 422 22.44 42.06 17.01
CA ASP D 422 22.91 42.81 18.18
C ASP D 422 24.29 43.37 17.96
N MET D 423 25.14 42.69 17.20
CA MET D 423 26.47 43.28 17.08
C MET D 423 26.44 44.47 16.14
N VAL D 424 25.55 44.45 15.15
CA VAL D 424 25.36 45.61 14.29
C VAL D 424 24.91 46.82 15.10
N ARG D 425 23.91 46.63 15.96
CA ARG D 425 23.33 47.74 16.72
C ARG D 425 24.21 48.20 17.87
N TRP D 426 25.00 47.30 18.47
CA TRP D 426 25.92 47.67 19.53
C TRP D 426 27.27 48.05 18.96
N SER D 427 27.40 48.03 17.64
CA SER D 427 28.57 48.50 16.92
C SER D 427 29.81 47.70 17.29
N ILE D 428 29.64 46.40 17.36
CA ILE D 428 30.73 45.46 17.61
C ILE D 428 31.13 44.88 16.26
N PRO D 429 32.40 44.93 15.88
CA PRO D 429 32.84 44.20 14.69
C PRO D 429 33.12 42.74 15.02
N ASN D 430 33.31 41.96 13.96
CA ASN D 430 33.60 40.54 14.07
C ASN D 430 35.08 40.32 14.41
N ASN D 431 35.39 39.93 15.66
CA ASN D 431 36.75 39.60 16.05
C ASN D 431 37.05 38.11 16.00
N HIS D 432 36.49 37.39 15.02
CA HIS D 432 36.62 35.94 14.98
C HIS D 432 38.08 35.51 14.85
N ASP D 433 38.87 36.22 14.05
CA ASP D 433 40.28 35.90 13.90
C ASP D 433 41.04 36.01 15.21
N ALA D 434 40.47 36.63 16.24
CA ALA D 434 41.25 36.91 17.44
C ALA D 434 40.71 36.24 18.69
N PHE D 435 39.53 35.62 18.63
CA PHE D 435 38.98 34.93 19.79
C PHE D 435 39.71 33.62 20.05
N GLU D 436 39.86 33.28 21.34
CA GLU D 436 40.47 32.01 21.72
C GLU D 436 39.48 30.87 21.49
N THR D 437 39.98 29.76 20.94
CA THR D 437 39.10 28.60 20.82
C THR D 437 39.09 27.83 22.14
N GLN D 438 38.01 27.04 22.34
CA GLN D 438 37.86 26.27 23.58
C GLN D 438 39.03 25.31 23.74
N PRO D 439 39.72 25.33 24.89
CA PRO D 439 40.89 24.46 25.06
C PRO D 439 40.57 22.98 25.05
N GLY D 440 39.48 22.57 25.70
CA GLY D 440 39.19 21.15 25.76
C GLY D 440 39.14 20.44 24.43
N LEU D 441 38.91 21.18 23.35
CA LEU D 441 38.69 20.60 22.02
C LEU D 441 39.91 20.75 21.12
N GLU D 442 41.07 21.05 21.69
CA GLU D 442 42.28 21.14 20.91
C GLU D 442 42.35 19.96 19.94
N GLY D 443 42.48 20.26 18.64
CA GLY D 443 42.55 19.24 17.62
C GLY D 443 41.25 18.94 16.90
N PHE D 444 40.15 19.51 17.37
CA PHE D 444 38.83 19.26 16.79
C PHE D 444 38.16 20.57 16.40
N ALA D 445 38.29 21.54 17.28
CA ALA D 445 37.79 22.88 17.06
C ALA D 445 39.00 23.79 17.02
N ASN D 446 39.52 24.04 15.84
CA ASN D 446 40.72 24.82 15.66
C ASN D 446 40.35 26.15 15.05
N THR D 447 41.31 27.07 14.98
CA THR D 447 40.99 28.38 14.43
C THR D 447 41.04 28.28 12.91
N THR D 448 40.10 28.95 12.28
CA THR D 448 40.05 29.11 10.85
C THR D 448 39.85 30.60 10.65
N PRO D 449 40.70 31.26 9.89
CA PRO D 449 40.55 32.71 9.71
C PRO D 449 39.41 33.03 8.74
N LEU D 450 38.95 34.28 8.82
CA LEU D 450 37.95 34.80 7.90
C LEU D 450 38.46 34.86 6.48
N LYS D 451 37.59 34.54 5.55
CA LYS D 451 37.94 34.80 4.17
C LYS D 451 37.74 36.27 3.80
N ALA D 452 37.01 37.03 4.62
CA ALA D 452 36.89 38.47 4.44
C ALA D 452 36.53 39.11 5.77
N GLN D 453 37.20 40.21 6.13
CA GLN D 453 36.99 40.85 7.43
C GLN D 453 35.61 41.48 7.51
N ALA D 454 35.12 41.66 8.73
CA ALA D 454 33.76 42.17 8.94
C ALA D 454 33.73 43.32 9.94
N PRO D 455 34.24 44.49 9.55
CA PRO D 455 34.28 45.63 10.47
C PRO D 455 32.93 46.35 10.52
N VAL D 456 32.80 47.25 11.50
CA VAL D 456 31.54 47.97 11.67
C VAL D 456 31.18 48.68 10.37
N GLY D 457 29.93 48.54 9.95
CA GLY D 457 29.48 49.08 8.69
C GLY D 457 29.83 48.28 7.46
N PHE D 458 30.40 47.08 7.60
CA PHE D 458 30.60 46.22 6.43
C PHE D 458 29.27 45.82 5.81
N TYR D 459 29.20 45.88 4.48
CA TYR D 459 27.93 45.66 3.80
C TYR D 459 27.42 44.22 3.93
N ALA D 460 28.28 43.24 4.14
CA ALA D 460 27.78 41.87 4.05
C ALA D 460 27.18 41.37 5.36
N TYR D 461 27.13 42.18 6.42
CA TYR D 461 26.22 41.87 7.52
C TYR D 461 24.78 41.86 7.02
N THR D 462 24.53 42.45 5.85
CA THR D 462 23.24 42.42 5.16
C THR D 462 23.41 41.55 3.92
N TRP D 463 22.48 40.64 3.70
CA TRP D 463 22.60 39.68 2.60
C TRP D 463 22.32 40.33 1.26
N GLU D 464 22.87 39.73 0.22
CA GLU D 464 22.47 40.11 -1.12
C GLU D 464 21.11 39.48 -1.44
N PHE D 465 20.42 40.06 -2.41
CA PHE D 465 19.16 39.46 -2.83
C PHE D 465 19.46 38.16 -3.56
N PRO D 466 18.57 37.16 -3.43
CA PRO D 466 18.74 35.91 -4.17
C PRO D 466 18.94 36.17 -5.65
N GLN D 467 19.72 35.32 -6.29
CA GLN D 467 20.04 35.56 -7.68
C GLN D 467 18.86 35.31 -8.60
N ARG D 468 17.90 34.50 -8.19
CA ARG D 468 16.64 34.38 -8.94
C ARG D 468 15.96 35.74 -9.07
N ASP D 469 15.69 36.39 -7.93
CA ASP D 469 14.97 37.65 -7.89
C ASP D 469 15.66 38.75 -8.66
N ARG D 470 16.98 38.65 -8.85
CA ARG D 470 17.77 39.65 -9.57
C ARG D 470 17.73 39.45 -11.07
N GLN D 471 17.76 38.19 -11.50
CA GLN D 471 18.01 37.82 -12.89
C GLN D 471 16.74 37.96 -13.72
N THR D 472 15.61 37.82 -13.05
CA THR D 472 14.27 37.90 -13.61
C THR D 472 13.64 39.27 -13.44
N ASN D 473 14.31 40.20 -12.75
CA ASN D 473 13.70 41.48 -12.37
C ASN D 473 14.72 42.59 -12.49
N PRO D 474 14.95 43.09 -13.71
CA PRO D 474 15.85 44.24 -13.90
C PRO D 474 15.50 45.45 -13.05
N GLN D 475 14.28 45.52 -12.50
CA GLN D 475 13.90 46.64 -11.65
C GLN D 475 14.33 46.44 -10.19
N LEU D 476 15.27 45.54 -9.92
CA LEU D 476 15.78 45.28 -8.57
C LEU D 476 17.15 45.91 -8.40
N ILE D 477 17.31 46.76 -7.38
CA ILE D 477 18.62 47.29 -7.02
C ILE D 477 19.22 46.35 -6.00
N LYS D 478 20.43 45.85 -6.28
CA LYS D 478 21.07 44.89 -5.40
C LYS D 478 21.73 45.62 -4.23
N ASN D 479 21.99 44.88 -3.14
CA ASN D 479 22.57 45.49 -1.94
C ASN D 479 24.08 45.65 -2.05
N TRP D 480 24.77 44.64 -2.55
CA TRP D 480 26.22 44.64 -2.45
C TRP D 480 26.85 45.48 -3.56
N PRO D 481 27.95 46.17 -3.26
CA PRO D 481 28.61 47.00 -4.26
C PRO D 481 29.50 46.21 -5.23
N ILE D 482 30.00 46.93 -6.24
CA ILE D 482 31.05 46.44 -7.11
C ILE D 482 32.42 46.83 -6.52
N ALA E 1 28.28 11.26 5.97
CA ALA E 1 27.61 12.50 6.40
C ALA E 1 26.90 13.20 5.22
N SER E 2 27.64 14.12 4.57
CA SER E 2 27.33 14.84 3.33
C SER E 2 28.05 16.19 3.26
N THR E 3 28.63 16.55 2.12
CA THR E 3 29.44 17.77 2.04
C THR E 3 28.83 18.66 0.96
N THR E 4 27.94 19.56 1.35
CA THR E 4 27.50 20.60 0.44
C THR E 4 28.59 21.67 0.46
N GLY E 5 29.70 21.35 -0.19
CA GLY E 5 30.74 22.32 -0.38
C GLY E 5 30.14 23.37 -1.27
N ALA E 6 29.74 22.92 -2.46
CA ALA E 6 28.72 23.57 -3.27
C ALA E 6 28.42 22.68 -4.47
N ASN E 7 27.15 22.42 -4.69
CA ASN E 7 26.68 21.79 -5.92
C ASN E 7 26.18 22.90 -6.84
N SER E 8 26.88 23.11 -7.95
CA SER E 8 26.22 23.65 -9.12
C SER E 8 25.14 22.68 -9.56
N GLN E 9 23.89 23.10 -9.48
CA GLN E 9 22.78 22.20 -9.78
C GLN E 9 22.74 21.89 -11.27
N ARG E 10 22.27 20.71 -11.61
CA ARG E 10 22.44 20.17 -12.96
C ARG E 10 21.39 20.79 -13.88
N GLY E 11 21.52 22.11 -14.07
CA GLY E 11 20.60 22.90 -14.87
C GLY E 11 20.55 22.58 -16.36
N SER E 12 20.82 21.33 -16.72
CA SER E 12 20.61 20.82 -18.07
C SER E 12 20.25 19.33 -18.01
N GLY E 13 19.52 18.95 -16.98
CA GLY E 13 18.83 17.68 -16.96
C GLY E 13 17.45 17.91 -17.56
N ALA F 1 -26.97 -2.76 12.89
CA ALA F 1 -28.08 -3.36 13.64
C ALA F 1 -28.33 -4.79 13.18
N SER F 2 -27.74 -5.75 13.89
CA SER F 2 -27.88 -7.16 13.56
C SER F 2 -28.67 -7.89 14.65
N THR F 3 -29.44 -8.87 14.21
CA THR F 3 -30.30 -9.65 15.09
C THR F 3 -29.64 -11.03 15.27
N THR F 4 -28.94 -11.19 16.39
CA THR F 4 -28.24 -12.45 16.57
C THR F 4 -29.23 -13.55 16.80
N GLY F 5 -30.28 -13.27 17.57
CA GLY F 5 -31.31 -14.24 17.86
C GLY F 5 -30.69 -15.59 18.05
N ALA F 6 -30.39 -16.22 16.93
CA ALA F 6 -29.57 -17.41 16.92
C ALA F 6 -29.00 -17.58 15.52
N ASN F 7 -27.68 -17.74 15.46
CA ASN F 7 -26.92 -17.95 14.24
C ASN F 7 -26.38 -19.38 14.26
N SER F 8 -27.23 -20.36 13.98
CA SER F 8 -26.68 -21.68 13.72
C SER F 8 -25.67 -21.55 12.58
N GLN F 9 -24.38 -21.67 12.90
CA GLN F 9 -23.36 -21.40 11.90
C GLN F 9 -23.14 -22.59 10.98
N ARG F 10 -22.66 -22.27 9.78
CA ARG F 10 -22.61 -23.22 8.66
C ARG F 10 -21.47 -24.21 8.83
#